data_5NVS
#
_entry.id   5NVS
#
loop_
_entity.id
_entity.type
_entity.pdbx_description
1 polymer 'dynein heavy chain'
2 polymer 'dynein intermediate chain'
3 polymer 'dynein heavy chain'
4 polymer 'dynein light intermediate chain'
5 polymer 'dynein light intermediate chain'
6 polymer 'N-terminal dimerization domain'
7 polymer 'N-terminal dimerization domain'
8 polymer LC8
9 polymer Tctex
10 polymer Tctex
11 polymer 'intermediate chain'
12 polymer 'intermediate chain'
13 polymer Robl
#
loop_
_entity_poly.entity_id
_entity_poly.type
_entity_poly.pdbx_seq_one_letter_code
_entity_poly.pdbx_strand_id
1 'polypeptide(L)'
;(UNK)(UNK)(UNK)(UNK)(UNK)(UNK)(UNK)(UNK)(UNK)(UNK)(UNK)(UNK)(UNK)(UNK)(UNK)(UNK)
(UNK)(UNK)(UNK)(UNK)(UNK)(UNK)(UNK)(UNK)(UNK)(UNK)(UNK)(UNK)(UNK)(UNK)(UNK)(UNK)
(UNK)(UNK)(UNK)(UNK)(UNK)(UNK)(UNK)(UNK)(UNK)(UNK)(UNK)(UNK)(UNK)(UNK)(UNK)(UNK)
(UNK)(UNK)(UNK)(UNK)(UNK)(UNK)(UNK)(UNK)(UNK)(UNK)(UNK)(UNK)(UNK)(UNK)(UNK)(UNK)
(UNK)(UNK)(UNK)(UNK)(UNK)(UNK)(UNK)(UNK)(UNK)(UNK)(UNK)(UNK)(UNK)(UNK)(UNK)(UNK)
(UNK)(UNK)(UNK)(UNK)(UNK)(UNK)(UNK)(UNK)(UNK)(UNK)(UNK)(UNK)(UNK)(UNK)(UNK)(UNK)
(UNK)(UNK)(UNK)(UNK)(UNK)(UNK)(UNK)(UNK)(UNK)(UNK)(UNK)(UNK)(UNK)(UNK)(UNK)(UNK)
(UNK)(UNK)(UNK)(UNK)(UNK)(UNK)(UNK)(UNK)(UNK)(UNK)(UNK)(UNK)(UNK)(UNK)(UNK)(UNK)
(UNK)(UNK)(UNK)(UNK)(UNK)(UNK)(UNK)(UNK)(UNK)(UNK)(UNK)(UNK)(UNK)(UNK)(UNK)(UNK)
(UNK)(UNK)(UNK)(UNK)(UNK)(UNK)(UNK)(UNK)(UNK)(UNK)(UNK)(UNK)(UNK)(UNK)(UNK)(UNK)
(UNK)(UNK)(UNK)(UNK)(UNK)(UNK)(UNK)(UNK)(UNK)(UNK)(UNK)(UNK)(UNK)(UNK)(UNK)(UNK)
(UNK)(UNK)(UNK)(UNK)(UNK)(UNK)(UNK)(UNK)(UNK)(UNK)(UNK)(UNK)(UNK)(UNK)(UNK)(UNK)
(UNK)(UNK)(UNK)(UNK)(UNK)(UNK)(UNK)(UNK)(UNK)(UNK)(UNK)(UNK)(UNK)(UNK)(UNK)(UNK)
(UNK)(UNK)(UNK)(UNK)(UNK)(UNK)(UNK)(UNK)(UNK)(UNK)(UNK)(UNK)(UNK)(UNK)(UNK)(UNK)
(UNK)(UNK)(UNK)(UNK)(UNK)(UNK)(UNK)(UNK)(UNK)(UNK)(UNK)(UNK)(UNK)(UNK)(UNK)(UNK)
(UNK)(UNK)(UNK)(UNK)(UNK)(UNK)(UNK)(UNK)(UNK)(UNK)(UNK)(UNK)(UNK)(UNK)(UNK)(UNK)
(UNK)(UNK)(UNK)(UNK)(UNK)(UNK)(UNK)(UNK)(UNK)(UNK)(UNK)(UNK)(UNK)(UNK)(UNK)(UNK)
(UNK)(UNK)(UNK)(UNK)(UNK)(UNK)(UNK)(UNK)(UNK)(UNK)(UNK)(UNK)(UNK)(UNK)(UNK)(UNK)
(UNK)(UNK)(UNK)(UNK)(UNK)(UNK)(UNK)(UNK)(UNK)(UNK)(UNK)(UNK)(UNK)(UNK)(UNK)(UNK)
(UNK)(UNK)(UNK)(UNK)(UNK)(UNK)(UNK)(UNK)(UNK)(UNK)(UNK)(UNK)(UNK)(UNK)(UNK)(UNK)
(UNK)(UNK)(UNK)(UNK)(UNK)(UNK)(UNK)(UNK)(UNK)(UNK)(UNK)(UNK)(UNK)(UNK)(UNK)(UNK)
(UNK)(UNK)(UNK)(UNK)(UNK)(UNK)(UNK)(UNK)(UNK)(UNK)(UNK)(UNK)(UNK)(UNK)(UNK)(UNK)
(UNK)(UNK)(UNK)(UNK)(UNK)(UNK)(UNK)(UNK)(UNK)(UNK)(UNK)(UNK)(UNK)(UNK)(UNK)(UNK)
(UNK)(UNK)(UNK)(UNK)(UNK)(UNK)(UNK)(UNK)(UNK)(UNK)(UNK)(UNK)(UNK)(UNK)(UNK)(UNK)
(UNK)(UNK)(UNK)(UNK)(UNK)(UNK)(UNK)(UNK)(UNK)(UNK)(UNK)(UNK)(UNK)(UNK)(UNK)(UNK)
(UNK)(UNK)(UNK)(UNK)(UNK)(UNK)(UNK)(UNK)(UNK)(UNK)(UNK)(UNK)(UNK)(UNK)(UNK)(UNK)
(UNK)(UNK)(UNK)(UNK)(UNK)(UNK)(UNK)(UNK)(UNK)(UNK)(UNK)(UNK)(UNK)(UNK)(UNK)(UNK)
(UNK)(UNK)(UNK)(UNK)(UNK)(UNK)(UNK)(UNK)(UNK)(UNK)(UNK)(UNK)(UNK)(UNK)(UNK)(UNK)
(UNK)(UNK)(UNK)(UNK)(UNK)(UNK)(UNK)(UNK)(UNK)(UNK)(UNK)(UNK)(UNK)(UNK)(UNK)(UNK)
(UNK)(UNK)(UNK)(UNK)(UNK)(UNK)(UNK)(UNK)(UNK)(UNK)(UNK)(UNK)(UNK)(UNK)(UNK)(UNK)
(UNK)(UNK)(UNK)(UNK)(UNK)(UNK)(UNK)(UNK)(UNK)(UNK)(UNK)(UNK)(UNK)(UNK)(UNK)(UNK)
(UNK)(UNK)(UNK)(UNK)(UNK)(UNK)(UNK)(UNK)(UNK)(UNK)(UNK)(UNK)(UNK)(UNK)(UNK)(UNK)
(UNK)(UNK)(UNK)(UNK)(UNK)(UNK)(UNK)(UNK)(UNK)(UNK)(UNK)(UNK)(UNK)(UNK)(UNK)(UNK)
(UNK)(UNK)(UNK)(UNK)(UNK)(UNK)(UNK)(UNK)(UNK)(UNK)(UNK)(UNK)(UNK)(UNK)(UNK)(UNK)
(UNK)(UNK)(UNK)(UNK)(UNK)(UNK)(UNK)(UNK)(UNK)(UNK)(UNK)(UNK)(UNK)(UNK)(UNK)(UNK)
(UNK)(UNK)(UNK)(UNK)(UNK)(UNK)(UNK)(UNK)(UNK)(UNK)(UNK)(UNK)(UNK)(UNK)(UNK)(UNK)
(UNK)(UNK)(UNK)(UNK)(UNK)(UNK)(UNK)(UNK)(UNK)(UNK)(UNK)(UNK)(UNK)(UNK)(UNK)(UNK)
(UNK)(UNK)(UNK)(UNK)(UNK)(UNK)(UNK)(UNK)(UNK)(UNK)(UNK)(UNK)(UNK)(UNK)(UNK)(UNK)
(UNK)(UNK)(UNK)(UNK)(UNK)(UNK)(UNK)(UNK)(UNK)(UNK)(UNK)(UNK)(UNK)(UNK)(UNK)(UNK)
(UNK)(UNK)(UNK)(UNK)(UNK)(UNK)(UNK)(UNK)(UNK)(UNK)(UNK)(UNK)(UNK)(UNK)(UNK)(UNK)
(UNK)(UNK)(UNK)(UNK)(UNK)(UNK)(UNK)(UNK)(UNK)(UNK)(UNK)(UNK)(UNK)(UNK)(UNK)(UNK)
(UNK)(UNK)(UNK)(UNK)(UNK)(UNK)(UNK)(UNK)(UNK)(UNK)(UNK)(UNK)(UNK)(UNK)(UNK)(UNK)
(UNK)(UNK)(UNK)(UNK)(UNK)(UNK)(UNK)(UNK)(UNK)(UNK)(UNK)(UNK)(UNK)(UNK)(UNK)(UNK)
(UNK)(UNK)(UNK)(UNK)(UNK)(UNK)(UNK)(UNK)(UNK)(UNK)(UNK)(UNK)(UNK)(UNK)(UNK)(UNK)
(UNK)(UNK)(UNK)(UNK)(UNK)(UNK)(UNK)(UNK)(UNK)(UNK)(UNK)(UNK)(UNK)(UNK)(UNK)(UNK)
(UNK)(UNK)(UNK)(UNK)(UNK)(UNK)(UNK)(UNK)(UNK)(UNK)(UNK)(UNK)(UNK)(UNK)(UNK)(UNK)
(UNK)(UNK)(UNK)(UNK)(UNK)(UNK)(UNK)(UNK)(UNK)(UNK)(UNK)(UNK)(UNK)(UNK)(UNK)(UNK)
(UNK)(UNK)(UNK)(UNK)(UNK)(UNK)(UNK)(UNK)(UNK)(UNK)(UNK)(UNK)(UNK)(UNK)(UNK)(UNK)
(UNK)(UNK)(UNK)(UNK)(UNK)(UNK)(UNK)(UNK)(UNK)(UNK)(UNK)(UNK)(UNK)(UNK)(UNK)(UNK)
(UNK)(UNK)(UNK)(UNK)(UNK)(UNK)(UNK)(UNK)(UNK)(UNK)(UNK)(UNK)(UNK)(UNK)(UNK)(UNK)
(UNK)(UNK)(UNK)(UNK)(UNK)(UNK)(UNK)(UNK)(UNK)(UNK)(UNK)(UNK)(UNK)(UNK)(UNK)(UNK)
(UNK)(UNK)(UNK)(UNK)(UNK)(UNK)(UNK)(UNK)(UNK)(UNK)(UNK)(UNK)(UNK)(UNK)(UNK)(UNK)
(UNK)(UNK)(UNK)(UNK)(UNK)(UNK)(UNK)(UNK)(UNK)(UNK)(UNK)(UNK)(UNK)(UNK)(UNK)(UNK)
(UNK)(UNK)(UNK)(UNK)(UNK)(UNK)(UNK)(UNK)(UNK)(UNK)(UNK)(UNK)(UNK)(UNK)(UNK)(UNK)
(UNK)(UNK)(UNK)(UNK)(UNK)(UNK)(UNK)(UNK)(UNK)(UNK)(UNK)(UNK)(UNK)(UNK)(UNK)(UNK)
(UNK)(UNK)(UNK)(UNK)(UNK)(UNK)(UNK)(UNK)(UNK)(UNK)(UNK)(UNK)(UNK)(UNK)(UNK)(UNK)
(UNK)(UNK)(UNK)(UNK)(UNK)(UNK)(UNK)(UNK)(UNK)(UNK)(UNK)(UNK)(UNK)(UNK)(UNK)(UNK)
(UNK)(UNK)(UNK)(UNK)(UNK)(UNK)(UNK)(UNK)(UNK)(UNK)(UNK)(UNK)(UNK)(UNK)(UNK)(UNK)
(UNK)(UNK)(UNK)(UNK)
;
A
2 'polypeptide(L)'
;(UNK)(UNK)(UNK)(UNK)(UNK)(UNK)(UNK)(UNK)(UNK)(UNK)(UNK)(UNK)(UNK)(UNK)(UNK)(UNK)
(UNK)(UNK)(UNK)(UNK)(UNK)(UNK)(UNK)(UNK)(UNK)(UNK)(UNK)(UNK)(UNK)(UNK)(UNK)(UNK)
(UNK)(UNK)(UNK)(UNK)(UNK)(UNK)(UNK)(UNK)(UNK)(UNK)(UNK)(UNK)(UNK)(UNK)(UNK)(UNK)
(UNK)(UNK)(UNK)(UNK)(UNK)(UNK)(UNK)(UNK)(UNK)(UNK)(UNK)(UNK)(UNK)(UNK)(UNK)(UNK)
(UNK)(UNK)(UNK)(UNK)(UNK)(UNK)(UNK)(UNK)(UNK)(UNK)(UNK)(UNK)(UNK)(UNK)(UNK)(UNK)
(UNK)(UNK)(UNK)(UNK)(UNK)(UNK)(UNK)(UNK)(UNK)(UNK)(UNK)(UNK)(UNK)(UNK)(UNK)(UNK)
(UNK)(UNK)(UNK)(UNK)(UNK)(UNK)(UNK)(UNK)(UNK)(UNK)(UNK)(UNK)(UNK)(UNK)(UNK)(UNK)
(UNK)(UNK)(UNK)(UNK)(UNK)(UNK)(UNK)(UNK)(UNK)(UNK)(UNK)(UNK)(UNK)(UNK)(UNK)(UNK)
(UNK)(UNK)(UNK)(UNK)(UNK)(UNK)(UNK)(UNK)(UNK)(UNK)(UNK)(UNK)(UNK)(UNK)(UNK)(UNK)
(UNK)(UNK)(UNK)(UNK)(UNK)(UNK)(UNK)(UNK)(UNK)(UNK)(UNK)(UNK)(UNK)(UNK)(UNK)(UNK)
(UNK)(UNK)(UNK)(UNK)(UNK)(UNK)(UNK)(UNK)(UNK)(UNK)(UNK)(UNK)(UNK)(UNK)(UNK)(UNK)
(UNK)(UNK)(UNK)(UNK)(UNK)(UNK)(UNK)(UNK)(UNK)(UNK)(UNK)(UNK)(UNK)(UNK)(UNK)(UNK)
(UNK)(UNK)(UNK)(UNK)(UNK)(UNK)(UNK)(UNK)(UNK)(UNK)(UNK)(UNK)(UNK)(UNK)(UNK)(UNK)
(UNK)(UNK)(UNK)(UNK)(UNK)(UNK)(UNK)(UNK)(UNK)(UNK)(UNK)(UNK)(UNK)(UNK)(UNK)(UNK)
(UNK)(UNK)(UNK)(UNK)(UNK)(UNK)(UNK)(UNK)(UNK)(UNK)(UNK)(UNK)(UNK)(UNK)(UNK)(UNK)
(UNK)(UNK)(UNK)(UNK)(UNK)(UNK)(UNK)(UNK)(UNK)(UNK)(UNK)(UNK)(UNK)(UNK)(UNK)(UNK)
(UNK)(UNK)(UNK)(UNK)(UNK)(UNK)(UNK)(UNK)(UNK)(UNK)(UNK)(UNK)(UNK)(UNK)(UNK)(UNK)
(UNK)(UNK)(UNK)(UNK)(UNK)(UNK)(UNK)(UNK)(UNK)(UNK)(UNK)(UNK)(UNK)(UNK)(UNK)(UNK)
(UNK)(UNK)(UNK)(UNK)(UNK)(UNK)(UNK)(UNK)(UNK)(UNK)(UNK)(UNK)(UNK)(UNK)(UNK)(UNK)
(UNK)(UNK)(UNK)(UNK)(UNK)(UNK)(UNK)(UNK)(UNK)(UNK)(UNK)(UNK)(UNK)(UNK)(UNK)(UNK)
(UNK)(UNK)(UNK)(UNK)(UNK)(UNK)(UNK)(UNK)(UNK)(UNK)(UNK)(UNK)(UNK)(UNK)(UNK)(UNK)
(UNK)(UNK)(UNK)(UNK)(UNK)(UNK)(UNK)(UNK)(UNK)(UNK)(UNK)(UNK)(UNK)(UNK)
;
D,C
3 'polypeptide(L)'
;(UNK)(UNK)(UNK)(UNK)(UNK)(UNK)(UNK)(UNK)(UNK)(UNK)(UNK)(UNK)(UNK)(UNK)(UNK)(UNK)
(UNK)(UNK)(UNK)(UNK)(UNK)(UNK)(UNK)(UNK)(UNK)(UNK)(UNK)(UNK)(UNK)(UNK)(UNK)(UNK)
(UNK)(UNK)(UNK)(UNK)(UNK)(UNK)(UNK)(UNK)(UNK)(UNK)(UNK)(UNK)(UNK)(UNK)(UNK)(UNK)
(UNK)(UNK)(UNK)(UNK)(UNK)(UNK)(UNK)(UNK)(UNK)(UNK)(UNK)(UNK)(UNK)(UNK)(UNK)(UNK)
(UNK)(UNK)(UNK)(UNK)(UNK)(UNK)(UNK)(UNK)(UNK)(UNK)(UNK)(UNK)(UNK)(UNK)(UNK)(UNK)
(UNK)(UNK)(UNK)(UNK)(UNK)(UNK)(UNK)(UNK)(UNK)(UNK)(UNK)(UNK)(UNK)(UNK)(UNK)(UNK)
(UNK)(UNK)(UNK)(UNK)(UNK)(UNK)(UNK)(UNK)(UNK)(UNK)(UNK)(UNK)(UNK)(UNK)(UNK)(UNK)
(UNK)(UNK)(UNK)(UNK)(UNK)(UNK)(UNK)(UNK)(UNK)(UNK)(UNK)(UNK)(UNK)(UNK)(UNK)(UNK)
(UNK)(UNK)(UNK)(UNK)(UNK)(UNK)(UNK)(UNK)(UNK)(UNK)(UNK)(UNK)(UNK)(UNK)(UNK)(UNK)
(UNK)(UNK)(UNK)(UNK)(UNK)(UNK)(UNK)(UNK)(UNK)(UNK)(UNK)(UNK)(UNK)(UNK)(UNK)(UNK)
(UNK)(UNK)(UNK)(UNK)(UNK)(UNK)(UNK)(UNK)(UNK)(UNK)(UNK)(UNK)(UNK)(UNK)(UNK)(UNK)
(UNK)(UNK)(UNK)(UNK)(UNK)(UNK)(UNK)(UNK)(UNK)(UNK)(UNK)(UNK)(UNK)(UNK)(UNK)(UNK)
(UNK)(UNK)(UNK)(UNK)(UNK)(UNK)(UNK)(UNK)(UNK)(UNK)(UNK)(UNK)(UNK)(UNK)(UNK)(UNK)
(UNK)(UNK)(UNK)(UNK)(UNK)(UNK)(UNK)(UNK)(UNK)(UNK)(UNK)(UNK)(UNK)(UNK)(UNK)(UNK)
(UNK)(UNK)(UNK)(UNK)(UNK)(UNK)(UNK)(UNK)(UNK)(UNK)(UNK)(UNK)(UNK)(UNK)(UNK)(UNK)
(UNK)(UNK)(UNK)(UNK)(UNK)(UNK)(UNK)(UNK)(UNK)(UNK)(UNK)(UNK)(UNK)(UNK)(UNK)(UNK)
(UNK)(UNK)(UNK)(UNK)(UNK)(UNK)(UNK)(UNK)(UNK)(UNK)(UNK)(UNK)(UNK)(UNK)(UNK)(UNK)
(UNK)(UNK)(UNK)(UNK)(UNK)(UNK)(UNK)(UNK)(UNK)(UNK)(UNK)(UNK)(UNK)(UNK)(UNK)(UNK)
(UNK)(UNK)(UNK)(UNK)(UNK)(UNK)(UNK)(UNK)(UNK)(UNK)(UNK)(UNK)(UNK)(UNK)(UNK)(UNK)
(UNK)(UNK)(UNK)(UNK)(UNK)(UNK)(UNK)(UNK)(UNK)(UNK)(UNK)(UNK)(UNK)(UNK)(UNK)(UNK)
(UNK)(UNK)(UNK)(UNK)(UNK)(UNK)(UNK)(UNK)(UNK)(UNK)(UNK)(UNK)(UNK)(UNK)(UNK)(UNK)
(UNK)(UNK)(UNK)(UNK)(UNK)(UNK)(UNK)(UNK)(UNK)(UNK)(UNK)(UNK)(UNK)(UNK)(UNK)(UNK)
(UNK)(UNK)(UNK)(UNK)(UNK)(UNK)(UNK)(UNK)(UNK)(UNK)(UNK)(UNK)(UNK)(UNK)(UNK)(UNK)
(UNK)(UNK)(UNK)(UNK)(UNK)(UNK)(UNK)(UNK)(UNK)(UNK)(UNK)(UNK)(UNK)(UNK)(UNK)(UNK)
(UNK)(UNK)(UNK)(UNK)(UNK)(UNK)(UNK)(UNK)(UNK)(UNK)(UNK)(UNK)(UNK)(UNK)(UNK)(UNK)
(UNK)(UNK)(UNK)(UNK)(UNK)(UNK)(UNK)(UNK)(UNK)(UNK)(UNK)(UNK)(UNK)(UNK)(UNK)(UNK)
(UNK)(UNK)(UNK)(UNK)(UNK)(UNK)(UNK)(UNK)(UNK)(UNK)(UNK)(UNK)(UNK)(UNK)(UNK)(UNK)
(UNK)(UNK)(UNK)(UNK)(UNK)(UNK)(UNK)(UNK)(UNK)(UNK)(UNK)(UNK)(UNK)(UNK)(UNK)(UNK)
(UNK)(UNK)(UNK)(UNK)(UNK)(UNK)(UNK)(UNK)(UNK)(UNK)(UNK)(UNK)(UNK)(UNK)(UNK)(UNK)
(UNK)(UNK)(UNK)(UNK)(UNK)(UNK)(UNK)(UNK)(UNK)(UNK)(UNK)(UNK)(UNK)(UNK)(UNK)(UNK)
(UNK)(UNK)(UNK)(UNK)(UNK)(UNK)(UNK)(UNK)(UNK)(UNK)(UNK)(UNK)(UNK)(UNK)(UNK)(UNK)
(UNK)(UNK)(UNK)(UNK)(UNK)(UNK)(UNK)(UNK)(UNK)(UNK)(UNK)(UNK)(UNK)(UNK)(UNK)(UNK)
(UNK)(UNK)(UNK)(UNK)(UNK)(UNK)(UNK)(UNK)(UNK)(UNK)(UNK)(UNK)(UNK)(UNK)(UNK)(UNK)
(UNK)(UNK)(UNK)(UNK)(UNK)(UNK)(UNK)(UNK)(UNK)(UNK)(UNK)(UNK)(UNK)(UNK)(UNK)(UNK)
(UNK)(UNK)(UNK)(UNK)(UNK)(UNK)(UNK)(UNK)(UNK)(UNK)(UNK)(UNK)(UNK)(UNK)(UNK)(UNK)
(UNK)(UNK)(UNK)(UNK)(UNK)(UNK)(UNK)(UNK)(UNK)(UNK)(UNK)(UNK)(UNK)(UNK)(UNK)(UNK)
(UNK)(UNK)(UNK)(UNK)(UNK)(UNK)(UNK)(UNK)(UNK)(UNK)(UNK)(UNK)(UNK)(UNK)(UNK)(UNK)
(UNK)(UNK)(UNK)(UNK)(UNK)(UNK)(UNK)(UNK)(UNK)(UNK)(UNK)(UNK)(UNK)(UNK)(UNK)(UNK)
(UNK)(UNK)(UNK)(UNK)(UNK)(UNK)(UNK)(UNK)(UNK)(UNK)(UNK)(UNK)(UNK)(UNK)(UNK)(UNK)
(UNK)(UNK)(UNK)(UNK)(UNK)(UNK)(UNK)(UNK)(UNK)(UNK)(UNK)(UNK)(UNK)(UNK)(UNK)(UNK)
(UNK)(UNK)(UNK)(UNK)(UNK)(UNK)(UNK)(UNK)(UNK)(UNK)(UNK)(UNK)(UNK)(UNK)(UNK)(UNK)
(UNK)(UNK)(UNK)(UNK)(UNK)(UNK)(UNK)(UNK)(UNK)(UNK)(UNK)(UNK)(UNK)(UNK)(UNK)(UNK)
(UNK)(UNK)(UNK)(UNK)(UNK)(UNK)(UNK)(UNK)(UNK)(UNK)(UNK)(UNK)(UNK)(UNK)(UNK)(UNK)
(UNK)(UNK)(UNK)(UNK)(UNK)(UNK)(UNK)(UNK)(UNK)(UNK)(UNK)(UNK)(UNK)(UNK)(UNK)(UNK)
(UNK)(UNK)(UNK)(UNK)(UNK)(UNK)(UNK)(UNK)(UNK)(UNK)(UNK)(UNK)(UNK)(UNK)(UNK)(UNK)
(UNK)(UNK)(UNK)(UNK)(UNK)(UNK)(UNK)(UNK)(UNK)(UNK)(UNK)(UNK)(UNK)(UNK)(UNK)(UNK)
(UNK)(UNK)(UNK)(UNK)(UNK)(UNK)(UNK)(UNK)(UNK)(UNK)(UNK)(UNK)(UNK)(UNK)(UNK)(UNK)
(UNK)(UNK)(UNK)(UNK)(UNK)(UNK)(UNK)(UNK)(UNK)(UNK)(UNK)(UNK)(UNK)(UNK)(UNK)(UNK)
(UNK)(UNK)(UNK)(UNK)(UNK)(UNK)(UNK)(UNK)(UNK)(UNK)(UNK)(UNK)(UNK)(UNK)(UNK)(UNK)
(UNK)(UNK)(UNK)(UNK)(UNK)(UNK)(UNK)(UNK)(UNK)(UNK)(UNK)(UNK)(UNK)(UNK)(UNK)(UNK)
(UNK)(UNK)(UNK)(UNK)(UNK)(UNK)(UNK)(UNK)(UNK)(UNK)(UNK)(UNK)(UNK)(UNK)(UNK)(UNK)
(UNK)(UNK)(UNK)(UNK)(UNK)(UNK)(UNK)(UNK)(UNK)(UNK)(UNK)(UNK)(UNK)(UNK)(UNK)(UNK)
(UNK)(UNK)(UNK)(UNK)(UNK)(UNK)(UNK)(UNK)(UNK)(UNK)(UNK)(UNK)(UNK)(UNK)(UNK)(UNK)
(UNK)(UNK)(UNK)(UNK)(UNK)(UNK)(UNK)(UNK)(UNK)(UNK)(UNK)(UNK)(UNK)(UNK)(UNK)(UNK)
(UNK)(UNK)(UNK)(UNK)(UNK)(UNK)(UNK)(UNK)(UNK)(UNK)(UNK)(UNK)(UNK)(UNK)(UNK)(UNK)
(UNK)(UNK)(UNK)(UNK)(UNK)(UNK)(UNK)(UNK)(UNK)(UNK)(UNK)(UNK)(UNK)
;
B
4 'polypeptide(L)'
;(UNK)(UNK)(UNK)(UNK)(UNK)(UNK)(UNK)(UNK)(UNK)(UNK)(UNK)(UNK)(UNK)(UNK)(UNK)(UNK)
(UNK)(UNK)(UNK)(UNK)(UNK)(UNK)(UNK)(UNK)(UNK)(UNK)(UNK)(UNK)(UNK)(UNK)(UNK)(UNK)
(UNK)(UNK)(UNK)(UNK)(UNK)(UNK)(UNK)(UNK)(UNK)(UNK)(UNK)(UNK)(UNK)(UNK)(UNK)(UNK)
(UNK)(UNK)(UNK)(UNK)(UNK)(UNK)(UNK)(UNK)(UNK)(UNK)(UNK)(UNK)(UNK)(UNK)(UNK)(UNK)
(UNK)(UNK)(UNK)(UNK)(UNK)(UNK)(UNK)(UNK)(UNK)(UNK)(UNK)(UNK)(UNK)(UNK)(UNK)(UNK)
(UNK)(UNK)(UNK)(UNK)(UNK)(UNK)(UNK)(UNK)(UNK)(UNK)(UNK)(UNK)(UNK)(UNK)(UNK)(UNK)
(UNK)(UNK)(UNK)(UNK)(UNK)(UNK)(UNK)(UNK)(UNK)(UNK)(UNK)(UNK)(UNK)(UNK)(UNK)(UNK)
(UNK)(UNK)(UNK)(UNK)(UNK)(UNK)(UNK)(UNK)(UNK)(UNK)(UNK)(UNK)(UNK)(UNK)(UNK)(UNK)
(UNK)(UNK)(UNK)(UNK)(UNK)(UNK)(UNK)(UNK)(UNK)(UNK)(UNK)(UNK)(UNK)(UNK)(UNK)(UNK)
(UNK)(UNK)(UNK)(UNK)(UNK)(UNK)(UNK)(UNK)(UNK)(UNK)(UNK)(UNK)(UNK)(UNK)(UNK)(UNK)
(UNK)(UNK)(UNK)(UNK)(UNK)(UNK)(UNK)(UNK)(UNK)(UNK)(UNK)(UNK)(UNK)(UNK)(UNK)(UNK)
(UNK)(UNK)(UNK)(UNK)(UNK)(UNK)(UNK)(UNK)(UNK)(UNK)(UNK)(UNK)(UNK)(UNK)(UNK)(UNK)
(UNK)(UNK)(UNK)(UNK)(UNK)(UNK)(UNK)(UNK)(UNK)(UNK)(UNK)(UNK)(UNK)(UNK)(UNK)(UNK)
(UNK)(UNK)(UNK)(UNK)(UNK)(UNK)(UNK)(UNK)(UNK)(UNK)(UNK)(UNK)(UNK)(UNK)(UNK)(UNK)
(UNK)(UNK)(UNK)(UNK)(UNK)(UNK)(UNK)(UNK)(UNK)(UNK)(UNK)(UNK)(UNK)(UNK)(UNK)(UNK)
(UNK)(UNK)(UNK)(UNK)(UNK)(UNK)(UNK)(UNK)(UNK)(UNK)(UNK)(UNK)(UNK)(UNK)(UNK)(UNK)
(UNK)(UNK)(UNK)(UNK)(UNK)(UNK)(UNK)(UNK)(UNK)(UNK)(UNK)(UNK)(UNK)(UNK)(UNK)(UNK)
(UNK)(UNK)(UNK)(UNK)(UNK)(UNK)(UNK)(UNK)(UNK)(UNK)(UNK)(UNK)(UNK)(UNK)(UNK)(UNK)
(UNK)(UNK)(UNK)(UNK)(UNK)(UNK)(UNK)(UNK)(UNK)(UNK)
;
F
5 'polypeptide(L)'
;(UNK)(UNK)(UNK)(UNK)(UNK)(UNK)(UNK)(UNK)(UNK)(UNK)(UNK)(UNK)(UNK)(UNK)(UNK)(UNK)
(UNK)(UNK)(UNK)(UNK)(UNK)(UNK)(UNK)(UNK)(UNK)(UNK)(UNK)(UNK)(UNK)(UNK)(UNK)(UNK)
(UNK)(UNK)(UNK)(UNK)(UNK)(UNK)(UNK)(UNK)(UNK)(UNK)(UNK)(UNK)(UNK)(UNK)(UNK)(UNK)
(UNK)(UNK)(UNK)(UNK)(UNK)(UNK)(UNK)(UNK)(UNK)(UNK)(UNK)(UNK)(UNK)(UNK)(UNK)(UNK)
(UNK)(UNK)(UNK)(UNK)(UNK)(UNK)(UNK)(UNK)(UNK)(UNK)(UNK)(UNK)(UNK)(UNK)(UNK)(UNK)
(UNK)(UNK)(UNK)(UNK)(UNK)(UNK)(UNK)(UNK)(UNK)(UNK)(UNK)(UNK)(UNK)(UNK)(UNK)(UNK)
(UNK)(UNK)(UNK)(UNK)(UNK)(UNK)(UNK)(UNK)(UNK)(UNK)(UNK)(UNK)(UNK)(UNK)(UNK)(UNK)
(UNK)(UNK)(UNK)(UNK)(UNK)(UNK)(UNK)(UNK)(UNK)(UNK)(UNK)(UNK)(UNK)(UNK)(UNK)(UNK)
(UNK)(UNK)(UNK)(UNK)(UNK)(UNK)(UNK)(UNK)(UNK)(UNK)(UNK)(UNK)(UNK)(UNK)(UNK)(UNK)
(UNK)(UNK)(UNK)(UNK)(UNK)(UNK)(UNK)(UNK)(UNK)(UNK)(UNK)(UNK)(UNK)(UNK)(UNK)(UNK)
(UNK)(UNK)(UNK)(UNK)(UNK)(UNK)(UNK)(UNK)(UNK)(UNK)(UNK)(UNK)(UNK)(UNK)(UNK)(UNK)
(UNK)(UNK)(UNK)(UNK)(UNK)(UNK)(UNK)(UNK)(UNK)(UNK)(UNK)(UNK)(UNK)(UNK)(UNK)(UNK)
(UNK)(UNK)(UNK)(UNK)(UNK)(UNK)(UNK)(UNK)(UNK)(UNK)(UNK)(UNK)(UNK)(UNK)(UNK)(UNK)
(UNK)(UNK)(UNK)(UNK)(UNK)(UNK)(UNK)(UNK)(UNK)(UNK)(UNK)(UNK)(UNK)(UNK)(UNK)(UNK)
(UNK)(UNK)(UNK)(UNK)(UNK)(UNK)(UNK)(UNK)(UNK)(UNK)(UNK)(UNK)(UNK)(UNK)(UNK)(UNK)
(UNK)(UNK)(UNK)(UNK)(UNK)(UNK)(UNK)(UNK)(UNK)(UNK)(UNK)(UNK)(UNK)(UNK)(UNK)(UNK)
(UNK)(UNK)(UNK)(UNK)(UNK)(UNK)(UNK)(UNK)(UNK)(UNK)(UNK)(UNK)(UNK)(UNK)(UNK)(UNK)
(UNK)(UNK)(UNK)(UNK)(UNK)(UNK)(UNK)(UNK)(UNK)(UNK)(UNK)(UNK)(UNK)(UNK)(UNK)(UNK)
(UNK)(UNK)(UNK)(UNK)(UNK)(UNK)(UNK)
;
E
6 'polypeptide(L)'
;(UNK)(UNK)(UNK)(UNK)(UNK)(UNK)(UNK)(UNK)(UNK)(UNK)(UNK)(UNK)(UNK)(UNK)(UNK)(UNK)
(UNK)(UNK)(UNK)(UNK)(UNK)(UNK)(UNK)(UNK)(UNK)(UNK)(UNK)(UNK)(UNK)(UNK)(UNK)(UNK)
(UNK)(UNK)(UNK)(UNK)(UNK)(UNK)(UNK)(UNK)(UNK)(UNK)(UNK)(UNK)(UNK)(UNK)(UNK)(UNK)
(UNK)(UNK)(UNK)(UNK)(UNK)(UNK)(UNK)(UNK)(UNK)(UNK)(UNK)(UNK)(UNK)(UNK)(UNK)(UNK)
(UNK)(UNK)(UNK)(UNK)(UNK)(UNK)(UNK)(UNK)(UNK)(UNK)(UNK)(UNK)(UNK)(UNK)(UNK)(UNK)
(UNK)(UNK)(UNK)(UNK)(UNK)(UNK)(UNK)(UNK)(UNK)(UNK)(UNK)(UNK)(UNK)(UNK)(UNK)(UNK)
(UNK)(UNK)(UNK)(UNK)(UNK)(UNK)(UNK)(UNK)(UNK)(UNK)(UNK)(UNK)(UNK)(UNK)(UNK)(UNK)
(UNK)(UNK)(UNK)(UNK)(UNK)(UNK)(UNK)(UNK)(UNK)(UNK)(UNK)(UNK)(UNK)
;
2
7 'polypeptide(L)'
;(UNK)(UNK)(UNK)(UNK)(UNK)(UNK)(UNK)(UNK)(UNK)(UNK)(UNK)(UNK)(UNK)(UNK)(UNK)(UNK)
(UNK)(UNK)(UNK)(UNK)(UNK)(UNK)(UNK)(UNK)(UNK)(UNK)(UNK)(UNK)(UNK)(UNK)(UNK)(UNK)
(UNK)(UNK)(UNK)(UNK)(UNK)(UNK)(UNK)(UNK)(UNK)(UNK)(UNK)(UNK)(UNK)(UNK)(UNK)(UNK)
(UNK)(UNK)(UNK)(UNK)(UNK)(UNK)(UNK)(UNK)(UNK)(UNK)(UNK)(UNK)(UNK)(UNK)(UNK)(UNK)
(UNK)(UNK)(UNK)(UNK)(UNK)(UNK)(UNK)(UNK)(UNK)(UNK)(UNK)(UNK)(UNK)(UNK)(UNK)(UNK)
(UNK)(UNK)(UNK)(UNK)(UNK)(UNK)(UNK)(UNK)(UNK)(UNK)(UNK)(UNK)(UNK)(UNK)(UNK)(UNK)
(UNK)(UNK)(UNK)(UNK)(UNK)(UNK)(UNK)(UNK)(UNK)(UNK)(UNK)(UNK)(UNK)(UNK)(UNK)(UNK)
(UNK)(UNK)(UNK)(UNK)(UNK)(UNK)(UNK)(UNK)(UNK)(UNK)(UNK)(UNK)
;
1
8 'polypeptide(L)'
;(UNK)(UNK)(UNK)(UNK)(UNK)(UNK)(UNK)(UNK)(UNK)(UNK)(UNK)(UNK)(UNK)(UNK)(UNK)(UNK)
(UNK)(UNK)(UNK)(UNK)(UNK)(UNK)(UNK)(UNK)(UNK)(UNK)(UNK)(UNK)(UNK)(UNK)(UNK)(UNK)
(UNK)(UNK)(UNK)(UNK)(UNK)(UNK)(UNK)(UNK)(UNK)(UNK)(UNK)(UNK)(UNK)(UNK)(UNK)(UNK)
(UNK)(UNK)(UNK)(UNK)(UNK)(UNK)(UNK)(UNK)(UNK)(UNK)(UNK)(UNK)(UNK)(UNK)(UNK)(UNK)
(UNK)(UNK)(UNK)(UNK)(UNK)(UNK)(UNK)(UNK)(UNK)(UNK)(UNK)(UNK)(UNK)(UNK)(UNK)(UNK)
(UNK)(UNK)(UNK)(UNK)(UNK)
;
I,J
9 'polypeptide(L)'
;(UNK)(UNK)(UNK)(UNK)(UNK)(UNK)(UNK)(UNK)(UNK)(UNK)(UNK)(UNK)(UNK)(UNK)(UNK)(UNK)
(UNK)(UNK)(UNK)(UNK)(UNK)(UNK)(UNK)(UNK)(UNK)(UNK)(UNK)(UNK)(UNK)(UNK)(UNK)(UNK)
(UNK)(UNK)(UNK)(UNK)(UNK)(UNK)(UNK)(UNK)(UNK)(UNK)(UNK)(UNK)(UNK)(UNK)(UNK)(UNK)
(UNK)(UNK)(UNK)(UNK)(UNK)(UNK)(UNK)(UNK)(UNK)(UNK)(UNK)(UNK)(UNK)(UNK)(UNK)(UNK)
(UNK)(UNK)(UNK)(UNK)(UNK)(UNK)(UNK)(UNK)(UNK)(UNK)(UNK)(UNK)(UNK)(UNK)(UNK)(UNK)
(UNK)(UNK)(UNK)(UNK)(UNK)(UNK)(UNK)(UNK)(UNK)(UNK)(UNK)(UNK)(UNK)(UNK)(UNK)(UNK)
(UNK)(UNK)(UNK)(UNK)(UNK)(UNK)(UNK)
;
K
10 'polypeptide(L)'
;(UNK)(UNK)(UNK)(UNK)(UNK)(UNK)(UNK)(UNK)(UNK)(UNK)(UNK)(UNK)(UNK)(UNK)(UNK)(UNK)
(UNK)(UNK)(UNK)(UNK)(UNK)(UNK)(UNK)(UNK)(UNK)(UNK)(UNK)(UNK)(UNK)(UNK)(UNK)(UNK)
(UNK)(UNK)(UNK)(UNK)(UNK)(UNK)(UNK)(UNK)(UNK)(UNK)(UNK)(UNK)(UNK)(UNK)(UNK)(UNK)
(UNK)(UNK)(UNK)(UNK)(UNK)(UNK)(UNK)(UNK)(UNK)(UNK)(UNK)(UNK)(UNK)(UNK)(UNK)(UNK)
(UNK)(UNK)(UNK)(UNK)(UNK)(UNK)(UNK)(UNK)(UNK)(UNK)(UNK)(UNK)(UNK)(UNK)(UNK)(UNK)
(UNK)(UNK)(UNK)(UNK)(UNK)(UNK)(UNK)(UNK)(UNK)(UNK)(UNK)(UNK)(UNK)(UNK)(UNK)(UNK)
(UNK)(UNK)(UNK)(UNK)(UNK)(UNK)(UNK)(UNK)
;
L
11 'polypeptide(L)'
;(UNK)(UNK)(UNK)(UNK)(UNK)(UNK)(UNK)(UNK)(UNK)(UNK)(UNK)(UNK)(UNK)(UNK)(UNK)(UNK)
(UNK)(UNK)(UNK)(UNK)(UNK)(UNK)(UNK)(UNK)(UNK)(UNK)(UNK)
;
M
12 'polypeptide(L)'
;(UNK)(UNK)(UNK)(UNK)(UNK)(UNK)(UNK)(UNK)(UNK)(UNK)(UNK)(UNK)(UNK)(UNK)(UNK)(UNK)
(UNK)(UNK)(UNK)(UNK)(UNK)(UNK)(UNK)(UNK)(UNK)(UNK)(UNK)(UNK)(UNK)
;
N
13 'polypeptide(L)'
;(UNK)(UNK)(UNK)(UNK)(UNK)(UNK)(UNK)(UNK)(UNK)(UNK)(UNK)(UNK)(UNK)(UNK)(UNK)(UNK)
(UNK)(UNK)(UNK)(UNK)(UNK)(UNK)(UNK)(UNK)(UNK)(UNK)(UNK)(UNK)(UNK)(UNK)(UNK)(UNK)
(UNK)(UNK)(UNK)(UNK)(UNK)(UNK)(UNK)(UNK)(UNK)(UNK)(UNK)(UNK)(UNK)(UNK)(UNK)(UNK)
(UNK)(UNK)(UNK)(UNK)(UNK)(UNK)(UNK)(UNK)(UNK)(UNK)(UNK)(UNK)(UNK)(UNK)(UNK)(UNK)
(UNK)(UNK)(UNK)(UNK)(UNK)(UNK)(UNK)(UNK)(UNK)(UNK)(UNK)(UNK)(UNK)(UNK)(UNK)(UNK)
(UNK)(UNK)(UNK)(UNK)(UNK)(UNK)(UNK)(UNK)(UNK)(UNK)(UNK)(UNK)(UNK)(UNK)(UNK)(UNK)
(UNK)(UNK)(UNK)(UNK)(UNK)(UNK)(UNK)(UNK)(UNK)(UNK)(UNK)(UNK)(UNK)(UNK)(UNK)(UNK)
(UNK)(UNK)(UNK)(UNK)(UNK)(UNK)(UNK)(UNK)
;
R,S
#
# COMPACT_ATOMS: atom_id res chain seq x y z
N UNK A 1 43.58 123.69 20.04
CA UNK A 1 43.94 124.09 21.39
C UNK A 1 44.88 125.30 21.30
N UNK A 2 44.65 126.27 22.17
CA UNK A 2 45.64 127.32 22.53
C UNK A 2 45.59 127.46 24.04
N UNK A 3 46.76 127.64 24.67
CA UNK A 3 46.88 127.73 26.13
C UNK A 3 47.52 129.08 26.51
N UNK A 4 46.94 129.78 27.48
CA UNK A 4 47.32 131.16 27.79
C UNK A 4 48.00 131.27 29.16
N UNK A 5 49.21 131.81 29.17
CA UNK A 5 50.00 131.95 30.40
C UNK A 5 49.95 133.42 30.70
N UNK A 6 49.51 133.77 31.91
CA UNK A 6 49.18 135.17 32.23
C UNK A 6 50.25 135.88 33.08
N UNK A 7 50.96 136.86 32.52
CA UNK A 7 52.08 137.53 33.23
C UNK A 7 51.76 139.02 33.26
N UNK A 8 51.17 139.48 34.35
CA UNK A 8 50.52 140.79 34.34
C UNK A 8 51.46 141.99 34.38
N UNK A 9 52.37 142.02 35.35
CA UNK A 9 53.09 143.29 35.67
C UNK A 9 54.57 143.13 36.09
N UNK A 10 55.37 144.15 35.79
CA UNK A 10 56.80 144.13 36.11
C UNK A 10 57.03 144.14 37.62
N UNK A 11 56.25 144.96 38.32
CA UNK A 11 56.32 144.96 39.79
C UNK A 11 55.83 143.63 40.32
N UNK A 12 54.84 143.05 39.64
CA UNK A 12 54.36 141.74 40.04
C UNK A 12 55.49 140.71 39.87
N UNK A 13 56.22 140.78 38.76
CA UNK A 13 57.36 139.90 38.52
C UNK A 13 58.44 140.08 39.59
N UNK A 14 58.73 141.35 39.93
CA UNK A 14 59.68 141.62 41.02
C UNK A 14 59.20 141.02 42.34
N UNK A 15 57.90 141.16 42.61
CA UNK A 15 57.30 140.56 43.80
C UNK A 15 57.41 139.04 43.77
N UNK A 16 57.21 138.44 42.61
CA UNK A 16 57.37 136.99 42.43
C UNK A 16 58.82 136.57 42.68
N UNK A 17 59.77 137.36 42.18
CA UNK A 17 61.18 137.12 42.49
C UNK A 17 61.40 137.20 44.00
N UNK A 18 60.76 138.19 44.63
CA UNK A 18 60.69 138.31 46.09
C UNK A 18 59.64 137.36 46.71
N UNK A 19 59.46 137.49 48.03
CA UNK A 19 58.47 136.70 48.85
C UNK A 19 57.05 136.66 48.32
N UNK A 20 56.28 135.63 48.70
CA UNK A 20 54.95 135.39 48.15
C UNK A 20 53.95 136.47 48.57
N UNK A 21 52.98 136.73 47.69
CA UNK A 21 52.08 137.86 47.91
C UNK A 21 51.14 137.61 49.08
N UNK A 22 50.85 136.34 49.37
CA UNK A 22 50.20 135.98 50.67
C UNK A 22 51.00 136.64 51.78
N UNK A 23 52.33 136.44 51.70
CA UNK A 23 53.27 137.17 52.53
C UNK A 23 53.22 138.65 52.13
N UNK A 24 53.47 139.56 53.07
CA UNK A 24 53.60 140.98 52.71
C UNK A 24 54.57 141.18 51.53
N UNK A 25 54.23 142.13 50.67
CA UNK A 25 55.01 142.42 49.48
C UNK A 25 56.42 142.86 49.85
N UNK A 26 56.52 143.53 50.98
CA UNK A 26 57.77 143.98 51.56
C UNK A 26 58.23 145.24 50.85
N UNK A 27 57.33 145.95 50.17
CA UNK A 27 57.50 147.41 50.01
C UNK A 27 57.02 148.02 51.33
N UNK A 28 57.70 149.02 51.91
CA UNK A 28 57.20 149.54 53.21
C UNK A 28 55.80 150.12 53.01
N UNK A 29 55.51 150.65 51.82
CA UNK A 29 54.12 150.84 51.36
C UNK A 29 53.85 149.93 50.14
N UNK A 30 52.95 148.96 50.33
CA UNK A 30 52.70 147.83 49.42
C UNK A 30 51.80 148.23 48.23
N UNK A 31 51.13 149.38 48.35
CA UNK A 31 50.23 149.87 47.34
C UNK A 31 50.51 151.34 47.04
N UNK A 32 50.38 151.70 45.78
CA UNK A 32 50.38 153.08 45.35
C UNK A 32 48.94 153.41 44.92
N UNK A 33 48.38 154.45 45.50
CA UNK A 33 46.97 154.80 45.28
C UNK A 33 46.63 155.40 43.92
N UNK A 34 47.61 156.00 43.25
CA UNK A 34 47.37 156.82 42.06
C UNK A 34 46.83 156.04 40.87
N UNK A 35 47.36 154.85 40.60
CA UNK A 35 46.96 154.12 39.37
C UNK A 35 46.77 152.58 39.47
N UNK A 36 45.94 152.15 40.42
CA UNK A 36 45.45 150.76 40.44
C UNK A 36 44.61 150.48 39.24
N UNK A 37 44.06 151.55 38.70
CA UNK A 37 43.34 151.52 37.47
C UNK A 37 44.00 150.45 36.62
N UNK A 38 45.35 150.44 36.55
CA UNK A 38 46.07 149.41 35.84
C UNK A 38 45.79 148.08 36.46
N UNK A 39 45.79 147.99 37.79
CA UNK A 39 45.43 146.74 38.52
C UNK A 39 44.07 146.20 38.09
N UNK A 40 43.05 147.06 38.20
CA UNK A 40 41.70 146.72 37.71
C UNK A 40 41.73 146.25 36.27
N UNK A 41 42.37 147.03 35.41
CA UNK A 41 42.44 146.73 33.98
C UNK A 41 43.07 145.37 33.75
N UNK A 42 44.17 145.09 34.46
CA UNK A 42 44.82 143.78 34.40
C UNK A 42 43.94 142.69 34.98
N UNK A 43 43.11 143.05 35.98
CA UNK A 43 42.25 142.06 36.66
C UNK A 43 41.01 141.73 35.79
N UNK A 44 40.35 142.79 35.33
CA UNK A 44 39.17 142.65 34.48
C UNK A 44 39.45 141.84 33.22
N UNK A 45 40.55 142.18 32.54
CA UNK A 45 40.97 141.48 31.31
C UNK A 45 41.20 140.02 31.59
N UNK A 46 41.92 139.71 32.68
CA UNK A 46 42.20 138.34 33.06
C UNK A 46 40.88 137.62 33.30
N UNK A 47 39.99 138.24 34.08
CA UNK A 47 38.67 137.65 34.33
C UNK A 47 37.92 137.36 33.02
N UNK A 48 37.92 138.35 32.13
CA UNK A 48 37.26 138.17 30.83
C UNK A 48 37.88 137.03 30.04
N UNK A 49 39.21 136.97 29.97
CA UNK A 49 39.91 135.93 29.21
C UNK A 49 39.62 134.55 29.80
N UNK A 50 39.68 134.45 31.13
CA UNK A 50 39.37 133.19 31.81
C UNK A 50 37.92 132.79 31.52
N UNK A 51 36.99 133.75 31.57
CA UNK A 51 35.58 133.44 31.20
C UNK A 51 35.46 132.88 29.77
N UNK A 52 36.15 133.53 28.84
CA UNK A 52 36.15 133.07 27.46
C UNK A 52 36.75 131.68 27.35
N UNK A 53 37.83 131.44 28.09
CA UNK A 53 38.48 130.13 28.06
C UNK A 53 37.52 129.08 28.58
N UNK A 54 36.84 129.42 29.69
CA UNK A 54 35.86 128.54 30.30
C UNK A 54 34.75 128.22 29.32
N UNK A 55 34.23 129.26 28.67
CA UNK A 55 33.17 129.07 27.66
C UNK A 55 33.65 128.18 26.51
N UNK A 56 34.86 128.45 26.02
CA UNK A 56 35.46 127.65 24.94
C UNK A 56 35.59 126.20 25.35
N UNK A 57 36.03 125.97 26.58
CA UNK A 57 36.13 124.60 27.11
C UNK A 57 34.81 123.81 26.98
N UNK A 58 37.09 113.34 17.45
CA UNK A 58 37.15 111.99 18.03
C UNK A 58 38.44 111.76 18.86
N UNK A 59 39.27 110.76 18.56
CA UNK A 59 40.47 110.59 19.36
C UNK A 59 41.09 111.96 19.48
N UNK A 60 40.99 112.70 18.39
CA UNK A 60 41.30 114.11 18.36
C UNK A 60 40.52 114.85 19.45
N UNK A 61 39.23 114.59 19.55
CA UNK A 61 38.38 115.21 20.58
C UNK A 61 38.93 114.93 21.99
N UNK A 62 39.28 113.68 22.25
CA UNK A 62 39.86 113.29 23.53
C UNK A 62 41.20 114.00 23.76
N UNK A 63 42.04 114.05 22.73
CA UNK A 63 43.33 114.76 22.82
C UNK A 63 43.11 116.24 23.14
N UNK A 64 42.11 116.83 22.49
CA UNK A 64 41.72 118.22 22.72
C UNK A 64 41.22 118.43 24.15
N UNK A 65 40.40 117.49 24.63
CA UNK A 65 39.97 117.53 26.04
C UNK A 65 41.18 117.45 26.97
N UNK A 66 42.15 116.60 26.62
CA UNK A 66 43.41 116.50 27.39
C UNK A 66 44.21 117.81 27.39
N UNK A 67 44.28 118.42 26.21
CA UNK A 67 44.89 119.74 26.08
C UNK A 67 44.15 120.74 26.96
N UNK A 68 42.82 120.67 26.96
CA UNK A 68 41.99 121.51 27.83
C UNK A 68 42.34 121.28 29.31
N UNK A 69 42.49 120.01 29.68
CA UNK A 69 42.91 119.67 31.05
C UNK A 69 44.25 120.29 31.41
N UNK A 70 45.20 120.15 30.47
CA UNK A 70 46.54 120.74 30.67
C UNK A 70 46.46 122.26 30.79
N UNK A 71 45.59 122.87 29.98
CA UNK A 71 45.35 124.32 30.05
C UNK A 71 44.75 124.73 31.39
N UNK A 72 43.80 123.93 31.87
CA UNK A 72 43.23 124.15 33.18
C UNK A 72 44.34 124.05 34.25
N UNK A 73 45.22 123.05 34.08
CA UNK A 73 46.37 122.91 34.98
C UNK A 73 47.21 124.16 34.89
N UNK A 74 47.36 124.68 33.67
CA UNK A 74 47.96 126.00 33.51
C UNK A 74 47.06 126.99 34.20
N UNK A 75 45.76 126.78 34.09
CA UNK A 75 44.75 127.59 34.79
C UNK A 75 44.90 127.50 36.30
N UNK A 76 45.19 126.32 36.80
CA UNK A 76 45.47 126.15 38.21
C UNK A 76 46.80 126.83 38.63
N UNK A 77 47.83 126.76 37.78
CA UNK A 77 49.07 127.51 38.03
C UNK A 77 48.76 129.02 38.04
N UNK A 78 47.88 129.44 37.15
CA UNK A 78 47.35 130.83 37.11
C UNK A 78 46.57 131.20 38.38
N UNK A 79 45.88 130.19 38.92
CA UNK A 79 45.10 130.35 40.13
C UNK A 79 46.01 130.78 41.26
N UNK A 80 47.25 130.28 41.23
CA UNK A 80 48.23 130.46 42.27
C UNK A 80 48.80 131.86 42.32
N UNK A 81 49.53 132.09 43.41
CA UNK A 81 49.89 133.42 43.90
C UNK A 81 50.91 134.12 43.04
N UNK A 82 51.90 133.39 42.54
CA UNK A 82 53.01 133.97 41.84
C UNK A 82 52.51 134.86 40.73
N UNK A 83 51.51 134.34 40.02
CA UNK A 83 50.74 135.19 39.15
C UNK A 83 50.33 136.44 39.93
N UNK A 84 50.24 136.30 41.24
CA UNK A 84 49.84 137.34 42.14
C UNK A 84 48.33 137.42 42.00
N UNK A 85 47.73 136.26 41.76
CA UNK A 85 46.30 136.08 41.95
C UNK A 85 45.99 136.36 43.43
N UNK A 86 46.94 135.97 44.28
CA UNK A 86 46.91 136.38 45.67
C UNK A 86 47.02 137.92 45.76
N UNK A 87 47.81 138.55 44.88
CA UNK A 87 47.86 140.04 44.84
C UNK A 87 46.50 140.62 44.51
N UNK A 88 45.88 140.00 43.53
CA UNK A 88 44.53 140.35 43.14
C UNK A 88 43.55 140.17 44.30
N UNK A 89 43.67 139.06 45.03
CA UNK A 89 42.82 138.80 46.21
C UNK A 89 43.04 139.85 47.27
N UNK A 90 44.30 140.22 47.47
CA UNK A 90 44.66 141.30 48.40
C UNK A 90 44.08 142.63 47.96
N UNK A 91 44.12 142.93 46.66
CA UNK A 91 43.45 144.13 46.15
C UNK A 91 41.94 144.05 46.36
N UNK A 92 41.37 142.88 46.13
CA UNK A 92 39.96 142.60 46.36
C UNK A 92 39.63 142.85 47.82
N UNK A 93 40.57 142.54 48.69
CA UNK A 93 40.60 143.13 50.02
C UNK A 93 40.64 144.65 49.80
N UNK A 94 41.39 145.08 48.81
CA UNK A 94 41.32 146.45 48.36
C UNK A 94 39.93 146.72 47.75
N UNK A 95 39.45 147.94 47.93
CA UNK A 95 38.03 148.29 47.70
C UNK A 95 37.42 147.93 46.34
N UNK A 96 38.15 148.17 45.27
CA UNK A 96 37.58 148.09 43.92
C UNK A 96 37.28 146.65 43.53
N UNK A 97 36.08 146.40 42.97
CA UNK A 97 35.67 145.10 42.50
C UNK A 97 35.88 143.95 43.51
N UNK A 98 35.47 144.20 44.73
CA UNK A 98 35.76 143.26 45.81
C UNK A 98 35.01 141.93 45.70
N UNK A 99 33.71 141.99 45.40
CA UNK A 99 32.90 140.78 45.41
C UNK A 99 33.69 139.72 44.66
N UNK A 100 34.14 140.08 43.46
CA UNK A 100 35.02 139.24 42.71
C UNK A 100 34.42 137.79 42.59
N UNK A 101 33.10 137.72 42.77
CA UNK A 101 32.40 136.47 42.84
C UNK A 101 32.48 135.79 41.50
N UNK A 102 32.43 136.56 40.43
CA UNK A 102 32.46 136.01 39.08
C UNK A 102 33.81 135.43 38.73
N UNK A 103 34.89 136.12 39.09
CA UNK A 103 36.22 135.49 39.15
C UNK A 103 36.28 134.30 40.11
N UNK A 104 35.75 134.46 41.31
CA UNK A 104 35.72 133.39 42.32
C UNK A 104 34.77 132.22 41.95
N UNK A 105 33.60 132.58 41.44
CA UNK A 105 32.64 131.63 40.89
C UNK A 105 33.29 130.98 39.69
N UNK A 106 34.12 131.77 38.99
CA UNK A 106 34.86 131.29 37.83
C UNK A 106 35.89 130.27 38.25
N UNK A 107 36.54 130.47 39.39
CA UNK A 107 37.44 129.45 39.95
C UNK A 107 36.69 128.17 40.25
N UNK A 108 35.51 128.32 40.86
CA UNK A 108 34.63 127.15 41.10
C UNK A 108 34.29 126.43 39.79
N UNK A 109 33.97 127.24 38.77
CA UNK A 109 33.67 126.74 37.44
C UNK A 109 34.85 126.03 36.80
N UNK A 110 36.05 126.57 37.03
CA UNK A 110 37.31 125.98 36.56
C UNK A 110 37.57 124.66 37.27
N UNK A 111 37.30 124.62 38.58
CA UNK A 111 37.37 123.35 39.32
C UNK A 111 36.39 122.36 38.70
N UNK A 112 35.17 122.82 38.43
CA UNK A 112 34.17 121.98 37.74
C UNK A 112 34.69 121.47 36.40
N UNK A 113 35.36 122.36 35.64
CA UNK A 113 35.92 122.01 34.36
C UNK A 113 37.04 120.99 34.49
N UNK A 114 37.89 121.16 35.50
CA UNK A 114 38.92 120.18 35.80
C UNK A 114 38.26 118.85 36.15
N UNK A 115 37.19 118.90 36.94
CA UNK A 115 36.42 117.69 37.24
C UNK A 115 35.86 117.04 35.99
N UNK A 116 35.36 117.85 35.05
CA UNK A 116 34.87 117.36 33.76
C UNK A 116 35.99 116.74 32.94
N UNK A 117 37.15 117.37 32.94
CA UNK A 117 38.32 116.85 32.27
C UNK A 117 38.64 115.52 32.88
N UNK A 118 38.54 115.44 34.19
CA UNK A 118 38.63 114.18 34.87
C UNK A 118 37.55 113.23 34.30
N UNK A 119 36.36 113.76 34.06
CA UNK A 119 35.29 113.00 33.44
C UNK A 119 35.53 112.71 31.97
N UNK A 120 35.99 113.73 31.24
CA UNK A 120 36.30 113.57 29.82
C UNK A 120 37.49 112.65 29.73
N UNK A 121 38.48 112.84 30.60
CA UNK A 121 39.72 112.04 30.55
C UNK A 121 39.56 110.52 30.46
N UNK A 122 38.54 109.97 31.12
CA UNK A 122 38.31 108.50 31.09
C UNK A 122 37.83 108.07 29.70
N UNK A 123 38.50 107.07 29.14
CA UNK A 123 38.10 106.53 27.86
C UNK A 123 38.37 105.02 27.80
N UNK A 124 37.34 104.23 27.49
CA UNK A 124 37.56 102.83 27.11
C UNK A 124 38.39 102.79 25.84
N UNK A 125 39.38 101.90 25.80
CA UNK A 125 40.27 101.80 24.65
C UNK A 125 39.50 101.36 23.41
N UNK A 126 39.75 102.02 22.29
CA UNK A 126 39.44 101.50 20.95
C UNK A 126 40.78 101.17 20.27
N UNK A 127 40.89 99.94 19.77
CA UNK A 127 42.19 99.32 19.57
C UNK A 127 42.42 98.87 18.13
N UNK A 128 43.61 99.15 17.62
CA UNK A 128 44.00 98.66 16.31
C UNK A 128 44.20 97.15 16.35
N UNK A 129 43.92 96.49 15.24
CA UNK A 129 44.03 95.03 15.16
C UNK A 129 45.50 94.65 14.95
N UNK A 130 36.07 88.99 17.90
CA UNK A 130 34.77 88.75 18.50
C UNK A 130 33.74 89.76 17.98
N UNK A 131 32.98 89.32 16.99
CA UNK A 131 31.89 90.11 16.40
C UNK A 131 30.85 90.50 17.44
N UNK A 132 30.54 89.55 18.32
CA UNK A 132 29.75 89.80 19.52
C UNK A 132 30.39 90.90 20.36
N UNK A 133 31.73 90.84 20.49
CA UNK A 133 32.45 91.86 21.26
C UNK A 133 32.29 93.23 20.60
N UNK A 134 32.37 93.25 19.27
CA UNK A 134 32.15 94.47 18.48
C UNK A 134 30.75 95.00 18.69
N UNK A 135 29.77 94.09 18.67
CA UNK A 135 28.38 94.48 18.97
C UNK A 135 28.22 95.04 20.39
N UNK A 136 28.88 94.42 21.37
CA UNK A 136 28.90 94.93 22.76
C UNK A 136 29.49 96.33 22.80
N UNK A 137 30.61 96.50 22.08
CA UNK A 137 31.26 97.83 21.96
C UNK A 137 30.29 98.85 21.35
N UNK A 138 29.58 98.44 20.30
CA UNK A 138 28.57 99.29 19.67
C UNK A 138 27.45 99.65 20.64
N UNK A 139 26.99 98.67 21.42
CA UNK A 139 25.97 98.94 22.44
C UNK A 139 26.50 99.94 23.44
N UNK A 140 27.76 99.75 23.86
CA UNK A 140 28.39 100.68 24.79
C UNK A 140 28.46 102.10 24.17
N UNK A 141 28.79 102.16 22.88
CA UNK A 141 28.83 103.44 22.18
C UNK A 141 27.44 104.09 22.10
N UNK A 142 26.43 103.26 21.86
CA UNK A 142 25.07 103.74 21.89
C UNK A 142 24.71 104.27 23.28
N UNK A 143 25.12 103.55 24.33
CA UNK A 143 24.92 104.04 25.70
C UNK A 143 25.63 105.39 25.91
N UNK A 144 26.84 105.51 25.36
CA UNK A 144 27.59 106.77 25.41
C UNK A 144 26.87 107.90 24.66
N UNK A 145 26.29 107.59 23.50
CA UNK A 145 25.48 108.55 22.78
C UNK A 145 24.27 108.94 23.61
N UNK A 146 23.68 107.96 24.28
CA UNK A 146 22.54 108.21 25.19
C UNK A 146 22.90 109.13 26.36
N UNK A 147 24.09 108.92 26.95
CA UNK A 147 24.52 109.59 28.23
C UNK A 147 24.14 111.06 28.40
N UNK A 148 23.85 111.43 29.64
CA UNK A 148 23.29 112.75 30.01
C UNK A 148 24.05 113.92 29.39
N UNK A 149 23.31 114.94 28.95
CA UNK A 149 23.94 116.07 28.24
C UNK A 149 24.95 116.82 29.11
N UNK A 150 26.07 117.12 28.50
CA UNK A 150 26.98 118.15 28.99
C UNK A 150 27.38 118.97 27.78
N UNK A 151 27.69 120.25 27.99
CA UNK A 151 27.78 121.20 26.85
C UNK A 151 28.63 120.65 25.69
N UNK A 152 28.00 120.42 24.54
CA UNK A 152 28.66 119.95 23.34
C UNK A 152 28.59 121.05 22.28
N UNK A 153 29.76 121.59 21.90
CA UNK A 153 29.91 122.35 20.65
C UNK A 153 30.09 121.34 19.54
N UNK A 154 30.17 121.83 18.32
CA UNK A 154 30.44 120.96 17.17
C UNK A 154 31.44 119.93 17.67
N UNK A 155 32.28 120.33 18.62
CA UNK A 155 33.35 119.47 19.09
C UNK A 155 32.88 118.05 19.38
N UNK A 156 31.68 117.91 19.94
CA UNK A 156 31.13 116.61 20.21
C UNK A 156 30.90 115.91 18.88
N UNK A 157 30.37 116.63 17.90
CA UNK A 157 30.19 116.07 16.56
C UNK A 157 31.52 115.65 15.95
N UNK A 158 32.54 116.50 16.06
CA UNK A 158 33.87 116.14 15.53
C UNK A 158 34.39 114.87 16.20
N UNK A 159 34.20 114.80 17.52
CA UNK A 159 34.59 113.61 18.28
C UNK A 159 33.81 112.40 17.78
N UNK A 160 32.53 112.59 17.52
CA UNK A 160 31.67 111.53 17.02
C UNK A 160 32.22 111.05 15.73
N UNK A 161 32.57 111.98 14.83
CA UNK A 161 33.16 111.64 13.53
C UNK A 161 34.48 110.88 13.68
N UNK A 162 35.36 111.39 14.53
CA UNK A 162 36.62 110.71 14.77
C UNK A 162 36.40 109.28 15.30
N UNK A 163 35.42 109.13 16.20
CA UNK A 163 35.08 107.81 16.75
C UNK A 163 34.61 106.85 15.68
N UNK A 164 33.76 107.33 14.77
CA UNK A 164 33.28 106.51 13.65
C UNK A 164 34.46 106.08 12.78
N UNK A 165 35.38 107.01 12.51
CA UNK A 165 36.56 106.71 11.71
C UNK A 165 37.44 105.67 12.42
N UNK A 166 37.60 105.84 13.73
CA UNK A 166 38.36 104.86 14.50
C UNK A 166 37.68 103.48 14.48
N UNK A 167 36.34 103.47 14.59
CA UNK A 167 35.57 102.23 14.53
C UNK A 167 35.74 101.52 13.21
N UNK A 168 35.74 102.30 12.11
CA UNK A 168 36.11 101.73 10.80
C UNK A 168 37.49 101.14 10.94
N UNK A 169 38.38 101.87 11.63
CA UNK A 169 39.71 101.35 11.91
C UNK A 169 39.63 100.01 12.64
N UNK A 170 38.66 99.90 13.55
CA UNK A 170 38.42 98.63 14.25
C UNK A 170 37.95 97.56 13.26
N UNK A 171 37.13 97.97 12.28
CA UNK A 171 36.72 97.02 11.24
C UNK A 171 37.95 96.55 10.47
N UNK A 172 38.88 97.47 10.24
CA UNK A 172 40.15 97.15 9.60
C UNK A 172 40.98 96.17 10.44
N UNK A 173 41.04 96.43 11.74
CA UNK A 173 41.76 95.58 12.67
C UNK A 173 41.14 94.18 12.67
N UNK A 174 39.81 94.13 12.66
CA UNK A 174 39.09 92.86 12.55
C UNK A 174 39.39 92.18 11.22
N UNK A 175 39.47 92.95 10.15
CA UNK A 175 39.80 92.39 8.84
C UNK A 175 41.20 91.79 8.85
N UNK A 176 42.12 92.51 9.49
CA UNK A 176 43.51 92.06 9.65
C UNK A 176 43.63 90.62 10.17
N UNK A 177 40.04 80.08 -1.67
CA UNK A 177 39.63 79.09 -0.68
C UNK A 177 38.13 79.22 -0.38
N UNK A 178 37.40 78.12 -0.55
CA UNK A 178 35.95 78.11 -0.32
C UNK A 178 35.60 78.45 1.13
N UNK A 179 36.35 77.89 2.06
CA UNK A 179 36.18 78.20 3.49
C UNK A 179 36.44 79.69 3.74
N UNK A 180 37.49 80.22 3.12
CA UNK A 180 37.80 81.64 3.21
C UNK A 180 36.66 82.48 2.64
N UNK A 181 36.11 82.06 1.50
CA UNK A 181 34.95 82.74 0.92
C UNK A 181 33.74 82.69 1.86
N UNK A 182 33.52 81.54 2.48
CA UNK A 182 32.44 81.41 3.50
C UNK A 182 32.68 82.34 4.68
N UNK A 183 33.94 82.40 5.14
CA UNK A 183 34.31 83.34 6.21
C UNK A 183 34.06 84.79 5.79
N UNK A 184 34.41 85.11 4.54
CA UNK A 184 34.14 86.44 3.99
C UNK A 184 32.65 86.72 3.97
N UNK A 185 31.85 85.73 3.55
CA UNK A 185 30.39 85.86 3.57
C UNK A 185 29.87 86.10 5.00
N UNK A 186 30.50 85.48 5.99
CA UNK A 186 30.08 85.71 7.37
C UNK A 186 30.23 87.23 7.60
N UNK A 187 31.26 87.79 6.98
CA UNK A 187 31.56 89.21 7.06
C UNK A 187 30.40 90.03 6.47
N UNK A 188 29.77 89.56 5.40
CA UNK A 188 28.64 90.26 4.82
C UNK A 188 27.49 90.36 5.83
N UNK A 189 27.25 89.27 6.57
CA UNK A 189 26.22 89.25 7.59
C UNK A 189 26.56 90.26 8.67
N UNK A 190 27.84 90.31 9.05
CA UNK A 190 28.28 91.25 10.06
C UNK A 190 28.04 92.66 9.56
N UNK A 191 28.34 92.92 8.29
CA UNK A 191 28.14 94.23 7.68
C UNK A 191 26.67 94.62 7.72
N UNK A 192 25.77 93.66 7.46
CA UNK A 192 24.34 93.95 7.50
C UNK A 192 23.93 94.37 8.92
N UNK A 193 24.48 93.65 9.89
CA UNK A 193 24.21 93.96 11.30
C UNK A 193 24.74 95.36 11.63
N UNK A 194 25.91 95.68 11.10
CA UNK A 194 26.55 96.98 11.28
C UNK A 194 25.69 98.08 10.67
N UNK A 195 25.08 97.81 9.52
CA UNK A 195 24.20 98.76 8.85
C UNK A 195 22.99 99.05 9.74
N UNK A 196 22.47 97.99 10.35
CA UNK A 196 21.35 98.14 11.28
C UNK A 196 21.78 99.01 12.47
N UNK A 197 23.00 98.75 12.95
CA UNK A 197 23.58 99.50 14.05
C UNK A 197 23.75 100.97 13.68
N UNK A 198 24.14 101.24 12.43
CA UNK A 198 24.32 102.59 11.91
C UNK A 198 22.99 103.31 11.92
N UNK A 199 21.93 102.59 11.54
CA UNK A 199 20.59 103.17 11.56
C UNK A 199 20.21 103.52 13.01
N UNK A 200 20.55 102.62 13.93
CA UNK A 200 20.30 102.85 15.36
C UNK A 200 21.07 104.06 15.86
N UNK A 201 22.31 104.21 15.38
CA UNK A 201 23.19 105.33 15.73
C UNK A 201 22.56 106.63 15.25
N UNK A 202 21.99 106.60 14.06
CA UNK A 202 21.32 107.76 13.50
C UNK A 202 20.13 108.12 14.39
N UNK A 203 19.39 107.11 14.84
CA UNK A 203 18.26 107.34 15.74
C UNK A 203 18.68 107.94 17.10
N UNK A 204 19.77 107.45 17.66
CA UNK A 204 20.27 107.91 18.94
C UNK A 204 20.84 109.32 18.78
N UNK A 205 21.53 109.58 17.67
CA UNK A 205 22.08 110.90 17.42
C UNK A 205 20.94 111.90 17.30
N UNK A 206 19.88 111.51 16.60
CA UNK A 206 18.74 112.42 16.48
C UNK A 206 18.13 112.70 17.87
N UNK A 207 18.01 111.64 18.66
CA UNK A 207 17.46 111.75 20.00
C UNK A 207 18.32 112.66 20.89
N UNK A 208 19.63 112.53 20.74
CA UNK A 208 20.60 113.32 21.50
C UNK A 208 20.45 114.78 21.14
N UNK A 209 20.26 115.05 19.85
CA UNK A 209 20.07 116.42 19.40
C UNK A 209 18.79 116.98 20.03
N UNK A 210 17.73 116.16 20.06
CA UNK A 210 16.48 116.60 20.66
C UNK A 210 16.66 116.89 22.14
N UNK A 211 17.43 116.05 22.83
CA UNK A 211 17.68 116.22 24.26
C UNK A 211 18.43 117.52 24.50
N UNK A 212 19.40 117.80 23.63
CA UNK A 212 20.18 119.03 23.75
C UNK A 212 19.27 120.25 23.56
N UNK A 213 18.36 120.15 22.60
CA UNK A 213 17.42 121.23 22.33
C UNK A 213 16.66 121.59 23.60
N UNK A 214 27.71 115.32 10.43
CA UNK A 214 28.82 114.53 9.91
C UNK A 214 28.57 114.12 8.47
N UNK A 215 28.61 115.08 7.56
CA UNK A 215 28.39 114.81 6.15
C UNK A 215 29.46 113.88 5.61
N UNK A 216 30.70 114.09 6.01
CA UNK A 216 31.81 113.25 5.57
C UNK A 216 31.59 111.82 6.05
N UNK A 217 31.12 111.69 7.30
CA UNK A 217 30.87 110.38 7.88
C UNK A 217 29.76 109.68 7.10
N UNK A 218 28.74 110.45 6.72
CA UNK A 218 27.63 109.90 5.96
C UNK A 218 28.13 109.41 4.61
N UNK A 219 29.01 110.18 4.00
CA UNK A 219 29.58 109.82 2.70
C UNK A 219 30.37 108.52 2.84
N UNK A 220 31.11 108.40 3.92
CA UNK A 220 31.91 107.21 4.17
C UNK A 220 31.00 106.00 4.32
N UNK A 221 29.88 106.20 5.02
CA UNK A 221 28.92 105.12 5.23
C UNK A 221 28.34 104.69 3.89
N UNK A 222 28.05 105.67 3.03
CA UNK A 222 27.50 105.38 1.72
C UNK A 222 28.51 104.57 0.91
N UNK A 223 29.78 104.95 1.02
CA UNK A 223 30.84 104.25 0.30
C UNK A 223 30.92 102.81 0.78
N UNK A 224 30.79 102.63 2.09
CA UNK A 224 30.85 101.29 2.68
C UNK A 224 29.69 100.46 2.16
N UNK A 225 28.53 101.08 2.06
CA UNK A 225 27.33 100.41 1.57
C UNK A 225 27.53 99.97 0.12
N UNK A 226 28.15 100.84 -0.66
CA UNK A 226 28.40 100.56 -2.07
C UNK A 226 29.50 99.52 -2.23
N UNK A 227 30.74 99.98 -2.41
CA UNK A 227 31.88 99.08 -2.57
C UNK A 227 31.47 97.65 -2.24
N UNK A 228 30.80 97.53 -1.11
CA UNK A 228 30.31 96.25 -0.60
C UNK A 228 29.40 95.59 -1.63
N UNK A 229 28.49 96.39 -2.15
CA UNK A 229 27.52 95.96 -3.15
C UNK A 229 28.24 95.41 -4.38
N UNK A 230 29.23 96.16 -4.80
CA UNK A 230 30.06 95.82 -5.98
C UNK A 230 30.72 94.45 -5.76
N UNK A 231 31.28 94.32 -4.57
CA UNK A 231 31.97 93.09 -4.16
C UNK A 231 31.01 91.89 -4.25
N UNK A 232 29.83 92.11 -3.72
CA UNK A 232 28.76 91.10 -3.69
C UNK A 232 28.43 90.66 -5.12
N UNK A 233 28.28 91.66 -5.97
CA UNK A 233 27.96 91.45 -7.40
C UNK A 233 29.04 90.58 -8.06
N UNK A 234 30.28 90.95 -7.77
CA UNK A 234 31.45 90.24 -8.30
C UNK A 234 31.41 88.77 -7.89
N UNK A 235 31.13 88.57 -6.61
CA UNK A 235 31.03 87.24 -6.01
C UNK A 235 29.99 86.40 -6.74
N UNK A 236 28.85 87.04 -6.94
CA UNK A 236 27.69 86.43 -7.63
C UNK A 236 28.10 85.96 -9.02
N UNK A 237 28.78 86.87 -9.71
CA UNK A 237 29.27 86.64 -11.07
C UNK A 237 30.18 85.41 -11.10
N UNK A 238 31.09 85.40 -10.14
CA UNK A 238 32.07 84.30 -9.99
C UNK A 238 31.35 82.97 -9.82
N UNK A 239 30.35 83.00 -8.95
CA UNK A 239 29.52 81.83 -8.63
C UNK A 239 28.86 81.30 -9.92
N UNK A 240 28.30 82.23 -10.65
CA UNK A 240 27.61 81.95 -11.92
C UNK A 240 28.57 81.25 -12.89
N UNK A 241 29.75 81.82 -12.97
CA UNK A 241 30.82 81.31 -13.85
C UNK A 241 31.15 79.86 -13.49
N UNK A 242 31.30 79.66 -12.19
CA UNK A 242 31.61 78.34 -11.63
C UNK A 242 30.55 77.33 -12.03
N UNK A 243 29.29 77.72 -11.87
CA UNK A 243 28.17 76.84 -12.23
C UNK A 243 28.01 76.71 -13.74
N UNK A 244 28.47 77.73 -14.46
CA UNK A 244 28.38 77.73 -15.91
C UNK A 244 29.19 76.57 -16.50
N UNK A 245 30.37 76.34 -15.94
CA UNK A 245 31.23 75.27 -16.41
C UNK A 245 30.55 73.92 -16.18
N UNK A 246 29.91 73.77 -15.02
CA UNK A 246 29.20 72.55 -14.69
C UNK A 246 28.05 72.32 -15.67
N UNK A 247 27.35 73.41 -16.01
CA UNK A 247 26.24 73.33 -16.94
C UNK A 247 26.75 72.89 -18.31
N UNK A 248 27.90 73.42 -18.72
CA UNK A 248 28.50 73.08 -19.99
C UNK A 248 28.89 71.61 -20.02
N UNK A 249 29.41 71.12 -18.89
CA UNK A 249 29.83 69.72 -18.75
C UNK A 249 30.71 69.26 -19.91
N UNK A 250 36.56 71.49 -22.77
CA UNK A 250 37.84 71.63 -22.10
C UNK A 250 38.14 73.11 -21.88
N UNK A 251 38.50 73.46 -20.65
CA UNK A 251 38.83 74.84 -20.31
C UNK A 251 40.07 75.32 -21.05
N UNK A 252 40.08 76.58 -21.46
CA UNK A 252 39.05 77.53 -21.07
C UNK A 252 39.21 77.96 -19.61
N UNK A 253 39.41 76.99 -18.73
CA UNK A 253 39.58 77.27 -17.32
C UNK A 253 40.75 78.22 -17.08
N UNK A 254 41.88 77.94 -17.72
CA UNK A 254 43.08 78.78 -17.58
C UNK A 254 42.77 80.22 -17.98
N UNK A 255 42.10 80.32 -19.13
CA UNK A 255 41.71 81.61 -19.71
C UNK A 255 40.82 82.37 -18.72
N UNK A 256 39.87 81.65 -18.19
CA UNK A 256 38.91 82.18 -17.21
C UNK A 256 39.66 82.75 -16.00
N UNK A 257 40.59 81.96 -15.52
CA UNK A 257 41.43 82.30 -14.37
C UNK A 257 42.17 83.62 -14.63
N UNK A 258 42.75 83.67 -15.81
CA UNK A 258 43.52 84.83 -16.28
C UNK A 258 42.64 86.08 -16.26
N UNK A 259 41.45 85.91 -16.80
CA UNK A 259 40.45 86.98 -16.88
C UNK A 259 40.13 87.51 -15.48
N UNK A 260 39.91 86.56 -14.59
CA UNK A 260 39.59 86.86 -13.18
C UNK A 260 40.70 87.70 -12.55
N UNK A 261 41.92 87.24 -12.80
CA UNK A 261 43.13 87.89 -12.29
C UNK A 261 43.19 89.35 -12.77
N UNK A 262 42.94 89.49 -14.06
CA UNK A 262 42.94 90.77 -14.76
C UNK A 262 41.83 91.67 -14.27
N UNK A 263 40.62 91.13 -14.16
CA UNK A 263 39.50 91.91 -13.65
C UNK A 263 39.78 92.31 -12.21
N UNK A 264 40.30 91.36 -11.44
CA UNK A 264 40.65 91.58 -10.04
C UNK A 264 41.75 92.63 -9.96
N UNK A 265 42.72 92.54 -10.87
CA UNK A 265 43.82 93.48 -10.91
C UNK A 265 43.30 94.89 -11.18
N UNK A 266 42.34 94.99 -12.10
CA UNK A 266 41.73 96.26 -12.46
C UNK A 266 41.01 96.83 -11.25
N UNK A 267 40.31 95.97 -10.51
CA UNK A 267 39.60 96.39 -9.32
C UNK A 267 40.59 96.92 -8.28
N UNK A 268 41.72 96.24 -8.14
CA UNK A 268 42.76 96.64 -7.20
C UNK A 268 43.31 98.00 -7.59
N UNK A 269 43.51 98.20 -8.89
CA UNK A 269 44.01 99.47 -9.41
C UNK A 269 43.02 100.59 -9.09
N UNK A 270 41.73 100.30 -9.26
CA UNK A 270 40.69 101.27 -8.95
C UNK A 270 40.72 101.63 -7.47
N UNK A 271 40.91 100.62 -6.63
CA UNK A 271 40.97 100.83 -5.19
C UNK A 271 42.00 101.89 -4.84
N UNK A 272 42.23 102.81 -5.76
CA UNK A 272 43.18 103.89 -5.54
C UNK A 272 42.44 105.22 -5.33
N UNK A 273 32.09 105.19 -12.54
CA UNK A 273 33.05 104.45 -13.37
C UNK A 273 33.15 103.00 -12.93
N UNK A 274 32.69 102.72 -11.70
CA UNK A 274 32.73 101.38 -11.16
C UNK A 274 31.85 100.44 -11.99
N UNK A 275 30.68 100.94 -12.39
CA UNK A 275 29.78 100.16 -13.21
C UNK A 275 30.43 99.84 -14.56
N UNK A 276 31.11 100.83 -15.13
CA UNK A 276 31.79 100.65 -16.40
C UNK A 276 32.87 99.58 -16.26
N UNK A 277 33.61 99.61 -15.16
CA UNK A 277 34.66 98.63 -14.92
C UNK A 277 34.07 97.23 -14.82
N UNK A 278 32.93 97.14 -14.14
CA UNK A 278 32.23 95.86 -13.97
C UNK A 278 31.79 95.34 -15.32
N UNK A 279 31.29 96.25 -16.16
CA UNK A 279 30.84 95.92 -17.49
C UNK A 279 32.03 95.41 -18.31
N UNK A 280 33.19 96.04 -18.17
CA UNK A 280 34.37 95.61 -18.90
C UNK A 280 34.77 94.21 -18.49
N UNK A 281 34.71 93.92 -17.18
CA UNK A 281 35.05 92.58 -16.71
C UNK A 281 34.08 91.54 -17.29
N UNK A 282 32.80 91.91 -17.30
CA UNK A 282 31.75 91.04 -17.82
C UNK A 282 31.96 90.79 -19.32
N UNK A 283 32.37 91.83 -20.03
CA UNK A 283 32.64 91.79 -21.45
C UNK A 283 33.78 90.84 -21.70
N UNK A 284 34.82 90.92 -20.86
CA UNK A 284 35.99 90.06 -21.01
C UNK A 284 35.59 88.59 -20.86
N UNK A 285 35.53 88.12 -19.62
CA UNK A 285 35.17 86.74 -19.35
C UNK A 285 33.74 86.47 -19.82
N UNK A 286 32.85 87.43 -19.59
CA UNK A 286 31.46 87.30 -20.01
C UNK A 286 31.39 87.20 -21.53
N UNK A 287 32.19 88.02 -22.19
CA UNK A 287 32.23 88.03 -23.65
C UNK A 287 32.71 86.68 -24.16
N UNK A 288 33.72 86.12 -23.49
CA UNK A 288 34.25 84.82 -23.87
C UNK A 288 33.19 83.75 -23.71
N UNK A 289 32.43 83.85 -22.63
CA UNK A 289 31.36 82.88 -22.36
C UNK A 289 30.31 82.98 -23.45
N UNK A 290 29.99 84.20 -23.87
CA UNK A 290 29.01 84.43 -24.91
C UNK A 290 29.50 83.80 -26.22
N UNK A 291 30.78 83.96 -26.50
CA UNK A 291 31.38 83.41 -27.70
C UNK A 291 31.29 81.89 -27.67
N UNK A 292 31.54 81.32 -26.50
CA UNK A 292 31.47 79.87 -26.33
C UNK A 292 30.05 79.39 -26.59
N UNK A 293 29.08 80.15 -26.09
CA UNK A 293 27.67 79.81 -26.27
C UNK A 293 27.33 79.84 -27.75
N UNK A 294 27.84 80.85 -28.45
CA UNK A 294 27.60 80.99 -29.88
C UNK A 294 28.17 79.80 -30.62
N UNK A 295 29.36 79.38 -30.21
CA UNK A 295 30.03 78.25 -30.84
C UNK A 295 29.19 76.98 -30.63
N UNK A 296 28.65 76.84 -29.43
CA UNK A 296 27.83 75.68 -29.09
C UNK A 296 26.58 75.68 -29.97
N UNK A 297 26.00 76.86 -30.17
CA UNK A 297 24.80 76.99 -30.99
C UNK A 297 25.13 76.59 -32.43
N UNK A 298 26.30 77.01 -32.89
CA UNK A 298 26.74 76.70 -34.24
C UNK A 298 26.91 75.19 -34.40
N UNK A 299 27.45 74.55 -33.37
CA UNK A 299 27.68 73.11 -33.39
C UNK A 299 26.44 72.36 -32.91
N UNK A 300 7.02 68.67 -28.69
CA UNK A 300 7.14 69.28 -30.02
C UNK A 300 8.04 70.51 -30.11
N UNK A 301 7.51 71.58 -30.70
CA UNK A 301 8.23 72.85 -30.90
C UNK A 301 8.59 73.48 -29.58
N UNK A 302 7.66 73.37 -28.65
CA UNK A 302 7.85 73.88 -27.31
C UNK A 302 9.01 73.11 -26.69
N UNK A 303 9.03 71.80 -26.89
CA UNK A 303 10.09 70.94 -26.40
C UNK A 303 11.43 71.34 -27.02
N UNK A 304 11.43 71.68 -28.31
CA UNK A 304 12.66 72.10 -28.97
C UNK A 304 13.23 73.36 -28.31
N UNK A 305 12.35 74.33 -28.10
CA UNK A 305 12.74 75.59 -27.48
C UNK A 305 12.96 75.43 -25.98
N UNK A 306 12.04 74.74 -25.32
CA UNK A 306 12.14 74.52 -23.88
C UNK A 306 13.37 73.70 -23.54
N UNK A 307 13.66 72.69 -24.37
CA UNK A 307 14.81 71.84 -24.15
C UNK A 307 16.09 72.66 -24.27
N UNK A 308 16.13 73.54 -25.27
CA UNK A 308 17.28 74.41 -25.48
C UNK A 308 17.46 75.33 -24.29
N UNK A 309 16.35 75.83 -23.78
CA UNK A 309 16.38 76.72 -22.62
C UNK A 309 16.95 75.99 -21.42
N UNK A 310 16.56 74.73 -21.24
CA UNK A 310 17.06 73.94 -20.13
C UNK A 310 18.57 73.72 -20.30
N UNK A 311 18.96 73.43 -21.53
CA UNK A 311 20.36 73.16 -21.88
C UNK A 311 21.18 74.38 -21.52
N UNK A 312 20.58 75.54 -21.69
CA UNK A 312 21.24 76.79 -21.35
C UNK A 312 20.27 77.47 -20.40
N UNK A 313 20.20 76.98 -19.16
CA UNK A 313 21.01 75.87 -18.67
C UNK A 313 20.70 75.56 -17.21
N UNK A 314 23.36 82.99 -26.95
CA UNK A 314 23.17 84.44 -26.79
C UNK A 314 22.73 85.10 -28.12
N UNK A 315 22.14 86.30 -28.14
CA UNK A 315 21.62 86.67 -29.46
C UNK A 315 20.62 85.63 -29.93
N UNK A 316 20.92 84.36 -29.69
CA UNK A 316 20.04 83.27 -30.07
C UNK A 316 18.72 83.40 -29.32
N UNK A 317 18.80 83.72 -28.04
CA UNK A 317 17.61 83.90 -27.21
C UNK A 317 16.77 85.04 -27.74
N UNK A 318 17.42 86.13 -28.14
CA UNK A 318 16.73 87.29 -28.68
C UNK A 318 16.01 86.90 -29.97
N UNK A 319 16.75 86.36 -30.93
CA UNK A 319 16.12 85.89 -32.15
C UNK A 319 15.31 84.65 -31.76
N UNK A 320 15.97 83.82 -30.97
CA UNK A 320 15.41 82.57 -30.48
C UNK A 320 14.23 82.80 -29.57
N UNK A 321 14.34 83.79 -28.68
CA UNK A 321 13.24 84.07 -27.77
C UNK A 321 12.00 84.49 -28.55
N UNK A 322 12.20 85.34 -29.54
CA UNK A 322 11.08 85.81 -30.36
C UNK A 322 10.46 84.63 -31.11
N UNK A 323 11.32 83.76 -31.63
CA UNK A 323 10.81 82.60 -32.37
C UNK A 323 9.98 81.71 -31.46
N UNK A 324 10.48 81.51 -30.24
CA UNK A 324 9.80 80.67 -29.27
C UNK A 324 8.46 81.27 -28.91
N UNK A 325 8.42 82.59 -28.74
CA UNK A 325 7.18 83.26 -28.40
C UNK A 325 6.16 83.07 -29.53
N UNK A 326 6.62 83.21 -30.77
CA UNK A 326 5.73 83.05 -31.90
C UNK A 326 5.17 81.63 -31.94
N UNK A 327 6.05 80.66 -31.69
CA UNK A 327 5.64 79.26 -31.70
C UNK A 327 4.61 79.00 -30.62
N UNK A 328 4.84 79.58 -29.45
CA UNK A 328 3.93 79.40 -28.32
C UNK A 328 2.58 79.98 -28.66
N UNK A 329 2.57 81.15 -29.29
CA UNK A 329 1.30 81.78 -29.67
C UNK A 329 0.55 80.91 -30.65
N UNK A 330 1.28 80.36 -31.63
CA UNK A 330 0.66 79.50 -32.62
C UNK A 330 0.05 78.27 -31.96
N UNK A 331 0.79 77.69 -31.01
CA UNK A 331 0.32 76.50 -30.31
C UNK A 331 -0.92 76.81 -29.51
N UNK A 332 -0.93 77.98 -28.88
CA UNK A 332 -2.06 78.40 -28.07
C UNK A 332 -3.29 78.54 -28.95
N UNK A 333 -3.13 79.14 -30.13
CA UNK A 333 -4.30 79.27 -30.99
C UNK A 333 -4.77 77.87 -31.37
N UNK A 334 -3.82 77.04 -31.78
CA UNK A 334 -4.07 75.65 -32.15
C UNK A 334 -4.45 74.78 -30.96
N UNK A 335 -3.76 75.02 -29.85
CA UNK A 335 -3.92 74.25 -28.62
C UNK A 335 -5.10 74.75 -27.86
N UNK A 336 -5.27 76.06 -27.74
CA UNK A 336 -6.50 76.42 -27.04
C UNK A 336 -7.71 75.88 -27.79
N UNK A 337 -7.69 76.10 -29.09
CA UNK A 337 -8.75 75.66 -30.00
C UNK A 337 -8.92 74.15 -29.91
N UNK A 338 -7.79 73.48 -29.96
CA UNK A 338 -7.73 72.01 -29.90
C UNK A 338 -8.38 71.52 -28.60
N UNK A 339 -7.99 72.18 -27.53
CA UNK A 339 -8.50 71.87 -26.18
C UNK A 339 -10.02 71.99 -26.15
N UNK A 340 -10.48 73.09 -26.71
CA UNK A 340 -11.91 73.41 -26.79
C UNK A 340 -12.66 72.28 -27.52
N UNK A 341 -12.08 71.90 -28.65
CA UNK A 341 -12.62 70.84 -29.51
C UNK A 341 -12.75 69.54 -28.71
N UNK A 342 -11.70 69.24 -27.99
CA UNK A 342 -11.62 68.03 -27.16
C UNK A 342 -12.75 68.03 -26.13
N UNK A 343 -12.89 69.18 -25.50
CA UNK A 343 -13.92 69.40 -24.47
C UNK A 343 -15.31 69.13 -25.05
N UNK A 344 -15.52 69.69 -26.22
CA UNK A 344 -16.79 69.57 -26.96
C UNK A 344 -17.09 68.09 -27.22
N UNK A 345 -16.07 67.40 -27.68
CA UNK A 345 -16.14 65.96 -27.99
C UNK A 345 -16.57 65.18 -26.75
N UNK A 346 -15.94 65.48 -25.62
CA UNK A 346 -16.25 64.80 -24.37
C UNK A 346 -17.72 64.97 -24.00
N UNK A 347 -18.22 66.20 -24.09
CA UNK A 347 -19.61 66.50 -23.78
C UNK A 347 -20.55 65.67 -24.64
N UNK A 348 -20.29 65.63 -25.94
CA UNK A 348 -21.12 64.87 -26.87
C UNK A 348 -21.18 63.40 -26.48
N UNK A 349 -20.03 62.82 -26.18
CA UNK A 349 -19.96 61.41 -25.79
C UNK A 349 -20.81 61.14 -24.57
N UNK A 350 -21.33 66.91 -12.74
CA UNK A 350 -20.02 66.40 -12.35
C UNK A 350 -19.02 66.51 -13.50
N UNK A 351 -19.44 66.09 -14.69
CA UNK A 351 -18.58 66.13 -15.86
C UNK A 351 -18.11 67.56 -16.14
N UNK A 352 -19.03 68.50 -16.10
CA UNK A 352 -18.72 69.91 -16.35
C UNK A 352 -17.67 70.41 -15.37
N UNK A 353 -17.86 70.11 -14.09
CA UNK A 353 -16.92 70.54 -13.07
C UNK A 353 -15.52 70.01 -13.33
N UNK A 354 -15.42 68.72 -13.66
CA UNK A 354 -14.14 68.10 -13.95
C UNK A 354 -13.43 68.81 -15.09
N UNK A 355 -14.16 69.07 -16.17
CA UNK A 355 -13.59 69.74 -17.34
C UNK A 355 -13.03 71.11 -16.94
N UNK A 356 -13.83 71.82 -16.19
CA UNK A 356 -13.48 73.16 -15.68
C UNK A 356 -12.18 73.08 -14.86
N UNK A 357 -12.16 72.10 -13.99
CA UNK A 357 -11.02 71.86 -13.10
C UNK A 357 -9.74 71.62 -13.92
N UNK A 358 -9.91 70.79 -14.93
CA UNK A 358 -8.82 70.43 -15.86
C UNK A 358 -8.27 71.69 -16.52
N UNK A 359 -9.20 72.50 -16.99
CA UNK A 359 -8.88 73.76 -17.68
C UNK A 359 -8.06 74.66 -16.75
N UNK A 360 -8.53 74.76 -15.53
CA UNK A 360 -7.89 75.57 -14.48
C UNK A 360 -6.44 75.11 -14.27
N UNK A 361 -6.31 73.80 -14.18
CA UNK A 361 -5.01 73.15 -13.97
C UNK A 361 -4.05 73.52 -15.09
N UNK A 362 -4.58 73.41 -16.30
CA UNK A 362 -3.84 73.72 -17.53
C UNK A 362 -3.33 75.16 -17.49
N UNK A 363 -4.24 76.05 -17.12
CA UNK A 363 -3.96 77.48 -17.01
C UNK A 363 -2.82 77.72 -16.02
N UNK A 364 -2.92 77.05 -14.90
CA UNK A 364 -1.93 77.14 -13.82
C UNK A 364 -0.55 76.72 -14.34
N UNK A 365 -0.56 75.61 -15.05
CA UNK A 365 0.66 75.03 -15.65
C UNK A 365 1.31 76.06 -16.58
N UNK A 366 0.47 76.65 -17.42
CA UNK A 366 0.88 77.65 -18.40
C UNK A 366 1.57 78.82 -17.69
N UNK A 367 0.91 79.27 -16.63
CA UNK A 367 1.39 80.38 -15.81
C UNK A 367 2.78 80.07 -15.25
N UNK A 368 2.89 78.87 -14.73
CA UNK A 368 4.15 78.36 -14.16
C UNK A 368 5.27 78.40 -15.19
N UNK A 369 4.93 77.92 -16.37
CA UNK A 369 5.85 77.87 -17.52
C UNK A 369 6.35 79.27 -17.84
N UNK A 370 5.40 80.19 -17.90
CA UNK A 370 5.66 81.60 -18.20
C UNK A 370 6.65 82.17 -17.18
N UNK A 371 6.37 81.89 -15.93
CA UNK A 371 7.19 82.34 -14.80
C UNK A 371 8.62 81.84 -14.96
N UNK A 372 8.72 80.56 -15.28
CA UNK A 372 10.01 79.89 -15.49
C UNK A 372 10.81 80.59 -16.59
N UNK A 373 10.10 80.87 -17.67
CA UNK A 373 10.66 81.54 -18.85
C UNK A 373 11.23 82.90 -18.44
N UNK A 374 10.43 83.61 -17.69
CA UNK A 374 10.79 84.95 -17.18
C UNK A 374 12.08 84.88 -16.36
N UNK A 375 12.14 83.91 -15.47
CA UNK A 375 13.33 83.73 -14.63
C UNK A 375 14.59 83.53 -15.47
N UNK A 376 14.49 82.66 -16.46
CA UNK A 376 15.62 82.38 -17.35
C UNK A 376 16.12 83.66 -18.03
N UNK A 377 15.17 84.43 -18.57
CA UNK A 377 15.51 85.68 -19.25
C UNK A 377 16.28 86.63 -18.32
N UNK A 378 15.77 86.79 -17.11
CA UNK A 378 16.40 87.67 -16.12
C UNK A 378 17.84 87.24 -15.85
N UNK A 379 7.57 92.33 -24.55
CA UNK A 379 7.65 91.87 -23.17
C UNK A 379 6.36 92.01 -22.34
N UNK A 380 5.58 93.09 -22.49
CA UNK A 380 5.83 94.23 -23.39
C UNK A 380 5.42 93.97 -24.84
N UNK A 381 4.76 92.84 -25.06
CA UNK A 381 4.30 92.48 -26.41
C UNK A 381 2.79 92.37 -26.47
N UNK A 382 2.20 93.03 -27.47
CA UNK A 382 0.76 93.02 -27.64
C UNK A 382 0.25 91.60 -27.92
N UNK A 383 0.99 90.85 -28.73
CA UNK A 383 0.61 89.49 -29.07
C UNK A 383 0.40 88.64 -27.82
N UNK A 384 1.50 88.20 -27.22
CA UNK A 384 1.43 87.38 -26.02
C UNK A 384 0.18 87.72 -25.21
N UNK A 385 -0.15 89.01 -25.15
CA UNK A 385 -1.32 89.47 -24.41
C UNK A 385 -2.58 88.74 -24.87
N UNK A 386 -2.58 88.31 -26.13
CA UNK A 386 -3.73 87.61 -26.68
C UNK A 386 -3.90 86.24 -26.03
N UNK A 387 -2.80 85.50 -25.92
CA UNK A 387 -2.83 84.17 -25.32
C UNK A 387 -3.37 84.22 -23.90
N UNK A 388 -2.86 85.17 -23.11
CA UNK A 388 -3.29 85.32 -21.71
C UNK A 388 -4.80 85.56 -21.65
N UNK A 389 -5.23 86.46 -22.51
CA UNK A 389 -6.65 86.84 -22.62
C UNK A 389 -7.50 85.61 -22.94
N UNK A 390 -7.02 84.86 -23.91
CA UNK A 390 -7.68 83.63 -24.37
C UNK A 390 -7.84 82.65 -23.21
N UNK A 391 -6.74 82.50 -22.48
CA UNK A 391 -6.68 81.60 -21.31
C UNK A 391 -7.74 82.01 -20.28
N UNK A 392 -7.77 83.30 -20.04
CA UNK A 392 -8.72 83.91 -19.08
C UNK A 392 -10.16 83.58 -19.48
N UNK A 393 -10.41 83.76 -20.78
CA UNK A 393 -11.73 83.51 -21.38
C UNK A 393 -12.13 82.05 -21.15
N UNK A 394 -11.19 81.18 -21.42
CA UNK A 394 -11.36 79.73 -21.26
C UNK A 394 -11.75 79.40 -19.82
N UNK A 395 -11.00 79.99 -18.91
CA UNK A 395 -11.21 79.82 -17.47
C UNK A 395 -12.64 80.22 -17.08
N UNK A 396 -13.02 81.37 -17.59
CA UNK A 396 -14.35 81.95 -17.36
C UNK A 396 -15.44 80.97 -17.82
N UNK A 397 -15.22 80.45 -19.01
CA UNK A 397 -16.13 79.49 -19.65
C UNK A 397 -16.30 78.27 -18.76
N UNK A 398 -15.16 77.78 -18.30
CA UNK A 398 -15.09 76.60 -17.43
C UNK A 398 -15.92 76.84 -16.16
N UNK A 399 -15.71 78.00 -15.59
CA UNK A 399 -16.40 78.44 -14.36
C UNK A 399 -17.91 78.41 -14.58
N UNK A 400 -18.30 78.98 -15.70
CA UNK A 400 -19.70 79.08 -16.11
C UNK A 400 -20.32 77.67 -16.18
N UNK A 401 -19.57 76.80 -16.83
CA UNK A 401 -19.98 75.40 -17.03
C UNK A 401 -20.22 74.73 -15.67
N UNK A 402 -19.27 74.96 -14.78
CA UNK A 402 -19.30 74.41 -13.41
C UNK A 402 -20.56 74.88 -12.69
N UNK A 403 -20.81 76.16 -12.82
CA UNK A 403 -21.98 76.82 -12.21
C UNK A 403 -23.27 76.14 -12.71
N UNK A 404 -23.31 75.97 -14.01
CA UNK A 404 -24.45 75.34 -14.70
C UNK A 404 -24.70 73.94 -14.13
N UNK A 405 -23.62 73.21 -14.01
CA UNK A 405 -23.63 71.83 -13.50
C UNK A 405 -24.23 71.81 -12.08
N UNK A 406 -23.73 72.74 -11.28
CA UNK A 406 -24.17 72.90 -9.88
C UNK A 406 -25.67 73.14 -9.83
N UNK A 407 -26.12 74.04 -10.69
CA UNK A 407 -27.53 74.42 -10.81
C UNK A 407 -28.38 73.19 -11.12
N UNK A 408 -27.92 72.39 -12.08
CA UNK A 408 -28.64 71.19 -12.48
C UNK A 408 -28.81 70.23 -11.30
N UNK A 409 -27.74 70.02 -10.56
CA UNK A 409 -27.77 69.12 -9.41
C UNK A 409 -28.81 69.59 -8.39
N UNK A 410 -28.80 70.87 -8.08
CA UNK A 410 -29.75 71.45 -7.12
C UNK A 410 -31.18 71.19 -7.56
N UNK A 411 -31.47 71.45 -8.82
CA UNK A 411 -32.82 71.25 -9.35
C UNK A 411 -33.27 69.81 -9.18
N UNK A 412 -26.64 71.87 -2.55
CA UNK A 412 -26.81 72.65 -1.33
C UNK A 412 -25.79 72.24 -0.28
N UNK A 413 -25.27 73.21 0.47
CA UNK A 413 -24.31 72.96 1.55
C UNK A 413 -24.98 72.15 2.66
N UNK A 414 -26.24 72.49 2.92
CA UNK A 414 -27.11 71.82 3.89
C UNK A 414 -27.35 70.41 3.42
N UNK A 415 -27.55 70.27 2.11
CA UNK A 415 -27.72 69.00 1.47
C UNK A 415 -26.43 68.20 1.68
N UNK A 416 -25.27 68.83 1.55
CA UNK A 416 -23.98 68.23 1.77
C UNK A 416 -23.85 67.77 3.22
N UNK A 417 -24.36 68.53 4.17
CA UNK A 417 -24.32 68.13 5.59
C UNK A 417 -25.16 66.86 5.79
N UNK A 418 -26.31 66.88 5.11
CA UNK A 418 -27.22 65.76 5.09
C UNK A 418 -26.54 64.58 4.44
N UNK A 419 -25.78 64.84 3.39
CA UNK A 419 -24.98 63.93 2.60
C UNK A 419 -23.88 63.33 3.43
N UNK A 420 -23.31 64.08 4.37
CA UNK A 420 -22.28 63.57 5.29
C UNK A 420 -22.92 62.50 6.14
N UNK A 421 -24.14 62.82 6.60
CA UNK A 421 -24.91 61.82 7.35
C UNK A 421 -25.23 60.62 6.43
N UNK A 422 -25.56 60.94 5.18
CA UNK A 422 -25.87 60.02 4.12
C UNK A 422 -24.70 59.14 3.80
N UNK A 423 -23.47 59.66 3.88
CA UNK A 423 -22.20 58.97 3.66
C UNK A 423 -22.02 57.93 4.73
N UNK A 424 -22.08 58.21 6.02
CA UNK A 424 -21.80 57.01 6.83
C UNK A 424 -22.93 55.99 6.69
N UNK A 425 -24.08 56.60 6.85
CA UNK A 425 -25.35 55.95 6.80
C UNK A 425 -25.56 55.37 5.45
N UNK A 426 -25.22 56.14 4.42
CA UNK A 426 -25.43 55.69 3.08
C UNK A 426 -24.67 54.41 2.82
N UNK A 427 -23.41 54.31 3.25
CA UNK A 427 -22.66 53.10 2.95
C UNK A 427 -23.31 51.90 3.59
N UNK A 428 -23.64 52.08 4.86
CA UNK A 428 -24.22 50.94 5.55
C UNK A 428 -25.56 50.52 4.92
N UNK A 429 -26.36 51.53 4.63
CA UNK A 429 -27.70 51.32 4.09
C UNK A 429 -27.67 50.66 2.74
N UNK A 430 -26.72 51.10 1.92
CA UNK A 430 -26.64 50.58 0.59
C UNK A 430 -26.35 49.11 0.65
N UNK A 431 -25.38 48.74 1.50
CA UNK A 431 -25.03 47.34 1.59
C UNK A 431 -26.24 46.51 2.03
N UNK A 432 -26.94 47.01 3.05
CA UNK A 432 -28.09 46.25 3.53
C UNK A 432 -29.18 46.06 2.48
N UNK A 433 -29.50 47.12 1.76
CA UNK A 433 -30.58 47.03 0.78
C UNK A 433 -30.23 46.03 -0.30
N UNK A 434 -28.98 46.11 -0.75
CA UNK A 434 -28.56 45.23 -1.81
C UNK A 434 -28.67 43.80 -1.38
N UNK A 435 -28.19 43.52 -0.18
CA UNK A 435 -28.21 42.17 0.29
C UNK A 435 -29.63 41.65 0.40
N UNK A 436 -30.51 42.49 0.93
CA UNK A 436 -31.86 42.04 1.10
C UNK A 436 -32.52 41.68 -0.21
N UNK A 437 -32.40 42.55 -1.21
CA UNK A 437 -33.04 42.25 -2.47
C UNK A 437 -32.42 41.02 -3.10
N UNK A 438 -31.12 40.99 -2.92
CA UNK A 438 -30.22 40.08 -3.58
C UNK A 438 -30.40 38.72 -2.94
N UNK A 439 -30.53 38.67 -1.62
CA UNK A 439 -30.73 37.42 -0.91
C UNK A 439 -32.01 36.74 -1.31
N UNK A 440 -33.06 37.51 -1.56
CA UNK A 440 -34.35 37.02 -1.98
C UNK A 440 -34.16 36.37 -3.31
N UNK A 441 -33.44 37.04 -4.19
CA UNK A 441 -33.15 36.45 -5.48
C UNK A 441 -32.33 35.14 -5.35
N UNK A 442 -31.39 35.12 -4.41
CA UNK A 442 -30.52 33.96 -4.13
C UNK A 442 -31.33 32.79 -3.62
N UNK A 443 -32.29 33.16 -2.79
CA UNK A 443 -33.24 32.28 -2.19
C UNK A 443 -34.07 31.71 -3.30
N UNK A 444 -34.47 32.54 -4.26
CA UNK A 444 -35.21 32.10 -5.41
C UNK A 444 -34.37 31.12 -6.20
N UNK A 445 -33.08 31.34 -6.35
CA UNK A 445 -32.23 30.40 -7.08
C UNK A 445 -32.23 29.05 -6.37
N UNK A 446 -32.11 29.13 -5.05
CA UNK A 446 -32.10 27.95 -4.21
C UNK A 446 -33.44 27.21 -4.32
N UNK A 447 -34.52 27.99 -4.37
CA UNK A 447 -35.91 27.59 -4.48
C UNK A 447 -36.14 26.87 -5.78
N UNK A 448 -35.48 27.36 -6.83
CA UNK A 448 -35.55 26.78 -8.15
C UNK A 448 -34.95 25.40 -8.05
N UNK A 449 -33.81 25.30 -7.36
CA UNK A 449 -33.22 23.98 -7.18
C UNK A 449 -34.19 23.06 -6.42
N UNK A 450 -34.85 23.57 -5.39
CA UNK A 450 -35.81 22.77 -4.64
C UNK A 450 -37.01 22.29 -5.46
N UNK A 451 -37.52 23.16 -6.33
CA UNK A 451 -38.67 22.83 -7.14
C UNK A 451 -38.41 21.57 -7.94
N UNK A 452 -34.31 28.10 6.93
CA UNK A 452 -34.81 29.01 7.96
C UNK A 452 -35.86 29.95 7.40
N UNK A 453 -36.90 29.38 6.79
CA UNK A 453 -37.97 30.18 6.20
C UNK A 453 -38.68 30.98 7.28
N UNK A 454 -38.92 30.36 8.43
CA UNK A 454 -39.58 31.03 9.54
C UNK A 454 -38.74 32.20 10.02
N UNK A 455 -37.43 32.00 10.10
CA UNK A 455 -36.51 33.04 10.52
C UNK A 455 -36.53 34.19 9.54
N UNK A 456 -36.59 33.86 8.25
CA UNK A 456 -36.60 34.87 7.20
C UNK A 456 -37.72 35.89 7.43
N UNK A 457 -38.79 35.45 8.09
CA UNK A 457 -39.92 36.33 8.37
C UNK A 457 -39.54 37.42 9.36
N UNK A 458 -38.87 37.02 10.44
CA UNK A 458 -38.45 37.97 11.47
C UNK A 458 -37.56 39.06 10.88
N UNK A 459 -36.58 38.65 10.08
CA UNK A 459 -35.65 39.60 9.44
C UNK A 459 -36.44 40.61 8.60
N UNK A 460 -37.35 40.07 7.82
CA UNK A 460 -38.21 40.86 6.93
C UNK A 460 -39.00 41.89 7.74
N UNK A 461 -39.58 41.39 8.83
CA UNK A 461 -40.38 42.20 9.75
C UNK A 461 -39.54 43.37 10.29
N UNK A 462 -38.34 43.02 10.70
CA UNK A 462 -37.37 43.99 11.25
C UNK A 462 -37.10 45.09 10.23
N UNK A 463 -36.86 44.65 9.02
CA UNK A 463 -36.57 45.54 7.88
C UNK A 463 -37.71 46.52 7.68
N UNK A 464 -38.91 45.96 7.70
CA UNK A 464 -40.16 46.72 7.52
C UNK A 464 -40.26 47.81 8.59
N UNK A 465 -39.99 47.39 9.81
CA UNK A 465 -40.03 48.28 10.98
C UNK A 465 -39.06 49.45 10.79
N UNK A 466 -37.87 49.09 10.37
CA UNK A 466 -36.79 50.05 10.12
C UNK A 466 -37.25 51.09 9.08
N UNK A 467 -46.08 54.39 8.39
CA UNK A 467 -46.84 53.51 7.50
C UNK A 467 -47.12 52.16 8.15
N UNK A 468 -47.72 52.19 9.33
CA UNK A 468 -48.03 50.98 10.06
C UNK A 468 -49.00 50.12 9.26
N UNK A 469 -50.00 50.77 8.66
CA UNK A 469 -50.99 50.06 7.86
C UNK A 469 -50.33 49.38 6.66
N UNK A 470 -49.40 50.10 6.04
CA UNK A 470 -48.66 49.57 4.90
C UNK A 470 -47.83 48.35 5.32
N UNK A 471 -47.22 48.45 6.50
CA UNK A 471 -46.39 47.36 7.02
C UNK A 471 -47.16 46.04 7.03
N UNK A 472 -48.47 46.13 7.16
CA UNK A 472 -49.31 44.93 7.19
C UNK A 472 -49.31 44.23 5.84
N UNK A 473 -49.50 45.01 4.78
CA UNK A 473 -49.52 44.46 3.43
C UNK A 473 -48.23 43.72 3.10
N UNK A 474 -47.10 44.36 3.42
CA UNK A 474 -45.78 43.76 3.16
C UNK A 474 -45.68 42.41 3.88
N UNK A 475 -46.07 42.44 5.13
CA UNK A 475 -46.05 41.26 6.01
C UNK A 475 -46.89 40.13 5.39
N UNK A 476 -48.07 40.52 4.96
CA UNK A 476 -49.03 39.61 4.32
C UNK A 476 -48.41 38.94 3.11
N UNK A 477 -47.78 39.78 2.30
CA UNK A 477 -47.11 39.36 1.06
C UNK A 477 -46.04 38.31 1.38
N UNK A 478 -45.26 38.63 2.40
CA UNK A 478 -44.16 37.78 2.87
C UNK A 478 -44.72 36.40 3.27
N UNK A 479 -45.79 36.46 4.02
CA UNK A 479 -46.49 35.25 4.51
C UNK A 479 -46.92 34.37 3.33
N UNK A 480 -47.50 35.04 2.35
CA UNK A 480 -48.00 34.39 1.13
C UNK A 480 -46.85 33.67 0.42
N UNK A 481 -45.75 34.40 0.30
CA UNK A 481 -44.53 33.90 -0.34
C UNK A 481 -44.05 32.63 0.37
N UNK A 482 -49.13 38.37 -16.55
CA UNK A 482 -50.14 37.64 -15.79
C UNK A 482 -50.26 38.20 -14.38
N UNK A 483 -51.00 37.48 -13.53
CA UNK A 483 -51.22 37.87 -12.14
C UNK A 483 -49.90 37.86 -11.40
N UNK A 484 -49.10 36.83 -11.70
CA UNK A 484 -47.77 36.69 -11.15
C UNK A 484 -46.92 37.86 -11.62
N UNK A 485 -47.07 38.27 -12.89
CA UNK A 485 -46.32 39.41 -13.42
C UNK A 485 -46.68 40.69 -12.68
N UNK A 486 -47.97 40.85 -12.36
CA UNK A 486 -48.45 42.01 -11.62
C UNK A 486 -47.83 42.02 -10.24
N UNK A 487 -47.78 40.83 -9.63
CA UNK A 487 -47.18 40.65 -8.33
C UNK A 487 -45.69 41.00 -8.40
N UNK A 488 -45.03 40.63 -9.49
CA UNK A 488 -43.62 40.89 -9.76
C UNK A 488 -43.36 42.37 -9.87
N UNK A 489 -44.27 43.10 -10.52
CA UNK A 489 -44.16 44.54 -10.64
C UNK A 489 -44.25 45.14 -9.24
N UNK A 490 -45.18 44.61 -8.45
CA UNK A 490 -45.37 45.03 -7.08
C UNK A 490 -44.11 44.73 -6.26
N UNK A 491 -43.49 43.59 -6.50
CA UNK A 491 -42.28 43.16 -5.83
C UNK A 491 -41.15 44.10 -6.13
N UNK A 492 -41.08 44.54 -7.39
CA UNK A 492 -40.06 45.48 -7.82
C UNK A 492 -40.27 46.79 -7.07
N UNK A 493 -41.53 47.20 -6.97
CA UNK A 493 -41.89 48.40 -6.25
C UNK A 493 -41.53 48.28 -4.77
N UNK A 494 -41.75 47.09 -4.21
CA UNK A 494 -41.45 46.78 -2.83
C UNK A 494 -39.96 46.91 -2.59
N UNK A 495 -39.17 46.43 -3.55
CA UNK A 495 -37.73 46.52 -3.47
C UNK A 495 -37.33 48.00 -3.47
N UNK A 496 -37.98 48.80 -4.31
CA UNK A 496 -37.72 50.24 -4.32
C UNK A 496 -37.89 50.83 -2.93
N UNK A 497 -33.52 56.20 12.72
CA UNK A 497 -32.08 56.19 12.96
C UNK A 497 -31.63 54.85 13.55
N UNK A 498 -32.16 54.73 14.44
CA UNK A 498 -32.05 53.45 15.11
C UNK A 498 -32.72 52.34 14.30
N UNK A 499 -33.70 52.73 13.49
CA UNK A 499 -34.41 51.76 12.67
C UNK A 499 -33.47 51.08 11.69
N UNK A 500 -32.57 51.86 11.10
CA UNK A 500 -31.61 51.32 10.15
C UNK A 500 -30.69 50.32 10.85
N UNK A 501 -30.27 50.66 12.06
CA UNK A 501 -29.40 49.79 12.85
C UNK A 501 -30.12 48.48 13.15
N UNK A 502 -31.40 48.59 13.49
CA UNK A 502 -32.21 47.41 13.79
C UNK A 502 -32.31 46.53 12.55
N UNK A 503 -32.50 47.16 11.39
CA UNK A 503 -32.60 46.43 10.14
C UNK A 503 -31.29 45.70 9.86
N UNK A 504 -30.17 46.37 10.12
CA UNK A 504 -28.86 45.78 9.90
C UNK A 504 -28.69 44.56 10.81
N UNK A 505 -29.13 44.70 12.05
CA UNK A 505 -29.04 43.61 13.02
C UNK A 505 -29.86 42.42 12.55
N UNK A 506 -31.06 42.70 12.04
CA UNK A 506 -31.94 41.66 11.53
C UNK A 506 -31.29 40.94 10.35
N UNK A 507 -30.65 41.71 9.48
CA UNK A 507 -29.98 41.15 8.32
C UNK A 507 -28.85 40.23 8.77
N UNK A 508 -28.10 40.66 9.79
CA UNK A 508 -27.02 39.86 10.33
C UNK A 508 -27.56 38.56 10.91
N UNK A 509 -28.69 38.65 11.60
CA UNK A 509 -29.33 37.50 12.20
C UNK A 509 -29.77 36.49 11.14
N UNK A 510 -30.26 37.00 10.01
CA UNK A 510 -30.73 36.13 8.93
C UNK A 510 -29.61 35.54 8.07
N UNK A 511 -29.47 36.06 6.85
CA UNK A 511 -28.45 35.56 5.93
C UNK A 511 -27.80 34.31 6.51
N UNK A 512 -27.52 34.34 7.81
CA UNK A 512 -26.93 33.18 8.45
C UNK A 512 -27.88 32.01 8.27
N UNK A 513 -29.16 32.34 8.11
CA UNK A 513 -30.21 31.36 7.92
C UNK A 513 -30.18 30.82 6.50
N UNK A 514 -29.96 31.71 5.53
CA UNK A 514 -29.89 31.34 4.13
C UNK A 514 -28.74 30.38 3.88
N UNK A 515 -27.61 30.66 4.52
CA UNK A 515 -26.44 29.80 4.37
C UNK A 515 -26.79 28.37 4.76
N UNK A 516 -27.37 28.24 5.95
CA UNK A 516 -27.77 26.96 6.51
C UNK A 516 -28.63 26.21 5.50
N UNK A 517 -29.54 26.93 4.85
CA UNK A 517 -30.42 26.33 3.85
C UNK A 517 -29.55 25.74 2.76
N UNK A 518 -28.83 26.62 2.08
CA UNK A 518 -27.91 26.21 1.02
C UNK A 518 -27.38 24.80 1.27
N UNK A 519 -27.03 24.52 2.53
CA UNK A 519 -26.57 23.20 2.92
C UNK A 519 -27.67 22.16 2.71
N UNK A 520 -28.90 22.54 3.07
CA UNK A 520 -30.06 21.66 2.94
C UNK A 520 -30.34 21.29 1.48
N UNK A 521 -30.20 22.27 0.60
CA UNK A 521 -30.49 22.06 -0.82
C UNK A 521 -29.56 21.02 -1.42
N UNK A 522 -28.29 21.09 -1.06
CA UNK A 522 -27.32 20.10 -1.53
C UNK A 522 -27.70 18.72 -1.02
N UNK A 523 -28.12 18.65 0.24
CA UNK A 523 -28.57 17.41 0.84
C UNK A 523 -29.82 16.88 0.15
N UNK A 524 -30.74 17.78 -0.17
CA UNK A 524 -31.98 17.42 -0.84
C UNK A 524 -31.70 16.82 -2.21
N UNK A 525 -30.76 17.43 -2.94
CA UNK A 525 -30.35 16.92 -4.24
C UNK A 525 -29.72 15.53 -4.07
N UNK A 526 -28.91 15.39 -3.03
CA UNK A 526 -28.26 14.12 -2.74
C UNK A 526 -29.29 13.04 -2.42
N UNK A 527 -30.31 13.41 -1.64
CA UNK A 527 -31.35 12.47 -1.27
C UNK A 527 -32.10 11.98 -2.50
N UNK A 528 -32.38 12.90 -3.42
CA UNK A 528 -33.03 12.55 -4.67
C UNK A 528 -32.14 11.63 -5.49
N UNK A 529 -30.84 11.93 -5.48
CA UNK A 529 -29.87 11.13 -6.22
C UNK A 529 -29.80 9.71 -5.69
N UNK A 530 -29.84 9.56 -4.37
CA UNK A 530 -29.77 8.25 -3.76
C UNK A 530 -30.96 7.39 -4.18
N UNK A 531 -32.13 8.02 -4.11
CA UNK A 531 -33.41 7.39 -4.43
C UNK A 531 -33.53 7.05 -5.90
N UNK A 532 -33.38 8.06 -6.75
CA UNK A 532 -33.46 7.85 -8.19
C UNK A 532 -32.30 6.94 -8.61
N UNK A 533 -31.13 7.21 -8.06
CA UNK A 533 -29.96 6.41 -8.33
C UNK A 533 -30.19 4.99 -7.85
N UNK A 534 -30.80 4.83 -6.68
CA UNK A 534 -31.08 3.50 -6.14
C UNK A 534 -32.01 2.72 -7.07
N UNK A 535 -33.04 3.41 -7.59
CA UNK A 535 -33.99 2.78 -8.49
C UNK A 535 -33.27 2.34 -9.76
N UNK A 536 -32.38 3.21 -10.25
CA UNK A 536 -31.61 2.92 -11.44
C UNK A 536 -30.72 1.70 -11.20
N UNK A 537 -30.13 1.61 -10.02
CA UNK A 537 -29.26 0.51 -9.63
C UNK A 537 -30.06 -0.78 -9.61
N UNK A 538 -31.28 -0.71 -9.10
CA UNK A 538 -32.16 -1.87 -9.05
C UNK A 538 -32.45 -2.33 -10.48
N UNK A 539 -32.72 -1.37 -11.36
CA UNK A 539 -33.00 -1.67 -12.75
C UNK A 539 -31.78 -2.32 -13.40
N UNK A 540 -30.59 -1.81 -13.08
CA UNK A 540 -29.35 -2.35 -13.63
C UNK A 540 -29.16 -3.78 -13.18
N UNK A 541 -29.46 -4.05 -11.91
CA UNK A 541 -29.34 -5.40 -11.36
C UNK A 541 -30.29 -6.33 -12.10
N UNK A 542 -31.51 -5.85 -12.34
CA UNK A 542 -32.50 -6.65 -13.06
C UNK A 542 -32.02 -6.95 -14.48
N UNK A 543 -31.41 -5.95 -15.12
CA UNK A 543 -30.89 -6.09 -16.46
C UNK A 543 -29.78 -7.14 -16.48
N UNK A 544 -28.94 -7.10 -15.46
CA UNK A 544 -27.84 -8.05 -15.33
C UNK A 544 -28.40 -9.45 -15.18
N UNK A 545 -29.46 -9.58 -14.38
CA UNK A 545 -30.11 -10.87 -14.18
C UNK A 545 -30.69 -11.38 -15.49
N UNK A 546 -31.28 -10.48 -16.27
CA UNK A 546 -31.88 -10.83 -17.55
C UNK A 546 -30.90 -10.64 -18.70
N UNK A 547 -28.71 -7.89 -6.66
CA UNK A 547 -29.12 -9.11 -5.97
C UNK A 547 -29.52 -8.80 -4.54
N UNK A 548 -29.67 -9.85 -3.72
CA UNK A 548 -30.04 -9.69 -2.32
C UNK A 548 -28.97 -8.90 -1.57
N UNK A 549 -27.71 -9.19 -1.87
CA UNK A 549 -26.58 -8.51 -1.26
C UNK A 549 -26.61 -7.04 -1.65
N UNK A 550 -26.93 -6.77 -2.91
CA UNK A 550 -27.02 -5.40 -3.41
C UNK A 550 -28.14 -4.66 -2.66
N UNK A 551 -29.25 -5.35 -2.45
CA UNK A 551 -30.39 -4.78 -1.74
C UNK A 551 -29.98 -4.44 -0.30
N UNK A 552 -29.21 -5.33 0.31
CA UNK A 552 -28.73 -5.14 1.66
C UNK A 552 -27.83 -3.91 1.71
N UNK A 553 -26.97 -3.77 0.71
CA UNK A 553 -26.06 -2.64 0.61
C UNK A 553 -26.84 -1.34 0.49
N UNK A 554 -27.90 -1.37 -0.30
CA UNK A 554 -28.76 -0.22 -0.50
C UNK A 554 -29.42 0.15 0.82
N UNK A 555 -29.86 -0.86 1.57
CA UNK A 555 -30.48 -0.66 2.86
C UNK A 555 -29.49 -0.03 3.83
N UNK A 556 -28.24 -0.47 3.78
CA UNK A 556 -27.19 0.07 4.63
C UNK A 556 -26.95 1.53 4.29
N UNK A 557 -26.97 1.85 3.00
CA UNK A 557 -26.78 3.21 2.53
C UNK A 557 -27.92 4.08 3.04
N UNK A 558 -29.14 3.55 3.00
CA UNK A 558 -30.32 4.22 3.46
C UNK A 558 -30.21 4.49 4.96
N UNK A 559 -29.82 3.44 5.67
CA UNK A 559 -29.65 3.47 7.10
C UNK A 559 -28.51 4.41 7.38
N UNK A 560 -27.39 4.08 6.72
CA UNK A 560 -26.18 4.87 6.77
C UNK A 560 -26.58 6.21 6.18
N UNK A 561 -27.29 6.16 5.05
CA UNK A 561 -27.79 7.37 4.42
C UNK A 561 -28.81 7.99 5.36
N UNK A 562 -29.65 7.16 5.97
CA UNK A 562 -30.66 7.62 6.92
C UNK A 562 -29.97 8.25 8.13
N UNK A 563 -28.90 7.63 8.59
CA UNK A 563 -28.14 8.14 9.73
C UNK A 563 -27.54 9.50 9.40
N UNK A 564 -27.04 9.62 8.18
CA UNK A 564 -26.44 10.86 7.68
C UNK A 564 -27.50 11.95 7.64
N UNK A 565 -28.71 11.58 7.21
CA UNK A 565 -29.82 12.49 7.15
C UNK A 565 -30.17 12.97 8.56
N UNK A 566 -30.13 12.05 9.52
CA UNK A 566 -30.42 12.40 10.91
C UNK A 566 -29.38 13.39 11.41
N UNK A 567 -28.11 13.15 11.06
CA UNK A 567 -27.04 14.06 11.47
C UNK A 567 -27.25 15.45 10.87
N UNK A 568 -27.67 15.47 9.61
CA UNK A 568 -27.93 16.72 8.91
C UNK A 568 -29.08 17.48 9.59
N UNK A 569 -30.10 16.74 9.99
CA UNK A 569 -31.26 17.30 10.68
C UNK A 569 -30.83 17.90 12.01
N UNK A 570 -29.94 17.19 12.70
CA UNK A 570 -29.41 17.67 13.97
C UNK A 570 -28.64 18.97 13.75
N UNK A 571 -27.87 19.03 12.68
CA UNK A 571 -27.11 20.23 12.33
C UNK A 571 -28.07 21.39 12.05
N UNK A 572 -29.16 21.09 11.36
CA UNK A 572 -30.16 22.10 11.02
C UNK A 572 -31.24 22.17 12.10
N UNK A 573 -43.93 19.05 12.36
CA UNK A 573 -43.84 19.87 11.15
C UNK A 573 -42.79 19.32 10.19
N UNK A 574 -41.59 19.89 10.26
CA UNK A 574 -40.48 19.47 9.41
C UNK A 574 -40.11 18.01 9.67
N UNK A 575 -40.09 17.63 10.93
CA UNK A 575 -39.76 16.25 11.31
C UNK A 575 -40.81 15.32 10.73
N UNK A 576 -42.08 15.75 10.81
CA UNK A 576 -43.18 14.95 10.30
C UNK A 576 -43.02 14.77 8.79
N UNK A 577 -42.61 15.85 8.12
CA UNK A 577 -42.41 15.82 6.67
C UNK A 577 -41.29 14.84 6.33
N UNK A 578 -40.22 14.85 7.11
CA UNK A 578 -39.10 13.95 6.88
C UNK A 578 -39.55 12.51 7.05
N UNK A 579 -40.39 12.29 8.07
CA UNK A 579 -40.91 10.95 8.34
C UNK A 579 -41.75 10.50 7.18
N UNK A 580 -42.54 11.42 6.63
CA UNK A 580 -43.40 11.13 5.49
C UNK A 580 -42.56 10.76 4.28
N UNK A 581 -41.45 11.47 4.07
CA UNK A 581 -40.56 11.19 2.96
C UNK A 581 -39.99 9.79 3.12
N UNK A 582 -39.61 9.45 4.35
CA UNK A 582 -39.05 8.14 4.64
C UNK A 582 -40.09 7.06 4.33
N UNK A 583 -41.32 7.31 4.75
CA UNK A 583 -42.42 6.38 4.50
C UNK A 583 -42.72 6.25 3.02
N UNK A 584 -42.80 7.38 2.33
CA UNK A 584 -43.11 7.42 0.90
C UNK A 584 -42.07 6.72 0.04
N UNK A 585 -40.81 6.95 0.37
CA UNK A 585 -39.73 6.33 -0.37
C UNK A 585 -39.93 4.83 -0.17
N UNK A 586 -40.30 4.48 1.06
CA UNK A 586 -40.53 3.09 1.41
C UNK A 586 -41.68 2.54 0.56
N UNK A 587 -42.73 3.33 0.36
CA UNK A 587 -43.86 2.87 -0.44
C UNK A 587 -43.45 2.61 -1.88
N UNK A 588 -42.63 3.50 -2.43
CA UNK A 588 -42.16 3.34 -3.80
C UNK A 588 -41.33 2.07 -3.89
N UNK A 589 -40.51 1.85 -2.87
CA UNK A 589 -39.65 0.69 -2.81
C UNK A 589 -40.50 -0.56 -2.77
N UNK A 590 -41.58 -0.52 -2.01
CA UNK A 590 -42.49 -1.65 -1.88
C UNK A 590 -43.12 -1.97 -3.22
N UNK A 591 -43.52 -0.93 -3.96
CA UNK A 591 -44.12 -1.14 -5.27
C UNK A 591 -43.10 -1.81 -6.19
N UNK A 592 -41.87 -1.32 -6.13
CA UNK A 592 -40.81 -1.87 -6.96
C UNK A 592 -40.57 -3.33 -6.61
N UNK A 593 -40.62 -3.64 -5.32
CA UNK A 593 -40.41 -4.98 -4.81
C UNK A 593 -41.51 -5.90 -5.32
N UNK A 594 -42.74 -5.40 -5.32
CA UNK A 594 -43.86 -6.21 -5.80
C UNK A 594 -43.63 -6.52 -7.27
N UNK A 595 -43.18 -5.51 -8.01
CA UNK A 595 -42.94 -5.70 -9.44
C UNK A 595 -41.86 -6.76 -9.64
N UNK A 596 -40.82 -6.70 -8.82
CA UNK A 596 -39.72 -7.66 -8.90
C UNK A 596 -40.19 -9.08 -8.58
N UNK A 597 -41.06 -9.20 -7.58
CA UNK A 597 -41.58 -10.48 -7.16
C UNK A 597 -42.36 -11.05 -8.33
N UNK A 598 -43.09 -10.17 -9.01
CA UNK A 598 -43.88 -10.57 -10.15
C UNK A 598 -42.96 -11.09 -11.26
N UNK A 599 -41.80 -10.47 -11.40
CA UNK A 599 -40.83 -10.87 -12.42
C UNK A 599 -40.22 -12.23 -12.10
N UNK A 600 -40.03 -12.50 -10.81
CA UNK A 600 -39.45 -13.76 -10.37
C UNK A 600 -40.33 -14.92 -10.77
N UNK A 601 -41.65 -14.75 -10.62
CA UNK A 601 -42.60 -15.79 -10.98
C UNK A 601 -42.53 -16.06 -12.47
N UNK A 602 -42.42 -15.01 -13.27
CA UNK A 602 -42.32 -15.14 -14.71
C UNK A 602 -41.05 -15.89 -15.08
N UNK A 603 -39.96 -15.58 -14.40
CA UNK A 603 -38.69 -16.24 -14.64
C UNK A 603 -38.81 -17.73 -14.32
N UNK A 604 -39.49 -18.05 -13.23
CA UNK A 604 -39.68 -19.43 -12.82
C UNK A 604 -40.51 -20.17 -13.89
N UNK A 605 -41.53 -19.50 -14.41
CA UNK A 605 -42.37 -20.08 -15.44
C UNK A 605 -41.55 -20.36 -16.70
N UNK A 606 -40.67 -19.43 -17.05
CA UNK A 606 -39.80 -19.59 -18.20
C UNK A 606 -38.88 -20.78 -18.01
N UNK A 607 -38.35 -20.93 -16.79
CA UNK A 607 -37.47 -22.03 -16.47
C UNK A 607 -38.21 -23.36 -16.60
N UNK A 608 -39.46 -23.38 -16.15
CA UNK A 608 -40.29 -24.58 -16.21
C UNK A 608 -40.84 -24.79 -17.61
N UNK A 609 -46.56 -54.32 -0.16
CA UNK A 609 -46.03 -54.64 1.17
C UNK A 609 -44.89 -53.71 1.61
N UNK A 610 -43.76 -54.30 2.00
CA UNK A 610 -42.58 -53.56 2.42
C UNK A 610 -42.04 -52.72 1.27
N UNK A 611 -42.08 -53.30 0.07
CA UNK A 611 -41.65 -52.60 -1.12
C UNK A 611 -42.57 -51.39 -1.36
N UNK A 612 -43.87 -51.57 -1.14
CA UNK A 612 -44.80 -50.46 -1.26
C UNK A 612 -44.45 -49.41 -0.23
N UNK A 613 -44.11 -49.82 0.99
CA UNK A 613 -43.73 -48.91 2.02
C UNK A 613 -42.49 -48.11 1.61
N UNK A 614 -41.50 -48.75 1.00
CA UNK A 614 -40.29 -48.07 0.54
C UNK A 614 -40.60 -47.07 -0.56
N UNK A 615 -41.53 -47.47 -1.43
CA UNK A 615 -42.01 -46.66 -2.54
C UNK A 615 -42.70 -45.43 -1.98
N UNK A 616 -43.48 -45.67 -0.94
CA UNK A 616 -44.21 -44.69 -0.21
C UNK A 616 -43.24 -43.75 0.45
N UNK A 617 -42.11 -44.25 0.96
CA UNK A 617 -41.09 -43.42 1.58
C UNK A 617 -40.55 -42.46 0.54
N UNK A 618 -40.29 -42.96 -0.67
CA UNK A 618 -39.82 -42.05 -1.72
C UNK A 618 -40.90 -41.00 -2.05
N UNK A 619 -42.13 -41.48 -2.08
CA UNK A 619 -43.29 -40.63 -2.32
C UNK A 619 -43.37 -39.63 -1.18
N UNK A 620 -43.08 -40.11 0.04
CA UNK A 620 -43.07 -39.26 1.23
C UNK A 620 -41.97 -38.21 1.09
N UNK A 621 -40.82 -38.63 0.57
CA UNK A 621 -39.70 -37.73 0.31
C UNK A 621 -40.13 -36.70 -0.74
N UNK A 622 -40.84 -37.17 -1.76
CA UNK A 622 -41.35 -36.30 -2.81
C UNK A 622 -42.37 -35.34 -2.19
N UNK A 623 -43.21 -35.87 -1.30
CA UNK A 623 -44.19 -35.06 -0.59
C UNK A 623 -43.46 -34.06 0.30
N UNK A 624 -42.39 -34.52 0.95
CA UNK A 624 -41.54 -33.68 1.78
C UNK A 624 -40.87 -32.61 0.90
N UNK A 625 -40.43 -33.05 -0.29
CA UNK A 625 -39.82 -32.15 -1.26
C UNK A 625 -40.84 -31.09 -1.70
N UNK A 626 -42.08 -31.51 -1.90
CA UNK A 626 -43.16 -30.60 -2.28
C UNK A 626 -43.37 -29.61 -1.14
N UNK A 627 -43.34 -30.10 0.10
CA UNK A 627 -43.48 -29.26 1.28
C UNK A 627 -42.27 -28.32 1.35
N UNK A 628 -41.10 -28.87 1.05
CA UNK A 628 -39.85 -28.10 1.01
C UNK A 628 -39.93 -27.04 -0.09
N UNK A 629 -40.52 -27.43 -1.22
CA UNK A 629 -40.70 -26.53 -2.36
C UNK A 629 -41.60 -25.37 -1.95
N UNK A 630 -42.64 -25.66 -1.18
CA UNK A 630 -43.56 -24.63 -0.68
C UNK A 630 -42.77 -23.70 0.24
N UNK A 631 -41.93 -24.28 1.10
CA UNK A 631 -41.06 -23.53 1.99
C UNK A 631 -40.07 -22.72 1.15
N UNK A 632 -39.55 -23.35 0.10
CA UNK A 632 -38.62 -22.71 -0.83
C UNK A 632 -39.33 -21.57 -1.54
N UNK A 633 -40.60 -21.79 -1.91
CA UNK A 633 -41.41 -20.78 -2.57
C UNK A 633 -41.60 -19.60 -1.62
N UNK A 634 -41.83 -19.89 -0.34
CA UNK A 634 -41.96 -18.84 0.65
C UNK A 634 -40.62 -18.14 0.63
N UNK A 635 -39.56 -18.95 0.53
CA UNK A 635 -38.21 -18.41 0.44
C UNK A 635 -38.07 -17.23 1.38
N UNK A 636 -37.51 -16.12 0.87
CA UNK A 636 -38.21 -14.91 0.47
C UNK A 636 -37.19 -13.80 0.23
N UNK A 637 -37.66 -12.55 0.29
CA UNK A 637 -36.73 -11.44 0.13
C UNK A 637 -36.10 -11.10 1.48
N UNK A 638 -34.80 -11.31 1.58
CA UNK A 638 -34.03 -11.07 2.80
C UNK A 638 -34.00 -9.60 3.25
N UNK A 639 -33.85 -8.72 2.26
CA UNK A 639 -33.78 -7.28 2.50
C UNK A 639 -35.06 -6.72 3.11
N UNK A 640 -36.19 -7.22 2.64
CA UNK A 640 -37.47 -6.80 3.20
C UNK A 640 -37.46 -6.92 4.74
N UNK A 641 -36.44 -7.58 5.28
CA UNK A 641 -36.33 -7.80 6.70
C UNK A 641 -36.26 -6.49 7.44
N UNK A 642 -35.49 -5.53 6.94
CA UNK A 642 -35.39 -4.27 7.67
C UNK A 642 -36.72 -3.56 7.80
N UNK A 643 -37.46 -3.47 6.71
CA UNK A 643 -38.75 -2.80 6.73
C UNK A 643 -39.72 -3.54 7.64
N UNK A 644 -39.68 -4.87 7.54
CA UNK A 644 -40.57 -5.69 8.33
C UNK A 644 -40.28 -5.51 9.81
N UNK A 645 -39.00 -5.47 10.13
CA UNK A 645 -38.51 -5.30 11.49
C UNK A 645 -38.95 -3.96 12.01
N UNK A 646 -38.88 -2.94 11.16
CA UNK A 646 -39.29 -1.61 11.58
C UNK A 646 -40.77 -1.64 11.93
N UNK A 647 -41.56 -2.27 11.08
CA UNK A 647 -42.99 -2.33 11.35
C UNK A 647 -43.26 -3.06 12.65
N UNK A 648 -42.57 -4.18 12.86
CA UNK A 648 -42.75 -4.98 14.05
C UNK A 648 -42.36 -4.22 15.31
N UNK A 649 -41.26 -3.49 15.22
CA UNK A 649 -40.73 -2.71 16.33
C UNK A 649 -41.71 -1.63 16.70
N UNK A 650 -42.29 -1.00 15.67
CA UNK A 650 -43.28 0.04 15.90
C UNK A 650 -44.48 -0.56 16.59
N UNK A 651 -44.89 -1.73 16.12
CA UNK A 651 -46.02 -2.48 16.66
C UNK A 651 -47.24 -1.57 16.78
N UNK A 652 -33.50 -16.66 -9.07
CA UNK A 652 -34.10 -17.62 -10.02
C UNK A 652 -33.25 -18.89 -10.08
N UNK A 653 -31.96 -18.67 -10.20
CA UNK A 653 -30.98 -19.75 -10.29
C UNK A 653 -31.06 -20.64 -9.04
N UNK A 654 -31.11 -19.97 -7.91
CA UNK A 654 -31.21 -20.63 -6.59
C UNK A 654 -32.46 -21.51 -6.54
N UNK A 655 -33.55 -20.93 -6.98
CA UNK A 655 -34.85 -21.61 -7.03
C UNK A 655 -34.76 -22.89 -7.87
N UNK A 656 -34.15 -22.72 -9.03
CA UNK A 656 -33.95 -23.81 -9.99
C UNK A 656 -33.17 -24.95 -9.33
N UNK A 657 -32.11 -24.56 -8.66
CA UNK A 657 -31.22 -25.49 -7.95
C UNK A 657 -32.02 -26.29 -6.91
N UNK A 658 -32.81 -25.56 -6.17
CA UNK A 658 -33.67 -26.13 -5.12
C UNK A 658 -34.61 -27.18 -5.72
N UNK A 659 -35.21 -26.79 -6.82
CA UNK A 659 -36.15 -27.65 -7.56
C UNK A 659 -35.46 -28.96 -7.97
N UNK A 660 -34.27 -28.80 -8.50
CA UNK A 660 -33.43 -29.91 -8.96
C UNK A 660 -33.16 -30.88 -7.80
N UNK A 661 -32.80 -30.29 -6.69
CA UNK A 661 -32.50 -31.02 -5.45
C UNK A 661 -33.71 -31.86 -5.02
N UNK A 662 -34.85 -31.20 -5.06
CA UNK A 662 -36.14 -31.80 -4.69
C UNK A 662 -36.41 -33.02 -5.57
N UNK A 663 -36.21 -32.81 -6.86
CA UNK A 663 -36.41 -33.84 -7.88
C UNK A 663 -35.53 -35.06 -7.58
N UNK A 664 -34.28 -34.76 -7.29
CA UNK A 664 -33.28 -35.78 -6.96
C UNK A 664 -33.74 -36.61 -5.76
N UNK A 665 -34.20 -35.89 -4.76
CA UNK A 665 -34.69 -36.49 -3.50
C UNK A 665 -35.84 -37.46 -3.81
N UNK A 666 -50.08 -15.78 -5.46
CA UNK A 666 -51.18 -16.69 -5.77
C UNK A 666 -50.87 -17.50 -7.04
N UNK A 667 -50.29 -16.83 -8.03
CA UNK A 667 -49.96 -17.49 -9.28
C UNK A 667 -48.94 -18.60 -9.05
N UNK A 668 -47.95 -18.32 -8.19
CA UNK A 668 -46.92 -19.30 -7.88
C UNK A 668 -47.54 -20.52 -7.21
N UNK A 669 -48.48 -20.27 -6.30
CA UNK A 669 -49.16 -21.34 -5.59
C UNK A 669 -49.95 -22.19 -6.58
N UNK A 670 -50.61 -21.53 -7.53
CA UNK A 670 -51.38 -22.23 -8.54
C UNK A 670 -50.46 -23.12 -9.39
N UNK A 671 -49.28 -22.58 -9.73
CA UNK A 671 -48.31 -23.33 -10.51
C UNK A 671 -47.86 -24.56 -9.74
N UNK A 672 -47.64 -24.39 -8.43
CA UNK A 672 -47.21 -25.48 -7.58
C UNK A 672 -48.29 -26.57 -7.54
N UNK A 673 -49.54 -26.13 -7.45
CA UNK A 673 -50.67 -27.06 -7.43
C UNK A 673 -50.73 -27.84 -8.73
N UNK A 674 -50.50 -27.15 -9.85
CA UNK A 674 -50.51 -27.79 -11.15
C UNK A 674 -49.40 -28.83 -11.24
N UNK A 675 -48.23 -28.49 -10.70
CA UNK A 675 -47.10 -29.41 -10.70
C UNK A 675 -47.44 -30.65 -9.87
N UNK A 676 -48.10 -30.43 -8.74
CA UNK A 676 -48.49 -31.55 -7.87
C UNK A 676 -49.47 -32.45 -8.60
N UNK A 677 -50.40 -31.85 -9.33
CA UNK A 677 -51.40 -32.60 -10.09
C UNK A 677 -50.70 -33.43 -11.17
N UNK A 678 -49.70 -32.84 -11.82
CA UNK A 678 -48.94 -33.53 -12.85
C UNK A 678 -48.19 -34.72 -12.25
N UNK A 679 -47.64 -34.53 -11.06
CA UNK A 679 -46.90 -35.58 -10.38
C UNK A 679 -47.80 -36.76 -10.04
N UNK A 680 -48.93 -36.48 -9.41
CA UNK A 680 -49.89 -37.52 -9.03
C UNK A 680 -50.26 -38.36 -10.26
N UNK A 681 -50.44 -37.70 -11.39
CA UNK A 681 -50.79 -38.39 -12.63
C UNK A 681 -49.80 -39.50 -12.95
N UNK A 682 -48.52 -39.18 -12.87
CA UNK A 682 -47.47 -40.15 -13.16
C UNK A 682 -47.17 -41.01 -11.94
N UNK A 683 -46.68 -40.37 -10.88
CA UNK A 683 -46.35 -41.08 -9.65
C UNK A 683 -47.50 -42.03 -9.36
N UNK A 684 -48.73 -41.57 -9.59
CA UNK A 684 -49.93 -42.36 -9.45
C UNK A 684 -49.86 -43.52 -10.44
N UNK A 685 -49.39 -43.30 -11.66
CA UNK A 685 -49.27 -44.37 -12.62
C UNK A 685 -48.31 -45.44 -12.10
N UNK A 686 -47.19 -45.00 -11.53
CA UNK A 686 -46.23 -45.95 -10.96
C UNK A 686 -46.84 -46.74 -9.81
N UNK A 687 -47.63 -46.04 -8.99
CA UNK A 687 -48.33 -46.59 -7.84
C UNK A 687 -49.34 -47.63 -8.29
N UNK A 688 -50.00 -47.32 -9.40
CA UNK A 688 -50.99 -48.17 -10.04
C UNK A 688 -50.30 -49.45 -10.49
N UNK A 689 -49.09 -49.32 -11.03
CA UNK A 689 -48.32 -50.47 -11.43
C UNK A 689 -48.03 -51.34 -10.20
N UNK A 690 -47.67 -50.71 -9.08
CA UNK A 690 -47.42 -51.49 -7.86
C UNK A 690 -48.67 -52.24 -7.41
N UNK A 691 -49.83 -51.57 -7.50
CA UNK A 691 -51.12 -52.16 -7.12
C UNK A 691 -51.45 -53.36 -8.00
N UNK A 692 -51.14 -53.21 -9.28
CA UNK A 692 -51.35 -54.25 -10.28
C UNK A 692 -50.50 -55.45 -9.94
N UNK A 693 -49.26 -55.19 -9.51
CA UNK A 693 -48.33 -56.24 -9.11
C UNK A 693 -48.93 -56.99 -7.91
N UNK A 694 -49.52 -56.24 -6.99
CA UNK A 694 -50.19 -56.85 -5.85
C UNK A 694 -51.40 -57.73 -6.23
N UNK A 695 -52.25 -57.32 -7.19
CA UNK A 695 -53.44 -58.15 -7.50
C UNK A 695 -53.09 -59.56 -8.03
N UNK A 696 -52.16 -59.59 -8.96
CA UNK A 696 -51.52 -60.76 -9.54
C UNK A 696 -51.45 -61.85 -8.49
N UNK A 697 -51.10 -61.48 -7.26
CA UNK A 697 -51.03 -62.46 -6.19
C UNK A 697 -52.42 -63.07 -5.95
N UNK A 698 -53.43 -62.20 -5.96
CA UNK A 698 -54.80 -62.66 -5.76
C UNK A 698 -55.23 -63.60 -6.88
N UNK A 699 -54.82 -63.26 -8.11
CA UNK A 699 -55.12 -64.04 -9.30
C UNK A 699 -54.47 -65.40 -9.19
N UNK A 700 -53.25 -65.43 -8.68
CA UNK A 700 -52.50 -66.66 -8.49
C UNK A 700 -53.23 -67.53 -7.49
N UNK A 701 -53.73 -66.91 -6.43
CA UNK A 701 -54.51 -67.61 -5.42
C UNK A 701 -55.77 -68.18 -6.05
N UNK A 702 -56.41 -67.40 -6.91
CA UNK A 702 -57.63 -67.80 -7.61
C UNK A 702 -57.36 -68.99 -8.52
N UNK A 703 -56.21 -68.99 -9.16
CA UNK A 703 -55.81 -70.06 -10.05
C UNK A 703 -54.93 -71.04 -9.30
N UNK A 704 -39.58 -29.52 -17.75
CA UNK A 704 -39.72 -30.88 -17.24
C UNK A 704 -38.61 -31.23 -16.27
N UNK A 705 -38.30 -30.32 -15.34
CA UNK A 705 -37.27 -30.54 -14.32
C UNK A 705 -37.68 -31.71 -13.43
N UNK A 706 -38.97 -31.70 -13.09
CA UNK A 706 -39.58 -32.76 -12.30
C UNK A 706 -39.50 -34.06 -13.08
N UNK A 707 -39.74 -34.00 -14.40
CA UNK A 707 -39.64 -35.16 -15.25
C UNK A 707 -38.24 -35.72 -15.23
N UNK A 708 -37.22 -34.86 -15.27
CA UNK A 708 -35.83 -35.28 -15.22
C UNK A 708 -35.53 -35.97 -13.90
N UNK A 709 -36.08 -35.41 -12.82
CA UNK A 709 -35.89 -35.98 -11.48
C UNK A 709 -36.53 -37.38 -11.43
N UNK A 710 -37.70 -37.47 -12.05
CA UNK A 710 -38.47 -38.70 -12.16
C UNK A 710 -37.67 -39.72 -12.95
N UNK A 711 -36.99 -39.29 -14.01
CA UNK A 711 -36.17 -40.17 -14.83
C UNK A 711 -35.04 -40.75 -13.98
N UNK A 712 -34.44 -39.89 -13.15
CA UNK A 712 -33.37 -40.39 -12.27
C UNK A 712 -33.93 -41.42 -11.30
N UNK A 713 -35.11 -41.13 -10.77
CA UNK A 713 -35.80 -42.03 -9.85
C UNK A 713 -36.15 -43.35 -10.52
N UNK A 714 -36.54 -43.29 -11.79
CA UNK A 714 -36.91 -44.43 -12.62
C UNK A 714 -35.70 -45.31 -12.82
N UNK A 715 -34.55 -44.66 -13.02
CA UNK A 715 -33.30 -45.39 -13.16
C UNK A 715 -33.03 -46.13 -11.86
N UNK A 716 -33.25 -45.45 -10.73
CA UNK A 716 -33.08 -46.07 -9.43
C UNK A 716 -34.06 -47.25 -9.22
N UNK A 717 -35.29 -47.10 -9.69
CA UNK A 717 -36.32 -48.11 -9.49
C UNK A 717 -36.79 -48.94 -10.71
N UNK A 718 -37.80 -48.46 -11.44
CA UNK A 718 -38.28 -49.27 -12.54
C UNK A 718 -37.58 -50.62 -12.53
N UNK A 719 -36.28 -50.60 -12.26
CA UNK A 719 -35.50 -51.82 -12.21
C UNK A 719 -36.00 -52.71 -11.08
N UNK A 720 -36.31 -52.08 -9.95
CA UNK A 720 -36.82 -52.82 -8.80
C UNK A 720 -38.15 -53.48 -9.15
N UNK A 721 -38.99 -52.74 -9.86
CA UNK A 721 -40.29 -53.24 -10.27
C UNK A 721 -40.12 -54.43 -11.21
N UNK A 722 -39.16 -54.32 -12.12
CA UNK A 722 -38.88 -55.37 -13.09
C UNK A 722 -38.67 -56.72 -12.44
N UNK A 723 -37.61 -56.84 -11.66
CA UNK A 723 -37.30 -58.10 -10.99
C UNK A 723 -38.59 -58.80 -10.59
N UNK A 724 -39.54 -58.01 -10.09
CA UNK A 724 -40.83 -58.54 -9.68
C UNK A 724 -41.55 -59.13 -10.88
N UNK A 725 -41.47 -58.43 -12.01
CA UNK A 725 -42.10 -58.90 -13.23
C UNK A 725 -41.49 -60.22 -13.67
N UNK A 726 -40.18 -60.32 -13.54
CA UNK A 726 -39.45 -61.53 -13.91
C UNK A 726 -39.91 -62.73 -13.08
N UNK A 727 -39.83 -62.59 -11.76
CA UNK A 727 -40.24 -63.67 -10.86
C UNK A 727 -41.72 -63.98 -11.02
N UNK A 728 -42.54 -62.94 -11.15
CA UNK A 728 -43.97 -63.10 -11.30
C UNK A 728 -44.25 -63.84 -12.61
N UNK A 729 -43.52 -63.47 -13.65
CA UNK A 729 -43.69 -64.10 -14.96
C UNK A 729 -43.38 -65.58 -14.83
N UNK A 730 -42.35 -65.90 -14.07
CA UNK A 730 -41.94 -67.29 -13.86
C UNK A 730 -43.04 -68.07 -13.15
N UNK A 731 -43.66 -67.45 -12.15
CA UNK A 731 -44.73 -68.11 -11.41
C UNK A 731 -45.90 -68.42 -12.34
N UNK A 732 -46.22 -67.45 -13.20
CA UNK A 732 -47.31 -67.61 -14.16
C UNK A 732 -46.99 -68.76 -15.10
N UNK A 733 -45.74 -68.83 -15.53
CA UNK A 733 -45.29 -69.88 -16.42
C UNK A 733 -45.48 -71.25 -15.77
N UNK A 734 -45.22 -71.32 -14.47
CA UNK A 734 -45.36 -72.57 -13.74
C UNK A 734 -46.79 -73.08 -13.75
N UNK A 735 -47.71 -72.17 -13.44
CA UNK A 735 -49.13 -72.53 -13.45
C UNK A 735 -49.40 -73.16 -14.81
N UNK A 736 -48.81 -72.57 -15.85
CA UNK A 736 -48.93 -73.06 -17.22
C UNK A 736 -48.31 -74.45 -17.29
N UNK A 737 -47.18 -74.65 -16.63
CA UNK A 737 -46.53 -75.94 -16.62
C UNK A 737 -47.44 -76.99 -15.99
N UNK A 738 -48.11 -76.62 -14.89
CA UNK A 738 -49.02 -77.54 -14.21
C UNK A 738 -50.18 -77.89 -15.13
N UNK A 739 -50.68 -76.88 -15.84
CA UNK A 739 -51.78 -77.07 -16.78
C UNK A 739 -51.36 -78.01 -17.90
N UNK A 740 -50.13 -77.82 -18.37
CA UNK A 740 -49.55 -78.64 -19.43
C UNK A 740 -49.43 -80.07 -18.97
N UNK A 741 -49.04 -80.27 -17.71
CA UNK A 741 -48.92 -81.60 -17.15
C UNK A 741 -50.30 -82.27 -17.13
N UNK A 742 -51.26 -81.51 -16.63
CA UNK A 742 -52.64 -81.97 -16.56
C UNK A 742 -53.09 -82.21 -17.98
N UNK A 743 -52.75 -81.28 -18.88
CA UNK A 743 -53.11 -81.43 -20.28
C UNK A 743 -52.41 -82.64 -20.87
N UNK A 744 -51.11 -82.70 -20.61
CA UNK A 744 -50.24 -83.76 -21.08
C UNK A 744 -50.72 -85.04 -20.45
N UNK A 745 -51.07 -84.98 -19.17
CA UNK A 745 -51.59 -86.14 -18.48
C UNK A 745 -52.91 -86.53 -19.14
N UNK A 746 -53.75 -85.52 -19.39
CA UNK A 746 -55.04 -85.73 -20.01
C UNK A 746 -54.86 -86.28 -21.41
N UNK A 747 -53.89 -85.73 -22.13
CA UNK A 747 -53.62 -86.18 -23.49
C UNK A 747 -53.18 -87.63 -23.49
N UNK A 748 -52.35 -87.99 -22.53
CA UNK A 748 -51.85 -89.36 -22.40
C UNK A 748 -53.01 -90.29 -22.12
N UNK A 749 -53.90 -89.86 -21.23
CA UNK A 749 -55.06 -90.66 -20.86
C UNK A 749 -56.01 -90.83 -22.04
N UNK A 750 -56.35 -89.73 -22.68
CA UNK A 750 -57.26 -89.76 -23.83
C UNK A 750 -56.65 -90.57 -24.96
N UNK A 751 -55.35 -90.39 -25.19
CA UNK A 751 -54.65 -91.12 -26.24
C UNK A 751 -54.69 -92.62 -25.94
N UNK A 752 -54.48 -92.97 -24.68
CA UNK A 752 -54.50 -94.36 -24.26
C UNK A 752 -55.89 -94.95 -24.49
N UNK A 753 -56.92 -94.17 -24.17
CA UNK A 753 -58.29 -94.62 -24.37
C UNK A 753 -58.57 -94.86 -25.86
N UNK A 754 -58.06 -93.97 -26.69
CA UNK A 754 -58.23 -94.08 -28.13
C UNK A 754 -57.55 -95.36 -28.63
N UNK A 755 -56.36 -95.64 -28.09
CA UNK A 755 -55.63 -96.85 -28.48
C UNK A 755 -56.23 -98.03 -27.73
N UNK A 756 -56.39 -97.88 -26.42
CA UNK A 756 -56.95 -98.93 -25.58
C UNK A 756 -58.39 -99.25 -25.98
N UNK A 757 -59.15 -98.21 -26.26
CA UNK A 757 -60.56 -98.36 -26.63
C UNK A 757 -60.78 -99.49 -27.63
N UNK A 758 -59.83 -99.69 -28.53
CA UNK A 758 -59.94 -100.74 -29.54
C UNK A 758 -59.99 -102.12 -28.88
N UNK A 759 -59.17 -102.31 -27.86
CA UNK A 759 -59.13 -103.57 -27.12
C UNK A 759 -60.45 -103.87 -26.40
N UNK A 760 -61.05 -102.83 -25.84
CA UNK A 760 -62.29 -102.98 -25.08
C UNK A 760 -63.49 -103.51 -25.87
N UNK A 761 -63.65 -103.07 -27.11
CA UNK A 761 -64.78 -103.52 -27.92
C UNK A 761 -64.36 -104.47 -29.02
N UNK A 762 -64.99 -105.64 -29.06
CA UNK A 762 -64.69 -106.65 -30.07
C UNK A 762 -65.31 -106.27 -31.41
N UNK A 763 -36.86 -48.08 -20.72
CA UNK A 763 -38.00 -47.29 -20.28
C UNK A 763 -39.24 -47.64 -21.09
N UNK A 764 -39.40 -46.96 -22.21
CA UNK A 764 -40.55 -47.20 -23.10
C UNK A 764 -40.50 -48.63 -23.63
N UNK A 765 -39.31 -49.09 -23.99
CA UNK A 765 -39.13 -50.45 -24.48
C UNK A 765 -39.52 -51.44 -23.40
N UNK A 766 -39.12 -51.17 -22.17
CA UNK A 766 -39.45 -52.05 -21.05
C UNK A 766 -40.96 -52.10 -20.85
N UNK A 767 -41.62 -50.96 -20.97
CA UNK A 767 -43.07 -50.89 -20.81
C UNK A 767 -43.74 -51.71 -21.91
N UNK A 768 -43.21 -51.61 -23.12
CA UNK A 768 -43.73 -52.34 -24.27
C UNK A 768 -43.58 -53.83 -24.03
N UNK A 769 -42.44 -54.23 -23.47
CA UNK A 769 -42.16 -55.62 -23.17
C UNK A 769 -43.15 -56.13 -22.15
N UNK A 770 -43.45 -55.31 -21.14
CA UNK A 770 -44.41 -55.69 -20.12
C UNK A 770 -45.78 -55.90 -20.75
N UNK A 771 -46.15 -55.01 -21.66
CA UNK A 771 -47.43 -55.12 -22.34
C UNK A 771 -47.49 -56.41 -23.15
N UNK A 772 -46.39 -56.73 -23.83
CA UNK A 772 -46.29 -57.94 -24.63
C UNK A 772 -46.43 -59.17 -23.77
N UNK A 773 -45.82 -59.12 -22.59
CA UNK A 773 -45.87 -60.22 -21.64
C UNK A 773 -47.32 -60.40 -21.19
N UNK A 774 -48.02 -59.30 -20.95
CA UNK A 774 -49.41 -59.35 -20.54
C UNK A 774 -50.26 -59.97 -21.65
N UNK A 775 -49.95 -59.59 -22.89
CA UNK A 775 -50.65 -60.10 -24.05
C UNK A 775 -50.45 -61.61 -24.16
N UNK A 776 -49.23 -62.06 -23.90
CA UNK A 776 -48.91 -63.49 -23.94
C UNK A 776 -49.70 -64.18 -22.84
N UNK A 777 -49.73 -63.56 -21.67
CA UNK A 777 -50.46 -64.03 -20.53
C UNK A 777 -51.93 -63.95 -20.90
N UNK A 778 -52.43 -62.73 -21.15
CA UNK A 778 -53.83 -62.64 -21.51
C UNK A 778 -54.13 -63.60 -22.64
N UNK A 779 -53.21 -63.70 -23.60
CA UNK A 779 -53.34 -64.59 -24.73
C UNK A 779 -53.40 -66.02 -24.26
N UNK A 780 -52.54 -66.37 -23.29
CA UNK A 780 -52.54 -67.71 -22.75
C UNK A 780 -53.88 -68.01 -22.08
N UNK A 781 -54.37 -67.02 -21.33
CA UNK A 781 -55.65 -67.17 -20.65
C UNK A 781 -56.77 -67.37 -21.67
N UNK A 782 -56.73 -66.60 -22.76
CA UNK A 782 -57.71 -66.67 -23.83
C UNK A 782 -57.66 -68.03 -24.50
N UNK A 783 -56.44 -68.55 -24.68
CA UNK A 783 -56.25 -69.84 -25.29
C UNK A 783 -56.90 -70.90 -24.43
N UNK A 784 -56.72 -70.82 -23.11
CA UNK A 784 -57.37 -71.80 -22.27
C UNK A 784 -58.88 -71.64 -22.39
N UNK A 785 -59.32 -70.38 -22.31
CA UNK A 785 -60.72 -70.00 -22.44
C UNK A 785 -61.30 -70.14 -23.85
N UNK A 786 -60.50 -69.76 -24.84
CA UNK A 786 -60.95 -69.78 -26.23
C UNK A 786 -60.78 -71.19 -26.81
N UNK A 787 -59.65 -71.82 -26.49
CA UNK A 787 -59.36 -73.16 -26.95
C UNK A 787 -60.39 -74.13 -26.39
N UNK A 788 -60.74 -73.95 -25.11
CA UNK A 788 -61.73 -74.79 -24.46
C UNK A 788 -63.08 -74.64 -25.15
N UNK A 789 -63.43 -73.41 -25.50
CA UNK A 789 -64.69 -73.16 -26.20
C UNK A 789 -64.69 -73.86 -27.55
N UNK A 790 -63.56 -73.79 -28.25
CA UNK A 790 -63.43 -74.44 -29.55
C UNK A 790 -63.59 -75.95 -29.41
N UNK A 791 -62.99 -76.51 -28.36
CA UNK A 791 -63.08 -77.94 -28.09
C UNK A 791 -64.53 -78.34 -27.84
N UNK A 792 -65.24 -77.50 -27.09
CA UNK A 792 -66.64 -77.75 -26.77
C UNK A 792 -67.46 -77.74 -28.05
N UNK A 793 -67.17 -76.80 -28.93
CA UNK A 793 -67.86 -76.70 -30.21
C UNK A 793 -67.60 -77.96 -31.04
N UNK A 794 -66.35 -78.44 -31.02
CA UNK A 794 -65.98 -79.64 -31.75
C UNK A 794 -66.73 -80.85 -31.21
N UNK A 795 -66.87 -80.91 -29.88
CA UNK A 795 -67.59 -82.00 -29.24
C UNK A 795 -69.06 -81.97 -29.65
N UNK A 796 -69.61 -80.77 -29.72
CA UNK A 796 -71.02 -80.57 -30.10
C UNK A 796 -71.96 -81.49 -29.33
N UNK A 797 -34.88 -66.53 -22.02
CA UNK A 797 -36.34 -66.36 -21.98
C UNK A 797 -36.99 -67.18 -23.10
N UNK A 798 -36.41 -67.02 -24.28
CA UNK A 798 -36.87 -67.71 -25.49
C UNK A 798 -36.85 -69.22 -25.28
N UNK A 799 -35.74 -69.72 -24.73
CA UNK A 799 -35.58 -71.14 -24.48
C UNK A 799 -36.79 -71.71 -23.75
N UNK A 800 -36.92 -71.35 -22.47
CA UNK A 800 -38.03 -71.83 -21.65
C UNK A 800 -39.36 -71.33 -22.22
N UNK A 801 -39.38 -70.08 -22.64
CA UNK A 801 -40.59 -69.49 -23.20
C UNK A 801 -40.97 -70.24 -24.48
N UNK A 802 -39.97 -70.55 -25.29
CA UNK A 802 -40.20 -71.28 -26.53
C UNK A 802 -40.78 -72.66 -26.23
N UNK A 803 -40.24 -73.30 -25.20
CA UNK A 803 -40.71 -74.62 -24.80
C UNK A 803 -42.16 -74.53 -24.36
N UNK A 804 -42.49 -73.47 -23.63
CA UNK A 804 -43.85 -73.27 -23.15
C UNK A 804 -44.84 -73.14 -24.31
N UNK A 805 -44.57 -72.20 -25.20
CA UNK A 805 -45.44 -71.98 -26.35
C UNK A 805 -45.49 -73.21 -27.25
N UNK A 806 -44.33 -73.82 -27.46
CA UNK A 806 -44.24 -75.02 -28.30
C UNK A 806 -45.05 -76.14 -27.67
N UNK A 807 -44.95 -76.26 -26.35
CA UNK A 807 -45.68 -77.29 -25.62
C UNK A 807 -47.17 -77.08 -25.84
N UNK A 808 -47.59 -75.82 -25.80
CA UNK A 808 -48.99 -75.48 -25.98
C UNK A 808 -49.47 -75.88 -27.38
N UNK A 809 -48.64 -75.64 -28.39
CA UNK A 809 -49.00 -75.99 -29.76
C UNK A 809 -49.16 -77.50 -29.88
N UNK A 810 -48.27 -78.24 -29.25
CA UNK A 810 -48.32 -79.70 -29.27
C UNK A 810 -49.61 -80.16 -28.61
N UNK A 811 -49.96 -79.52 -27.51
CA UNK A 811 -51.18 -79.85 -26.78
C UNK A 811 -52.40 -79.65 -27.66
N UNK A 812 -52.38 -78.57 -28.44
CA UNK A 812 -53.48 -78.20 -29.33
C UNK A 812 -53.75 -79.30 -30.35
N UNK A 813 -52.71 -79.70 -31.07
CA UNK A 813 -52.82 -80.77 -32.07
C UNK A 813 -53.18 -82.07 -31.36
N UNK A 814 -52.54 -82.29 -30.21
CA UNK A 814 -52.81 -83.47 -29.40
C UNK A 814 -54.26 -83.43 -28.91
N UNK A 815 -54.74 -82.25 -28.52
CA UNK A 815 -56.11 -82.09 -28.07
C UNK A 815 -57.08 -82.44 -29.20
N UNK A 816 -56.76 -82.01 -30.42
CA UNK A 816 -57.60 -82.31 -31.58
C UNK A 816 -57.63 -83.81 -31.83
N UNK A 817 -56.47 -84.44 -31.68
CA UNK A 817 -56.35 -85.89 -31.85
C UNK A 817 -57.19 -86.61 -30.81
N UNK A 818 -57.16 -86.10 -29.58
CA UNK A 818 -57.93 -86.64 -28.47
C UNK A 818 -59.42 -86.54 -28.77
N UNK A 819 -59.82 -85.41 -29.36
CA UNK A 819 -61.21 -85.20 -29.72
C UNK A 819 -61.62 -86.22 -30.77
N UNK A 820 -60.73 -86.47 -31.74
CA UNK A 820 -60.99 -87.45 -32.78
C UNK A 820 -61.13 -88.84 -32.17
N UNK A 821 -60.27 -89.14 -31.18
CA UNK A 821 -60.29 -90.42 -30.48
C UNK A 821 -61.60 -90.59 -29.73
N UNK A 822 -62.07 -89.49 -29.12
CA UNK A 822 -63.32 -89.48 -28.39
C UNK A 822 -64.47 -89.78 -29.34
N UNK A 823 -64.42 -89.20 -30.53
CA UNK A 823 -65.44 -89.43 -31.55
C UNK A 823 -65.44 -90.91 -31.94
N UNK A 824 -64.25 -91.47 -32.09
CA UNK A 824 -64.10 -92.88 -32.45
C UNK A 824 -64.69 -93.76 -31.34
N UNK A 825 -64.45 -93.38 -30.09
CA UNK A 825 -64.96 -94.11 -28.94
C UNK A 825 -66.48 -94.06 -28.92
N UNK A 826 -67.04 -92.90 -29.27
CA UNK A 826 -68.48 -92.72 -29.34
C UNK A 826 -69.05 -93.64 -30.40
N UNK A 827 -68.36 -93.73 -31.55
CA UNK A 827 -68.79 -94.60 -32.63
C UNK A 827 -68.77 -96.06 -32.16
N UNK A 828 -67.74 -96.42 -31.42
CA UNK A 828 -67.57 -97.78 -30.89
C UNK A 828 -67.76 -98.86 -31.95
N UNK A 829 -66.49 -105.63 -36.43
CA UNK A 829 -65.88 -106.64 -35.57
C UNK A 829 -66.60 -106.66 -34.23
N UNK A 830 -66.93 -105.48 -33.72
CA UNK A 830 -67.63 -105.37 -32.45
C UNK A 830 -69.00 -106.01 -32.55
N UNK A 831 -69.66 -105.78 -33.69
CA UNK A 831 -70.99 -106.36 -33.91
C UNK A 831 -70.89 -107.88 -33.94
N UNK A 832 -69.84 -108.38 -34.57
CA UNK A 832 -69.62 -109.82 -34.67
C UNK A 832 -69.46 -110.45 -33.29
N UNK A 833 -68.51 -109.95 -32.52
CA UNK A 833 -68.27 -110.47 -31.17
C UNK A 833 -69.48 -110.28 -30.28
N UNK A 834 -70.11 -109.11 -30.38
CA UNK A 834 -71.28 -108.81 -29.58
C UNK A 834 -72.40 -109.76 -29.95
N UNK A 835 -72.55 -110.02 -31.24
CA UNK A 835 -73.58 -110.93 -31.72
C UNK A 835 -73.35 -112.31 -31.11
N UNK A 836 -72.09 -112.72 -31.05
CA UNK A 836 -71.72 -114.01 -30.50
C UNK A 836 -72.10 -114.09 -29.02
N UNK A 837 -71.86 -113.02 -28.28
CA UNK A 837 -72.19 -112.99 -26.87
C UNK A 837 -73.69 -113.13 -26.67
N UNK A 838 -74.45 -112.44 -27.51
CA UNK A 838 -75.90 -112.50 -27.44
C UNK A 838 -76.37 -113.92 -27.73
N UNK A 839 -75.73 -114.56 -28.70
CA UNK A 839 -76.06 -115.93 -29.06
C UNK A 839 -75.83 -116.86 -27.88
N UNK A 840 -74.77 -116.61 -27.13
CA UNK A 840 -74.45 -117.44 -25.97
C UNK A 840 -75.54 -117.37 -24.91
N UNK A 841 -75.96 -116.16 -24.60
CA UNK A 841 -77.03 -115.97 -23.63
C UNK A 841 -78.18 -116.87 -24.08
N UNK A 842 -78.42 -116.87 -25.39
CA UNK A 842 -79.45 -117.70 -26.00
C UNK A 842 -79.12 -119.16 -25.76
N UNK A 843 -77.84 -119.52 -25.77
CA UNK A 843 -77.47 -120.88 -25.38
C UNK A 843 -77.91 -121.04 -23.91
N UNK A 844 -77.73 -119.96 -23.14
CA UNK A 844 -78.12 -119.85 -21.73
C UNK A 844 -79.65 -119.98 -21.62
N UNK A 845 -80.38 -119.43 -22.59
CA UNK A 845 -81.83 -119.54 -22.63
C UNK A 845 -82.23 -121.01 -22.79
N UNK A 846 -81.49 -121.76 -23.61
CA UNK A 846 -81.71 -123.19 -23.80
C UNK A 846 -81.47 -123.92 -22.48
N UNK A 847 -80.43 -123.48 -21.75
CA UNK A 847 -80.11 -124.05 -20.43
C UNK A 847 -81.27 -123.78 -19.46
N UNK A 848 -81.85 -122.58 -19.56
CA UNK A 848 -82.99 -122.15 -18.76
C UNK A 848 -84.20 -123.04 -19.08
N UNK A 849 -84.36 -123.39 -20.36
CA UNK A 849 -85.42 -124.28 -20.83
C UNK A 849 -85.24 -125.67 -20.20
N UNK A 850 -83.97 -126.11 -20.10
CA UNK A 850 -83.64 -127.38 -19.45
C UNK A 850 -84.03 -127.31 -17.96
N UNK A 851 -83.77 -126.16 -17.35
CA UNK A 851 -84.14 -125.89 -15.95
C UNK A 851 -85.66 -125.95 -15.78
N UNK A 852 -86.38 -125.43 -16.77
CA UNK A 852 -87.84 -125.43 -16.83
C UNK A 852 -88.33 -126.87 -16.90
N UNK A 853 -87.63 -127.72 -17.66
CA UNK A 853 -87.95 -129.15 -17.76
C UNK A 853 -87.76 -129.81 -16.39
N UNK A 854 -86.70 -129.40 -15.68
CA UNK A 854 -86.43 -129.89 -14.33
C UNK A 854 -87.59 -129.49 -13.40
N UNK A 855 -88.08 -128.26 -13.57
CA UNK A 855 -89.22 -127.74 -12.81
C UNK A 855 -90.48 -128.55 -13.12
N UNK A 856 -90.61 -128.93 -14.39
CA UNK A 856 -91.72 -129.75 -14.89
C UNK A 856 -91.71 -131.12 -14.22
N UNK A 857 -90.51 -131.67 -13.96
CA UNK A 857 -90.43 -132.92 -13.22
C UNK A 857 -91.08 -132.53 -11.89
N UNK A 858 -90.74 -131.31 -11.49
CA UNK A 858 -91.31 -130.62 -10.34
C UNK A 858 -92.81 -130.43 -10.54
N UNK A 859 -93.20 -130.06 -11.75
CA UNK A 859 -94.61 -129.86 -12.08
C UNK A 859 -95.38 -131.17 -11.91
N UNK A 860 -94.76 -132.27 -12.35
CA UNK A 860 -95.38 -133.58 -12.23
C UNK A 860 -95.57 -133.93 -10.77
N UNK A 861 -94.57 -133.63 -9.95
CA UNK A 861 -94.64 -133.91 -8.51
C UNK A 861 -95.76 -133.10 -7.89
N UNK A 862 -95.90 -131.84 -8.31
CA UNK A 862 -96.95 -130.97 -7.80
C UNK A 862 -98.32 -131.55 -8.16
N UNK A 863 -98.44 -132.03 -9.39
CA UNK A 863 -99.69 -132.63 -9.86
C UNK A 863 -100.03 -133.86 -9.03
N UNK A 864 -99.01 -134.67 -8.73
CA UNK A 864 -99.20 -135.86 -7.92
C UNK A 864 -99.68 -135.49 -6.53
N UNK A 865 -99.09 -134.42 -5.97
CA UNK A 865 -99.47 -133.95 -4.66
C UNK A 865 -100.92 -133.49 -4.66
N UNK A 866 -101.32 -132.80 -5.73
CA UNK A 866 -102.69 -132.32 -5.87
C UNK A 866 -103.66 -133.50 -5.94
N UNK A 867 -103.26 -134.54 -6.66
CA UNK A 867 -104.08 -135.74 -6.80
C UNK A 867 -104.24 -136.42 -5.44
N UNK A 868 -77.71 -101.65 -35.04
CA UNK A 868 -78.28 -102.03 -36.32
C UNK A 868 -79.77 -102.30 -36.20
N UNK A 869 -80.49 -102.17 -37.32
CA UNK A 869 -81.92 -102.40 -37.33
C UNK A 869 -82.25 -103.84 -36.96
N UNK A 870 -81.46 -104.77 -37.47
CA UNK A 870 -81.65 -106.19 -37.17
C UNK A 870 -81.44 -106.43 -35.68
N UNK A 871 -80.43 -105.78 -35.12
CA UNK A 871 -80.14 -105.91 -33.69
C UNK A 871 -81.31 -105.36 -32.87
N UNK A 872 -81.88 -104.26 -33.32
CA UNK A 872 -83.03 -103.66 -32.65
C UNK A 872 -84.21 -104.61 -32.69
N UNK A 873 -84.40 -105.26 -33.84
CA UNK A 873 -85.48 -106.23 -33.99
C UNK A 873 -85.28 -107.41 -33.03
N UNK A 874 -84.03 -107.84 -32.89
CA UNK A 874 -83.69 -108.92 -31.99
C UNK A 874 -84.01 -108.52 -30.55
N UNK A 875 -83.69 -107.28 -30.21
CA UNK A 875 -83.97 -106.75 -28.87
C UNK A 875 -85.47 -106.74 -28.62
N UNK A 876 -86.23 -106.35 -29.64
CA UNK A 876 -87.68 -106.33 -29.55
C UNK A 876 -88.23 -107.73 -29.33
N UNK A 877 -87.64 -108.71 -30.01
CA UNK A 877 -88.07 -110.10 -29.90
C UNK A 877 -87.89 -110.61 -28.46
N UNK A 878 -86.73 -110.33 -27.88
CA UNK A 878 -86.43 -110.75 -26.51
C UNK A 878 -87.52 -110.26 -25.58
N UNK A 879 -88.00 -109.04 -25.78
CA UNK A 879 -88.98 -108.48 -24.84
C UNK A 879 -90.24 -109.33 -24.79
N UNK A 880 -90.71 -109.76 -25.96
CA UNK A 880 -91.87 -110.65 -26.03
C UNK A 880 -91.54 -111.99 -25.37
N UNK A 881 -90.40 -112.57 -25.74
CA UNK A 881 -90.00 -113.85 -25.17
C UNK A 881 -90.16 -113.81 -23.65
N UNK A 882 -89.89 -112.61 -23.11
CA UNK A 882 -89.99 -112.36 -21.68
C UNK A 882 -91.43 -112.57 -21.22
N UNK A 883 -92.36 -112.23 -22.10
CA UNK A 883 -93.78 -112.38 -21.83
C UNK A 883 -94.21 -113.83 -21.63
N UNK A 884 -93.93 -114.66 -22.63
CA UNK A 884 -94.31 -116.07 -22.64
C UNK A 884 -93.74 -116.87 -21.48
N UNK A 885 -92.42 -116.96 -21.42
CA UNK A 885 -91.78 -117.73 -20.35
C UNK A 885 -92.11 -117.15 -18.98
N UNK A 886 -92.10 -115.83 -18.89
CA UNK A 886 -92.40 -115.17 -17.61
C UNK A 886 -93.83 -115.48 -17.19
N UNK A 887 -94.75 -115.45 -18.16
CA UNK A 887 -96.15 -115.73 -17.90
C UNK A 887 -96.30 -117.17 -17.42
N UNK A 888 -95.56 -118.08 -18.05
CA UNK A 888 -95.61 -119.48 -17.67
C UNK A 888 -95.11 -119.64 -16.24
N UNK A 889 -94.04 -118.93 -15.90
CA UNK A 889 -93.48 -118.98 -14.56
C UNK A 889 -94.50 -118.49 -13.55
N UNK A 890 -95.20 -117.41 -13.89
CA UNK A 890 -96.21 -116.85 -13.00
C UNK A 890 -97.33 -117.86 -12.78
N UNK A 891 -97.77 -118.46 -13.87
CA UNK A 891 -98.83 -119.47 -13.79
C UNK A 891 -98.34 -120.61 -12.91
N UNK A 892 -97.05 -120.92 -13.04
CA UNK A 892 -96.44 -121.97 -12.25
C UNK A 892 -96.50 -121.63 -10.78
N UNK A 893 -96.26 -120.37 -10.43
CA UNK A 893 -96.28 -119.97 -9.03
C UNK A 893 -97.69 -120.18 -8.45
N UNK A 894 -98.69 -119.80 -9.23
CA UNK A 894 -100.07 -119.96 -8.81
C UNK A 894 -100.40 -121.43 -8.62
N UNK A 895 -99.92 -122.26 -9.55
CA UNK A 895 -100.15 -123.70 -9.49
C UNK A 895 -99.51 -124.28 -8.24
N UNK A 896 -98.31 -123.81 -7.92
CA UNK A 896 -97.58 -124.26 -6.75
C UNK A 896 -98.34 -123.88 -5.49
N UNK A 897 -98.89 -122.67 -5.48
CA UNK A 897 -99.67 -122.23 -4.33
C UNK A 897 -100.89 -123.12 -4.16
N UNK A 898 -101.54 -123.46 -5.26
CA UNK A 898 -102.72 -124.32 -5.22
C UNK A 898 -102.34 -125.69 -4.68
N UNK A 899 -101.20 -126.21 -5.12
CA UNK A 899 -100.73 -127.51 -4.67
C UNK A 899 -100.46 -127.49 -3.18
N UNK A 900 -99.86 -126.40 -2.70
CA UNK A 900 -99.57 -126.24 -1.29
C UNK A 900 -100.86 -126.23 -0.49
N UNK A 901 -101.87 -125.53 -1.02
CA UNK A 901 -103.17 -125.41 -0.39
C UNK A 901 -103.08 -125.02 1.09
N UNK A 902 -74.66 -119.00 -40.79
CA UNK A 902 -75.84 -119.82 -41.01
C UNK A 902 -75.77 -121.10 -40.17
N UNK A 903 -74.62 -121.76 -40.21
CA UNK A 903 -74.41 -122.99 -39.47
C UNK A 903 -74.82 -122.83 -38.00
N UNK A 904 -74.04 -122.07 -37.24
CA UNK A 904 -74.34 -121.84 -35.84
C UNK A 904 -75.66 -121.11 -35.69
N UNK A 905 -75.91 -120.13 -36.54
CA UNK A 905 -77.15 -119.37 -36.49
C UNK A 905 -78.32 -120.29 -36.78
N UNK A 906 -78.15 -121.18 -37.74
CA UNK A 906 -79.20 -122.13 -38.10
C UNK A 906 -79.48 -123.05 -36.92
N UNK A 907 -78.43 -123.48 -36.25
CA UNK A 907 -78.58 -124.35 -35.09
C UNK A 907 -79.36 -123.63 -33.99
N UNK A 908 -79.05 -122.35 -33.81
CA UNK A 908 -79.71 -121.53 -32.80
C UNK A 908 -81.21 -121.44 -33.06
N UNK A 909 -81.57 -120.98 -34.26
CA UNK A 909 -82.98 -120.84 -34.63
C UNK A 909 -83.68 -122.20 -34.63
N UNK A 910 -83.00 -123.21 -35.15
CA UNK A 910 -83.56 -124.55 -35.20
C UNK A 910 -83.79 -125.06 -33.79
N UNK A 911 -82.83 -124.79 -32.90
CA UNK A 911 -82.93 -125.22 -31.52
C UNK A 911 -84.17 -124.58 -30.90
N UNK A 912 -84.39 -123.31 -31.22
CA UNK A 912 -85.53 -122.57 -30.69
C UNK A 912 -86.84 -123.19 -31.16
N UNK A 913 -86.89 -123.59 -32.42
CA UNK A 913 -88.09 -124.21 -32.97
C UNK A 913 -88.39 -125.51 -32.25
N UNK A 914 -87.34 -126.29 -31.99
CA UNK A 914 -87.48 -127.56 -31.30
C UNK A 914 -88.00 -127.31 -29.89
N UNK A 915 -87.49 -126.27 -29.26
CA UNK A 915 -87.91 -125.91 -27.92
C UNK A 915 -89.39 -125.58 -27.89
N UNK A 916 -89.87 -124.91 -28.94
CA UNK A 916 -91.27 -124.54 -29.04
C UNK A 916 -92.19 -125.77 -29.06
N UNK A 917 -91.78 -126.78 -29.82
CA UNK A 917 -92.56 -128.01 -29.93
C UNK A 917 -92.64 -128.68 -28.56
N UNK A 918 -91.52 -128.68 -27.84
CA UNK A 918 -91.49 -129.28 -26.51
C UNK A 918 -92.45 -128.53 -25.61
N UNK A 919 -92.59 -127.23 -25.86
CA UNK A 919 -93.48 -126.39 -25.08
C UNK A 919 -94.93 -126.85 -25.22
N UNK A 920 -95.31 -127.21 -26.44
CA UNK A 920 -96.67 -127.66 -26.69
C UNK A 920 -96.94 -128.95 -25.91
N UNK A 921 -95.94 -129.84 -25.91
CA UNK A 921 -96.05 -131.11 -25.20
C UNK A 921 -95.92 -130.91 -23.69
N UNK A 922 -94.97 -130.06 -23.31
CA UNK A 922 -94.74 -129.78 -21.89
C UNK A 922 -95.98 -129.17 -21.25
N UNK A 923 -96.63 -128.25 -21.97
CA UNK A 923 -97.83 -127.59 -21.47
C UNK A 923 -98.93 -128.62 -21.28
N UNK A 924 -99.05 -129.54 -22.22
CA UNK A 924 -100.06 -130.59 -22.14
C UNK A 924 -99.79 -131.48 -20.93
N UNK A 925 -98.52 -131.78 -20.69
CA UNK A 925 -98.14 -132.61 -19.55
C UNK A 925 -98.50 -131.90 -18.25
N UNK A 926 -98.25 -130.59 -18.21
CA UNK A 926 -98.58 -129.80 -17.03
C UNK A 926 -100.08 -129.82 -16.78
N UNK A 927 -100.86 -129.71 -17.86
CA UNK A 927 -102.31 -129.73 -17.76
C UNK A 927 -102.78 -131.07 -17.21
N UNK A 928 -102.15 -132.15 -17.69
CA UNK A 928 -102.49 -133.49 -17.24
C UNK A 928 -102.19 -133.63 -15.74
N UNK A 929 -101.05 -133.07 -15.32
CA UNK A 929 -100.66 -133.12 -13.92
C UNK A 929 -101.68 -132.36 -13.07
N UNK A 930 -102.13 -131.22 -13.57
CA UNK A 930 -103.12 -130.41 -12.87
C UNK A 930 -104.43 -131.19 -12.73
N UNK A 931 -104.80 -131.89 -13.79
CA UNK A 931 -106.02 -132.69 -13.78
C UNK A 931 -105.91 -133.81 -12.76
N UNK A 932 -104.73 -134.42 -12.68
CA UNK A 932 -104.47 -135.51 -11.75
C UNK A 932 -105.54 -136.60 -11.80
N UNK B 1 21.68 41.48 12.23
CA UNK B 1 22.49 40.38 11.63
C UNK B 1 21.88 39.02 11.91
N UNK B 2 21.84 38.19 10.87
CA UNK B 2 21.24 36.87 10.94
C UNK B 2 21.81 35.91 11.97
N UNK B 3 20.90 35.18 12.62
CA UNK B 3 21.25 34.17 13.60
C UNK B 3 20.30 33.02 13.38
N UNK B 4 20.73 31.81 13.67
CA UNK B 4 19.86 30.65 13.48
C UNK B 4 18.87 30.56 14.64
N UNK B 5 17.56 30.60 14.33
CA UNK B 5 16.52 30.52 15.36
C UNK B 5 16.60 29.12 15.98
N UNK B 6 16.56 29.04 17.31
CA UNK B 6 16.67 27.75 17.98
C UNK B 6 15.63 26.73 17.50
N UNK B 7 14.57 27.22 16.88
CA UNK B 7 13.50 26.37 16.36
C UNK B 7 13.79 25.81 14.97
N UNK B 8 14.81 26.34 14.30
CA UNK B 8 15.15 25.88 12.96
C UNK B 8 16.54 25.26 12.86
N UNK B 9 17.11 24.89 13.99
CA UNK B 9 18.43 24.29 14.03
C UNK B 9 18.53 23.06 13.13
N UNK B 10 17.59 22.12 13.27
CA UNK B 10 17.58 20.89 12.47
C UNK B 10 17.20 21.16 11.01
N UNK B 11 16.49 22.26 10.78
CA UNK B 11 16.04 22.63 9.44
C UNK B 11 17.14 22.62 8.39
N UNK B 12 16.98 21.76 7.39
CA UNK B 12 17.97 21.64 6.33
C UNK B 12 17.92 22.78 5.32
N UNK B 13 16.76 23.40 5.14
CA UNK B 13 16.65 24.46 4.15
C UNK B 13 16.76 25.91 4.59
N UNK B 14 17.56 26.19 5.61
CA UNK B 14 17.71 27.60 5.97
C UNK B 14 18.74 28.23 5.03
N UNK B 15 18.78 29.57 4.99
CA UNK B 15 19.70 30.29 4.11
C UNK B 15 21.14 30.39 4.60
N UNK B 16 22.03 30.69 3.65
CA UNK B 16 23.45 30.89 3.95
C UNK B 16 23.54 32.22 4.69
N UNK B 17 24.25 32.28 5.83
CA UNK B 17 24.33 33.57 6.49
C UNK B 17 24.96 34.60 5.53
N UNK B 18 24.40 35.82 5.47
CA UNK B 18 24.89 36.90 4.60
C UNK B 18 26.41 37.14 4.62
N UNK B 19 27.03 37.01 5.79
CA UNK B 19 28.46 37.26 5.87
C UNK B 19 29.30 36.17 5.19
N UNK B 20 28.65 35.07 4.81
CA UNK B 20 29.34 33.98 4.15
C UNK B 20 28.99 33.90 2.66
N UNK B 21 28.01 34.69 2.22
CA UNK B 21 27.58 34.68 0.83
C UNK B 21 28.69 35.13 -0.12
N UNK B 22 29.58 35.98 0.38
CA UNK B 22 30.70 36.47 -0.43
C UNK B 22 32.00 36.34 0.37
N UNK B 23 32.82 35.36 0.00
CA UNK B 23 34.08 35.10 0.70
C UNK B 23 35.15 36.15 0.43
N UNK B 24 34.84 37.16 -0.37
CA UNK B 24 35.79 38.21 -0.69
C UNK B 24 36.22 38.98 0.56
N UNK B 25 37.52 38.94 0.87
CA UNK B 25 38.06 39.62 2.05
C UNK B 25 38.33 41.12 1.83
N UNK B 26 38.29 41.57 0.58
CA UNK B 26 38.45 43.00 0.34
C UNK B 26 37.32 43.85 0.94
N UNK B 27 36.09 43.37 0.77
CA UNK B 27 34.88 44.12 1.18
C UNK B 27 34.67 44.40 2.67
N UNK B 28 34.94 43.40 3.52
CA UNK B 28 34.56 43.45 4.92
C UNK B 28 35.29 44.50 5.78
N UNK B 29 34.58 45.08 6.73
CA UNK B 29 35.21 45.97 7.72
C UNK B 29 36.43 45.35 8.42
N UNK B 30 37.43 46.19 8.70
CA UNK B 30 38.64 45.75 9.36
C UNK B 30 38.33 45.16 10.74
N UNK B 31 37.13 45.44 11.23
CA UNK B 31 36.72 44.94 12.55
C UNK B 31 36.11 43.55 12.48
N UNK B 32 35.71 43.13 11.28
CA UNK B 32 35.12 41.82 11.10
C UNK B 32 36.06 40.82 10.40
N UNK B 33 37.32 41.18 10.23
CA UNK B 33 38.24 40.26 9.58
C UNK B 33 39.69 40.38 10.04
N UNK B 34 40.38 39.24 10.00
CA UNK B 34 41.78 39.19 10.38
C UNK B 34 42.52 38.69 9.14
N UNK B 35 43.43 39.52 8.64
CA UNK B 35 44.16 39.17 7.43
C UNK B 35 45.68 39.22 7.65
N UNK B 36 46.38 38.25 7.06
CA UNK B 36 47.83 38.19 7.11
C UNK B 36 48.15 37.74 5.70
N UNK B 37 49.44 37.65 5.35
CA UNK B 37 49.79 37.24 4.01
C UNK B 37 49.47 35.77 3.78
N UNK B 38 49.37 35.00 4.86
CA UNK B 38 49.12 33.56 4.73
C UNK B 38 47.70 33.07 4.84
N UNK B 39 46.79 33.91 5.37
CA UNK B 39 45.39 33.51 5.56
C UNK B 39 44.56 34.66 6.09
N UNK B 40 43.26 34.52 5.97
CA UNK B 40 42.37 35.54 6.51
C UNK B 40 41.15 34.87 7.15
N UNK B 41 40.56 35.56 8.12
CA UNK B 41 39.42 35.04 8.82
C UNK B 41 38.27 36.01 8.72
N UNK B 42 37.07 35.48 8.53
CA UNK B 42 35.87 36.29 8.47
C UNK B 42 35.13 35.93 9.75
N UNK B 43 34.71 36.94 10.50
CA UNK B 43 33.97 36.69 11.74
C UNK B 43 32.48 36.96 11.57
N UNK B 44 31.64 36.19 12.27
CA UNK B 44 30.20 36.41 12.19
C UNK B 44 29.90 37.77 12.84
N UNK B 45 29.29 38.70 12.09
CA UNK B 45 28.98 40.02 12.65
C UNK B 45 27.88 40.05 13.70
N UNK B 46 27.18 38.94 13.89
CA UNK B 46 26.08 38.89 14.86
C UNK B 46 26.50 38.39 16.23
N UNK B 47 27.76 37.96 16.35
CA UNK B 47 28.22 37.45 17.63
C UNK B 47 29.47 38.18 18.14
N UNK B 48 29.82 38.00 19.42
CA UNK B 48 31.02 38.64 19.98
C UNK B 48 32.28 37.93 19.49
N UNK B 49 33.13 38.61 18.74
CA UNK B 49 34.37 37.99 18.27
C UNK B 49 35.10 37.55 19.51
N UNK B 50 35.20 36.24 19.70
CA UNK B 50 35.89 35.70 20.85
C UNK B 50 37.25 35.12 20.43
N UNK B 51 37.17 33.93 19.81
CA UNK B 51 38.30 33.12 19.34
C UNK B 51 39.31 33.73 18.37
N UNK B 52 40.60 33.53 18.62
CA UNK B 52 41.63 34.00 17.72
C UNK B 52 42.30 32.75 17.14
N UNK B 53 42.63 32.80 15.85
CA UNK B 53 43.26 31.66 15.20
C UNK B 53 44.61 32.09 14.63
N UNK B 54 45.63 31.28 14.81
CA UNK B 54 46.93 31.59 14.26
C UNK B 54 47.56 30.37 13.58
N UNK B 55 48.37 30.68 12.58
CA UNK B 55 49.11 29.69 11.84
C UNK B 55 50.35 29.34 12.67
N UNK B 56 50.54 28.06 12.95
CA UNK B 56 51.69 27.59 13.73
C UNK B 56 52.82 27.08 12.82
N UNK B 57 52.50 26.18 11.88
CA UNK B 57 53.48 25.68 10.93
C UNK B 57 52.82 25.34 9.61
N UNK B 58 53.54 25.60 8.52
CA UNK B 58 53.01 25.27 7.21
C UNK B 58 53.97 24.20 6.68
N UNK B 59 53.44 23.03 6.31
CA UNK B 59 54.30 21.93 5.84
C UNK B 59 54.14 21.61 4.35
N UNK B 60 55.21 21.80 3.58
CA UNK B 60 55.18 21.55 2.14
C UNK B 60 55.17 20.06 1.81
N UNK B 61 54.34 19.71 0.84
CA UNK B 61 54.24 18.35 0.33
C UNK B 61 54.36 18.47 -1.18
N UNK B 62 54.86 17.44 -1.84
CA UNK B 62 54.98 17.54 -3.29
C UNK B 62 53.77 17.02 -4.04
N UNK B 63 52.65 16.83 -3.32
CA UNK B 63 51.40 16.38 -3.94
C UNK B 63 50.27 16.73 -2.97
N UNK B 64 49.04 16.56 -3.42
CA UNK B 64 47.85 16.85 -2.62
C UNK B 64 47.89 16.09 -1.28
N UNK B 65 47.59 16.78 -0.18
CA UNK B 65 47.58 16.14 1.13
C UNK B 65 46.16 15.60 1.36
N UNK B 66 46.03 14.28 1.26
CA UNK B 66 44.74 13.60 1.42
C UNK B 66 44.24 13.43 2.85
N UNK B 67 45.15 13.45 3.80
CA UNK B 67 44.71 13.23 5.16
C UNK B 67 45.72 13.66 6.18
N UNK B 68 45.20 14.10 7.31
CA UNK B 68 46.02 14.54 8.41
C UNK B 68 45.38 13.97 9.66
N UNK B 69 46.20 13.56 10.62
CA UNK B 69 45.68 13.00 11.86
C UNK B 69 46.71 13.13 12.98
N UNK B 70 46.22 13.48 14.18
CA UNK B 70 47.12 13.60 15.31
C UNK B 70 47.20 12.29 16.06
N UNK B 71 48.32 12.09 16.74
CA UNK B 71 48.50 10.90 17.57
C UNK B 71 47.56 11.15 18.76
N UNK B 72 47.26 10.11 19.51
CA UNK B 72 46.35 10.21 20.65
C UNK B 72 46.78 11.24 21.68
N UNK B 73 48.08 11.32 21.94
CA UNK B 73 48.61 12.27 22.92
C UNK B 73 48.73 13.70 22.38
N UNK B 74 48.51 13.87 21.08
CA UNK B 74 48.58 15.19 20.47
C UNK B 74 49.98 15.70 20.18
N UNK B 75 50.98 14.86 20.42
CA UNK B 75 52.36 15.27 20.17
C UNK B 75 52.81 15.11 18.73
N UNK B 76 52.09 14.30 17.95
CA UNK B 76 52.47 14.09 16.55
C UNK B 76 51.36 14.23 15.52
N UNK B 77 51.77 14.60 14.31
CA UNK B 77 50.85 14.75 13.21
C UNK B 77 51.37 13.91 12.08
N UNK B 78 50.49 13.10 11.50
CA UNK B 78 50.85 12.27 10.36
C UNK B 78 50.06 12.78 9.17
N UNK B 79 50.70 12.84 8.00
CA UNK B 79 50.00 13.28 6.78
C UNK B 79 50.23 12.21 5.78
N UNK B 80 49.31 12.14 4.82
CA UNK B 80 49.44 11.24 3.69
C UNK B 80 49.58 12.04 2.42
N UNK B 81 50.61 11.71 1.65
CA UNK B 81 50.83 12.28 0.33
C UNK B 81 51.07 11.09 -0.60
N UNK B 82 50.84 11.25 -1.90
CA UNK B 82 50.96 10.10 -2.79
C UNK B 82 52.38 9.53 -2.77
N UNK B 83 52.46 8.21 -2.63
CA UNK B 83 53.75 7.51 -2.63
C UNK B 83 54.53 7.72 -1.33
N UNK B 84 53.88 8.30 -0.31
CA UNK B 84 54.55 8.63 0.93
C UNK B 84 53.60 8.80 2.11
N UNK B 85 54.14 8.86 3.32
CA UNK B 85 53.32 9.27 4.46
C UNK B 85 54.26 9.71 5.58
N UNK B 86 54.00 10.86 6.17
CA UNK B 86 54.98 11.50 7.03
C UNK B 86 54.50 11.81 8.43
N UNK B 87 55.47 11.80 9.36
CA UNK B 87 55.22 12.09 10.76
C UNK B 87 55.98 13.35 11.17
N UNK B 88 55.28 14.31 11.76
CA UNK B 88 55.86 15.56 12.21
C UNK B 88 55.65 15.79 13.71
N UNK B 89 56.63 16.44 14.35
CA UNK B 89 56.54 16.77 15.77
C UNK B 89 55.73 18.07 15.75
N UNK B 90 54.61 18.07 16.45
CA UNK B 90 53.72 19.21 16.49
C UNK B 90 54.30 20.51 17.08
N UNK B 91 54.97 20.40 18.23
CA UNK B 91 55.53 21.56 18.92
C UNK B 91 56.42 22.46 18.03
N UNK B 92 57.28 21.86 17.23
CA UNK B 92 58.16 22.65 16.38
C UNK B 92 58.04 22.33 14.89
N UNK B 93 57.04 21.54 14.55
CA UNK B 93 56.83 21.16 13.17
C UNK B 93 57.95 20.40 12.47
N UNK B 94 58.87 19.82 13.24
CA UNK B 94 59.98 19.08 12.63
C UNK B 94 59.60 17.71 12.08
N UNK B 95 60.24 17.34 10.97
CA UNK B 95 60.01 16.06 10.32
C UNK B 95 60.70 14.93 11.09
N UNK B 96 59.89 14.03 11.63
CA UNK B 96 60.36 12.89 12.39
C UNK B 96 60.64 11.71 11.49
N UNK B 97 59.77 11.50 10.49
CA UNK B 97 59.97 10.39 9.57
C UNK B 97 59.12 10.46 8.31
N UNK B 98 59.68 10.04 7.19
CA UNK B 98 58.94 9.99 5.94
C UNK B 98 59.00 8.52 5.55
N UNK B 99 57.83 7.88 5.50
CA UNK B 99 57.74 6.46 5.20
C UNK B 99 57.27 6.18 3.78
N UNK B 100 58.01 5.30 3.12
CA UNK B 100 57.69 4.94 1.75
C UNK B 100 57.99 3.46 1.54
N UNK B 101 57.08 2.75 0.90
CA UNK B 101 57.28 1.32 0.65
C UNK B 101 58.12 1.13 -0.60
N UNK B 102 49.69 1.11 -12.62
CA UNK B 102 49.54 2.08 -11.54
C UNK B 102 50.88 2.40 -10.89
N UNK B 103 51.77 3.02 -11.67
CA UNK B 103 53.10 3.38 -11.18
C UNK B 103 53.00 4.37 -10.03
N UNK B 104 52.09 5.34 -10.16
CA UNK B 104 51.90 6.35 -9.13
C UNK B 104 51.40 5.75 -7.82
N UNK B 105 51.89 6.26 -6.71
CA UNK B 105 51.50 5.76 -5.40
C UNK B 105 50.26 6.50 -4.87
N UNK B 106 49.41 5.77 -4.16
CA UNK B 106 48.20 6.35 -3.61
C UNK B 106 48.10 6.16 -2.10
N UNK B 107 47.93 7.27 -1.39
CA UNK B 107 47.67 7.24 0.04
C UNK B 107 46.36 7.98 0.30
N UNK B 108 45.47 7.36 1.05
CA UNK B 108 44.17 8.00 1.32
C UNK B 108 43.83 8.21 2.79
N UNK B 109 44.31 7.32 3.65
CA UNK B 109 44.03 7.48 5.07
C UNK B 109 45.16 7.01 5.95
N UNK B 110 45.32 7.70 7.08
CA UNK B 110 46.34 7.34 8.03
C UNK B 110 45.74 7.36 9.44
N UNK B 111 46.31 6.59 10.34
CA UNK B 111 45.84 6.61 11.72
C UNK B 111 46.88 6.03 12.65
N UNK B 112 47.13 6.73 13.76
CA UNK B 112 48.08 6.25 14.75
C UNK B 112 47.36 5.24 15.62
N UNK B 113 48.11 4.27 16.16
CA UNK B 113 47.55 3.29 17.09
C UNK B 113 47.42 4.10 18.40
N UNK B 114 46.55 3.68 19.33
CA UNK B 114 46.38 4.40 20.60
C UNK B 114 47.66 4.75 21.36
N UNK B 115 48.64 3.86 21.35
CA UNK B 115 49.89 4.13 22.07
C UNK B 115 50.93 4.90 21.28
N UNK B 116 50.56 5.33 20.07
CA UNK B 116 51.46 6.11 19.23
C UNK B 116 52.69 5.42 18.65
N UNK B 117 52.78 4.10 18.77
CA UNK B 117 53.97 3.43 18.26
C UNK B 117 53.79 3.01 16.79
N UNK B 118 52.55 2.77 16.41
CA UNK B 118 52.28 2.32 15.04
C UNK B 118 51.43 3.29 14.24
N UNK B 119 51.60 3.22 12.92
CA UNK B 119 50.84 4.06 12.00
C UNK B 119 50.23 3.18 10.91
N UNK B 120 48.92 3.19 10.80
CA UNK B 120 48.25 2.42 9.77
C UNK B 120 47.97 3.32 8.59
N UNK B 121 48.21 2.82 7.37
CA UNK B 121 47.96 3.58 6.16
C UNK B 121 47.12 2.76 5.18
N UNK B 122 46.26 3.45 4.45
CA UNK B 122 45.41 2.83 3.46
C UNK B 122 45.75 3.47 2.12
N UNK B 123 46.15 2.67 1.14
CA UNK B 123 46.52 3.22 -0.16
C UNK B 123 45.65 2.70 -1.29
N UNK B 124 45.89 3.23 -2.49
CA UNK B 124 45.12 2.85 -3.67
C UNK B 124 45.47 1.47 -4.24
N UNK B 125 46.51 0.86 -3.68
CA UNK B 125 46.88 -0.48 -4.14
C UNK B 125 46.05 -1.51 -3.36
N UNK B 126 45.04 -1.03 -2.63
CA UNK B 126 44.14 -1.89 -1.87
C UNK B 126 44.77 -2.54 -0.64
N UNK B 127 45.95 -2.07 -0.27
CA UNK B 127 46.61 -2.62 0.90
C UNK B 127 46.57 -1.70 2.12
N UNK B 128 46.56 -2.30 3.30
CA UNK B 128 46.61 -1.56 4.55
C UNK B 128 47.96 -1.96 5.14
N UNK B 129 48.82 -0.97 5.35
CA UNK B 129 50.13 -1.21 5.92
C UNK B 129 50.21 -0.65 7.34
N UNK B 130 50.82 -1.42 8.24
CA UNK B 130 50.99 -0.98 9.61
C UNK B 130 52.48 -0.73 9.79
N UNK B 131 52.84 0.52 10.04
CA UNK B 131 54.25 0.88 10.22
C UNK B 131 54.68 1.03 11.65
N UNK B 132 55.88 0.54 11.93
CA UNK B 132 56.52 0.67 13.23
C UNK B 132 57.25 1.98 13.01
N UNK B 133 56.79 3.06 13.65
CA UNK B 133 57.38 4.36 13.43
C UNK B 133 58.85 4.45 13.87
N UNK B 134 59.11 3.99 15.09
CA UNK B 134 60.43 3.98 15.69
C UNK B 134 61.45 3.37 14.72
N UNK B 135 61.18 2.13 14.31
CA UNK B 135 62.10 1.43 13.42
C UNK B 135 61.84 1.58 11.93
N UNK B 136 60.93 2.48 11.57
CA UNK B 136 60.59 2.74 10.16
C UNK B 136 60.50 1.48 9.30
N UNK B 137 59.70 0.51 9.75
CA UNK B 137 59.54 -0.73 9.02
C UNK B 137 58.09 -1.21 9.06
N UNK B 138 57.64 -1.82 7.96
CA UNK B 138 56.27 -2.34 7.91
C UNK B 138 56.24 -3.65 8.70
N UNK B 139 55.37 -3.73 9.70
CA UNK B 139 55.30 -4.95 10.51
C UNK B 139 54.10 -5.84 10.16
N UNK B 140 53.19 -5.34 9.34
CA UNK B 140 52.03 -6.12 8.96
C UNK B 140 51.30 -5.52 7.76
N UNK B 141 50.84 -6.38 6.87
CA UNK B 141 50.11 -5.94 5.69
C UNK B 141 48.76 -6.63 5.69
N UNK B 142 47.69 -5.86 5.60
CA UNK B 142 46.34 -6.40 5.59
C UNK B 142 45.79 -6.39 4.16
N UNK B 143 45.45 -7.57 3.65
CA UNK B 143 45.01 -7.69 2.27
C UNK B 143 43.59 -8.27 2.16
N UNK B 144 42.90 -7.92 1.08
CA UNK B 144 41.52 -8.36 0.89
C UNK B 144 40.63 -7.36 0.20
N UNK B 145 40.82 -6.07 0.47
CA UNK B 145 39.98 -5.04 -0.12
C UNK B 145 40.12 -5.01 -1.64
N UNK B 146 39.00 -4.88 -2.33
CA UNK B 146 38.98 -4.91 -3.80
C UNK B 146 39.08 -3.54 -4.47
N UNK B 147 39.12 -2.48 -3.67
CA UNK B 147 39.14 -1.13 -4.23
C UNK B 147 39.86 -0.23 -3.25
N UNK B 148 40.04 1.02 -3.63
CA UNK B 148 40.74 1.99 -2.78
C UNK B 148 40.22 2.00 -1.35
N UNK B 149 41.14 2.12 -0.41
CA UNK B 149 40.80 2.22 1.00
C UNK B 149 40.71 3.72 1.30
N UNK B 150 39.50 4.20 1.58
CA UNK B 150 39.28 5.62 1.86
C UNK B 150 39.38 6.04 3.32
N UNK B 151 39.27 5.11 4.25
CA UNK B 151 39.28 5.47 5.65
C UNK B 151 39.65 4.30 6.57
N UNK B 152 40.34 4.64 7.66
CA UNK B 152 40.79 3.69 8.66
C UNK B 152 40.64 4.36 10.01
N UNK B 153 40.46 3.53 11.04
CA UNK B 153 40.37 4.02 12.41
C UNK B 153 40.66 2.86 13.36
N UNK B 154 41.47 3.10 14.38
CA UNK B 154 41.80 2.07 15.35
C UNK B 154 40.74 1.97 16.45
N UNK B 155 40.61 0.78 17.02
CA UNK B 155 39.72 0.58 18.14
C UNK B 155 40.57 1.05 19.33
N UNK B 156 39.92 1.62 20.37
CA UNK B 156 40.65 2.11 21.55
C UNK B 156 41.60 1.09 22.17
N UNK B 157 41.23 -0.19 22.08
CA UNK B 157 42.03 -1.26 22.67
C UNK B 157 43.33 -1.52 21.92
N UNK B 158 43.45 -1.00 20.71
CA UNK B 158 44.66 -1.19 19.93
C UNK B 158 44.88 -2.53 19.25
N UNK B 159 43.98 -3.48 19.41
CA UNK B 159 44.18 -4.78 18.76
C UNK B 159 43.26 -5.03 17.56
N UNK B 160 42.47 -4.03 17.20
CA UNK B 160 41.57 -4.14 16.05
C UNK B 160 41.58 -2.85 15.25
N UNK B 161 41.28 -2.99 13.96
CA UNK B 161 41.27 -1.86 13.06
C UNK B 161 40.06 -1.95 12.14
N UNK B 162 39.44 -0.83 11.86
CA UNK B 162 38.31 -0.85 10.94
C UNK B 162 38.69 -0.03 9.69
N UNK B 163 38.26 -0.51 8.53
CA UNK B 163 38.56 0.14 7.27
C UNK B 163 37.30 0.28 6.40
N UNK B 164 37.29 1.31 5.56
CA UNK B 164 36.18 1.59 4.66
C UNK B 164 36.72 1.66 3.23
N UNK B 165 36.03 1.05 2.28
CA UNK B 165 36.50 1.02 0.91
C UNK B 165 35.44 1.23 -0.18
N UNK B 166 35.95 1.57 -1.37
CA UNK B 166 35.10 1.78 -2.53
C UNK B 166 34.52 0.44 -2.96
N UNK B 167 35.00 -0.66 -2.37
CA UNK B 167 34.46 -1.97 -2.74
C UNK B 167 33.16 -2.23 -1.98
N UNK B 168 32.61 -1.17 -1.38
CA UNK B 168 31.34 -1.29 -0.65
C UNK B 168 31.36 -2.09 0.66
N UNK B 169 32.53 -2.23 1.27
CA UNK B 169 32.59 -2.96 2.54
C UNK B 169 33.27 -2.18 3.65
N UNK B 170 32.97 -2.58 4.87
CA UNK B 170 33.58 -2.04 6.07
C UNK B 170 34.16 -3.31 6.67
N UNK B 171 35.43 -3.30 6.98
CA UNK B 171 36.03 -4.49 7.55
C UNK B 171 36.71 -4.25 8.88
N UNK B 172 36.61 -5.24 9.75
CA UNK B 172 37.23 -5.18 11.06
C UNK B 172 38.37 -6.20 11.02
N UNK B 173 39.57 -5.72 11.32
CA UNK B 173 40.75 -6.56 11.30
C UNK B 173 41.30 -6.85 12.68
N UNK B 174 41.65 -8.12 12.91
CA UNK B 174 42.23 -8.53 14.17
C UNK B 174 43.74 -8.35 14.04
N UNK B 175 44.30 -7.36 14.71
CA UNK B 175 45.74 -7.12 14.59
C UNK B 175 46.58 -8.17 15.33
N UNK B 176 45.93 -8.99 16.15
CA UNK B 176 46.65 -10.03 16.87
C UNK B 176 46.88 -11.19 15.91
N UNK B 177 45.87 -11.49 15.08
CA UNK B 177 45.94 -12.58 14.12
C UNK B 177 46.10 -12.13 12.67
N UNK B 178 46.26 -10.82 12.47
CA UNK B 178 46.45 -10.28 11.15
C UNK B 178 45.39 -10.68 10.13
N UNK B 179 44.23 -11.11 10.60
CA UNK B 179 43.16 -11.53 9.71
C UNK B 179 41.92 -10.65 9.79
N UNK B 180 41.11 -10.70 8.73
CA UNK B 180 39.87 -9.95 8.66
C UNK B 180 38.85 -10.71 9.50
N UNK B 181 38.43 -10.13 10.62
CA UNK B 181 37.47 -10.77 11.52
C UNK B 181 36.02 -10.59 11.11
N UNK B 182 35.69 -9.49 10.44
CA UNK B 182 34.32 -9.26 10.03
C UNK B 182 34.22 -8.38 8.80
N UNK B 183 33.27 -8.71 7.94
CA UNK B 183 33.04 -7.96 6.71
C UNK B 183 31.58 -7.53 6.63
N UNK B 184 31.37 -6.22 6.60
CA UNK B 184 30.02 -5.67 6.49
C UNK B 184 29.89 -5.14 5.07
N UNK B 185 28.85 -5.59 4.38
CA UNK B 185 28.62 -5.17 2.99
C UNK B 185 27.42 -4.26 2.86
N UNK B 186 27.54 -3.17 2.12
CA UNK B 186 26.41 -2.30 1.90
C UNK B 186 26.27 -2.14 0.39
N UNK B 187 25.33 -1.29 -0.04
CA UNK B 187 25.06 -1.12 -1.47
C UNK B 187 25.99 -0.22 -2.28
N UNK B 188 26.58 0.77 -1.63
CA UNK B 188 27.45 1.70 -2.32
C UNK B 188 28.79 1.86 -1.60
N UNK B 189 29.67 2.63 -2.22
CA UNK B 189 30.99 2.85 -1.65
C UNK B 189 31.02 3.50 -0.27
N UNK B 190 32.00 3.09 0.52
CA UNK B 190 32.19 3.60 1.87
C UNK B 190 33.31 4.63 1.80
N UNK B 191 33.02 5.84 2.25
CA UNK B 191 33.98 6.93 2.20
C UNK B 191 34.65 7.30 3.51
N UNK B 192 34.07 6.87 4.62
CA UNK B 192 34.57 7.25 5.92
C UNK B 192 34.06 6.28 6.99
N UNK B 193 34.89 6.01 7.99
CA UNK B 193 34.53 5.12 9.09
C UNK B 193 35.02 5.72 10.39
N UNK B 194 34.36 5.38 11.48
CA UNK B 194 34.74 5.89 12.79
C UNK B 194 34.42 4.89 13.89
N UNK B 195 35.25 4.86 14.93
CA UNK B 195 35.01 3.95 16.06
C UNK B 195 34.52 4.84 17.23
N UNK B 196 33.49 4.40 17.95
CA UNK B 196 33.01 5.19 19.08
C UNK B 196 34.12 5.23 20.12
N UNK B 197 34.27 6.36 20.82
CA UNK B 197 35.31 6.49 21.85
C UNK B 197 35.07 5.64 23.09
N UNK B 198 36.16 5.43 23.86
CA UNK B 198 36.07 4.67 25.09
C UNK B 198 36.15 3.16 24.93
N UNK B 199 35.01 2.52 24.73
CA UNK B 199 34.98 1.08 24.59
C UNK B 199 34.95 0.59 23.14
N UNK B 200 34.65 1.49 22.20
CA UNK B 200 34.59 1.11 20.79
C UNK B 200 33.43 0.16 20.53
N UNK B 201 32.32 0.39 21.21
CA UNK B 201 31.15 -0.48 21.07
C UNK B 201 30.46 -0.29 19.71
N UNK B 202 30.59 0.89 19.14
CA UNK B 202 29.95 1.14 17.85
C UNK B 202 30.87 1.63 16.73
N UNK B 203 30.50 1.27 15.51
CA UNK B 203 31.24 1.71 14.35
C UNK B 203 30.26 2.44 13.47
N UNK B 204 30.68 3.57 12.93
CA UNK B 204 29.83 4.33 12.04
C UNK B 204 30.54 4.40 10.68
N UNK B 205 29.76 4.51 9.62
CA UNK B 205 30.31 4.62 8.28
C UNK B 205 29.44 5.56 7.46
N UNK B 206 30.10 6.41 6.67
CA UNK B 206 29.40 7.33 5.81
C UNK B 206 29.43 6.65 4.45
N UNK B 207 28.41 6.87 3.63
CA UNK B 207 28.37 6.20 2.36
C UNK B 207 27.97 7.09 1.18
N UNK B 208 28.38 6.68 -0.02
CA UNK B 208 28.04 7.41 -1.24
C UNK B 208 26.52 7.49 -1.44
N UNK B 209 25.79 6.56 -0.81
CA UNK B 209 24.32 6.54 -0.93
C UNK B 209 23.58 7.50 0.02
N UNK B 210 24.27 8.52 0.53
CA UNK B 210 23.64 9.52 1.39
C UNK B 210 23.32 9.13 2.82
N UNK B 211 23.63 7.91 3.21
CA UNK B 211 23.31 7.48 4.57
C UNK B 211 24.51 7.35 5.50
N UNK B 212 24.22 7.31 6.79
CA UNK B 212 25.23 7.09 7.80
C UNK B 212 24.72 5.86 8.52
N UNK B 213 25.55 4.84 8.64
CA UNK B 213 25.15 3.62 9.33
C UNK B 213 25.98 3.41 10.59
N UNK B 214 25.34 2.83 11.61
CA UNK B 214 26.02 2.54 12.87
C UNK B 214 25.79 1.06 13.20
N UNK B 215 26.88 0.34 13.42
CA UNK B 215 26.81 -1.08 13.75
C UNK B 215 27.36 -1.34 15.15
N UNK B 216 26.83 -2.39 15.78
CA UNK B 216 27.32 -2.84 17.07
C UNK B 216 28.60 -3.57 16.65
N UNK B 217 29.76 -3.10 17.11
CA UNK B 217 31.01 -3.70 16.66
C UNK B 217 31.26 -5.19 16.93
N UNK B 218 30.70 -5.75 18.00
CA UNK B 218 30.92 -7.17 18.30
C UNK B 218 30.05 -8.12 17.49
N UNK B 219 28.80 -7.72 17.24
CA UNK B 219 27.86 -8.55 16.51
C UNK B 219 27.75 -8.26 15.02
N UNK B 220 28.06 -7.04 14.61
CA UNK B 220 27.96 -6.70 13.21
C UNK B 220 26.53 -6.34 12.85
N UNK B 221 25.65 -6.27 13.83
CA UNK B 221 24.27 -5.91 13.58
C UNK B 221 24.14 -4.39 13.41
N UNK B 222 23.35 -4.00 12.42
CA UNK B 222 23.12 -2.60 12.12
C UNK B 222 22.21 -2.09 13.21
N UNK B 223 22.65 -1.09 13.95
CA UNK B 223 21.84 -0.57 15.03
C UNK B 223 21.06 0.68 14.63
N UNK B 224 21.61 1.43 13.69
CA UNK B 224 20.98 2.67 13.25
C UNK B 224 21.35 3.01 11.81
N UNK B 225 20.39 3.56 11.08
CA UNK B 225 20.60 3.97 9.70
C UNK B 225 20.00 5.35 9.51
N UNK B 226 20.86 6.37 9.39
CA UNK B 226 20.41 7.74 9.24
C UNK B 226 20.31 8.19 7.76
N UNK B 227 19.11 8.27 7.19
CA UNK B 227 18.98 8.73 5.80
C UNK B 227 17.56 9.03 5.36
N UNK B 228 15.28 15.26 6.85
CA UNK B 228 16.48 15.78 7.50
C UNK B 228 17.76 15.03 7.10
N UNK B 229 17.64 14.04 6.22
CA UNK B 229 18.81 13.30 5.79
C UNK B 229 19.60 14.07 4.75
N UNK B 230 20.85 13.66 4.52
CA UNK B 230 21.69 14.33 3.52
C UNK B 230 21.10 14.18 2.12
N UNK B 231 21.35 15.18 1.27
CA UNK B 231 20.82 15.16 -0.09
C UNK B 231 21.84 14.68 -1.11
N UNK B 232 23.05 14.39 -0.65
CA UNK B 232 24.10 13.89 -1.51
C UNK B 232 25.05 13.05 -0.67
N UNK B 233 26.05 12.46 -1.32
CA UNK B 233 27.01 11.60 -0.65
C UNK B 233 27.67 12.13 0.61
N UNK B 234 27.84 11.25 1.59
CA UNK B 234 28.48 11.61 2.83
C UNK B 234 29.96 11.32 2.68
N UNK B 235 30.81 12.26 3.06
CA UNK B 235 32.26 12.08 2.92
C UNK B 235 33.07 12.01 4.22
N UNK B 236 32.44 12.35 5.34
CA UNK B 236 33.12 12.31 6.63
C UNK B 236 32.14 12.12 7.79
N UNK B 237 32.56 11.35 8.78
CA UNK B 237 31.77 11.11 9.97
C UNK B 237 32.74 10.88 11.13
N UNK B 238 32.34 11.34 12.32
CA UNK B 238 33.11 11.13 13.54
C UNK B 238 32.09 11.07 14.65
N UNK B 239 32.45 10.47 15.78
CA UNK B 239 31.55 10.44 16.91
C UNK B 239 31.91 11.68 17.72
N UNK B 240 30.99 12.17 18.53
CA UNK B 240 31.28 13.30 19.39
C UNK B 240 32.11 12.61 20.47
N UNK B 241 32.94 13.36 21.19
CA UNK B 241 33.79 12.75 22.21
C UNK B 241 33.05 12.09 23.37
N UNK B 242 31.78 12.40 23.55
CA UNK B 242 31.01 11.78 24.63
C UNK B 242 30.40 10.47 24.12
N UNK B 243 30.66 10.17 22.85
CA UNK B 243 30.15 8.95 22.24
C UNK B 243 28.64 8.89 22.06
N UNK B 244 27.95 9.99 22.32
CA UNK B 244 26.49 10.05 22.22
C UNK B 244 25.93 10.44 20.85
N UNK B 245 26.74 11.11 20.04
CA UNK B 245 26.25 11.53 18.72
C UNK B 245 27.26 11.29 17.59
N UNK B 246 26.76 11.50 16.38
CA UNK B 246 27.58 11.36 15.18
C UNK B 246 27.48 12.67 14.42
N UNK B 247 28.58 13.08 13.82
CA UNK B 247 28.61 14.33 13.05
C UNK B 247 29.00 13.89 11.64
N UNK B 248 28.24 14.36 10.66
CA UNK B 248 28.51 13.97 9.29
C UNK B 248 28.64 15.18 8.36
N UNK B 249 29.56 15.05 7.40
CA UNK B 249 29.77 16.09 6.39
C UNK B 249 29.40 15.53 5.03
N UNK B 250 28.72 16.31 4.22
CA UNK B 250 28.28 15.84 2.91
C UNK B 250 28.52 16.79 1.74
N UNK B 251 28.47 16.24 0.52
CA UNK B 251 28.63 17.00 -0.69
C UNK B 251 27.41 17.90 -0.88
N UNK B 252 26.36 17.68 -0.09
CA UNK B 252 25.18 18.54 -0.19
C UNK B 252 25.45 19.89 0.48
N UNK B 253 26.69 20.09 0.89
CA UNK B 253 27.18 21.31 1.52
C UNK B 253 26.80 21.54 2.97
N UNK B 254 26.27 20.51 3.62
CA UNK B 254 25.88 20.65 5.00
C UNK B 254 26.64 19.70 5.91
N UNK B 255 26.61 20.05 7.19
CA UNK B 255 27.18 19.21 8.24
C UNK B 255 25.96 18.85 9.08
N UNK B 256 25.92 17.67 9.68
CA UNK B 256 24.75 17.34 10.51
C UNK B 256 25.15 16.69 11.84
N UNK B 257 24.39 17.01 12.89
CA UNK B 257 24.62 16.43 14.20
C UNK B 257 23.46 15.46 14.41
N UNK B 258 23.79 14.19 14.65
CA UNK B 258 22.77 13.16 14.85
C UNK B 258 22.80 12.62 16.27
N UNK B 259 21.64 12.56 16.91
CA UNK B 259 21.53 12.02 18.27
C UNK B 259 21.23 10.52 18.12
N UNK B 260 22.03 9.68 18.75
CA UNK B 260 21.81 8.24 18.64
C UNK B 260 20.74 7.74 19.61
N UNK B 261 18.06 10.37 14.73
CA UNK B 261 17.38 11.65 14.54
C UNK B 261 18.38 12.82 14.39
N UNK B 262 18.11 13.72 13.44
CA UNK B 262 18.97 14.88 13.17
C UNK B 262 18.63 16.12 14.02
N UNK B 263 19.50 16.43 14.98
CA UNK B 263 19.31 17.56 15.87
C UNK B 263 19.70 18.91 15.25
N UNK B 264 20.83 18.95 14.52
CA UNK B 264 21.27 20.20 13.91
C UNK B 264 21.85 20.03 12.49
N UNK B 265 21.46 20.94 11.60
CA UNK B 265 21.94 20.91 10.22
C UNK B 265 22.68 22.21 9.89
N UNK B 266 23.84 22.09 9.26
CA UNK B 266 24.63 23.26 8.91
C UNK B 266 24.70 23.53 7.40
N UNK B 267 24.32 24.74 7.02
CA UNK B 267 24.33 25.17 5.63
C UNK B 267 25.47 26.14 5.35
N UNK B 268 26.42 26.19 6.29
CA UNK B 268 27.56 27.10 6.20
C UNK B 268 28.50 26.95 5.02
N UNK B 269 28.81 25.72 4.61
CA UNK B 269 29.73 25.53 3.49
C UNK B 269 29.03 25.63 2.14
N UNK B 270 29.48 26.56 1.33
CA UNK B 270 28.93 26.79 0.00
C UNK B 270 29.14 25.62 -0.96
N UNK B 271 30.33 25.03 -0.91
CA UNK B 271 30.66 23.91 -1.77
C UNK B 271 30.73 22.64 -0.93
N UNK B 272 31.14 21.53 -1.55
CA UNK B 272 31.26 20.24 -0.87
C UNK B 272 31.90 20.30 0.52
N UNK B 273 31.30 19.62 1.48
CA UNK B 273 31.89 19.53 2.79
C UNK B 273 32.65 18.20 2.71
N UNK B 274 33.95 18.24 2.97
CA UNK B 274 34.78 17.05 2.86
C UNK B 274 35.31 16.43 4.13
N UNK B 275 35.27 17.17 5.23
CA UNK B 275 35.82 16.66 6.48
C UNK B 275 35.27 17.39 7.69
N UNK B 276 35.02 16.65 8.77
CA UNK B 276 34.51 17.26 9.99
C UNK B 276 35.28 16.71 11.16
N UNK B 277 35.23 17.43 12.29
CA UNK B 277 35.91 17.02 13.52
C UNK B 277 35.26 17.83 14.61
N UNK B 278 35.45 17.44 15.85
CA UNK B 278 34.92 18.21 16.97
C UNK B 278 36.08 18.50 17.92
N UNK B 279 36.02 19.66 18.56
CA UNK B 279 37.04 20.08 19.53
C UNK B 279 36.74 19.40 20.88
N UNK B 280 37.63 19.55 21.87
CA UNK B 280 37.40 18.92 23.18
C UNK B 280 36.10 19.41 23.82
N UNK B 281 35.46 18.52 24.58
CA UNK B 281 34.20 18.85 25.22
C UNK B 281 33.09 19.04 24.18
N UNK B 282 33.46 18.91 22.91
CA UNK B 282 32.51 19.05 21.81
C UNK B 282 31.86 20.43 21.74
N UNK B 283 32.55 21.43 22.26
CA UNK B 283 32.01 22.78 22.21
C UNK B 283 31.88 23.27 20.76
N UNK B 284 32.84 22.95 19.92
CA UNK B 284 32.79 23.39 18.53
C UNK B 284 32.93 22.27 17.51
N UNK B 285 32.38 22.48 16.33
CA UNK B 285 32.50 21.53 15.25
C UNK B 285 33.29 22.26 14.16
N UNK B 286 34.32 21.60 13.62
CA UNK B 286 35.11 22.21 12.55
C UNK B 286 34.83 21.44 11.26
N UNK B 287 34.68 22.16 10.16
CA UNK B 287 34.44 21.51 8.87
C UNK B 287 35.33 22.11 7.79
N UNK B 288 35.84 21.24 6.92
CA UNK B 288 36.70 21.66 5.85
C UNK B 288 35.93 21.46 4.55
N UNK B 289 36.06 22.39 3.63
CA UNK B 289 35.29 22.29 2.42
C UNK B 289 36.06 22.59 1.13
N UNK B 290 35.44 22.23 0.02
CA UNK B 290 36.01 22.47 -1.29
C UNK B 290 35.98 23.98 -1.51
N UNK B 291 35.25 24.72 -0.67
CA UNK B 291 35.24 26.17 -0.83
C UNK B 291 36.53 26.75 -0.25
N UNK B 292 37.49 25.89 0.05
CA UNK B 292 38.80 26.29 0.57
C UNK B 292 38.83 26.81 1.99
N UNK B 293 37.67 26.82 2.65
CA UNK B 293 37.61 27.29 4.01
C UNK B 293 37.37 26.23 5.08
N UNK B 294 37.57 26.66 6.31
CA UNK B 294 37.30 25.82 7.46
C UNK B 294 36.31 26.64 8.27
N UNK B 295 35.16 26.07 8.60
CA UNK B 295 34.19 26.77 9.45
C UNK B 295 34.22 26.23 10.86
N UNK B 296 34.04 27.15 11.81
CA UNK B 296 34.00 26.81 13.24
C UNK B 296 32.53 26.97 13.56
N UNK B 297 31.91 25.93 14.11
CA UNK B 297 30.50 26.03 14.42
C UNK B 297 30.27 25.85 15.92
N UNK B 298 29.36 26.64 16.46
CA UNK B 298 28.97 26.49 17.85
C UNK B 298 28.04 25.27 17.74
N UNK B 299 28.47 24.14 18.28
CA UNK B 299 27.70 22.90 18.17
C UNK B 299 26.23 22.99 18.57
N UNK B 300 25.97 23.61 19.71
CA UNK B 300 24.61 23.73 20.23
C UNK B 300 23.63 24.57 19.40
N UNK B 301 24.02 25.78 19.02
CA UNK B 301 23.11 26.64 18.26
C UNK B 301 23.14 26.45 16.75
N UNK B 302 24.24 25.95 16.23
CA UNK B 302 24.34 25.76 14.78
C UNK B 302 24.86 27.01 14.08
N UNK B 303 25.13 28.07 14.84
CA UNK B 303 25.66 29.30 14.26
C UNK B 303 27.13 29.19 13.86
N UNK B 304 27.47 29.68 12.67
CA UNK B 304 28.89 29.59 12.29
C UNK B 304 29.59 30.74 13.03
N UNK B 305 30.71 30.47 13.69
CA UNK B 305 31.43 31.52 14.43
C UNK B 305 32.44 32.28 13.56
N UNK B 306 33.17 31.54 12.71
CA UNK B 306 34.17 32.19 11.85
C UNK B 306 34.62 31.28 10.74
N UNK B 307 34.97 31.89 9.61
CA UNK B 307 35.47 31.12 8.49
C UNK B 307 36.94 31.40 8.30
N UNK B 308 37.73 30.33 8.31
CA UNK B 308 39.15 30.48 8.10
C UNK B 308 39.51 30.13 6.68
N UNK B 309 40.04 31.10 5.94
CA UNK B 309 40.48 30.85 4.56
C UNK B 309 42.01 30.77 4.64
N UNK B 310 42.55 29.56 4.75
CA UNK B 310 43.99 29.43 4.86
C UNK B 310 44.66 28.53 3.87
N UNK B 311 44.00 28.30 2.74
CA UNK B 311 44.55 27.43 1.71
C UNK B 311 44.14 27.96 0.34
N UNK B 312 44.88 27.59 -0.71
CA UNK B 312 44.54 28.07 -2.05
C UNK B 312 43.74 27.06 -2.83
N UNK B 313 43.31 26.01 -2.15
CA UNK B 313 42.51 24.97 -2.77
C UNK B 313 41.69 24.25 -1.68
N UNK B 314 40.98 23.20 -2.11
CA UNK B 314 40.13 22.41 -1.22
C UNK B 314 40.74 21.91 0.10
N UNK B 315 39.99 22.09 1.18
CA UNK B 315 40.46 21.60 2.47
C UNK B 315 39.88 20.18 2.46
N UNK B 316 40.75 19.21 2.25
CA UNK B 316 40.36 17.82 2.13
C UNK B 316 40.22 17.07 3.45
N UNK B 317 40.99 17.49 4.44
CA UNK B 317 40.99 16.82 5.72
C UNK B 317 41.23 17.82 6.86
N UNK B 318 40.51 17.58 7.95
CA UNK B 318 40.62 18.39 9.15
C UNK B 318 40.76 17.45 10.34
N UNK B 319 41.69 17.76 11.23
CA UNK B 319 41.90 16.95 12.41
C UNK B 319 42.08 17.86 13.61
N UNK B 320 41.64 17.38 14.77
CA UNK B 320 41.77 18.13 16.01
C UNK B 320 42.66 17.34 16.95
N UNK B 321 43.50 18.04 17.69
CA UNK B 321 44.41 17.38 18.61
C UNK B 321 43.88 17.26 20.02
N UNK B 322 44.33 16.22 20.70
CA UNK B 322 43.97 16.05 22.11
C UNK B 322 45.12 16.70 22.88
N UNK B 323 45.05 16.69 24.19
CA UNK B 323 46.11 17.30 24.99
C UNK B 323 46.33 18.77 24.68
N UNK B 324 47.59 19.21 24.79
CA UNK B 324 47.95 20.59 24.53
C UNK B 324 49.46 20.70 24.37
N UNK B 325 49.96 20.29 23.22
CA UNK B 325 51.40 20.32 22.96
C UNK B 325 51.96 21.74 22.85
N UNK B 326 51.11 22.72 22.55
CA UNK B 326 51.60 24.09 22.44
C UNK B 326 51.31 24.95 23.67
N UNK B 327 51.06 24.30 24.80
CA UNK B 327 50.77 25.04 26.02
C UNK B 327 49.33 24.86 26.41
N UNK B 328 48.97 25.15 27.67
CA UNK B 328 47.60 25.03 28.17
C UNK B 328 46.66 26.13 27.64
N UNK B 329 47.25 27.13 27.00
CA UNK B 329 46.48 28.25 26.47
C UNK B 329 46.04 28.05 25.02
N UNK B 330 46.43 26.92 24.42
CA UNK B 330 46.07 26.70 23.04
C UNK B 330 45.42 25.36 22.71
N UNK B 331 44.58 25.40 21.70
CA UNK B 331 43.96 24.20 21.18
C UNK B 331 44.54 24.12 19.78
N UNK B 332 44.86 22.90 19.38
CA UNK B 332 45.47 22.66 18.09
C UNK B 332 44.60 21.83 17.13
N UNK B 333 44.59 22.23 15.88
CA UNK B 333 43.89 21.49 14.84
C UNK B 333 44.76 21.60 13.59
N UNK B 334 44.52 20.73 12.61
CA UNK B 334 45.32 20.74 11.41
C UNK B 334 44.47 20.53 10.18
N UNK B 335 44.96 21.03 9.05
CA UNK B 335 44.27 20.91 7.77
C UNK B 335 45.20 20.36 6.68
N UNK B 336 44.63 19.55 5.79
CA UNK B 336 45.37 18.98 4.68
C UNK B 336 44.64 19.53 3.47
N UNK B 337 45.38 20.05 2.49
CA UNK B 337 44.73 20.64 1.33
C UNK B 337 45.22 20.16 -0.04
N UNK B 338 44.42 20.49 -1.04
CA UNK B 338 44.73 20.17 -2.41
C UNK B 338 45.78 21.17 -2.88
N UNK B 339 46.11 22.14 -2.04
CA UNK B 339 47.15 23.08 -2.47
C UNK B 339 48.53 22.53 -2.09
N UNK B 340 48.57 21.27 -1.68
CA UNK B 340 49.79 20.56 -1.32
C UNK B 340 50.46 21.00 0.00
N UNK B 341 49.69 21.66 0.85
CA UNK B 341 50.24 22.06 2.15
C UNK B 341 49.39 21.50 3.29
N UNK B 342 50.05 21.18 4.39
CA UNK B 342 49.36 20.71 5.58
C UNK B 342 49.71 21.79 6.60
N UNK B 343 48.72 22.34 7.26
CA UNK B 343 49.01 23.38 8.24
C UNK B 343 48.52 23.03 9.64
N UNK B 344 49.30 23.46 10.62
CA UNK B 344 48.97 23.26 12.02
C UNK B 344 48.53 24.63 12.52
N UNK B 345 47.33 24.69 13.10
CA UNK B 345 46.76 25.93 13.60
C UNK B 345 46.57 25.84 15.08
N UNK B 346 46.67 26.99 15.74
CA UNK B 346 46.46 27.10 17.19
C UNK B 346 45.40 28.19 17.38
N UNK B 347 44.48 27.99 18.32
CA UNK B 347 43.44 28.95 18.57
C UNK B 347 43.18 29.10 20.06
N UNK B 348 42.68 30.27 20.46
CA UNK B 348 42.40 30.54 21.87
C UNK B 348 41.26 31.54 22.03
N UNK B 349 40.75 31.66 23.26
CA UNK B 349 39.68 32.60 23.56
C UNK B 349 40.26 33.96 23.96
N UNK B 350 39.73 35.03 23.37
CA UNK B 350 40.19 36.38 23.66
C UNK B 350 39.07 37.17 24.37
N UNK C 1 21.46 64.56 -24.87
CA UNK C 1 20.76 63.86 -23.76
C UNK C 1 20.11 62.56 -24.23
N UNK C 2 20.28 61.52 -23.43
CA UNK C 2 19.77 60.19 -23.74
C UNK C 2 18.28 60.06 -23.97
N UNK C 3 17.93 59.27 -24.98
CA UNK C 3 16.55 58.97 -25.33
C UNK C 3 16.52 57.52 -25.71
N UNK C 4 15.40 56.85 -25.47
CA UNK C 4 15.29 55.44 -25.82
C UNK C 4 15.06 55.30 -27.32
N UNK C 5 15.95 54.58 -28.01
CA UNK C 5 15.83 54.36 -29.46
C UNK C 5 14.58 53.51 -29.69
N UNK C 6 13.74 53.90 -30.65
CA UNK C 6 12.52 53.14 -30.90
C UNK C 6 12.75 51.66 -31.17
N UNK C 7 13.99 51.31 -31.52
CA UNK C 7 14.37 49.94 -31.80
C UNK C 7 14.75 49.14 -30.57
N UNK C 8 14.93 49.82 -29.43
CA UNK C 8 15.30 49.14 -28.20
C UNK C 8 14.26 49.29 -27.08
N UNK C 9 13.05 49.67 -27.46
CA UNK C 9 11.98 49.83 -26.49
C UNK C 9 11.74 48.58 -25.64
N UNK C 10 11.62 47.43 -26.29
CA UNK C 10 11.39 46.15 -25.60
C UNK C 10 12.63 45.67 -24.86
N UNK C 11 13.80 46.14 -25.30
CA UNK C 11 15.07 45.74 -24.72
C UNK C 11 15.13 45.90 -23.20
N UNK C 12 15.32 44.78 -22.52
CA UNK C 12 15.37 44.79 -21.06
C UNK C 12 16.69 45.33 -20.50
N UNK C 13 17.78 45.20 -21.26
CA UNK C 13 19.06 45.64 -20.75
C UNK C 13 19.59 47.02 -21.15
N UNK C 14 18.72 47.99 -21.35
CA UNK C 14 19.23 49.31 -21.65
C UNK C 14 19.65 49.99 -20.35
N UNK C 15 20.43 51.07 -20.43
CA UNK C 15 20.91 51.79 -19.25
C UNK C 15 19.90 52.73 -18.61
N UNK C 16 20.19 53.08 -17.35
CA UNK C 16 19.37 54.02 -16.60
C UNK C 16 19.66 55.39 -17.20
N UNK C 17 18.62 56.19 -17.51
CA UNK C 17 18.93 57.50 -18.08
C UNK C 17 19.79 58.29 -17.07
N UNK C 18 20.84 58.97 -17.56
CA UNK C 18 21.74 59.76 -16.72
C UNK C 18 21.08 60.71 -15.71
N UNK C 19 19.95 61.31 -16.08
CA UNK C 19 19.29 62.23 -15.17
C UNK C 19 18.62 61.52 -13.99
N UNK C 20 18.55 60.20 -14.04
CA UNK C 20 17.96 59.42 -12.97
C UNK C 20 19.00 58.67 -12.16
N UNK C 21 20.25 58.68 -12.61
CA UNK C 21 21.32 57.96 -11.92
C UNK C 21 21.59 58.54 -10.53
N UNK C 22 21.32 59.83 -10.36
CA UNK C 22 21.51 60.48 -9.06
C UNK C 22 20.25 61.28 -8.71
N UNK C 23 19.47 60.77 -7.76
CA UNK C 23 18.23 61.41 -7.35
C UNK C 23 18.44 62.67 -6.53
N UNK C 24 19.69 63.06 -6.30
CA UNK C 24 19.99 64.25 -5.53
C UNK C 24 19.45 65.52 -6.19
N UNK C 25 18.56 66.22 -5.50
CA UNK C 25 17.95 67.44 -6.04
C UNK C 25 18.82 68.68 -5.85
N UNK C 26 19.87 68.60 -5.05
CA UNK C 26 20.78 69.74 -4.93
C UNK C 26 21.51 70.08 -6.23
N UNK C 27 21.98 69.04 -6.93
CA UNK C 27 22.80 69.19 -8.13
C UNK C 27 22.17 69.84 -9.37
N UNK C 28 20.93 69.47 -9.67
CA UNK C 28 20.29 69.82 -10.95
C UNK C 28 19.99 71.31 -11.15
N UNK C 29 20.12 71.77 -12.39
CA UNK C 29 19.71 73.13 -12.75
C UNK C 29 18.28 73.47 -12.32
N UNK C 30 18.07 74.74 -11.93
CA UNK C 30 16.76 75.19 -11.50
C UNK C 30 15.74 75.05 -12.62
N UNK C 31 16.24 74.87 -13.84
CA UNK C 31 15.35 74.74 -15.01
C UNK C 31 14.89 73.29 -15.23
N UNK C 32 15.59 72.35 -14.61
CA UNK C 32 15.25 70.94 -14.74
C UNK C 32 14.60 70.36 -13.49
N UNK C 33 14.24 71.20 -12.52
CA UNK C 33 13.62 70.68 -11.32
C UNK C 33 12.64 71.63 -10.65
N UNK C 34 11.63 71.05 -10.00
CA UNK C 34 10.62 71.82 -9.29
C UNK C 34 10.70 71.35 -7.84
N UNK C 35 11.02 72.27 -6.95
CA UNK C 35 11.16 71.92 -5.54
C UNK C 35 10.26 72.78 -4.65
N UNK C 36 9.68 72.13 -3.63
CA UNK C 36 8.85 72.80 -2.65
C UNK C 36 9.28 72.10 -1.37
N UNK C 37 8.76 72.53 -0.24
CA UNK C 37 9.16 71.90 1.01
C UNK C 37 8.59 70.50 1.12
N UNK C 38 7.54 70.20 0.37
CA UNK C 38 6.90 68.88 0.45
C UNK C 38 7.31 67.85 -0.56
N UNK C 39 7.94 68.26 -1.67
CA UNK C 39 8.33 67.33 -2.73
C UNK C 39 9.13 68.03 -3.82
N UNK C 40 9.81 67.24 -4.63
CA UNK C 40 10.54 67.82 -5.73
C UNK C 40 10.40 66.91 -6.96
N UNK C 41 10.52 67.53 -8.14
CA UNK C 41 10.39 66.80 -9.36
C UNK C 41 11.63 66.99 -10.20
N UNK C 42 12.07 65.92 -10.85
CA UNK C 42 13.23 65.96 -11.74
C UNK C 42 12.62 65.76 -13.12
N UNK C 43 12.97 66.63 -14.07
CA UNK C 43 12.45 66.51 -15.43
C UNK C 43 13.51 65.93 -16.38
N UNK C 44 13.07 65.15 -17.37
CA UNK C 44 14.00 64.61 -18.34
C UNK C 44 14.57 65.79 -19.16
N UNK C 45 15.88 65.97 -19.16
CA UNK C 45 16.49 67.08 -19.92
C UNK C 45 16.45 66.93 -21.43
N UNK C 46 16.05 65.75 -21.93
CA UNK C 46 16.01 65.53 -23.38
C UNK C 46 14.64 65.83 -23.99
N UNK C 47 13.64 66.13 -23.16
CA UNK C 47 12.33 66.39 -23.69
C UNK C 47 11.79 67.76 -23.26
N UNK C 48 10.70 68.22 -23.91
CA UNK C 48 10.11 69.53 -23.53
C UNK C 48 9.32 69.39 -22.23
N UNK C 49 9.74 70.09 -21.18
CA UNK C 49 9.00 70.01 -19.92
C UNK C 49 7.59 70.46 -20.23
N UNK C 50 6.66 69.54 -20.15
CA UNK C 50 5.27 69.83 -20.43
C UNK C 50 4.47 69.88 -19.12
N UNK C 51 4.20 68.68 -18.60
CA UNK C 51 3.42 68.41 -17.38
C UNK C 51 3.83 69.04 -16.06
N UNK C 52 2.88 69.60 -15.33
CA UNK C 52 3.17 70.16 -14.02
C UNK C 52 2.42 69.28 -12.99
N UNK C 53 3.07 69.03 -11.87
CA UNK C 53 2.47 68.19 -10.83
C UNK C 53 2.36 68.99 -9.53
N UNK C 54 1.23 68.89 -8.87
CA UNK C 54 1.07 69.59 -7.61
C UNK C 54 0.44 68.68 -6.55
N UNK C 55 0.79 68.96 -5.31
CA UNK C 55 0.28 68.27 -4.16
C UNK C 55 -1.09 68.88 -3.85
N UNK C 56 -2.12 68.04 -3.76
CA UNK C 56 -3.48 68.50 -3.46
C UNK C 56 -3.81 68.32 -1.97
N UNK C 57 -3.60 67.12 -1.44
CA UNK C 57 -3.83 66.85 -0.02
C UNK C 57 -2.87 65.79 0.50
N UNK C 58 -2.44 65.97 1.74
CA UNK C 58 -1.54 65.00 2.34
C UNK C 58 -2.36 64.42 3.49
N UNK C 59 -2.54 63.10 3.52
CA UNK C 59 -3.35 62.46 4.58
C UNK C 59 -2.54 61.61 5.55
N UNK C 60 -2.53 62.01 6.83
CA UNK C 60 -1.77 61.28 7.85
C UNK C 60 -2.43 59.98 8.25
N UNK C 61 -1.61 58.95 8.40
CA UNK C 61 -2.04 57.64 8.84
C UNK C 61 -1.11 57.26 9.97
N UNK C 62 -1.57 56.44 10.91
CA UNK C 62 -0.70 56.07 12.01
C UNK C 62 0.10 54.80 11.74
N UNK C 63 0.14 54.36 10.49
CA UNK C 63 0.91 53.18 10.10
C UNK C 63 1.12 53.26 8.59
N UNK C 64 1.95 52.36 8.07
CA UNK C 64 2.25 52.31 6.64
C UNK C 64 0.96 52.18 5.80
N UNK C 65 0.86 52.98 4.74
CA UNK C 65 -0.31 52.91 3.87
C UNK C 65 -0.02 51.87 2.78
N UNK C 66 -0.67 50.71 2.91
CA UNK C 66 -0.48 49.61 1.97
C UNK C 66 -1.19 49.73 0.64
N UNK C 67 -2.25 50.51 0.59
CA UNK C 67 -2.98 50.60 -0.66
C UNK C 67 -3.89 51.79 -0.72
N UNK C 68 -4.03 52.29 -1.94
CA UNK C 68 -4.89 53.44 -2.20
C UNK C 68 -5.66 53.10 -3.47
N UNK C 69 -6.92 53.51 -3.52
CA UNK C 69 -7.73 53.24 -4.70
C UNK C 69 -8.89 54.23 -4.79
N UNK C 70 -9.16 54.69 -6.01
CA UNK C 70 -10.25 55.64 -6.20
C UNK C 70 -11.52 54.89 -6.53
N UNK C 71 -12.65 55.50 -6.21
CA UNK C 71 -13.95 54.93 -6.54
C UNK C 71 -14.04 55.09 -8.06
N UNK C 72 -14.95 54.36 -8.69
CA UNK C 72 -15.12 54.41 -10.14
C UNK C 72 -15.36 55.81 -10.69
N UNK C 73 -16.17 56.59 -9.98
CA UNK C 73 -16.48 57.96 -10.41
C UNK C 73 -15.37 58.96 -10.10
N UNK C 74 -14.36 58.53 -9.36
CA UNK C 74 -13.25 59.43 -9.02
C UNK C 74 -13.52 60.40 -7.90
N UNK C 75 -14.68 60.30 -7.27
CA UNK C 75 -15.02 61.21 -6.19
C UNK C 75 -14.46 60.79 -4.83
N UNK C 76 -14.08 59.52 -4.69
CA UNK C 76 -13.54 59.06 -3.42
C UNK C 76 -12.25 58.26 -3.47
N UNK C 77 -11.51 58.33 -2.37
CA UNK C 77 -10.26 57.61 -2.25
C UNK C 77 -10.34 56.80 -0.99
N UNK C 78 -10.00 55.53 -1.10
CA UNK C 78 -9.97 54.63 0.04
C UNK C 78 -8.52 54.23 0.29
N UNK C 79 -8.10 54.19 1.56
CA UNK C 79 -6.74 53.78 1.86
C UNK C 79 -6.88 52.68 2.87
N UNK C 80 -5.84 51.84 2.93
CA UNK C 80 -5.75 50.79 3.91
C UNK C 80 -4.57 51.06 4.81
N UNK C 81 -4.84 51.01 6.11
CA UNK C 81 -3.81 51.12 7.14
C UNK C 81 -4.07 49.96 8.11
N UNK C 82 -3.06 49.52 8.84
CA UNK C 82 -3.24 48.34 9.69
C UNK C 82 -4.34 48.58 10.72
N UNK C 83 -5.25 47.62 10.83
CA UNK C 83 -6.34 47.67 11.79
C UNK C 83 -7.43 48.67 11.40
N UNK C 84 -7.37 49.17 10.17
CA UNK C 84 -8.29 50.21 9.73
C UNK C 84 -8.40 50.29 8.20
N UNK C 85 -9.39 51.03 7.71
CA UNK C 85 -9.43 51.35 6.29
C UNK C 85 -10.35 52.56 6.10
N UNK C 86 -9.89 53.57 5.36
CA UNK C 86 -10.56 54.85 5.37
C UNK C 86 -10.99 55.37 4.01
N UNK C 87 -12.07 56.14 4.04
CA UNK C 87 -12.63 56.74 2.83
C UNK C 87 -12.54 58.28 2.94
N UNK C 88 -11.97 58.91 1.91
CA UNK C 88 -11.82 60.35 1.86
C UNK C 88 -12.50 60.96 0.63
N UNK C 89 -13.02 62.17 0.78
CA UNK C 89 -13.64 62.90 -0.32
C UNK C 89 -12.45 63.55 -1.01
N UNK C 90 -12.27 63.23 -2.29
CA UNK C 90 -11.16 63.75 -3.07
C UNK C 90 -11.07 65.27 -3.22
N UNK C 91 -12.20 65.90 -3.56
CA UNK C 91 -12.22 67.35 -3.79
C UNK C 91 -11.63 68.19 -2.64
N UNK C 92 -11.94 67.85 -1.40
CA UNK C 92 -11.42 68.61 -0.28
C UNK C 92 -10.64 67.77 0.72
N UNK C 93 -10.36 66.53 0.36
CA UNK C 93 -9.62 65.64 1.23
C UNK C 93 -10.24 65.33 2.59
N UNK C 94 -11.54 65.58 2.76
CA UNK C 94 -12.18 65.31 4.06
C UNK C 94 -12.46 63.84 4.32
N UNK C 95 -12.33 63.46 5.59
CA UNK C 95 -12.56 62.09 6.04
C UNK C 95 -14.06 61.80 6.10
N UNK C 96 -14.49 60.88 5.25
CA UNK C 96 -15.88 60.47 5.17
C UNK C 96 -16.16 59.33 6.14
N UNK C 97 -15.22 58.40 6.26
CA UNK C 97 -15.41 57.27 7.19
C UNK C 97 -14.14 56.48 7.46
N UNK C 98 -14.01 56.01 8.70
CA UNK C 98 -12.88 55.18 9.07
C UNK C 98 -13.53 53.90 9.56
N UNK C 99 -13.26 52.80 8.85
CA UNK C 99 -13.87 51.51 9.16
C UNK C 99 -12.92 50.56 9.87
N UNK C 100 -13.41 49.98 10.95
CA UNK C 100 -12.62 49.06 11.74
C UNK C 100 -13.52 47.94 12.26
N UNK C 101 -13.06 46.71 12.16
CA UNK C 101 -13.86 45.58 12.63
C UNK C 101 -13.65 45.40 14.13
N UNK C 102 -1.83 37.08 16.76
CA UNK C 102 -1.85 38.15 15.79
C UNK C 102 -2.77 39.29 16.23
N UNK C 103 -2.39 39.95 17.33
CA UNK C 103 -3.18 41.05 17.86
C UNK C 103 -3.25 42.21 16.87
N UNK C 104 -2.13 42.49 16.22
CA UNK C 104 -2.06 43.58 15.25
C UNK C 104 -2.96 43.30 14.04
N UNK C 105 -3.60 44.34 13.54
CA UNK C 105 -4.49 44.21 12.39
C UNK C 105 -3.73 44.38 11.08
N UNK C 106 -4.13 43.65 10.06
CA UNK C 106 -3.49 43.71 8.76
C UNK C 106 -4.47 44.04 7.64
N UNK C 107 -4.16 45.09 6.89
CA UNK C 107 -4.92 45.45 5.70
C UNK C 107 -3.95 45.50 4.53
N UNK C 108 -4.31 44.83 3.44
CA UNK C 108 -3.42 44.81 2.27
C UNK C 108 -4.02 45.33 0.98
N UNK C 109 -5.32 45.16 0.81
CA UNK C 109 -5.93 45.63 -0.42
C UNK C 109 -7.35 46.12 -0.21
N UNK C 110 -7.72 47.15 -0.97
CA UNK C 110 -9.06 47.69 -0.89
C UNK C 110 -9.59 47.91 -2.30
N UNK C 111 -10.90 47.88 -2.47
CA UNK C 111 -11.48 48.14 -3.78
C UNK C 111 -12.96 48.51 -3.65
N UNK C 112 -13.35 49.58 -4.33
CA UNK C 112 -14.74 50.01 -4.31
C UNK C 112 -15.49 49.15 -5.33
N UNK C 113 -16.77 48.93 -5.07
CA UNK C 113 -17.62 48.19 -6.02
C UNK C 113 -17.88 49.24 -7.12
N UNK C 114 -18.25 48.81 -8.34
CA UNK C 114 -18.51 49.75 -9.43
C UNK C 114 -19.45 50.92 -9.13
N UNK C 115 -20.48 50.68 -8.32
CA UNK C 115 -21.43 51.75 -8.01
C UNK C 115 -21.03 52.60 -6.81
N UNK C 116 -19.85 52.33 -6.26
CA UNK C 116 -19.34 53.10 -5.11
C UNK C 116 -20.06 52.95 -3.79
N UNK C 117 -20.95 51.98 -3.65
CA UNK C 117 -21.66 51.83 -2.38
C UNK C 117 -20.91 50.90 -1.43
N UNK C 118 -20.16 49.96 -1.98
CA UNK C 118 -19.44 48.99 -1.15
C UNK C 118 -17.93 49.07 -1.28
N UNK C 119 -17.27 48.64 -0.23
CA UNK C 119 -15.80 48.63 -0.20
C UNK C 119 -15.32 47.25 0.25
N UNK C 120 -14.55 46.58 -0.60
CA UNK C 120 -14.03 45.26 -0.24
C UNK C 120 -12.62 45.45 0.30
N UNK C 121 -12.31 44.74 1.38
CA UNK C 121 -10.98 44.80 1.98
C UNK C 121 -10.41 43.40 2.18
N UNK C 122 -9.11 43.27 2.01
CA UNK C 122 -8.42 42.02 2.21
C UNK C 122 -7.39 42.23 3.32
N UNK C 123 -7.48 41.44 4.38
CA UNK C 123 -6.56 41.60 5.49
C UNK C 123 -5.70 40.36 5.74
N UNK C 124 -4.79 40.47 6.71
CA UNK C 124 -3.89 39.40 7.05
C UNK C 124 -4.54 38.26 7.85
N UNK C 125 -5.79 38.47 8.25
CA UNK C 125 -6.47 37.41 8.97
C UNK C 125 -7.13 36.46 7.96
N UNK C 126 -6.76 36.60 6.69
CA UNK C 126 -7.26 35.75 5.61
C UNK C 126 -8.72 35.97 5.26
N UNK C 127 -9.31 37.05 5.77
CA UNK C 127 -10.69 37.33 5.46
C UNK C 127 -10.87 38.48 4.47
N UNK C 128 -11.94 38.40 3.69
CA UNK C 128 -12.30 39.45 2.76
C UNK C 128 -13.61 40.00 3.33
N UNK C 129 -13.61 41.29 3.66
CA UNK C 129 -14.80 41.93 4.20
C UNK C 129 -15.37 42.91 3.19
N UNK C 130 -16.70 42.91 3.06
CA UNK C 130 -17.37 43.82 2.16
C UNK C 130 -18.12 44.80 3.04
N UNK C 131 -17.73 46.08 2.98
CA UNK C 131 -18.38 47.10 3.80
C UNK C 131 -19.40 47.95 3.06
N UNK C 132 -20.49 48.23 3.76
CA UNK C 132 -21.55 49.09 3.26
C UNK C 132 -21.02 50.42 3.79
N UNK C 133 -20.54 51.28 2.89
CA UNK C 133 -19.96 52.55 3.31
C UNK C 133 -20.94 53.47 4.01
N UNK C 134 -22.10 53.65 3.38
CA UNK C 134 -23.17 54.50 3.89
C UNK C 134 -23.47 54.17 5.34
N UNK C 135 -23.81 52.91 5.59
CA UNK C 135 -24.16 52.47 6.94
C UNK C 135 -23.02 51.94 7.80
N UNK C 136 -21.79 52.10 7.32
CA UNK C 136 -20.60 51.66 8.05
C UNK C 136 -20.76 50.29 8.73
N UNK C 137 -21.19 49.29 7.97
CA UNK C 137 -21.39 47.96 8.50
C UNK C 137 -20.92 46.89 7.53
N UNK C 138 -20.37 45.80 8.05
CA UNK C 138 -19.92 44.70 7.20
C UNK C 138 -21.15 43.91 6.77
N UNK C 139 -21.36 43.77 5.46
CA UNK C 139 -22.52 43.04 4.97
C UNK C 139 -22.21 41.64 4.47
N UNK C 140 -20.93 41.30 4.38
CA UNK C 140 -20.55 39.97 3.93
C UNK C 140 -19.08 39.68 4.20
N UNK C 141 -18.78 38.45 4.61
CA UNK C 141 -17.42 38.05 4.88
C UNK C 141 -17.11 36.84 4.02
N UNK C 142 -16.04 36.91 3.24
CA UNK C 142 -15.64 35.81 2.38
C UNK C 142 -14.46 35.06 3.01
N UNK C 143 -14.65 33.77 3.26
CA UNK C 143 -13.65 32.97 3.94
C UNK C 143 -13.18 31.79 3.10
N UNK C 144 -11.95 31.35 3.34
CA UNK C 144 -11.37 30.26 2.57
C UNK C 144 -9.87 30.39 2.32
N UNK C 145 -9.39 31.61 2.12
CA UNK C 145 -7.98 31.82 1.83
C UNK C 145 -7.11 31.38 3.01
N UNK C 146 -6.01 30.70 2.70
CA UNK C 146 -5.12 30.15 3.73
C UNK C 146 -3.97 31.07 4.12
N UNK C 147 -3.84 32.21 3.46
CA UNK C 147 -2.72 33.11 3.72
C UNK C 147 -3.18 34.53 3.43
N UNK C 148 -2.30 35.48 3.68
CA UNK C 148 -2.63 36.89 3.46
C UNK C 148 -3.22 37.14 2.08
N UNK C 149 -4.20 38.02 2.04
CA UNK C 149 -4.84 38.42 0.80
C UNK C 149 -4.08 39.69 0.35
N UNK C 150 -3.34 39.60 -0.74
CA UNK C 150 -2.56 40.72 -1.24
C UNK C 150 -3.26 41.61 -2.26
N UNK C 151 -4.32 41.13 -2.89
CA UNK C 151 -4.98 41.93 -3.92
C UNK C 151 -6.41 41.49 -4.19
N UNK C 152 -7.23 42.48 -4.51
CA UNK C 152 -8.66 42.29 -4.80
C UNK C 152 -9.01 43.22 -5.93
N UNK C 153 -10.04 42.84 -6.69
CA UNK C 153 -10.54 43.66 -7.78
C UNK C 153 -11.96 43.20 -8.12
N UNK C 154 -12.87 44.15 -8.31
CA UNK C 154 -14.24 43.83 -8.66
C UNK C 154 -14.41 43.62 -10.15
N UNK C 155 -15.39 42.80 -10.52
CA UNK C 155 -15.73 42.60 -11.91
C UNK C 155 -16.63 43.80 -12.22
N UNK C 156 -16.59 44.31 -13.46
CA UNK C 156 -17.41 45.47 -13.85
C UNK C 156 -18.89 45.33 -13.51
N UNK C 157 -19.39 44.09 -13.55
CA UNK C 157 -20.80 43.84 -13.30
C UNK C 157 -21.19 43.99 -11.84
N UNK C 158 -20.20 44.05 -10.95
CA UNK C 158 -20.47 44.21 -9.53
C UNK C 158 -20.96 43.00 -8.74
N UNK C 159 -21.14 41.86 -9.39
CA UNK C 159 -21.61 40.69 -8.65
C UNK C 159 -20.55 39.61 -8.41
N UNK C 160 -19.31 39.91 -8.81
CA UNK C 160 -18.19 38.99 -8.62
C UNK C 160 -16.95 39.74 -8.19
N UNK C 161 -16.08 39.03 -7.47
CA UNK C 161 -14.87 39.61 -6.97
C UNK C 161 -13.72 38.63 -7.14
N UNK C 162 -12.55 39.13 -7.50
CA UNK C 162 -11.41 38.25 -7.64
C UNK C 162 -10.37 38.65 -6.57
N UNK C 163 -9.71 37.65 -5.99
CA UNK C 163 -8.71 37.87 -4.97
C UNK C 163 -7.43 37.07 -5.25
N UNK C 164 -6.31 37.59 -4.77
CA UNK C 164 -5.00 36.97 -4.93
C UNK C 164 -4.37 36.79 -3.56
N UNK C 165 -3.79 35.62 -3.31
CA UNK C 165 -3.20 35.34 -2.00
C UNK C 165 -1.85 34.62 -1.98
N UNK C 166 -1.18 34.73 -0.84
CA UNK C 166 0.08 34.08 -0.62
C UNK C 166 -0.13 32.57 -0.58
N UNK C 167 -1.38 32.13 -0.52
CA UNK C 167 -1.65 30.68 -0.51
C UNK C 167 -1.59 30.12 -1.91
N UNK C 168 -1.03 30.91 -2.84
CA UNK C 168 -0.88 30.45 -4.23
C UNK C 168 -2.17 30.29 -5.05
N UNK C 169 -3.24 30.95 -4.66
CA UNK C 169 -4.47 30.84 -5.43
C UNK C 169 -5.06 32.19 -5.83
N UNK C 170 -5.88 32.14 -6.87
CA UNK C 170 -6.62 33.28 -7.35
C UNK C 170 -8.04 32.76 -7.23
N UNK C 171 -8.91 33.50 -6.56
CA UNK C 171 -10.27 33.03 -6.42
C UNK C 171 -11.30 34.03 -6.90
N UNK C 172 -12.36 33.49 -7.49
CA UNK C 172 -13.46 34.29 -7.98
C UNK C 172 -14.63 34.02 -7.05
N UNK C 173 -15.17 35.09 -6.48
CA UNK C 173 -16.27 34.98 -5.54
C UNK C 173 -17.58 35.50 -6.10
N UNK C 174 -18.65 34.73 -5.88
CA UNK C 174 -19.98 35.12 -6.33
C UNK C 174 -20.59 35.95 -5.21
N UNK C 175 -20.71 37.26 -5.41
CA UNK C 175 -21.26 38.10 -4.34
C UNK C 175 -22.77 37.93 -4.16
N UNK C 176 -23.42 37.24 -5.10
CA UNK C 176 -24.84 37.01 -4.99
C UNK C 176 -25.06 35.86 -4.01
N UNK C 177 -24.20 34.85 -4.11
CA UNK C 177 -24.29 33.65 -3.25
C UNK C 177 -23.22 33.59 -2.17
N UNK C 178 -22.41 34.65 -2.06
CA UNK C 178 -21.38 34.70 -1.05
C UNK C 178 -20.43 33.52 -1.03
N UNK C 179 -20.36 32.77 -2.12
CA UNK C 179 -19.50 31.61 -2.19
C UNK C 179 -18.36 31.74 -3.21
N UNK C 180 -17.32 30.93 -3.01
CA UNK C 180 -16.19 30.91 -3.92
C UNK C 180 -16.61 30.10 -5.14
N UNK C 181 -16.73 30.75 -6.28
CA UNK C 181 -17.14 30.10 -7.52
C UNK C 181 -16.03 29.38 -8.25
N UNK C 182 -14.80 29.88 -8.13
CA UNK C 182 -13.69 29.25 -8.82
C UNK C 182 -12.36 29.48 -8.12
N UNK C 183 -11.53 28.46 -8.15
CA UNK C 183 -10.21 28.52 -7.51
C UNK C 183 -9.13 28.13 -8.52
N UNK C 184 -8.24 29.05 -8.80
CA UNK C 184 -7.14 28.81 -9.73
C UNK C 184 -5.89 28.66 -8.86
N UNK C 185 -5.17 27.56 -9.05
CA UNK C 185 -3.97 27.31 -8.27
C UNK C 185 -2.70 27.39 -9.12
N UNK C 186 -1.69 28.08 -8.62
CA UNK C 186 -0.43 28.14 -9.36
C UNK C 186 0.66 27.67 -8.42
N UNK C 187 1.91 27.75 -8.85
CA UNK C 187 3.03 27.25 -8.05
C UNK C 187 3.57 28.15 -6.93
N UNK C 188 3.44 29.46 -7.09
CA UNK C 188 3.96 30.38 -6.10
C UNK C 188 2.90 31.40 -5.69
N UNK C 189 3.26 32.23 -4.72
CA UNK C 189 2.35 33.25 -4.23
C UNK C 189 1.88 34.27 -5.25
N UNK C 190 0.63 34.69 -5.10
CA UNK C 190 0.01 35.67 -5.97
C UNK C 190 0.06 37.00 -5.24
N UNK C 191 0.64 37.99 -5.92
CA UNK C 191 0.80 39.31 -5.33
C UNK C 191 -0.13 40.40 -5.83
N UNK C 192 -0.75 40.16 -6.99
CA UNK C 192 -1.60 41.17 -7.59
C UNK C 192 -2.55 40.52 -8.60
N UNK C 193 -3.76 41.04 -8.69
CA UNK C 193 -4.77 40.55 -9.62
C UNK C 193 -5.46 41.73 -10.27
N UNK C 194 -6.00 41.51 -11.47
CA UNK C 194 -6.69 42.57 -12.19
C UNK C 194 -7.79 41.99 -13.08
N UNK C 195 -8.88 42.73 -13.23
CA UNK C 195 -9.98 42.29 -14.10
C UNK C 195 -9.91 43.16 -15.36
N UNK C 196 -10.08 42.58 -16.54
CA UNK C 196 -10.04 43.37 -17.77
C UNK C 196 -11.26 44.30 -17.74
N UNK C 197 -11.10 45.52 -18.26
CA UNK C 197 -12.20 46.49 -18.27
C UNK C 197 -13.34 46.14 -19.22
N UNK C 198 -14.49 46.76 -18.99
CA UNK C 198 -15.65 46.53 -19.83
C UNK C 198 -16.48 45.32 -19.50
N UNK C 199 -16.13 44.18 -20.08
CA UNK C 199 -16.88 42.96 -19.84
C UNK C 199 -16.26 42.06 -18.77
N UNK C 200 -15.00 42.29 -18.42
CA UNK C 200 -14.33 41.47 -17.43
C UNK C 200 -14.11 40.06 -17.94
N UNK C 201 -13.81 39.93 -19.22
CA UNK C 201 -13.61 38.62 -19.84
C UNK C 201 -12.31 37.96 -19.37
N UNK C 202 -11.33 38.77 -19.01
CA UNK C 202 -10.05 38.21 -18.58
C UNK C 202 -9.56 38.65 -17.21
N UNK C 203 -8.83 37.76 -16.56
CA UNK C 203 -8.26 38.06 -15.27
C UNK C 203 -6.76 37.86 -15.41
N UNK C 204 -6.00 38.79 -14.85
CA UNK C 204 -4.56 38.67 -14.90
C UNK C 204 -4.06 38.60 -13.46
N UNK C 205 -2.93 37.93 -13.26
CA UNK C 205 -2.34 37.82 -11.93
C UNK C 205 -0.83 37.86 -12.06
N UNK C 206 -0.19 38.59 -11.14
CA UNK C 206 1.26 38.67 -11.12
C UNK C 206 1.67 37.68 -10.06
N UNK C 207 2.84 37.08 -10.23
CA UNK C 207 3.25 36.06 -9.27
C UNK C 207 4.70 36.17 -8.82
N UNK C 208 4.98 35.62 -7.64
CA UNK C 208 6.34 35.63 -7.08
C UNK C 208 7.30 34.87 -8.03
N UNK C 209 6.76 33.99 -8.87
CA UNK C 209 7.59 33.23 -9.81
C UNK C 209 7.96 33.97 -11.11
N UNK C 210 7.90 35.31 -11.09
CA UNK C 210 8.29 36.10 -12.25
C UNK C 210 7.35 36.13 -13.45
N UNK C 211 6.22 35.44 -13.37
CA UNK C 211 5.31 35.42 -14.52
C UNK C 211 4.04 36.22 -14.31
N UNK C 212 3.37 36.49 -15.43
CA UNK C 212 2.10 37.17 -15.42
C UNK C 212 1.19 36.18 -16.14
N UNK C 213 0.08 35.83 -15.54
CA UNK C 213 -0.84 34.89 -16.17
C UNK C 213 -2.18 35.56 -16.46
N UNK C 214 -2.80 35.14 -17.56
CA UNK C 214 -4.12 35.67 -17.94
C UNK C 214 -5.06 34.50 -18.18
N UNK C 215 -6.19 34.52 -17.50
CA UNK C 215 -7.19 33.47 -17.62
C UNK C 215 -8.49 34.01 -18.19
N UNK C 216 -9.22 33.14 -18.89
CA UNK C 216 -10.53 33.47 -19.41
C UNK C 216 -11.38 33.36 -18.14
N UNK C 217 -11.99 34.46 -17.71
CA UNK C 217 -12.74 34.42 -16.46
C UNK C 217 -13.91 33.45 -16.31
N UNK C 218 -14.59 33.11 -17.39
CA UNK C 218 -15.73 32.18 -17.29
C UNK C 218 -15.33 30.71 -17.22
N UNK C 219 -14.28 30.35 -17.96
CA UNK C 219 -13.82 28.96 -18.00
C UNK C 219 -12.70 28.61 -17.05
N UNK C 220 -11.89 29.61 -16.69
CA UNK C 220 -10.77 29.33 -15.80
C UNK C 220 -9.57 28.80 -16.58
N UNK C 221 -9.68 28.78 -17.89
CA UNK C 221 -8.58 28.32 -18.73
C UNK C 221 -7.52 29.41 -18.86
N UNK C 222 -6.26 28.99 -18.75
CA UNK C 222 -5.13 29.90 -18.85
C UNK C 222 -5.02 30.24 -20.33
N UNK C 223 -5.12 31.51 -20.66
CA UNK C 223 -5.05 31.92 -22.05
C UNK C 223 -3.66 32.41 -22.44
N UNK C 224 -2.93 32.94 -21.47
CA UNK C 224 -1.60 33.48 -21.73
C UNK C 224 -0.71 33.42 -20.50
N UNK C 225 0.56 33.14 -20.72
CA UNK C 225 1.54 33.09 -19.64
C UNK C 225 2.78 33.84 -20.08
N UNK C 226 3.00 35.03 -19.51
CA UNK C 226 4.14 35.85 -19.86
C UNK C 226 5.36 35.65 -18.93
N UNK C 227 6.39 34.93 -19.38
CA UNK C 227 7.58 34.76 -18.53
C UNK C 227 8.78 34.15 -19.24
N UNK C 228 12.74 38.56 -22.59
CA UNK C 228 12.01 39.79 -22.27
C UNK C 228 11.14 39.66 -21.01
N UNK C 229 11.15 38.50 -20.36
CA UNK C 229 10.36 38.33 -19.17
C UNK C 229 11.03 38.96 -17.96
N UNK C 230 10.28 39.16 -16.88
CA UNK C 230 10.85 39.76 -15.67
C UNK C 230 11.92 38.86 -15.07
N UNK C 231 12.89 39.47 -14.40
CA UNK C 231 14.00 38.73 -13.79
C UNK C 231 13.80 38.48 -12.31
N UNK C 232 12.70 38.99 -11.77
CA UNK C 232 12.40 38.81 -10.36
C UNK C 232 10.87 38.89 -10.20
N UNK C 233 10.40 38.67 -8.99
CA UNK C 233 8.98 38.69 -8.69
C UNK C 233 8.16 39.87 -9.18
N UNK C 234 6.97 39.58 -9.66
CA UNK C 234 6.08 40.62 -10.13
C UNK C 234 5.20 41.05 -8.97
N UNK C 235 5.09 42.36 -8.74
CA UNK C 235 4.30 42.87 -7.62
C UNK C 235 3.03 43.65 -7.96
N UNK C 236 2.88 44.01 -9.23
CA UNK C 236 1.71 44.76 -9.66
C UNK C 236 1.40 44.55 -11.16
N UNK C 237 0.12 44.49 -11.48
CA UNK C 237 -0.34 44.33 -12.84
C UNK C 237 -1.69 45.00 -12.96
N UNK C 238 -1.94 45.59 -14.14
CA UNK C 238 -3.22 46.24 -14.44
C UNK C 238 -3.40 46.08 -15.93
N UNK C 239 -4.62 46.17 -16.41
CA UNK C 239 -4.86 46.11 -17.84
C UNK C 239 -4.82 47.57 -18.30
N UNK C 240 -4.54 47.78 -19.57
CA UNK C 240 -4.57 49.13 -20.10
C UNK C 240 -6.07 49.37 -20.22
N UNK C 241 -6.50 50.62 -20.22
CA UNK C 241 -7.94 50.90 -20.29
C UNK C 241 -8.65 50.43 -21.55
N UNK C 242 -7.90 50.12 -22.60
CA UNK C 242 -8.52 49.63 -23.82
C UNK C 242 -8.65 48.11 -23.74
N UNK C 243 -8.20 47.53 -22.63
CA UNK C 243 -8.27 46.10 -22.42
C UNK C 243 -7.39 45.25 -23.34
N UNK C 244 -6.54 45.91 -24.13
CA UNK C 244 -5.67 45.21 -25.08
C UNK C 244 -4.31 44.77 -24.54
N UNK C 245 -3.84 45.41 -23.48
CA UNK C 245 -2.54 45.05 -22.94
C UNK C 245 -2.51 44.94 -21.40
N UNK C 246 -1.39 44.46 -20.91
CA UNK C 246 -1.16 44.31 -19.49
C UNK C 246 0.12 45.05 -19.17
N UNK C 247 0.16 45.71 -18.02
CA UNK C 247 1.34 46.44 -17.59
C UNK C 247 1.74 45.79 -16.27
N UNK C 248 3.02 45.45 -16.15
CA UNK C 248 3.48 44.80 -14.96
C UNK C 248 4.71 45.50 -14.34
N UNK C 249 4.73 45.50 -13.01
CA UNK C 249 5.84 46.09 -12.25
C UNK C 249 6.53 44.98 -11.49
N UNK C 250 7.87 44.99 -11.47
CA UNK C 250 8.62 43.93 -10.80
C UNK C 250 9.76 44.41 -9.92
N UNK C 251 10.21 43.51 -9.03
CA UNK C 251 11.32 43.78 -8.13
C UNK C 251 12.61 43.84 -8.95
N UNK C 252 12.55 43.43 -10.22
CA UNK C 252 13.74 43.52 -11.06
C UNK C 252 13.99 44.96 -11.51
N UNK C 253 13.18 45.87 -10.95
CA UNK C 253 13.26 47.31 -11.19
C UNK C 253 12.72 47.82 -12.52
N UNK C 254 11.99 46.96 -13.22
CA UNK C 254 11.43 47.37 -14.50
C UNK C 254 9.92 47.30 -14.51
N UNK C 255 9.34 48.00 -15.48
CA UNK C 255 7.92 47.98 -15.72
C UNK C 255 7.84 47.39 -17.14
N UNK C 256 6.79 46.64 -17.45
CA UNK C 256 6.71 46.10 -18.81
C UNK C 256 5.30 46.24 -19.40
N UNK C 257 5.25 46.49 -20.71
CA UNK C 257 3.98 46.60 -21.42
C UNK C 257 3.89 45.34 -22.26
N UNK C 258 2.83 44.56 -22.06
CA UNK C 258 2.64 43.31 -22.80
C UNK C 258 1.44 43.39 -23.73
N UNK C 259 1.63 43.00 -24.98
CA UNK C 259 0.53 42.99 -25.96
C UNK C 259 -0.10 41.60 -25.90
N UNK C 260 -1.40 41.52 -25.69
CA UNK C 260 -2.06 40.23 -25.61
C UNK C 260 -2.40 39.65 -26.98
N UNK C 261 3.56 38.75 -25.69
CA UNK C 261 4.80 39.38 -26.17
C UNK C 261 5.04 40.75 -25.50
N UNK C 262 6.29 41.01 -25.12
CA UNK C 262 6.68 42.25 -24.46
C UNK C 262 7.06 43.38 -25.43
N UNK C 263 6.21 44.39 -25.54
CA UNK C 263 6.43 45.52 -26.42
C UNK C 263 7.40 46.57 -25.86
N UNK C 264 7.27 46.89 -24.58
CA UNK C 264 8.15 47.89 -23.96
C UNK C 264 8.60 47.54 -22.54
N UNK C 265 9.88 47.77 -22.28
CA UNK C 265 10.47 47.50 -20.97
C UNK C 265 11.04 48.78 -20.37
N UNK C 266 10.75 49.02 -19.09
CA UNK C 266 11.23 50.22 -18.42
C UNK C 266 12.27 49.94 -17.34
N UNK C 267 13.43 50.60 -17.46
CA UNK C 267 14.53 50.45 -16.52
C UNK C 267 14.66 51.70 -15.65
N UNK C 268 13.62 52.52 -15.65
CA UNK C 268 13.60 53.77 -14.90
C UNK C 268 13.74 53.68 -13.38
N UNK C 269 13.10 52.71 -12.75
CA UNK C 269 13.18 52.61 -11.29
C UNK C 269 14.44 51.88 -10.84
N UNK C 270 15.26 52.57 -10.04
CA UNK C 270 16.50 52.02 -9.51
C UNK C 270 16.28 50.84 -8.56
N UNK C 271 15.27 50.96 -7.70
CA UNK C 271 14.97 49.92 -6.73
C UNK C 271 13.67 49.23 -7.14
N UNK C 272 13.19 48.33 -6.29
CA UNK C 272 11.95 47.58 -6.54
C UNK C 272 10.79 48.44 -7.08
N UNK C 273 10.12 47.93 -8.11
CA UNK C 273 8.94 48.61 -8.61
C UNK C 273 7.81 47.88 -7.88
N UNK C 274 7.00 48.64 -7.17
CA UNK C 274 5.93 48.05 -6.37
C UNK C 274 4.50 48.26 -6.83
N UNK C 275 4.27 49.21 -7.72
CA UNK C 275 2.92 49.51 -8.17
C UNK C 275 2.90 50.25 -9.50
N UNK C 276 1.94 49.92 -10.35
CA UNK C 276 1.82 50.58 -11.64
C UNK C 276 0.37 50.92 -11.87
N UNK C 277 0.13 51.87 -12.78
CA UNK C 277 -1.21 52.31 -13.13
C UNK C 277 -1.07 53.03 -14.45
N UNK C 278 -2.17 53.23 -15.16
CA UNK C 278 -2.11 53.99 -16.39
C UNK C 278 -3.13 55.11 -16.30
N UNK C 279 -2.82 56.25 -16.93
CA UNK C 279 -3.71 57.40 -16.94
C UNK C 279 -4.78 57.19 -18.03
N UNK C 280 -5.76 58.09 -18.13
CA UNK C 280 -6.80 57.94 -19.15
C UNK C 280 -6.24 57.92 -20.56
N UNK C 281 -6.88 57.16 -21.44
CA UNK C 281 -6.41 57.05 -22.82
C UNK C 281 -5.08 56.29 -22.87
N UNK C 282 -4.58 55.92 -21.70
CA UNK C 282 -3.31 55.19 -21.60
C UNK C 282 -2.11 55.95 -22.15
N UNK C 283 -2.21 57.28 -22.16
CA UNK C 283 -1.11 58.08 -22.65
C UNK C 283 0.14 57.89 -21.77
N UNK C 284 -0.04 57.81 -20.46
CA UNK C 284 1.10 57.66 -19.57
C UNK C 284 0.98 56.46 -18.63
N UNK C 285 2.13 55.97 -18.19
CA UNK C 285 2.17 54.88 -17.24
C UNK C 285 2.84 55.46 -16.00
N UNK C 286 2.25 55.24 -14.83
CA UNK C 286 2.85 55.73 -13.58
C UNK C 286 3.33 54.53 -12.78
N UNK C 287 4.52 54.65 -12.18
CA UNK C 287 5.05 53.56 -11.36
C UNK C 287 5.58 54.10 -10.04
N UNK C 288 5.33 53.34 -8.98
CA UNK C 288 5.78 53.72 -7.66
C UNK C 288 6.86 52.73 -7.27
N UNK C 289 7.91 53.22 -6.62
CA UNK C 289 9.01 52.34 -6.29
C UNK C 289 9.56 52.50 -4.88
N UNK C 290 10.36 51.52 -4.49
CA UNK C 290 11.01 51.53 -3.19
C UNK C 290 12.04 52.65 -3.21
N UNK C 291 12.34 53.18 -4.40
CA UNK C 291 13.31 54.28 -4.47
C UNK C 291 12.61 55.59 -4.04
N UNK C 292 11.40 55.46 -3.48
CA UNK C 292 10.64 56.59 -2.98
C UNK C 292 10.05 57.53 -4.03
N UNK C 293 10.27 57.19 -5.30
CA UNK C 293 9.74 58.02 -6.36
C UNK C 293 8.59 57.43 -7.16
N UNK C 294 7.98 58.30 -7.96
CA UNK C 294 6.93 57.91 -8.86
C UNK C 294 7.43 58.37 -10.21
N UNK C 295 7.50 57.47 -11.18
CA UNK C 295 7.92 57.86 -12.53
C UNK C 295 6.71 57.94 -13.46
N UNK C 296 6.76 58.92 -14.35
CA UNK C 296 5.71 59.13 -15.36
C UNK C 296 6.38 58.66 -16.63
N UNK C 297 5.77 57.71 -17.34
CA UNK C 297 6.38 57.22 -18.56
C UNK C 297 5.49 57.49 -19.75
N UNK C 298 6.09 57.87 -20.87
CA UNK C 298 5.36 58.05 -22.10
C UNK C 298 5.19 56.58 -22.52
N UNK C 299 3.97 56.06 -22.48
CA UNK C 299 3.72 54.67 -22.81
C UNK C 299 4.31 54.17 -24.12
N UNK C 300 4.11 54.94 -25.19
CA UNK C 300 4.58 54.56 -26.51
C UNK C 300 6.09 54.46 -26.71
N UNK C 301 6.84 55.49 -26.29
CA UNK C 301 8.29 55.47 -26.49
C UNK C 301 9.09 54.81 -25.38
N UNK C 302 8.53 54.75 -24.18
CA UNK C 302 9.26 54.15 -23.07
C UNK C 302 10.14 55.15 -22.35
N UNK C 303 10.16 56.40 -22.81
CA UNK C 303 10.96 57.45 -22.18
C UNK C 303 10.36 57.92 -20.86
N UNK C 304 11.20 58.06 -19.83
CA UNK C 304 10.63 58.54 -18.56
C UNK C 304 10.48 60.07 -18.73
N UNK C 305 9.32 60.62 -18.38
CA UNK C 305 9.12 62.07 -18.52
C UNK C 305 9.55 62.87 -17.28
N UNK C 306 9.25 62.34 -16.10
CA UNK C 306 9.63 63.03 -14.86
C UNK C 306 9.54 62.13 -13.65
N UNK C 307 10.40 62.40 -12.68
CA UNK C 307 10.37 61.63 -11.46
C UNK C 307 9.88 62.50 -10.33
N UNK C 308 8.83 62.03 -9.66
CA UNK C 308 8.30 62.77 -8.53
C UNK C 308 8.78 62.15 -7.24
N UNK C 309 9.52 62.93 -6.46
CA UNK C 309 9.99 62.47 -5.15
C UNK C 309 9.08 63.17 -4.12
N UNK C 310 8.01 62.50 -3.70
CA UNK C 310 7.11 63.14 -2.76
C UNK C 310 6.83 62.39 -1.49
N UNK C 311 7.74 61.49 -1.11
CA UNK C 311 7.57 60.70 0.09
C UNK C 311 8.94 60.44 0.71
N UNK C 312 8.97 60.14 2.01
CA UNK C 312 10.25 59.89 2.68
C UNK C 312 10.56 58.42 2.79
N UNK C 313 9.75 57.61 2.12
CA UNK C 313 9.94 56.17 2.12
C UNK C 313 9.29 55.57 0.86
N UNK C 314 9.30 54.24 0.78
CA UNK C 314 8.75 53.50 -0.36
C UNK C 314 7.33 53.87 -0.80
N UNK C 315 7.15 54.02 -2.11
CA UNK C 315 5.83 54.31 -2.65
C UNK C 315 5.32 52.89 -2.88
N UNK C 316 4.41 52.45 -2.02
CA UNK C 316 3.87 51.10 -2.05
C UNK C 316 2.70 50.91 -3.00
N UNK C 317 1.94 51.96 -3.22
CA UNK C 317 0.75 51.88 -4.05
C UNK C 317 0.51 53.19 -4.80
N UNK C 318 0.09 53.03 -6.04
CA UNK C 318 -0.22 54.16 -6.91
C UNK C 318 -1.59 53.88 -7.56
N UNK C 319 -2.43 54.90 -7.56
CA UNK C 319 -3.75 54.76 -8.16
C UNK C 319 -4.04 56.00 -9.00
N UNK C 320 -4.81 55.82 -10.06
CA UNK C 320 -5.19 56.92 -10.93
C UNK C 320 -6.69 57.04 -10.90
N UNK C 321 -7.19 58.26 -10.91
CA UNK C 321 -8.63 58.50 -10.86
C UNK C 321 -9.28 58.64 -12.21
N UNK C 322 -10.54 58.26 -12.26
CA UNK C 322 -11.31 58.44 -13.48
C UNK C 322 -12.00 59.80 -13.30
N UNK C 323 -12.78 60.21 -14.28
CA UNK C 323 -13.48 61.49 -14.17
C UNK C 323 -12.54 62.68 -13.97
N UNK C 324 -13.01 63.67 -13.22
CA UNK C 324 -12.22 64.87 -12.93
C UNK C 324 -12.88 65.63 -11.80
N UNK C 325 -12.68 65.14 -10.58
CA UNK C 325 -13.25 65.77 -9.39
C UNK C 325 -12.65 67.15 -9.08
N UNK C 326 -11.43 67.40 -9.57
CA UNK C 326 -10.83 68.71 -9.30
C UNK C 326 -10.92 69.69 -10.47
N UNK C 327 -11.85 69.43 -11.38
CA UNK C 327 -12.02 70.31 -12.52
C UNK C 327 -11.60 69.61 -13.79
N UNK C 328 -12.01 70.11 -14.96
CA UNK C 328 -11.67 69.52 -16.26
C UNK C 328 -10.20 69.77 -16.67
N UNK C 329 -9.53 70.63 -15.91
CA UNK C 329 -8.14 70.96 -16.20
C UNK C 329 -7.14 70.09 -15.45
N UNK C 330 -7.64 69.18 -14.63
CA UNK C 330 -6.74 68.32 -13.87
C UNK C 330 -6.97 66.82 -13.95
N UNK C 331 -5.89 66.09 -13.82
CA UNK C 331 -5.95 64.65 -13.75
C UNK C 331 -5.45 64.37 -12.34
N UNK C 332 -6.08 63.41 -11.70
CA UNK C 332 -5.76 63.06 -10.34
C UNK C 332 -5.20 61.64 -10.18
N UNK C 333 -4.19 61.52 -9.34
CA UNK C 333 -3.63 60.22 -9.00
C UNK C 333 -3.24 60.29 -7.52
N UNK C 334 -3.04 59.13 -6.91
CA UNK C 334 -2.71 59.10 -5.50
C UNK C 334 -1.63 58.09 -5.20
N UNK C 335 -0.91 58.33 -4.10
CA UNK C 335 0.17 57.47 -3.66
C UNK C 335 0.02 57.10 -2.18
N UNK C 336 0.39 55.85 -1.86
CA UNK C 336 0.35 55.37 -0.50
C UNK C 336 1.79 55.02 -0.21
N UNK C 337 2.31 55.46 0.93
CA UNK C 337 3.71 55.20 1.25
C UNK C 337 4.01 54.59 2.61
N UNK C 338 5.25 54.11 2.72
CA UNK C 338 5.72 53.52 3.95
C UNK C 338 6.05 54.67 4.90
N UNK C 339 5.94 55.90 4.42
CA UNK C 339 6.19 57.01 5.34
C UNK C 339 4.92 57.37 6.10
N UNK C 340 3.91 56.51 5.98
CA UNK C 340 2.61 56.67 6.67
C UNK C 340 1.71 57.81 6.14
N UNK C 341 1.98 58.27 4.93
CA UNK C 341 1.14 59.30 4.34
C UNK C 341 0.56 58.84 3.01
N UNK C 342 -0.65 59.29 2.72
CA UNK C 342 -1.30 59.01 1.46
C UNK C 342 -1.47 60.40 0.86
N UNK C 343 -1.03 60.59 -0.38
CA UNK C 343 -1.17 61.90 -0.98
C UNK C 343 -1.97 61.88 -2.26
N UNK C 344 -2.74 62.94 -2.47
CA UNK C 344 -3.54 63.11 -3.66
C UNK C 344 -2.80 64.16 -4.48
N UNK C 345 -2.49 63.83 -5.72
CA UNK C 345 -1.77 64.74 -6.61
C UNK C 345 -2.63 65.10 -7.79
N UNK C 346 -2.41 66.29 -8.31
CA UNK C 346 -3.12 66.79 -9.51
C UNK C 346 -2.03 67.21 -10.50
N UNK C 347 -2.25 66.94 -11.78
CA UNK C 347 -1.28 67.28 -12.80
C UNK C 347 -1.98 67.80 -14.05
N UNK C 348 -1.27 68.64 -14.80
CA UNK C 348 -1.82 69.22 -16.03
C UNK C 348 -0.73 69.52 -17.06
N UNK C 349 -1.15 69.81 -18.30
CA UNK C 349 -0.21 70.14 -19.36
C UNK C 349 0.04 71.65 -19.39
N UNK C 350 1.30 72.04 -19.46
CA UNK C 350 1.68 73.45 -19.50
C UNK C 350 2.29 73.79 -20.86
N UNK D 1 94.97 97.21 13.48
CA UNK D 1 94.97 97.85 12.20
C UNK D 1 94.67 99.34 12.40
N UNK D 2 95.42 100.20 11.70
CA UNK D 2 95.06 101.61 11.44
C UNK D 2 95.33 101.86 9.96
N UNK D 3 94.45 102.63 9.31
CA UNK D 3 94.53 102.92 7.87
C UNK D 3 94.62 104.43 7.67
N UNK D 4 95.56 104.89 6.83
CA UNK D 4 95.88 106.32 6.70
C UNK D 4 95.47 106.86 5.32
N UNK D 5 94.65 107.91 5.34
CA UNK D 5 94.15 108.52 4.09
C UNK D 5 94.89 109.83 4.02
N UNK D 6 95.57 110.06 2.90
CA UNK D 6 96.53 111.17 2.79
C UNK D 6 96.01 112.37 2.00
N UNK D 7 95.75 113.51 2.65
CA UNK D 7 95.15 114.68 2.00
C UNK D 7 96.11 115.85 2.19
N UNK D 8 96.96 116.11 1.21
CA UNK D 8 98.14 116.95 1.44
C UNK D 8 97.84 118.44 1.52
N UNK D 9 97.16 118.99 0.52
CA UNK D 9 97.13 120.48 0.35
C UNK D 9 95.80 121.06 -0.16
N UNK D 10 95.52 122.30 0.25
CA UNK D 10 94.27 122.99 -0.14
C UNK D 10 94.25 123.26 -1.63
N UNK D 11 95.38 123.69 -2.17
CA UNK D 11 95.48 123.88 -3.63
C UNK D 11 95.36 122.53 -4.32
N UNK D 12 95.91 121.49 -3.69
CA UNK D 12 95.77 120.16 -4.25
C UNK D 12 94.30 119.75 -4.28
N UNK D 13 93.56 120.04 -3.21
CA UNK D 13 92.12 119.78 -3.15
C UNK D 13 91.37 120.55 -4.23
N UNK D 14 91.72 121.83 -4.40
CA UNK D 14 91.12 122.63 -5.49
C UNK D 14 91.42 122.01 -6.86
N UNK D 15 92.66 121.57 -7.04
CA UNK D 15 93.05 120.87 -8.26
C UNK D 15 92.25 119.59 -8.47
N UNK D 16 92.04 118.84 -7.39
CA UNK D 16 91.21 117.62 -7.43
C UNK D 16 89.78 117.95 -7.81
N UNK D 17 89.24 119.05 -7.25
CA UNK D 17 87.92 119.52 -7.65
C UNK D 17 87.91 119.85 -9.14
N UNK D 18 89.00 120.48 -9.59
CA UNK D 18 89.27 120.71 -11.01
C UNK D 18 89.83 119.44 -11.71
N UNK D 19 90.20 119.61 -12.98
CA UNK D 19 90.80 118.55 -13.87
C UNK D 19 91.99 117.80 -13.28
N UNK D 20 92.23 116.58 -13.77
CA UNK D 20 93.25 115.68 -13.19
C UNK D 20 94.66 116.22 -13.40
N UNK D 21 95.55 115.91 -12.46
CA UNK D 21 96.88 116.49 -12.47
C UNK D 21 97.72 115.97 -13.61
N UNK D 22 97.43 114.74 -14.07
CA UNK D 22 97.98 114.26 -15.37
C UNK D 22 97.70 115.33 -16.42
N UNK D 23 96.43 115.76 -16.43
CA UNK D 23 96.02 116.92 -17.20
C UNK D 23 96.68 118.16 -16.59
N UNK D 24 96.99 119.17 -17.40
CA UNK D 24 97.47 120.45 -16.85
C UNK D 24 96.57 120.96 -15.70
N UNK D 25 97.21 121.54 -14.70
CA UNK D 25 96.54 122.04 -13.51
C UNK D 25 95.52 123.11 -13.88
N UNK D 26 95.86 123.87 -14.92
CA UNK D 26 95.01 124.90 -15.49
C UNK D 26 95.10 126.16 -14.63
N UNK D 27 96.15 126.29 -13.81
CA UNK D 27 96.65 127.64 -13.45
C UNK D 27 97.49 128.09 -14.64
N UNK D 28 97.40 129.34 -15.12
CA UNK D 28 98.22 129.70 -16.30
C UNK D 28 99.71 129.54 -15.95
N UNK D 29 100.08 129.75 -14.69
CA UNK D 29 101.34 129.22 -14.14
C UNK D 29 101.04 128.16 -13.05
N UNK D 30 101.41 126.92 -13.34
CA UNK D 30 101.02 125.71 -12.58
C UNK D 30 101.87 125.53 -11.30
N UNK D 31 103.00 126.23 -11.24
CA UNK D 31 103.91 126.15 -10.13
C UNK D 31 104.30 127.55 -9.63
N UNK D 32 104.44 127.66 -8.32
CA UNK D 32 105.03 128.83 -7.70
C UNK D 32 106.40 128.41 -7.15
N UNK D 33 107.43 129.14 -7.56
CA UNK D 33 108.81 128.76 -7.22
C UNK D 33 109.24 128.98 -5.78
N UNK D 34 110.47 130.25 -4.64
CA UNK D 34 109.12 129.81 -4.29
C UNK D 34 109.16 128.82 -3.14
N UNK D 35 107.98 128.50 -2.61
CA UNK D 35 107.87 127.54 -1.48
C UNK D 35 107.34 126.11 -1.79
N UNK D 36 108.00 125.44 -2.75
CA UNK D 36 107.80 123.99 -2.94
C UNK D 36 108.28 123.23 -1.76
N UNK D 37 109.21 123.87 -1.03
CA UNK D 37 109.68 123.38 0.21
C UNK D 37 108.52 122.65 0.86
N UNK D 38 107.32 123.27 0.86
CA UNK D 38 106.14 122.62 1.39
C UNK D 38 105.84 121.38 0.59
N UNK D 39 105.95 121.45 -0.73
CA UNK D 39 105.79 120.26 -1.60
C UNK D 39 106.69 119.11 -1.20
N UNK D 40 108.00 119.40 -1.13
CA UNK D 40 108.97 118.42 -0.64
C UNK D 40 108.59 117.86 0.73
N UNK D 41 108.29 118.77 1.65
CA UNK D 41 107.93 118.39 3.02
C UNK D 41 106.73 117.46 3.02
N UNK D 42 105.72 117.79 2.23
CA UNK D 42 104.53 116.93 2.07
C UNK D 42 104.88 115.63 1.38
N UNK D 43 105.88 115.67 0.49
CA UNK D 43 106.27 114.47 -0.27
C UNK D 43 107.12 113.50 0.59
N UNK D 44 108.14 114.08 1.22
CA UNK D 44 109.03 113.33 2.11
C UNK D 44 108.27 112.62 3.23
N UNK D 45 107.38 113.35 3.89
CA UNK D 45 106.56 112.80 4.99
C UNK D 45 105.72 111.65 4.49
N UNK D 46 105.08 111.84 3.34
CA UNK D 46 104.24 110.80 2.75
C UNK D 46 105.10 109.57 2.48
N UNK D 47 106.25 109.79 1.84
CA UNK D 47 107.18 108.68 1.57
C UNK D 47 107.56 107.94 2.86
N UNK D 48 107.93 108.71 3.88
CA UNK D 48 108.28 108.12 5.17
C UNK D 48 107.14 107.31 5.76
N UNK D 49 105.93 107.89 5.77
CA UNK D 49 104.75 107.22 6.33
C UNK D 49 104.46 105.92 5.57
N UNK D 50 104.49 106.01 4.22
CA UNK D 50 104.27 104.81 3.39
C UNK D 50 105.33 103.77 3.70
N UNK D 51 106.60 104.19 3.83
CA UNK D 51 107.66 103.22 4.22
C UNK D 51 107.36 102.53 5.54
N UNK D 52 106.95 103.32 6.54
CA UNK D 52 106.60 102.77 7.84
C UNK D 52 105.41 101.81 7.71
N UNK D 53 104.43 102.18 6.90
CA UNK D 53 103.26 101.33 6.72
C UNK D 53 103.70 100.01 6.09
N UNK D 54 104.57 100.11 5.08
CA UNK D 54 105.09 98.94 4.40
C UNK D 54 105.83 98.05 5.37
N UNK D 55 106.69 98.66 6.18
CA UNK D 55 107.43 97.90 7.21
C UNK D 55 106.47 97.21 8.20
N UNK D 56 105.47 97.97 8.66
CA UNK D 56 104.47 97.42 9.60
C UNK D 56 103.73 96.25 8.97
N UNK D 57 103.38 96.38 7.69
CA UNK D 57 102.72 95.28 6.98
C UNK D 57 103.53 93.97 7.05
N UNK D 58 95.71 84.82 14.89
CA UNK D 58 95.12 83.71 14.12
C UNK D 58 93.97 84.21 13.21
N UNK D 59 92.75 83.68 13.32
CA UNK D 59 91.68 84.16 12.45
C UNK D 59 91.78 85.67 12.50
N UNK D 60 92.08 86.16 13.70
CA UNK D 60 92.45 87.54 13.89
C UNK D 60 93.58 87.95 12.97
N UNK D 61 94.61 87.13 12.89
CA UNK D 61 95.76 87.39 12.00
C UNK D 61 95.31 87.55 10.54
N UNK D 62 94.46 86.63 10.09
CA UNK D 62 93.90 86.70 8.74
C UNK D 62 93.06 87.97 8.54
N UNK D 63 92.23 88.29 9.53
CA UNK D 63 91.42 89.52 9.48
C UNK D 63 92.33 90.76 9.38
N UNK D 64 93.42 90.74 10.17
CA UNK D 64 94.41 91.81 10.15
C UNK D 64 95.10 91.91 8.79
N UNK D 65 95.45 90.75 8.22
CA UNK D 65 96.00 90.74 6.86
C UNK D 65 94.99 91.32 5.87
N UNK D 66 93.71 90.98 6.05
CA UNK D 66 92.64 91.55 5.21
C UNK D 66 92.52 93.08 5.35
N UNK D 67 92.62 93.53 6.60
CA UNK D 67 92.66 94.97 6.90
C UNK D 67 93.86 95.59 6.19
N UNK D 68 95.00 94.91 6.25
CA UNK D 68 96.21 95.36 5.54
C UNK D 68 95.96 95.46 4.03
N UNK D 69 95.29 94.46 3.48
CA UNK D 69 94.91 94.50 2.05
C UNK D 69 94.04 95.70 1.73
N UNK D 70 93.04 95.93 2.59
CA UNK D 70 92.16 97.08 2.41
C UNK D 70 92.93 98.39 2.52
N UNK D 71 93.89 98.44 3.44
CA UNK D 71 94.76 99.62 3.59
C UNK D 71 95.63 99.83 2.36
N UNK D 72 96.15 98.74 1.81
CA UNK D 72 96.89 98.80 0.58
C UNK D 72 95.98 99.34 -0.56
N UNK D 73 94.74 98.85 -0.57
CA UNK D 73 93.74 99.36 -1.53
C UNK D 73 93.57 100.84 -1.30
N UNK D 74 93.53 101.25 -0.04
CA UNK D 74 93.59 102.67 0.29
C UNK D 74 94.90 103.20 -0.22
N UNK D 75 95.95 102.38 -0.08
CA UNK D 75 97.28 102.71 -0.59
C UNK D 75 97.27 102.85 -2.11
N UNK D 76 96.53 102.00 -2.79
CA UNK D 76 96.37 102.13 -4.22
C UNK D 76 95.53 103.38 -4.61
N UNK D 77 94.50 103.71 -3.82
CA UNK D 77 93.78 104.98 -4.02
C UNK D 77 94.72 106.16 -3.80
N UNK D 78 95.62 106.04 -2.82
CA UNK D 78 96.71 107.01 -2.56
C UNK D 78 97.70 107.10 -3.73
N UNK D 79 97.92 105.95 -4.36
CA UNK D 79 98.81 105.85 -5.51
C UNK D 79 98.33 106.77 -6.61
N UNK D 80 97.00 106.90 -6.70
CA UNK D 80 96.32 107.62 -7.77
C UNK D 80 96.46 109.13 -7.63
N UNK D 81 96.03 109.78 -8.72
CA UNK D 81 96.37 111.16 -9.02
C UNK D 81 95.69 112.17 -8.13
N UNK D 82 94.43 111.92 -7.79
CA UNK D 82 93.63 112.89 -7.06
C UNK D 82 94.36 113.31 -5.82
N UNK D 83 94.93 112.32 -5.14
CA UNK D 83 95.91 112.62 -4.12
C UNK D 83 96.91 113.61 -4.70
N UNK D 84 97.08 113.58 -6.01
CA UNK D 84 98.01 114.40 -6.73
C UNK D 84 99.36 113.76 -6.51
N UNK D 85 99.34 112.44 -6.40
CA UNK D 85 100.54 111.64 -6.56
C UNK D 85 101.10 111.88 -7.96
N UNK D 86 100.18 112.08 -8.90
CA UNK D 86 100.54 112.57 -10.22
C UNK D 86 101.16 113.97 -10.10
N UNK D 87 100.64 114.81 -9.17
CA UNK D 87 101.26 116.14 -8.92
C UNK D 87 102.69 115.98 -8.45
N UNK D 88 102.87 115.04 -7.54
CA UNK D 88 104.18 114.70 -7.03
C UNK D 88 105.08 114.20 -8.16
N UNK D 89 104.56 113.35 -9.05
CA UNK D 89 105.31 112.85 -10.21
C UNK D 89 105.71 113.99 -11.13
N UNK D 90 104.79 114.93 -11.33
CA UNK D 90 105.06 116.14 -12.11
C UNK D 90 106.13 116.99 -11.46
N UNK D 91 106.09 117.13 -10.14
CA UNK D 91 107.17 117.84 -9.43
C UNK D 91 108.50 117.08 -9.58
N UNK D 92 108.44 115.76 -9.49
CA UNK D 92 109.58 114.88 -9.69
C UNK D 92 110.15 115.10 -11.08
N UNK D 93 109.26 115.35 -12.03
CA UNK D 93 109.64 116.02 -13.26
C UNK D 93 110.29 117.36 -12.83
N UNK D 94 109.71 117.99 -11.82
CA UNK D 94 110.34 119.10 -11.18
C UNK D 94 111.63 118.64 -10.47
N UNK D 95 112.63 119.51 -10.45
CA UNK D 95 114.02 119.12 -10.12
C UNK D 95 114.25 118.39 -8.80
N UNK D 96 113.60 118.83 -7.73
CA UNK D 96 113.92 118.34 -6.38
C UNK D 96 113.49 116.90 -6.19
N UNK D 97 114.37 116.08 -5.62
CA UNK D 97 114.10 114.68 -5.31
C UNK D 97 113.49 113.88 -6.49
N UNK D 98 114.11 114.04 -7.64
CA UNK D 98 113.53 113.45 -8.85
C UNK D 98 113.60 111.92 -8.89
N UNK D 99 114.74 111.35 -8.52
CA UNK D 99 114.90 109.90 -8.67
C UNK D 99 113.64 109.26 -8.12
N UNK D 100 113.28 109.66 -6.91
CA UNK D 100 112.02 109.26 -6.32
C UNK D 100 111.89 107.69 -6.36
N UNK D 101 113.05 107.04 -6.50
CA UNK D 101 113.11 105.61 -6.71
C UNK D 101 112.58 104.91 -5.49
N UNK D 102 112.86 105.47 -4.31
CA UNK D 102 112.44 104.86 -3.06
C UNK D 102 110.94 104.93 -2.87
N UNK D 103 110.35 106.07 -3.18
CA UNK D 103 108.89 106.14 -3.39
C UNK D 103 108.40 105.22 -4.50
N UNK D 104 109.07 105.25 -5.65
CA UNK D 104 108.72 104.39 -6.79
C UNK D 104 108.99 102.88 -6.55
N UNK D 105 110.14 102.61 -5.94
CA UNK D 105 110.49 101.27 -5.49
C UNK D 105 109.50 100.88 -4.41
N UNK D 106 109.05 101.87 -3.65
CA UNK D 106 108.04 101.69 -2.61
C UNK D 106 106.71 101.31 -3.22
N UNK D 107 106.35 101.90 -4.35
CA UNK D 107 105.15 101.49 -5.09
C UNK D 107 105.27 100.04 -5.53
N UNK D 108 106.44 99.68 -6.06
CA UNK D 108 106.71 98.28 -6.42
C UNK D 108 106.55 97.35 -5.21
N UNK D 109 107.09 97.80 -4.09
CA UNK D 109 106.99 97.09 -2.82
C UNK D 109 105.55 96.95 -2.34
N UNK D 110 104.75 98.00 -2.55
CA UNK D 110 103.33 98.01 -2.23
C UNK D 110 102.58 97.06 -3.13
N UNK D 111 102.93 97.03 -4.41
CA UNK D 111 102.38 96.02 -5.33
C UNK D 111 102.73 94.63 -4.81
N UNK D 112 103.98 94.45 -4.42
CA UNK D 112 104.40 93.17 -3.81
C UNK D 112 103.59 92.81 -2.57
N UNK D 113 103.31 93.82 -1.75
CA UNK D 113 102.52 93.65 -0.53
C UNK D 113 101.07 93.29 -0.87
N UNK D 114 100.52 93.94 -1.89
CA UNK D 114 99.19 93.59 -2.37
C UNK D 114 99.20 92.15 -2.88
N UNK D 115 100.26 91.77 -3.59
CA UNK D 115 100.43 90.38 -4.04
C UNK D 115 100.49 89.43 -2.85
N UNK D 116 101.20 89.81 -1.79
CA UNK D 116 101.27 89.01 -0.57
C UNK D 116 99.91 88.90 0.11
N UNK D 117 99.17 90.01 0.15
CA UNK D 117 97.82 90.01 0.68
C UNK D 117 96.99 89.05 -0.13
N UNK D 118 97.19 89.08 -1.43
CA UNK D 118 96.62 88.07 -2.29
C UNK D 118 97.08 86.68 -1.80
N UNK D 119 98.35 86.57 -1.44
CA UNK D 119 98.88 85.33 -0.89
C UNK D 119 98.37 85.05 0.52
N UNK D 120 98.35 86.07 1.37
CA UNK D 120 97.86 85.93 2.72
C UNK D 120 96.38 85.67 2.63
N UNK D 121 95.68 86.39 1.75
CA UNK D 121 94.22 86.25 1.62
C UNK D 121 93.66 84.83 1.51
N UNK D 122 65.46 70.33 -9.07
CA UNK D 122 66.57 69.40 -8.99
C UNK D 122 67.31 69.58 -7.66
N UNK D 123 66.97 68.71 -6.71
CA UNK D 123 67.62 68.69 -5.39
C UNK D 123 69.12 68.44 -5.51
N UNK D 124 69.48 67.53 -6.42
CA UNK D 124 70.87 67.33 -6.83
C UNK D 124 71.47 68.64 -7.34
N UNK D 125 70.68 69.39 -8.13
CA UNK D 125 71.15 70.68 -8.66
C UNK D 125 71.40 71.64 -7.50
N UNK D 126 70.51 71.64 -6.52
CA UNK D 126 70.65 72.46 -5.31
C UNK D 126 71.90 72.08 -4.55
N UNK D 127 72.13 70.76 -4.42
CA UNK D 127 73.37 70.26 -3.80
C UNK D 127 74.63 70.70 -4.57
N UNK D 128 74.57 70.64 -5.91
CA UNK D 128 75.67 71.13 -6.77
C UNK D 128 75.91 72.60 -6.50
N UNK D 129 74.81 73.37 -6.44
CA UNK D 129 74.89 74.81 -6.13
C UNK D 129 75.54 75.05 -4.77
N UNK D 130 75.14 74.24 -3.78
CA UNK D 130 75.74 74.29 -2.45
C UNK D 130 77.24 73.97 -2.48
N UNK D 131 77.61 72.95 -3.24
CA UNK D 131 79.03 72.62 -3.40
C UNK D 131 79.77 73.78 -4.03
N UNK D 132 79.16 74.39 -5.05
CA UNK D 132 79.75 75.57 -5.69
C UNK D 132 79.91 76.71 -4.67
N UNK D 133 78.90 76.90 -3.82
CA UNK D 133 78.96 77.91 -2.77
C UNK D 133 80.06 77.62 -1.76
N UNK D 134 80.21 76.34 -1.42
CA UNK D 134 81.30 75.92 -0.56
C UNK D 134 82.64 76.21 -1.22
N UNK D 135 82.75 75.93 -2.52
CA UNK D 135 83.97 76.27 -3.27
C UNK D 135 84.22 77.80 -3.23
N UNK D 136 83.15 78.57 -3.37
CA UNK D 136 83.24 80.04 -3.25
C UNK D 136 83.69 80.49 -1.85
N UNK D 137 83.18 79.83 -0.81
CA UNK D 137 83.65 80.09 0.55
C UNK D 137 85.12 79.73 0.67
N UNK D 138 85.50 78.63 0.05
CA UNK D 138 86.92 78.21 0.02
C UNK D 138 87.84 79.22 -0.66
N UNK D 139 87.37 79.78 -1.80
CA UNK D 139 88.21 80.64 -2.72
C UNK D 139 89.18 81.61 -2.04
N UNK D 140 90.33 81.80 -2.69
CA UNK D 140 91.48 82.55 -2.15
C UNK D 140 91.09 83.91 -1.56
N UNK D 141 91.72 84.27 -0.45
CA UNK D 141 91.34 85.51 0.25
C UNK D 141 91.58 86.77 -0.60
N UNK D 142 90.60 87.64 -0.57
CA UNK D 142 90.78 89.03 -0.98
C UNK D 142 90.08 89.86 0.09
N UNK D 143 90.56 91.09 0.31
CA UNK D 143 90.18 91.85 1.53
C UNK D 143 88.65 91.85 1.76
N UNK D 144 88.22 91.22 2.86
CA UNK D 144 86.82 91.18 3.26
C UNK D 144 86.64 91.96 4.55
N UNK D 145 85.90 93.07 4.48
CA UNK D 145 85.32 93.71 5.67
C UNK D 145 84.05 92.95 6.00
N UNK D 146 83.42 93.32 7.11
CA UNK D 146 82.14 92.72 7.49
C UNK D 146 81.39 92.50 6.18
N UNK D 147 81.64 93.38 5.21
CA UNK D 147 80.90 93.33 3.96
C UNK D 147 80.79 91.92 3.39
N UNK D 148 81.85 91.15 3.50
CA UNK D 148 81.82 89.78 3.03
C UNK D 148 80.81 89.01 3.86
N UNK D 149 80.82 89.23 5.17
CA UNK D 149 79.84 88.60 6.06
C UNK D 149 78.42 89.01 5.69
N UNK D 150 78.21 90.31 5.45
CA UNK D 150 76.86 90.77 5.05
C UNK D 150 76.43 90.09 3.75
N UNK D 151 77.36 89.99 2.80
CA UNK D 151 77.09 89.30 1.55
C UNK D 151 76.76 87.84 1.81
N UNK D 152 77.49 87.23 2.72
CA UNK D 152 77.26 85.84 3.10
C UNK D 152 75.88 85.71 3.62
N UNK D 153 75.48 86.62 4.50
CA UNK D 153 74.11 86.63 5.06
C UNK D 153 73.04 86.80 3.98
N UNK D 154 73.25 87.78 3.10
CA UNK D 154 72.31 87.99 2.01
C UNK D 154 72.19 86.73 1.13
N UNK D 155 73.32 86.08 0.86
CA UNK D 155 73.35 84.84 0.07
C UNK D 155 72.54 83.74 0.72
N UNK D 156 72.70 83.58 2.03
CA UNK D 156 71.94 82.57 2.80
C UNK D 156 70.44 82.87 2.69
N UNK D 157 70.09 84.16 2.82
CA UNK D 157 68.68 84.58 2.72
C UNK D 157 68.15 84.27 1.32
N UNK D 158 68.95 84.59 0.31
CA UNK D 158 68.55 84.28 -1.06
C UNK D 158 68.39 82.77 -1.27
N UNK D 159 69.30 81.99 -0.70
CA UNK D 159 69.23 80.53 -0.78
C UNK D 159 67.96 79.99 -0.15
N UNK D 160 67.59 80.56 1.00
CA UNK D 160 66.27 80.25 1.58
C UNK D 160 65.23 80.59 0.55
N UNK D 161 65.41 81.74 -0.11
CA UNK D 161 64.53 82.12 -1.21
C UNK D 161 64.48 81.04 -2.28
N UNK D 162 65.64 80.42 -2.53
CA UNK D 162 65.71 79.29 -3.47
C UNK D 162 64.91 78.11 -2.93
N UNK D 163 64.98 77.90 -1.60
CA UNK D 163 64.17 76.84 -1.00
C UNK D 163 62.68 77.13 -1.22
N UNK D 164 62.33 78.42 -1.12
CA UNK D 164 60.98 78.88 -1.39
C UNK D 164 60.58 78.62 -2.86
N UNK D 165 61.49 78.93 -3.78
CA UNK D 165 61.27 78.72 -5.19
C UNK D 165 61.07 77.23 -5.46
N UNK D 166 61.89 76.40 -4.82
CA UNK D 166 61.73 74.95 -4.90
C UNK D 166 60.39 74.50 -4.31
N UNK D 167 60.00 75.12 -3.22
CA UNK D 167 58.69 74.79 -2.62
C UNK D 167 57.56 75.14 -3.57
N UNK D 168 49.78 62.12 -4.06
CA UNK D 168 50.52 61.30 -5.01
C UNK D 168 51.68 60.58 -4.31
N UNK D 169 51.71 59.26 -4.43
CA UNK D 169 52.75 58.43 -3.80
C UNK D 169 54.15 58.79 -4.29
N UNK D 170 54.27 58.98 -5.61
CA UNK D 170 55.53 59.41 -6.22
C UNK D 170 55.94 60.78 -5.68
N UNK D 171 54.97 61.69 -5.55
CA UNK D 171 55.23 63.00 -4.97
C UNK D 171 55.70 62.87 -3.52
N UNK D 172 55.05 61.99 -2.76
CA UNK D 172 55.46 61.71 -1.38
C UNK D 172 56.89 61.15 -1.34
N UNK D 173 57.21 60.24 -2.25
CA UNK D 173 58.58 59.71 -2.37
C UNK D 173 59.58 60.82 -2.69
N UNK D 174 59.20 61.70 -3.61
CA UNK D 174 60.03 62.87 -3.95
C UNK D 174 60.22 63.76 -2.74
N UNK D 175 59.15 63.98 -1.97
CA UNK D 175 59.23 64.75 -0.72
C UNK D 175 60.18 64.07 0.26
N UNK D 176 60.08 62.76 0.38
CA UNK D 176 61.00 61.99 1.23
C UNK D 176 62.46 62.16 0.77
N UNK D 177 62.67 62.08 -0.55
CA UNK D 177 64.01 62.33 -1.11
C UNK D 177 64.49 63.73 -0.78
N UNK D 178 63.59 64.71 -0.90
CA UNK D 178 63.88 66.08 -0.51
C UNK D 178 64.25 66.15 0.97
N UNK D 179 63.56 65.40 1.80
CA UNK D 179 63.85 65.32 3.26
C UNK D 179 65.23 64.76 3.55
N UNK D 180 65.59 63.68 2.82
CA UNK D 180 66.95 63.13 2.91
C UNK D 180 68.00 64.17 2.53
N UNK D 181 67.69 64.93 1.47
CA UNK D 181 68.57 66.04 1.04
C UNK D 181 68.66 67.06 2.13
N UNK D 182 67.53 67.43 2.71
CA UNK D 182 67.48 68.41 3.80
C UNK D 182 68.33 67.94 4.99
N UNK D 183 68.24 66.64 5.32
CA UNK D 183 69.15 66.07 6.34
C UNK D 183 70.62 66.26 5.97
N UNK D 184 70.95 66.00 4.71
CA UNK D 184 72.32 66.21 4.21
C UNK D 184 72.77 67.67 4.31
N UNK D 185 71.83 68.58 3.99
CA UNK D 185 72.05 70.01 4.10
C UNK D 185 72.27 70.41 5.57
N UNK D 186 71.47 69.87 6.46
CA UNK D 186 71.66 70.17 7.88
C UNK D 186 73.02 69.60 8.27
N UNK D 187 73.27 68.38 7.80
CA UNK D 187 74.53 67.69 8.05
C UNK D 187 75.73 68.35 7.38
N UNK D 188 75.54 68.79 6.14
CA UNK D 188 76.61 69.43 5.37
C UNK D 188 77.13 70.67 6.09
N UNK D 189 76.20 71.46 6.63
CA UNK D 189 76.57 72.68 7.34
C UNK D 189 77.41 72.35 8.57
N UNK D 190 77.03 71.29 9.28
CA UNK D 190 77.75 70.87 10.46
C UNK D 190 79.17 70.46 10.09
N UNK D 191 79.30 69.74 8.98
CA UNK D 191 80.60 69.29 8.50
C UNK D 191 81.47 70.50 8.16
N UNK D 192 80.87 71.48 7.50
CA UNK D 192 81.58 72.69 7.11
C UNK D 192 82.02 73.49 8.33
N UNK D 193 81.13 73.62 9.30
CA UNK D 193 81.43 74.36 10.53
C UNK D 193 82.58 73.70 11.28
N UNK D 194 82.56 72.37 11.34
CA UNK D 194 83.61 71.63 12.03
C UNK D 194 84.96 71.86 11.34
N UNK D 195 84.94 71.86 10.01
CA UNK D 195 86.15 72.09 9.22
C UNK D 195 86.67 73.49 9.50
N UNK D 196 85.77 74.47 9.58
CA UNK D 196 86.15 75.84 9.86
C UNK D 196 86.80 75.94 11.24
N UNK D 197 86.23 75.24 12.21
CA UNK D 197 86.75 75.23 13.56
C UNK D 197 88.16 74.63 13.57
N UNK D 198 88.35 73.56 12.80
CA UNK D 198 89.65 72.91 12.71
C UNK D 198 90.67 73.86 12.12
N UNK D 199 90.25 74.61 11.09
CA UNK D 199 91.13 75.56 10.44
C UNK D 199 91.53 76.66 11.43
N UNK D 200 90.57 77.10 12.24
CA UNK D 200 90.83 78.13 13.24
C UNK D 200 91.83 77.61 14.27
N UNK D 201 91.67 76.36 14.66
CA UNK D 201 92.58 75.74 15.62
C UNK D 201 93.98 75.68 15.03
N UNK D 202 94.08 75.33 13.76
CA UNK D 202 95.37 75.25 13.08
C UNK D 202 96.03 76.63 13.04
N UNK D 203 95.23 77.66 12.78
CA UNK D 203 95.72 79.02 12.74
C UNK D 203 96.24 79.44 14.11
N UNK D 204 95.53 79.04 15.16
CA UNK D 204 95.92 79.37 16.52
C UNK D 204 96.76 78.26 17.14
N UNK D 205 81.52 81.78 11.86
CA UNK D 205 80.95 83.11 11.75
C UNK D 205 79.62 83.20 12.48
N UNK D 206 79.35 84.28 13.19
CA UNK D 206 78.06 84.38 13.89
C UNK D 206 76.83 84.36 12.97
N UNK D 207 76.90 85.08 11.85
CA UNK D 207 75.77 85.16 10.92
C UNK D 207 75.39 83.84 10.25
N UNK D 208 76.39 83.09 9.79
CA UNK D 208 76.12 81.81 9.13
C UNK D 208 75.46 80.85 10.10
N UNK D 209 75.97 80.84 11.33
CA UNK D 209 75.43 79.98 12.37
C UNK D 209 73.99 80.39 12.67
N UNK D 210 73.73 81.69 12.72
CA UNK D 210 72.37 82.16 12.99
C UNK D 210 71.42 81.69 11.89
N UNK D 211 71.87 81.78 10.64
CA UNK D 211 71.04 81.36 9.51
C UNK D 211 70.74 79.87 9.61
N UNK D 212 71.76 79.10 9.96
CA UNK D 212 71.61 77.65 10.09
C UNK D 212 70.60 77.33 11.19
N UNK D 213 70.69 78.06 12.31
CA UNK D 213 69.79 77.86 13.42
C UNK D 213 68.35 78.15 13.00
N UNK D 214 68.15 79.21 12.23
CA UNK D 214 66.82 79.56 11.78
C UNK D 214 66.27 78.45 10.89
N UNK D 215 67.12 77.93 10.01
CA UNK D 215 66.70 76.86 9.11
C UNK D 215 66.31 75.62 9.91
N UNK D 216 67.10 75.32 10.93
CA UNK D 216 66.85 74.18 11.79
C UNK D 216 65.52 74.33 12.51
N UNK D 217 65.24 75.54 12.97
CA UNK D 217 63.99 75.81 13.67
C UNK D 217 62.83 75.57 12.73
N UNK D 218 62.96 76.04 11.49
CA UNK D 218 61.91 75.85 10.51
C UNK D 218 61.69 74.35 10.25
N UNK D 219 62.79 73.62 10.15
CA UNK D 219 62.77 72.18 9.92
C UNK D 219 62.11 71.38 11.05
N UNK D 220 62.34 71.79 12.30
CA UNK D 220 61.78 71.04 13.44
C UNK D 220 60.27 71.03 13.37
N UNK D 221 59.72 72.19 13.04
CA UNK D 221 58.29 72.39 12.87
C UNK D 221 57.71 71.36 11.88
N UNK D 222 58.44 71.13 10.79
CA UNK D 222 58.00 70.18 9.80
C UNK D 222 57.90 68.78 10.39
N UNK D 223 58.89 68.40 11.20
CA UNK D 223 58.89 67.08 11.83
C UNK D 223 57.68 66.91 12.76
N UNK D 224 57.39 67.98 13.49
CA UNK D 224 56.26 67.96 14.42
C UNK D 224 54.98 67.74 13.62
N UNK D 225 54.85 68.45 12.50
CA UNK D 225 53.66 68.32 11.65
C UNK D 225 53.55 66.89 11.10
N UNK D 226 54.69 66.33 10.72
CA UNK D 226 54.80 64.97 10.19
C UNK D 226 54.36 63.88 11.18
N UNK D 227 54.64 64.02 12.48
CA UNK D 227 54.23 62.93 13.39
C UNK D 227 52.71 62.69 13.38
N UNK D 228 51.99 63.81 13.37
CA UNK D 228 50.54 64.00 13.33
C UNK D 228 49.91 63.04 12.33
N UNK D 229 50.53 63.00 11.16
CA UNK D 229 50.10 62.12 10.06
C UNK D 229 50.07 60.67 10.51
N UNK D 230 51.17 60.29 11.15
CA UNK D 230 51.36 58.92 11.68
C UNK D 230 50.22 58.57 12.64
N UNK D 231 49.97 59.51 13.52
CA UNK D 231 48.91 59.38 14.55
C UNK D 231 47.56 59.14 13.88
N UNK D 232 47.31 59.95 12.88
CA UNK D 232 46.06 59.89 12.09
C UNK D 232 45.90 58.49 11.48
N UNK D 233 46.97 58.00 10.88
CA UNK D 233 46.95 56.67 10.25
C UNK D 233 46.57 55.59 11.25
N UNK D 234 47.19 55.64 12.42
CA UNK D 234 46.92 54.66 13.48
C UNK D 234 45.45 54.66 13.86
N UNK D 235 45.11 55.49 14.85
CA UNK D 235 43.74 55.63 15.33
C UNK D 235 43.26 54.42 16.12
N UNK D 236 33.35 55.57 9.26
CA UNK D 236 33.45 55.75 7.81
C UNK D 236 34.22 57.02 7.48
N UNK D 237 35.22 56.91 6.61
CA UNK D 237 36.03 58.04 6.21
C UNK D 237 35.19 59.08 5.47
N UNK D 238 35.50 60.35 5.70
CA UNK D 238 36.67 60.76 6.47
C UNK D 238 37.95 60.56 5.66
N UNK D 239 38.08 59.40 5.03
CA UNK D 239 39.26 59.09 4.23
C UNK D 239 39.46 60.12 3.12
N UNK D 240 38.38 60.43 2.41
CA UNK D 240 38.43 61.41 1.31
C UNK D 240 38.94 62.75 1.83
N UNK D 241 38.36 63.14 2.95
CA UNK D 241 38.69 64.41 3.62
C UNK D 241 40.18 64.44 3.96
N UNK D 242 40.62 63.33 4.54
CA UNK D 242 42.02 63.15 4.95
C UNK D 242 42.95 63.33 3.75
N UNK D 243 42.56 62.67 2.67
CA UNK D 243 43.31 62.70 1.40
C UNK D 243 43.44 64.14 0.92
N UNK D 244 42.32 64.84 0.95
CA UNK D 244 42.24 66.24 0.53
C UNK D 244 43.21 67.10 1.33
N UNK D 245 43.17 66.86 2.64
CA UNK D 245 44.03 67.58 3.60
C UNK D 245 45.49 67.38 3.25
N UNK D 246 45.82 66.12 2.99
CA UNK D 246 47.18 65.69 2.64
C UNK D 246 47.64 66.45 1.38
N UNK D 247 46.75 66.47 0.40
CA UNK D 247 47.00 67.13 -0.88
C UNK D 247 47.32 68.61 -0.66
N UNK D 248 46.48 69.22 0.17
CA UNK D 248 46.61 70.64 0.53
C UNK D 248 47.98 70.90 1.15
N UNK D 249 48.34 70.03 2.06
CA UNK D 249 49.63 70.11 2.78
C UNK D 249 50.79 70.07 1.78
N UNK D 250 50.67 69.12 0.86
CA UNK D 250 51.67 68.90 -0.20
C UNK D 250 51.85 70.18 -1.02
N UNK D 251 50.71 70.74 -1.39
CA UNK D 251 50.65 71.97 -2.19
C UNK D 251 51.38 73.10 -1.46
N UNK D 252 51.07 73.21 -0.18
CA UNK D 252 51.67 74.23 0.70
C UNK D 252 53.18 74.10 0.71
N UNK D 253 53.62 72.85 0.87
CA UNK D 253 55.04 72.50 0.91
C UNK D 253 55.73 72.95 -0.38
N UNK D 254 55.07 72.62 -1.48
CA UNK D 254 55.56 72.96 -2.82
C UNK D 254 55.75 74.48 -2.95
N UNK D 255 59.61 90.17 20.58
CA UNK D 255 60.76 90.01 19.70
C UNK D 255 60.33 89.60 18.31
N UNK D 256 61.11 89.97 17.31
CA UNK D 256 60.82 89.64 15.91
C UNK D 256 60.82 88.13 15.71
N UNK D 257 61.78 87.46 16.35
CA UNK D 257 61.89 86.01 16.26
C UNK D 257 60.65 85.39 16.88
N UNK D 258 60.21 85.95 18.01
CA UNK D 258 59.03 85.47 18.68
C UNK D 258 57.84 85.62 17.75
N UNK D 259 57.72 86.76 17.07
CA UNK D 259 56.62 87.00 16.14
C UNK D 259 56.61 86.02 14.97
N UNK D 260 57.78 85.70 14.41
CA UNK D 260 57.87 84.74 13.30
C UNK D 260 57.43 83.36 13.78
N UNK D 261 57.89 83.06 15.00
CA UNK D 261 57.57 81.82 15.67
C UNK D 261 56.07 81.76 15.88
N UNK D 262 55.47 82.89 16.27
CA UNK D 262 54.06 83.08 16.51
C UNK D 262 53.26 82.88 15.24
N UNK D 263 53.75 83.33 14.08
CA UNK D 263 53.02 83.09 12.84
C UNK D 263 52.97 81.58 12.60
N UNK D 264 54.13 80.94 12.80
CA UNK D 264 54.21 79.48 12.65
C UNK D 264 53.28 78.79 13.68
N UNK D 265 53.27 79.33 14.89
CA UNK D 265 52.50 78.90 16.04
C UNK D 265 51.03 79.03 15.79
N UNK D 266 50.64 80.08 15.09
CA UNK D 266 49.26 80.35 14.73
C UNK D 266 48.86 79.22 13.82
N UNK D 267 49.72 78.90 12.85
CA UNK D 267 49.42 77.78 11.99
C UNK D 267 49.31 76.48 12.82
N UNK D 268 50.23 76.28 13.77
CA UNK D 268 50.23 75.10 14.62
C UNK D 268 48.97 75.00 15.47
N UNK D 269 48.53 76.14 16.00
CA UNK D 269 47.34 76.27 16.85
C UNK D 269 46.15 75.88 16.03
N UNK D 270 46.14 76.36 14.79
CA UNK D 270 45.15 75.93 13.87
C UNK D 270 45.63 74.49 13.78
N UNK D 271 46.89 74.24 14.18
CA UNK D 271 47.31 72.83 14.10
C UNK D 271 46.72 72.03 15.25
N UNK D 272 46.84 72.61 16.43
CA UNK D 272 46.34 72.02 17.68
C UNK D 272 44.83 71.76 17.57
N UNK D 273 44.15 72.78 17.08
CA UNK D 273 42.69 72.75 16.90
C UNK D 273 42.31 71.59 15.96
N UNK D 274 43.05 71.51 14.88
CA UNK D 274 42.85 70.48 13.85
C UNK D 274 42.99 69.09 14.47
N UNK D 275 44.04 68.96 15.26
CA UNK D 275 44.36 67.69 15.96
C UNK D 275 43.19 67.29 16.86
N UNK D 276 42.72 68.28 17.60
CA UNK D 276 41.60 68.11 18.54
C UNK D 276 40.37 67.59 17.79
N UNK D 277 40.10 68.24 16.67
CA UNK D 277 38.97 67.91 15.79
C UNK D 277 39.06 66.45 15.35
N UNK D 278 40.26 66.10 14.91
CA UNK D 278 40.57 64.74 14.44
C UNK D 278 40.26 63.72 15.53
N UNK D 279 40.73 64.05 16.71
CA UNK D 279 40.56 63.21 17.92
C UNK D 279 39.07 62.98 18.17
N UNK D 280 38.33 64.08 18.11
CA UNK D 280 36.88 64.08 18.32
C UNK D 280 36.20 63.13 17.33
N UNK D 281 36.61 63.29 16.09
CA UNK D 281 36.09 62.49 14.98
C UNK D 281 36.31 60.99 15.25
N UNK D 282 37.52 60.65 15.67
CA UNK D 282 37.86 59.26 15.97
C UNK D 282 36.94 58.68 17.04
N UNK D 283 36.74 59.45 18.11
CA UNK D 283 35.87 59.02 19.21
C UNK D 283 34.46 58.71 18.71
N UNK D 284 33.92 59.62 17.92
CA UNK D 284 32.57 59.46 17.37
C UNK D 284 32.46 58.17 16.57
N UNK D 285 33.43 57.93 15.70
CA UNK D 285 33.44 56.74 14.86
C UNK D 285 33.41 55.47 15.72
N UNK D 286 36.02 39.73 30.25
CA UNK D 286 34.58 39.65 30.18
C UNK D 286 34.07 39.94 28.77
N UNK D 287 32.75 39.95 28.61
CA UNK D 287 32.15 40.21 27.31
C UNK D 287 32.52 41.61 26.82
N UNK D 288 32.50 42.58 27.74
CA UNK D 288 32.84 43.96 27.39
C UNK D 288 34.29 44.03 26.94
N UNK D 289 35.15 43.31 27.63
CA UNK D 289 36.58 43.28 27.29
C UNK D 289 36.75 42.68 25.91
N UNK D 290 36.01 41.61 25.63
CA UNK D 290 36.10 40.94 24.33
C UNK D 290 35.76 41.90 23.20
N UNK D 291 34.56 42.46 23.23
CA UNK D 291 34.12 43.39 22.20
C UNK D 291 35.01 44.63 22.18
N UNK D 292 35.37 45.11 23.37
CA UNK D 292 36.23 46.28 23.47
C UNK D 292 37.59 45.98 22.87
N UNK D 293 38.09 44.78 23.14
CA UNK D 293 39.38 44.36 22.61
C UNK D 293 39.32 44.30 21.08
N UNK D 294 38.21 43.80 20.57
CA UNK D 294 38.02 43.70 19.13
C UNK D 294 38.01 45.10 18.51
N UNK D 295 37.35 46.03 19.19
CA UNK D 295 37.28 47.41 18.71
C UNK D 295 38.68 48.01 18.68
N UNK D 296 39.46 47.72 19.72
CA UNK D 296 40.82 48.21 19.81
C UNK D 296 41.67 47.67 18.67
N UNK D 297 41.47 46.39 18.34
CA UNK D 297 42.20 45.75 17.27
C UNK D 297 42.28 46.64 16.03
N UNK D 298 42.41 61.31 20.41
CA UNK D 298 42.70 62.01 21.65
C UNK D 298 41.44 62.22 22.47
N UNK D 299 40.30 62.33 21.80
CA UNK D 299 39.03 62.53 22.47
C UNK D 299 38.33 61.19 22.65
N UNK D 300 38.39 60.34 21.64
CA UNK D 300 37.78 59.02 21.70
C UNK D 300 38.45 58.19 22.79
N UNK D 301 39.77 58.30 22.88
CA UNK D 301 40.53 57.57 23.89
C UNK D 301 40.11 58.04 25.28
N UNK D 302 39.94 59.35 25.43
CA UNK D 302 39.53 59.92 26.71
C UNK D 302 38.15 59.40 27.09
N UNK D 303 37.25 59.32 26.11
CA UNK D 303 35.90 58.83 26.35
C UNK D 303 35.95 57.37 26.79
N UNK D 304 36.82 56.59 26.15
CA UNK D 304 36.98 55.18 26.48
C UNK D 304 37.49 55.04 27.91
N UNK D 305 38.43 55.90 28.29
CA UNK D 305 38.99 55.88 29.63
C UNK D 305 37.90 56.20 30.65
N UNK D 306 37.05 57.17 30.32
CA UNK D 306 35.96 57.55 31.20
C UNK D 306 35.01 56.37 31.38
N UNK D 307 34.72 55.67 30.29
CA UNK D 307 33.82 54.52 30.35
C UNK D 307 34.44 53.43 31.23
N UNK D 308 36.56 53.85 33.68
CA UNK D 308 36.63 54.33 35.06
C UNK D 308 35.74 53.62 36.09
N UNK D 309 34.98 52.62 35.65
CA UNK D 309 34.14 51.88 36.62
C UNK D 309 33.64 50.59 35.97
N UNK D 310 33.15 50.74 34.76
CA UNK D 310 32.61 49.63 33.95
C UNK D 310 33.69 48.55 33.77
N UNK D 311 34.87 49.03 33.41
CA UNK D 311 36.03 48.17 33.17
C UNK D 311 36.35 47.36 34.43
N UNK D 312 36.35 48.07 35.55
CA UNK D 312 36.63 47.50 36.86
C UNK D 312 35.63 46.37 37.17
N UNK D 313 34.37 46.69 36.91
CA UNK D 313 33.25 45.77 37.12
C UNK D 313 33.47 44.48 36.32
N UNK D 314 33.82 44.69 35.07
CA UNK D 314 34.08 43.61 34.11
C UNK D 314 35.18 42.69 34.64
N UNK D 315 36.24 43.34 35.10
CA UNK D 315 37.42 42.66 35.67
C UNK D 315 37.00 41.77 36.84
N UNK D 316 36.20 42.38 37.70
CA UNK D 316 35.68 41.72 38.91
C UNK D 316 34.90 40.45 38.51
N UNK D 317 34.04 40.63 37.53
CA UNK D 317 33.20 39.56 36.99
C UNK D 317 34.07 38.40 36.50
N UNK D 318 35.09 38.78 35.76
CA UNK D 318 36.05 37.82 35.18
C UNK D 318 36.71 37.01 36.30
N UNK D 319 37.13 37.73 37.31
CA UNK D 319 37.79 37.15 38.48
C UNK D 319 36.87 36.11 39.14
N UNK D 320 35.63 36.53 39.31
CA UNK D 320 34.59 35.69 39.92
C UNK D 320 34.43 34.39 39.13
N UNK D 321 34.36 34.56 37.82
CA UNK D 321 34.21 33.44 36.87
C UNK D 321 35.36 32.45 37.05
N UNK D 322 36.56 33.02 37.11
CA UNK D 322 37.80 32.25 37.26
C UNK D 322 37.73 31.42 38.56
N UNK D 323 37.31 32.09 39.61
CA UNK D 323 37.18 31.49 40.94
C UNK D 323 36.23 30.28 40.88
N UNK D 324 35.11 30.53 40.22
CA UNK D 324 34.06 29.51 40.04
C UNK D 324 34.64 28.28 39.33
N UNK D 325 35.37 28.56 38.27
CA UNK D 325 36.02 27.53 37.45
C UNK D 325 36.95 26.68 38.31
N UNK D 326 37.73 27.38 39.10
CA UNK D 326 38.70 26.77 40.01
C UNK D 326 37.99 25.81 40.98
N UNK D 327 36.91 26.32 41.53
CA UNK D 327 36.07 25.58 42.48
C UNK D 327 35.57 24.28 41.83
N UNK D 328 35.08 24.44 40.62
CA UNK D 328 34.54 23.33 39.82
C UNK D 328 35.62 22.26 39.63
N UNK D 329 36.81 22.68 39.27
CA UNK D 329 37.93 21.76 39.06
C UNK D 329 38.20 20.94 40.32
N UNK D 330 38.27 21.62 41.46
CA UNK D 330 38.53 20.95 42.74
C UNK D 330 37.48 19.87 43.02
N UNK D 331 36.22 20.22 42.83
CA UNK D 331 35.12 19.28 43.06
C UNK D 331 35.28 18.03 42.21
N UNK D 332 35.56 18.23 40.92
CA UNK D 332 35.74 17.11 40.00
C UNK D 332 36.84 16.18 40.47
N UNK D 333 48.26 4.47 35.31
CA UNK D 333 48.82 5.81 35.27
C UNK D 333 47.90 6.78 34.52
N UNK D 334 46.81 6.24 33.96
CA UNK D 334 45.87 7.05 33.21
C UNK D 334 45.23 8.10 34.12
N UNK D 335 44.91 7.71 35.34
CA UNK D 335 44.30 8.62 36.30
C UNK D 335 45.28 9.75 36.63
N UNK D 336 46.55 9.39 36.79
CA UNK D 336 47.58 10.37 37.11
C UNK D 336 47.72 11.35 35.95
N UNK D 337 47.66 10.83 34.72
CA UNK D 337 47.77 11.66 33.53
C UNK D 337 46.59 12.65 33.48
N UNK D 338 45.40 12.15 33.81
CA UNK D 338 44.21 12.98 33.82
C UNK D 338 44.35 14.09 34.85
N UNK D 339 44.90 13.75 36.02
CA UNK D 339 45.12 14.72 37.08
C UNK D 339 46.09 15.80 36.62
N UNK D 340 47.14 15.37 35.91
CA UNK D 340 48.14 16.30 35.40
C UNK D 340 47.49 17.25 34.39
N UNK D 341 46.63 16.70 33.55
CA UNK D 341 45.93 17.51 32.55
C UNK D 341 45.04 18.54 33.24
N UNK D 342 44.36 18.12 34.31
CA UNK D 342 43.50 19.01 35.05
C UNK D 342 44.32 20.14 35.68
N UNK D 343 45.50 19.80 36.20
CA UNK D 343 46.39 20.78 36.80
C UNK D 343 46.83 21.78 35.74
N UNK D 344 47.14 21.29 34.55
CA UNK D 344 47.56 22.16 33.45
C UNK D 344 46.44 23.11 33.07
N UNK D 345 45.22 22.59 33.05
CA UNK D 345 44.04 23.40 32.73
C UNK D 345 43.87 24.50 33.77
N UNK D 346 44.06 24.14 35.03
CA UNK D 346 43.94 25.10 36.13
C UNK D 346 44.99 26.19 35.98
N UNK D 347 46.21 25.80 35.61
CA UNK D 347 47.29 26.74 35.42
C UNK D 347 46.97 27.70 34.28
N UNK D 348 46.38 27.17 33.21
CA UNK D 348 46.00 27.97 32.05
C UNK D 348 45.03 29.08 32.44
N UNK D 349 43.88 28.68 32.98
CA UNK D 349 42.85 29.65 33.39
C UNK D 349 43.50 30.85 34.08
N UNK D 350 44.41 30.52 34.99
CA UNK D 350 45.15 31.53 35.76
C UNK D 350 45.91 32.46 34.83
N UNK D 351 46.58 31.83 33.87
CA UNK D 351 47.39 32.54 32.86
C UNK D 351 46.50 33.52 32.10
N UNK D 352 45.36 33.01 31.68
CA UNK D 352 44.36 33.79 30.92
C UNK D 352 43.94 35.02 31.72
N UNK D 353 43.66 34.77 32.99
CA UNK D 353 43.23 35.82 33.94
C UNK D 353 44.30 36.91 34.02
N UNK D 354 45.52 36.46 34.15
CA UNK D 354 46.70 37.34 34.25
C UNK D 354 46.79 38.24 33.02
N UNK D 355 46.63 37.59 31.88
CA UNK D 355 46.67 38.26 30.56
C UNK D 355 45.62 39.37 30.50
N UNK D 356 44.42 38.99 30.93
CA UNK D 356 43.27 39.90 30.96
C UNK D 356 43.58 41.12 31.80
N UNK D 357 44.14 40.85 32.97
CA UNK D 357 44.53 41.89 33.94
C UNK D 357 45.51 42.87 33.30
N UNK D 358 46.52 42.33 32.62
CA UNK D 358 47.53 43.15 31.96
C UNK D 358 46.89 44.09 30.95
N UNK D 359 45.99 43.56 30.12
CA UNK D 359 45.31 44.36 29.11
C UNK D 359 44.55 45.53 29.75
N UNK D 360 43.81 45.23 30.81
CA UNK D 360 43.05 46.26 31.51
C UNK D 360 43.95 47.38 32.00
N UNK D 361 45.05 47.01 32.63
CA UNK D 361 46.00 47.99 33.15
C UNK D 361 46.51 48.91 32.05
N UNK D 362 43.66 45.83 45.25
CA UNK D 362 44.15 44.85 46.21
C UNK D 362 43.43 43.51 46.06
N UNK D 363 42.17 43.58 45.63
CA UNK D 363 41.36 42.39 45.44
C UNK D 363 41.98 41.50 44.38
N UNK D 364 42.48 42.10 43.31
CA UNK D 364 43.10 41.35 42.24
C UNK D 364 44.34 40.64 42.76
N UNK D 365 45.11 41.34 43.59
CA UNK D 365 46.32 40.77 44.16
C UNK D 365 45.96 39.58 45.04
N UNK D 366 44.89 39.72 45.81
CA UNK D 366 44.44 38.66 46.68
C UNK D 366 44.04 37.44 45.86
N UNK D 367 43.37 37.70 44.75
CA UNK D 367 42.94 36.64 43.85
C UNK D 367 44.15 35.91 43.28
N UNK D 368 45.18 36.68 42.93
CA UNK D 368 46.41 36.12 42.39
C UNK D 368 47.07 35.23 43.44
N UNK D 369 47.07 35.69 44.69
CA UNK D 369 47.66 34.92 45.77
C UNK D 369 46.91 33.61 45.94
N UNK D 370 45.59 33.69 45.85
CA UNK D 370 44.75 32.50 45.99
C UNK D 370 45.06 31.51 44.87
N UNK D 371 45.25 32.04 43.66
CA UNK D 371 45.56 31.22 42.51
C UNK D 371 46.91 30.52 42.72
N UNK D 372 47.86 31.26 43.28
CA UNK D 372 49.18 30.72 43.54
C UNK D 372 49.06 29.59 44.55
N UNK D 373 48.23 29.79 45.57
CA UNK D 373 48.02 28.78 46.59
C UNK D 373 47.42 27.52 45.98
N UNK D 374 46.47 27.72 45.06
CA UNK D 374 45.83 26.61 44.38
C UNK D 374 46.84 25.83 43.56
N UNK D 375 47.74 26.57 42.90
CA UNK D 375 48.77 25.95 42.09
C UNK D 375 49.70 25.12 42.97
N UNK D 376 50.02 25.66 44.14
CA UNK D 376 50.89 24.97 45.09
C UNK D 376 50.21 23.68 45.54
N UNK D 377 48.91 23.76 45.78
CA UNK D 377 48.14 22.60 46.21
C UNK D 377 48.15 21.54 45.13
N UNK D 378 48.02 21.98 43.88
CA UNK D 378 48.02 21.06 42.74
C UNK D 378 49.37 20.37 42.66
N UNK D 379 50.43 21.14 42.91
CA UNK D 379 51.78 20.59 42.88
C UNK D 379 52.01 19.69 44.07
N UNK D 380 51.14 19.80 45.08
CA UNK D 380 51.28 18.97 46.27
C UNK D 380 50.26 17.84 46.24
N UNK D 381 49.04 18.17 45.81
CA UNK D 381 47.98 17.17 45.70
C UNK D 381 48.37 16.10 44.68
N UNK D 382 48.95 16.55 43.57
CA UNK D 382 49.39 15.65 42.51
C UNK D 382 50.49 14.72 43.03
N UNK D 383 51.39 15.27 43.83
CA UNK D 383 52.49 14.50 44.39
C UNK D 383 52.03 13.51 45.44
N UNK D 384 51.84 13.98 46.66
CA UNK D 384 51.40 13.11 47.75
C UNK D 384 50.83 11.81 47.17
N UNK D 385 50.06 11.95 46.09
CA UNK D 385 49.48 10.78 45.43
C UNK D 385 50.61 9.89 44.90
N UNK D 386 51.63 10.51 44.32
CA UNK D 386 52.76 9.78 43.79
C UNK D 386 53.49 9.04 44.92
N UNK D 387 53.62 9.71 46.06
CA UNK D 387 54.28 9.12 47.22
C UNK D 387 53.50 7.91 47.70
N UNK D 388 52.17 8.03 47.70
CA UNK D 388 51.32 6.92 48.12
C UNK D 388 51.50 5.75 47.18
N UNK D 389 51.58 6.03 45.89
CA UNK D 389 51.78 4.99 44.89
C UNK D 389 53.12 4.30 45.11
N UNK D 390 54.14 5.10 45.41
CA UNK D 390 55.48 4.57 45.66
C UNK D 390 55.47 3.66 46.89
N UNK D 391 54.74 4.07 47.92
CA UNK D 391 54.62 3.29 49.14
C UNK D 391 53.95 1.96 48.84
N UNK D 392 52.92 2.00 48.00
CA UNK D 392 52.20 0.80 47.61
C UNK D 392 53.14 -0.14 46.85
N UNK D 393 53.97 0.43 45.97
CA UNK D 393 54.92 -0.34 45.19
C UNK D 393 55.93 -1.01 46.12
N UNK D 394 56.38 -0.28 47.14
CA UNK D 394 57.32 -0.78 48.11
C UNK D 394 56.71 -1.95 48.88
N UNK D 395 55.43 -1.82 49.22
CA UNK D 395 54.72 -2.87 49.95
C UNK D 395 54.83 -4.21 49.23
N UNK D 396 63.50 7.68 38.32
CA UNK D 396 64.24 6.50 37.93
C UNK D 396 63.99 6.15 36.47
N UNK D 397 64.90 6.59 35.59
CA UNK D 397 64.77 6.32 34.17
C UNK D 397 64.83 4.83 33.86
N UNK D 398 65.73 4.13 34.54
CA UNK D 398 65.87 2.69 34.36
C UNK D 398 64.58 2.00 34.79
N UNK D 399 64.02 2.48 35.90
CA UNK D 399 62.78 1.92 36.42
C UNK D 399 61.68 2.13 35.40
N UNK D 400 61.66 3.31 34.78
CA UNK D 400 60.67 3.64 33.78
C UNK D 400 60.79 2.72 32.57
N UNK D 401 62.02 2.44 32.16
CA UNK D 401 62.27 1.55 31.03
C UNK D 401 61.77 0.15 31.36
N UNK D 402 62.02 -0.27 32.59
CA UNK D 402 61.60 -1.58 33.05
C UNK D 402 60.08 -1.64 33.00
N UNK D 403 59.46 -0.55 33.40
CA UNK D 403 58.01 -0.43 33.42
C UNK D 403 57.46 -0.54 32.01
N UNK D 404 58.13 0.10 31.05
CA UNK D 404 57.70 0.04 29.66
C UNK D 404 57.78 -1.39 29.16
N UNK D 405 58.86 -2.08 29.52
CA UNK D 405 59.03 -3.47 29.09
C UNK D 405 57.92 -4.32 29.68
N UNK D 406 57.60 -4.04 30.94
CA UNK D 406 56.55 -4.76 31.65
C UNK D 406 55.23 -4.52 30.97
N UNK D 407 55.00 -3.30 30.52
CA UNK D 407 53.78 -2.92 29.84
C UNK D 407 53.67 -3.69 28.53
N UNK D 408 54.77 -3.82 27.82
CA UNK D 408 54.76 -4.56 26.56
C UNK D 408 54.40 -6.01 26.84
N UNK D 409 54.94 -6.60 27.90
CA UNK D 409 54.57 -7.98 28.24
C UNK D 409 53.08 -8.01 28.63
N UNK D 410 52.70 -6.93 29.28
CA UNK D 410 51.36 -6.75 29.82
C UNK D 410 50.24 -6.79 28.78
N UNK D 411 50.44 -6.23 27.59
CA UNK D 411 49.38 -6.26 26.59
C UNK D 411 49.03 -7.70 26.22
N UNK D 412 50.07 -8.51 26.02
CA UNK D 412 49.88 -9.91 25.68
C UNK D 412 49.19 -10.62 26.83
N UNK D 413 49.63 -10.33 28.06
CA UNK D 413 49.00 -10.98 29.20
C UNK D 413 47.52 -10.58 29.31
N UNK D 414 47.26 -9.29 29.10
CA UNK D 414 45.89 -8.77 29.18
C UNK D 414 44.99 -9.37 28.11
N UNK D 415 45.52 -9.50 26.90
CA UNK D 415 44.76 -10.06 25.80
C UNK D 415 44.40 -11.50 26.14
N UNK D 416 45.37 -12.21 26.71
CA UNK D 416 45.16 -13.61 27.08
C UNK D 416 44.08 -13.71 28.13
N UNK D 417 44.11 -12.79 29.10
CA UNK D 417 43.11 -12.80 30.15
C UNK D 417 41.72 -12.56 29.57
N UNK D 418 41.64 -11.62 28.63
CA UNK D 418 40.36 -11.30 28.00
C UNK D 418 39.84 -12.53 27.27
N UNK D 419 40.75 -13.22 26.58
CA UNK D 419 40.38 -14.41 25.83
C UNK D 419 39.85 -15.49 26.77
N UNK D 420 40.53 -15.61 27.91
CA UNK D 420 40.19 -16.58 28.93
C UNK D 420 38.83 -16.32 29.55
N UNK D 421 38.56 -15.08 29.93
CA UNK D 421 37.28 -14.72 30.52
C UNK D 421 36.19 -14.96 29.48
N UNK D 422 36.50 -14.58 28.25
CA UNK D 422 35.59 -14.74 27.14
C UNK D 422 35.34 -16.23 26.96
N UNK D 423 36.40 -17.01 27.10
CA UNK D 423 36.32 -18.45 26.94
C UNK D 423 35.39 -19.04 28.00
N UNK D 424 35.50 -18.56 29.22
CA UNK D 424 34.66 -19.01 30.32
C UNK D 424 33.20 -18.67 30.04
N UNK D 425 32.97 -17.48 29.52
CA UNK D 425 31.61 -17.06 29.21
C UNK D 425 31.04 -17.99 28.14
N UNK D 426 31.88 -18.31 27.17
CA UNK D 426 31.50 -19.19 26.08
C UNK D 426 31.16 -20.57 26.61
N UNK D 427 31.94 -21.03 27.57
CA UNK D 427 31.73 -22.32 28.19
C UNK D 427 30.38 -22.33 28.91
N UNK D 428 30.07 -21.24 29.59
CA UNK D 428 28.81 -21.14 30.31
C UNK D 428 27.67 -21.20 29.30
N UNK D 429 27.85 -20.51 28.18
CA UNK D 429 26.83 -20.49 27.14
C UNK D 429 26.62 -21.89 26.58
N UNK D 430 27.73 -22.61 26.40
CA UNK D 430 27.70 -23.98 25.89
C UNK D 430 26.95 -24.88 26.85
N UNK D 431 27.19 -24.68 28.14
CA UNK D 431 26.53 -25.49 29.17
C UNK D 431 25.04 -25.23 29.09
N UNK D 432 24.68 -23.95 28.90
CA UNK D 432 23.28 -23.57 28.80
C UNK D 432 22.64 -24.25 27.59
N UNK D 433 23.37 -24.27 26.48
CA UNK D 433 22.88 -24.90 25.25
C UNK D 433 22.67 -26.39 25.48
N UNK D 434 23.60 -27.01 26.19
CA UNK D 434 23.53 -28.43 26.49
C UNK D 434 22.30 -28.71 27.33
N UNK D 435 22.03 -27.81 28.28
CA UNK D 435 20.88 -27.95 29.15
C UNK D 435 19.67 -27.23 28.57
N UNK D 436 38.28 -32.12 19.35
CA UNK D 436 39.05 -32.53 20.53
C UNK D 436 38.97 -31.48 21.63
N UNK D 437 37.75 -31.11 22.02
CA UNK D 437 37.55 -30.12 23.07
C UNK D 437 38.14 -30.60 24.39
N UNK D 438 37.94 -31.88 24.69
CA UNK D 438 38.46 -32.47 25.92
C UNK D 438 39.99 -32.42 25.92
N UNK D 439 40.59 -32.71 24.77
CA UNK D 439 42.03 -32.68 24.63
C UNK D 439 42.55 -31.26 24.83
N UNK D 440 41.82 -30.29 24.29
CA UNK D 440 42.20 -28.88 24.40
C UNK D 440 42.42 -28.49 25.86
N UNK D 441 41.73 -29.16 26.77
CA UNK D 441 41.86 -28.88 28.19
C UNK D 441 43.24 -29.27 28.71
N UNK D 442 43.69 -30.47 28.35
CA UNK D 442 45.00 -30.95 28.77
C UNK D 442 46.11 -30.01 28.34
N UNK D 443 46.07 -29.60 27.08
CA UNK D 443 47.08 -28.68 26.52
C UNK D 443 47.12 -27.39 27.33
N UNK D 444 45.93 -26.87 27.57
CA UNK D 444 45.73 -25.63 28.34
C UNK D 444 46.35 -25.78 29.73
N UNK D 445 46.03 -26.90 30.35
CA UNK D 445 46.52 -27.24 31.70
C UNK D 445 48.05 -27.23 31.71
N UNK D 446 48.60 -27.89 30.70
CA UNK D 446 50.06 -28.01 30.54
C UNK D 446 50.69 -26.61 30.46
N UNK D 447 50.07 -25.78 29.65
CA UNK D 447 50.51 -24.40 29.41
C UNK D 447 50.54 -23.64 30.75
N UNK D 448 49.45 -23.80 31.47
CA UNK D 448 49.27 -23.16 32.79
C UNK D 448 50.41 -23.56 33.73
N UNK D 449 50.67 -24.85 33.73
CA UNK D 449 51.72 -25.46 34.58
C UNK D 449 53.07 -24.83 34.24
N UNK D 450 53.32 -24.75 32.94
CA UNK D 450 54.56 -24.17 32.40
C UNK D 450 54.74 -22.73 32.90
N UNK D 451 52.92 -24.82 49.37
CA UNK D 451 51.91 -25.77 48.89
C UNK D 451 51.56 -25.49 47.43
N UNK D 452 52.56 -25.48 46.57
CA UNK D 452 52.35 -25.22 45.15
C UNK D 452 51.47 -26.32 44.55
N UNK D 453 51.73 -27.56 44.93
CA UNK D 453 50.97 -28.69 44.42
C UNK D 453 49.50 -28.56 44.85
N UNK D 454 49.29 -28.15 46.09
CA UNK D 454 47.95 -27.96 46.61
C UNK D 454 47.23 -26.85 45.85
N UNK D 455 47.96 -25.79 45.54
CA UNK D 455 47.40 -24.66 44.80
C UNK D 455 46.73 -25.11 43.51
N UNK D 456 47.22 -26.21 42.95
CA UNK D 456 46.68 -26.74 41.71
C UNK D 456 45.26 -27.27 41.92
N UNK D 457 45.07 -28.05 42.98
CA UNK D 457 43.76 -28.62 43.29
C UNK D 457 42.72 -27.53 43.46
N UNK D 458 43.06 -26.50 44.23
CA UNK D 458 42.14 -25.37 44.47
C UNK D 458 41.72 -24.73 43.14
N UNK D 459 42.73 -24.50 42.33
CA UNK D 459 42.56 -23.89 41.00
C UNK D 459 41.60 -24.74 40.16
N UNK D 460 41.87 -26.02 40.18
CA UNK D 460 41.07 -27.02 39.44
C UNK D 460 39.60 -26.94 39.87
N UNK D 461 39.43 -26.90 41.19
CA UNK D 461 38.11 -26.82 41.81
C UNK D 461 37.36 -25.58 41.32
N UNK D 462 38.09 -24.48 41.33
CA UNK D 462 37.57 -23.18 40.91
C UNK D 462 37.08 -23.27 39.45
N UNK D 463 37.93 -23.86 38.64
CA UNK D 463 37.66 -24.04 37.21
C UNK D 463 36.35 -24.84 37.01
N UNK D 464 36.26 -25.91 37.78
CA UNK D 464 35.10 -26.81 37.75
C UNK D 464 33.83 -26.03 38.08
N UNK D 465 33.94 -25.24 39.13
CA UNK D 465 32.84 -24.39 39.61
C UNK D 465 32.37 -23.45 38.50
N UNK D 466 32.64 -13.79 46.01
CA UNK D 466 32.31 -15.20 46.16
C UNK D 466 33.52 -16.07 45.88
N UNK D 467 33.29 -17.38 45.79
CA UNK D 467 34.35 -18.37 45.51
C UNK D 467 34.94 -18.10 44.14
N UNK D 468 34.06 -17.79 43.20
CA UNK D 468 34.44 -17.43 41.86
C UNK D 468 35.26 -16.16 41.91
N UNK D 469 34.89 -15.19 42.75
CA UNK D 469 35.63 -13.95 42.89
C UNK D 469 37.04 -14.23 43.40
N UNK D 470 37.15 -15.16 44.35
CA UNK D 470 38.44 -15.55 44.92
C UNK D 470 39.30 -16.17 43.83
N UNK D 471 38.67 -17.00 43.01
CA UNK D 471 39.33 -17.63 41.89
C UNK D 471 39.81 -16.57 40.90
N UNK D 472 38.99 -15.53 40.68
CA UNK D 472 39.27 -14.40 39.81
C UNK D 472 40.48 -13.61 40.31
N UNK D 473 40.57 -13.44 41.62
CA UNK D 473 41.71 -12.75 42.21
C UNK D 473 42.95 -13.58 41.93
N UNK D 474 42.82 -14.90 42.10
CA UNK D 474 43.89 -15.84 41.82
C UNK D 474 44.28 -15.78 40.35
N UNK D 475 43.30 -15.65 39.47
CA UNK D 475 43.50 -15.57 38.04
C UNK D 475 44.28 -14.32 37.68
N UNK D 476 43.96 -13.23 38.36
CA UNK D 476 44.64 -11.97 38.16
C UNK D 476 46.09 -12.15 38.56
N UNK D 477 46.30 -12.82 39.70
CA UNK D 477 47.64 -13.10 40.19
C UNK D 477 48.41 -13.99 39.21
N UNK D 478 47.71 -14.95 38.61
CA UNK D 478 48.25 -15.87 37.64
C UNK D 478 48.72 -15.10 36.43
N UNK D 479 47.91 -14.13 36.01
CA UNK D 479 48.24 -13.28 34.89
C UNK D 479 49.52 -12.50 35.22
N UNK D 480 49.62 -12.00 36.44
CA UNK D 480 50.83 -11.30 36.87
C UNK D 480 52.06 -12.19 36.66
N UNK D 481 62.62 -14.24 30.69
CA UNK D 481 62.85 -13.57 29.42
C UNK D 481 62.28 -14.37 28.26
N UNK D 482 62.77 -15.30 28.29
CA UNK D 482 62.27 -16.34 27.39
C UNK D 482 60.88 -16.81 27.80
N UNK D 483 60.57 -16.65 29.08
CA UNK D 483 59.26 -17.06 29.58
C UNK D 483 58.15 -16.26 28.91
N UNK D 484 58.38 -14.97 28.73
CA UNK D 484 57.40 -14.10 28.09
C UNK D 484 57.18 -14.53 26.66
N UNK D 485 58.27 -14.88 25.97
CA UNK D 485 58.20 -15.33 24.59
C UNK D 485 57.40 -16.62 24.51
N UNK D 486 57.63 -17.52 25.46
CA UNK D 486 56.92 -18.79 25.50
C UNK D 486 55.43 -18.53 25.71
N UNK D 487 55.12 -17.59 26.58
CA UNK D 487 53.73 -17.24 26.85
C UNK D 487 53.07 -16.70 25.59
N UNK D 488 53.80 -15.86 24.86
CA UNK D 488 53.28 -15.30 23.62
C UNK D 488 53.01 -16.40 22.61
N UNK D 489 53.93 -17.36 22.54
CA UNK D 489 53.77 -18.48 21.62
C UNK D 489 52.53 -19.29 21.98
N UNK D 490 52.33 -19.50 23.27
CA UNK D 490 51.18 -20.26 23.75
C UNK D 490 49.89 -19.53 23.39
N UNK D 491 49.90 -18.21 23.54
CA UNK D 491 48.75 -17.38 23.21
C UNK D 491 48.44 -17.50 21.73
N UNK D 492 49.47 -17.49 20.90
CA UNK D 492 49.31 -17.62 19.46
C UNK D 492 48.70 -18.98 19.12
N UNK D 493 49.18 -20.01 19.82
CA UNK D 493 48.70 -21.37 19.62
C UNK D 493 47.22 -21.48 19.97
N UNK D 494 46.80 -20.80 21.03
CA UNK D 494 45.41 -20.83 21.48
C UNK D 494 44.45 -19.98 20.66
N UNK D 495 44.03 -18.86 21.24
CA UNK D 495 43.10 -17.96 20.57
C UNK D 495 42.60 -18.60 19.28
N UNK D 496 43.51 -19.24 18.54
CA UNK D 496 43.12 -19.91 17.31
C UNK D 496 42.08 -20.97 17.68
N UNK D 497 42.16 -21.43 18.92
CA UNK D 497 41.24 -22.43 19.45
C UNK D 497 39.89 -21.81 19.76
N UNK D 498 39.90 -20.61 20.33
CA UNK D 498 38.69 -19.90 20.68
C UNK D 498 37.88 -19.58 19.43
N UNK D 499 38.58 -19.18 18.37
CA UNK D 499 37.91 -18.86 17.11
C UNK D 499 37.10 -20.06 16.65
N UNK D 500 37.77 -21.21 16.59
CA UNK D 500 37.17 -22.46 16.16
C UNK D 500 35.90 -22.73 16.95
N UNK D 501 35.94 -22.46 18.25
CA UNK D 501 34.78 -22.66 19.10
C UNK D 501 33.65 -21.79 18.57
N UNK D 502 33.89 -20.48 18.63
CA UNK D 502 32.93 -19.51 18.13
C UNK D 502 32.08 -20.11 17.00
N UNK D 503 32.74 -20.84 16.11
CA UNK D 503 32.05 -21.53 15.02
C UNK D 503 31.08 -22.57 15.57
N UNK D 504 31.54 -23.30 16.58
CA UNK D 504 30.73 -24.35 17.20
C UNK D 504 29.47 -23.79 17.86
N UNK D 505 29.61 -22.64 18.51
CA UNK D 505 28.49 -22.04 19.22
C UNK D 505 27.36 -21.68 18.26
N UNK D 506 27.72 -21.14 17.11
CA UNK D 506 26.72 -20.81 16.09
C UNK D 506 26.03 -22.07 15.62
N UNK D 507 26.82 -23.13 15.43
CA UNK D 507 26.27 -24.42 15.03
C UNK D 507 25.34 -24.98 16.11
N UNK D 508 25.75 -24.83 17.37
CA UNK D 508 24.95 -25.33 18.48
C UNK D 508 23.61 -24.63 18.54
N UNK D 509 23.63 -23.31 18.33
CA UNK D 509 22.39 -22.54 18.29
C UNK D 509 21.52 -23.00 17.14
N UNK D 510 22.16 -23.26 16.00
CA UNK D 510 21.45 -23.74 14.82
C UNK D 510 20.81 -25.10 15.07
N UNK D 511 21.55 -25.98 15.76
CA UNK D 511 21.06 -27.31 16.06
C UNK D 511 19.83 -27.22 16.96
N UNK D 512 19.87 -26.33 17.93
CA UNK D 512 18.74 -26.10 18.82
C UNK D 512 17.56 -25.56 18.02
N UNK D 513 17.85 -24.66 17.09
CA UNK D 513 16.82 -24.07 16.26
C UNK D 513 16.12 -25.11 15.38
N UNK D 514 16.90 -26.03 14.84
CA UNK D 514 16.35 -27.07 13.97
C UNK D 514 15.37 -27.94 14.75
N UNK D 515 15.82 -28.33 15.95
CA UNK D 515 15.07 -29.20 16.85
C UNK D 515 13.82 -28.53 17.39
N UNK D 516 14.00 -27.38 18.04
CA UNK D 516 12.88 -26.63 18.58
C UNK D 516 11.98 -26.19 17.43
N UNK D 517 12.62 -25.71 16.36
CA UNK D 517 11.91 -25.28 15.18
C UNK D 517 11.18 -26.47 14.56
N UNK D 518 11.81 -27.64 14.54
CA UNK D 518 11.17 -28.83 13.99
C UNK D 518 9.93 -29.21 14.81
N UNK D 519 10.03 -29.11 16.12
CA UNK D 519 8.91 -29.42 17.00
C UNK D 519 7.77 -28.45 16.74
N UNK D 520 8.12 -27.17 16.56
CA UNK D 520 7.15 -26.13 16.28
C UNK D 520 6.46 -26.41 14.95
N UNK D 521 7.23 -26.86 13.96
CA UNK D 521 6.72 -27.18 12.64
C UNK D 521 5.74 -28.34 12.74
N UNK D 522 6.07 -29.32 13.56
CA UNK D 522 5.19 -30.47 13.76
C UNK D 522 3.88 -29.99 14.38
N UNK D 523 3.98 -29.09 15.36
CA UNK D 523 2.81 -28.53 16.00
C UNK D 523 1.95 -27.78 14.99
N UNK D 524 2.61 -27.01 14.11
CA UNK D 524 1.92 -26.25 13.09
C UNK D 524 1.17 -27.17 12.15
N UNK D 525 1.81 -28.28 11.78
CA UNK D 525 1.19 -29.27 10.90
C UNK D 525 -0.05 -29.85 11.58
N UNK D 526 0.08 -30.14 12.86
CA UNK D 526 -1.04 -30.68 13.62
C UNK D 526 -2.19 -29.68 13.66
N UNK D 527 -1.86 -28.41 13.85
CA UNK D 527 -2.84 -27.34 13.89
C UNK D 527 -3.56 -27.24 12.56
N UNK D 528 -2.80 -27.37 11.47
CA UNK D 528 -3.35 -27.32 10.13
C UNK D 528 -4.33 -28.48 9.94
N UNK D 529 -3.94 -29.65 10.44
CA UNK D 529 -4.78 -30.83 10.34
C UNK D 529 -6.08 -30.62 11.12
N UNK D 530 -5.96 -30.00 12.29
CA UNK D 530 -7.11 -29.73 13.14
C UNK D 530 -7.70 -28.35 12.87
N UNK D 531 2.54 -33.15 7.48
CA UNK D 531 2.09 -34.47 7.03
C UNK D 531 3.26 -35.44 6.92
N UNK D 532 3.03 -36.58 6.27
CA UNK D 532 4.07 -37.59 6.09
C UNK D 532 5.21 -37.02 5.25
N UNK D 533 4.85 -36.26 4.21
CA UNK D 533 5.84 -35.64 3.34
C UNK D 533 6.67 -34.64 4.13
N UNK D 534 6.00 -33.89 5.01
CA UNK D 534 6.67 -32.91 5.86
C UNK D 534 7.65 -33.62 6.78
N UNK D 535 7.23 -34.76 7.32
CA UNK D 535 8.06 -35.56 8.20
C UNK D 535 9.29 -36.04 7.45
N UNK D 536 9.09 -36.46 6.21
CA UNK D 536 10.18 -36.93 5.36
C UNK D 536 11.16 -35.79 5.11
N UNK D 537 10.64 -34.59 4.88
CA UNK D 537 11.45 -33.41 4.64
C UNK D 537 12.29 -33.10 5.88
N UNK D 538 11.66 -33.23 7.04
CA UNK D 538 12.35 -33.00 8.30
C UNK D 538 13.48 -34.00 8.48
N UNK D 539 13.21 -35.25 8.11
CA UNK D 539 14.19 -36.32 8.19
C UNK D 539 15.36 -36.01 7.28
N UNK D 540 15.07 -35.50 6.08
CA UNK D 540 16.09 -35.14 5.11
C UNK D 540 16.96 -34.03 5.67
N UNK D 541 16.32 -33.06 6.32
CA UNK D 541 17.03 -31.94 6.93
C UNK D 541 17.95 -32.45 8.03
N UNK D 542 17.45 -33.41 8.81
CA UNK D 542 18.20 -34.03 9.88
C UNK D 542 19.42 -34.76 9.31
N UNK D 543 19.14 -35.53 8.26
CA UNK D 543 20.14 -36.31 7.57
C UNK D 543 21.08 -35.33 6.92
N UNK D 544 20.45 -34.46 6.14
CA UNK D 544 21.13 -33.36 5.46
C UNK D 544 21.70 -32.52 6.58
N UNK D 545 20.87 -32.24 7.59
CA UNK D 545 21.30 -31.50 8.76
C UNK D 545 22.35 -32.35 9.48
N UNK D 546 22.10 -33.66 9.57
CA UNK D 546 23.03 -34.58 10.22
C UNK D 546 24.34 -34.62 9.45
N UNK D 547 24.24 -34.61 8.12
CA UNK D 547 25.43 -34.62 7.26
C UNK D 547 26.24 -33.36 7.48
N UNK D 548 25.54 -32.24 7.60
CA UNK D 548 26.15 -30.93 7.83
C UNK D 548 26.87 -30.94 9.17
N UNK D 549 26.24 -31.55 10.17
CA UNK D 549 26.82 -31.69 11.50
C UNK D 549 28.09 -32.51 11.42
N UNK D 550 28.07 -33.58 10.62
CA UNK D 550 29.24 -34.43 10.45
C UNK D 550 30.37 -33.62 9.81
N UNK D 551 30.03 -32.79 8.83
CA UNK D 551 31.03 -31.95 8.17
C UNK D 551 31.64 -30.97 9.16
N UNK D 552 30.79 -30.41 10.02
CA UNK D 552 31.23 -29.46 11.03
C UNK D 552 32.18 -30.14 12.01
N UNK D 553 31.84 -31.38 12.38
CA UNK D 553 32.66 -32.18 13.29
C UNK D 553 34.02 -32.45 12.67
N UNK D 554 34.02 -32.73 11.37
CA UNK D 554 35.24 -32.98 10.62
C UNK D 554 36.10 -31.72 10.64
N UNK D 555 35.46 -30.55 10.46
CA UNK D 555 36.16 -29.28 10.48
C UNK D 555 36.77 -29.05 11.87
N UNK D 556 36.02 -29.39 12.91
CA UNK D 556 36.49 -29.23 14.28
C UNK D 556 37.22 -30.48 14.76
N UNK D 557 34.39 -39.59 23.70
CA UNK D 557 34.19 -38.36 24.45
C UNK D 557 33.21 -37.43 23.75
N UNK D 558 33.73 -36.49 22.97
CA UNK D 558 32.90 -35.55 22.24
C UNK D 558 32.02 -36.26 21.22
N UNK D 559 32.59 -37.25 20.54
CA UNK D 559 31.86 -38.01 19.54
C UNK D 559 30.72 -38.76 20.24
N UNK D 560 31.02 -39.30 21.41
CA UNK D 560 30.03 -40.04 22.18
C UNK D 560 28.90 -39.09 22.57
N UNK D 561 29.25 -37.87 22.96
CA UNK D 561 28.27 -36.87 23.35
C UNK D 561 27.37 -36.53 22.17
N UNK D 562 27.97 -36.40 20.98
CA UNK D 562 27.21 -36.09 19.78
C UNK D 562 26.23 -37.21 19.48
N UNK D 563 26.71 -38.44 19.67
CA UNK D 563 25.89 -39.62 19.42
C UNK D 563 24.71 -39.61 20.39
N UNK D 564 24.98 -39.23 21.63
CA UNK D 564 23.96 -39.17 22.65
C UNK D 564 22.92 -38.12 22.30
N UNK D 565 23.37 -36.99 21.77
CA UNK D 565 22.46 -35.93 21.36
C UNK D 565 21.56 -36.43 20.25
N UNK D 566 22.17 -37.17 19.31
CA UNK D 566 21.42 -37.71 18.19
C UNK D 566 20.36 -38.68 18.70
N UNK D 567 20.75 -39.52 19.65
CA UNK D 567 19.84 -40.49 20.25
C UNK D 567 18.72 -39.82 21.03
N UNK D 568 19.10 -38.83 21.84
CA UNK D 568 18.15 -38.10 22.68
C UNK D 568 17.11 -37.33 21.87
N UNK D 569 17.57 -36.68 20.81
CA UNK D 569 16.67 -35.93 19.96
C UNK D 569 15.70 -36.96 19.42
N UNK D 570 16.24 -38.12 19.08
CA UNK D 570 15.43 -39.21 18.56
C UNK D 570 14.39 -39.63 19.58
N UNK D 571 14.78 -39.69 20.85
CA UNK D 571 13.86 -40.08 21.90
C UNK D 571 12.71 -39.09 22.03
N UNK D 572 13.05 -37.80 21.95
CA UNK D 572 12.03 -36.76 22.05
C UNK D 572 11.07 -36.90 20.87
N UNK D 573 11.65 -37.17 19.71
CA UNK D 573 10.88 -37.33 18.49
C UNK D 573 9.93 -38.50 18.64
N UNK D 574 10.41 -39.58 19.23
CA UNK D 574 9.62 -40.78 19.45
C UNK D 574 8.45 -40.47 20.37
N UNK D 575 8.70 -39.69 21.42
CA UNK D 575 7.62 -39.34 22.34
C UNK D 575 6.56 -38.52 21.60
N UNK D 576 7.04 -37.60 20.77
CA UNK D 576 6.13 -36.75 20.00
C UNK D 576 5.29 -37.60 19.06
N UNK D 577 5.94 -38.60 18.46
CA UNK D 577 5.30 -39.51 17.52
C UNK D 577 4.22 -40.31 18.23
N UNK D 578 4.51 -40.76 19.44
CA UNK D 578 3.55 -41.52 20.21
C UNK D 578 2.34 -40.64 20.47
N UNK D 579 2.61 -39.38 20.82
CA UNK D 579 1.53 -38.45 21.11
C UNK D 579 0.66 -38.26 19.86
N UNK D 580 1.31 -38.15 18.71
CA UNK D 580 0.62 -37.97 17.44
C UNK D 580 -0.25 -39.19 17.10
N UNK D 581 0.30 -40.37 17.36
CA UNK D 581 -0.41 -41.62 17.09
C UNK D 581 -1.65 -41.63 17.95
N UNK D 582 -1.50 -41.17 19.18
CA UNK D 582 -2.61 -41.11 20.11
C UNK D 582 -3.68 -40.17 19.58
N UNK D 583 -3.27 -39.08 18.96
CA UNK D 583 -4.21 -38.08 18.45
C UNK D 583 -4.94 -38.64 17.24
N UNK D 584 -4.21 -39.35 16.38
CA UNK D 584 -4.79 -39.94 15.19
C UNK D 584 -5.81 -41.00 15.58
N UNK D 585 -5.49 -41.77 16.61
CA UNK D 585 -6.38 -42.81 17.09
C UNK D 585 -7.66 -42.16 17.61
N UNK D 586 -7.50 -41.05 18.32
CA UNK D 586 -8.65 -40.33 18.86
C UNK D 586 -9.54 -39.83 17.73
N UNK D 587 -8.89 -39.33 16.67
CA UNK D 587 -9.62 -38.83 15.51
C UNK D 587 -10.40 -39.96 14.86
N UNK D 588 -9.78 -41.12 14.77
CA UNK D 588 -10.43 -42.29 14.17
C UNK D 588 -11.65 -42.67 15.00
N UNK D 589 -11.49 -42.60 16.32
CA UNK D 589 -12.57 -42.93 17.24
C UNK D 589 -13.73 -41.96 17.07
N UNK D 590 -13.40 -40.69 16.88
CA UNK D 590 -14.41 -39.65 16.69
C UNK D 590 -15.49 -40.11 15.72
N UNK D 591 -16.33 -39.16 15.29
CA UNK D 591 -17.39 -39.45 14.33
C UNK D 591 -17.81 -38.20 13.59
N UNK D 592 -18.22 -38.36 12.33
CA UNK D 592 -18.65 -37.23 11.51
C UNK D 592 -19.81 -36.48 12.15
N UNK D 593 -24.90 -72.26 -2.67
CA UNK D 593 -24.31 -72.26 -4.02
C UNK D 593 -23.46 -71.03 -4.28
N UNK D 594 -23.63 -70.43 -5.46
CA UNK D 594 -23.87 -69.00 -5.65
C UNK D 594 -23.72 -68.11 -4.41
N UNK D 595 -24.83 -67.96 -3.69
CA UNK D 595 -24.90 -67.10 -2.53
C UNK D 595 -23.92 -67.48 -1.42
N UNK D 596 -23.76 -68.78 -1.17
CA UNK D 596 -22.83 -69.20 -0.13
C UNK D 596 -21.41 -68.77 -0.48
N UNK D 597 -21.05 -68.95 -1.75
CA UNK D 597 -19.74 -68.58 -2.25
C UNK D 597 -19.55 -67.07 -2.14
N UNK D 598 -20.61 -66.32 -2.45
CA UNK D 598 -20.54 -64.87 -2.36
C UNK D 598 -20.29 -64.45 -0.92
N UNK D 599 -20.97 -65.11 0.02
CA UNK D 599 -20.81 -64.81 1.43
C UNK D 599 -19.39 -65.10 1.88
N UNK D 600 -18.83 -66.22 1.40
CA UNK D 600 -17.46 -66.59 1.75
C UNK D 600 -16.49 -65.53 1.23
N UNK D 601 -16.73 -65.07 0.01
CA UNK D 601 -15.90 -64.05 -0.61
C UNK D 601 -15.97 -62.77 0.20
N UNK D 602 -17.16 -62.43 0.65
CA UNK D 602 -17.36 -61.22 1.45
C UNK D 602 -16.59 -61.35 2.75
N UNK D 603 -16.62 -62.53 3.37
CA UNK D 603 -15.89 -62.75 4.63
C UNK D 603 -14.40 -62.58 4.41
N UNK D 604 -13.91 -63.11 3.29
CA UNK D 604 -12.49 -63.00 2.97
C UNK D 604 -12.12 -61.53 2.76
N UNK D 605 -13.00 -60.80 2.09
CA UNK D 605 -12.83 -59.39 1.81
C UNK D 605 -12.78 -58.61 3.12
N UNK D 606 -13.64 -58.98 4.06
CA UNK D 606 -13.70 -58.33 5.36
C UNK D 606 -12.37 -58.55 6.07
N UNK D 607 -11.86 -59.78 6.00
CA UNK D 607 -10.58 -60.08 6.63
C UNK D 607 -9.48 -59.23 6.00
N UNK D 608 -9.51 -59.09 4.69
CA UNK D 608 -8.55 -58.28 3.96
C UNK D 608 -8.61 -56.79 4.31
N UNK D 609 -9.83 -56.26 4.47
CA UNK D 609 -10.03 -54.83 4.79
C UNK D 609 -9.27 -54.57 6.08
N UNK D 610 -9.71 -55.22 7.14
CA UNK D 610 -8.99 -55.16 8.40
C UNK D 610 -7.49 -55.08 8.16
N UNK D 611 -7.02 -55.88 7.20
CA UNK D 611 -5.60 -55.89 6.90
C UNK D 611 -5.17 -54.52 6.40
N UNK D 612 -5.97 -53.92 5.54
CA UNK D 612 -5.64 -52.62 5.00
C UNK D 612 -5.55 -51.59 6.11
N UNK D 613 -6.51 -51.61 7.03
CA UNK D 613 -6.46 -50.63 8.11
C UNK D 613 -5.21 -50.79 8.96
N UNK D 614 -4.86 -52.04 9.24
CA UNK D 614 -3.69 -52.30 10.07
C UNK D 614 -2.44 -51.77 9.38
N UNK D 615 -2.34 -52.02 8.07
CA UNK D 615 -1.18 -51.57 7.31
C UNK D 615 -1.10 -50.05 7.30
N UNK D 616 -2.25 -49.41 7.17
CA UNK D 616 -2.35 -47.96 7.14
C UNK D 616 -1.87 -47.32 8.42
N UNK D 617 -2.16 -47.93 9.57
CA UNK D 617 -1.73 -47.30 10.83
C UNK D 617 -0.21 -47.10 11.09
N UNK D 618 0.57 -48.12 10.77
CA UNK D 618 2.02 -48.20 10.97
C UNK D 618 2.75 -47.20 10.09
N UNK D 619 2.30 -46.94 8.87
CA UNK D 619 3.01 -45.94 8.10
C UNK D 619 2.96 -44.65 8.92
N UNK D 620 4.05 -43.88 8.98
CA UNK D 620 5.22 -44.01 8.12
C UNK D 620 6.49 -44.66 8.74
N UNK D 621 7.62 -44.05 8.41
CA UNK D 621 8.95 -44.62 8.30
C UNK D 621 9.68 -45.02 9.59
N UNK D 622 9.17 -44.64 10.75
CA UNK D 622 9.93 -44.80 11.97
C UNK D 622 10.30 -46.27 12.19
N UNK D 623 9.40 -47.17 11.85
CA UNK D 623 9.69 -48.60 11.94
C UNK D 623 10.84 -48.96 11.00
N UNK D 624 10.84 -48.34 9.81
CA UNK D 624 11.91 -48.55 8.84
C UNK D 624 13.25 -48.07 9.37
N UNK D 625 13.25 -46.94 10.06
CA UNK D 625 14.45 -46.39 10.69
C UNK D 625 14.94 -47.37 11.76
N UNK D 626 14.00 -47.94 12.49
CA UNK D 626 14.31 -48.92 13.52
C UNK D 626 14.98 -50.15 12.88
N UNK D 627 14.49 -50.54 11.72
CA UNK D 627 15.05 -51.67 10.99
C UNK D 627 16.51 -51.40 10.61
N UNK D 628 16.79 -50.17 10.17
CA UNK D 628 18.16 -49.76 9.90
C UNK D 628 19.02 -49.95 11.14
N UNK D 629 18.46 -49.61 12.30
CA UNK D 629 19.15 -49.77 13.57
C UNK D 629 19.44 -51.25 13.83
N UNK D 630 18.48 -52.11 13.50
CA UNK D 630 18.64 -53.55 13.70
C UNK D 630 19.71 -54.11 12.79
N UNK D 631 19.65 -53.74 11.53
CA UNK D 631 20.46 -54.40 10.55
C UNK D 631 21.84 -54.33 11.14
N UNK D 632 22.19 -53.18 11.70
CA UNK D 632 23.24 -53.16 12.67
C UNK D 632 24.63 -53.39 12.08
N UNK D 633 25.59 -53.58 12.99
CA UNK D 633 27.05 -53.61 12.79
C UNK D 633 27.65 -52.97 11.52
N UNK D 634 28.65 -52.12 11.73
CA UNK D 634 29.37 -51.45 10.64
C UNK D 634 30.68 -50.78 11.07
N UNK D 635 -12.29 -50.52 17.01
CA UNK D 635 -12.39 -51.97 17.26
C UNK D 635 -13.86 -52.38 17.38
N UNK D 636 -14.57 -51.61 18.18
CA UNK D 636 -15.99 -51.83 18.45
C UNK D 636 -16.78 -51.81 17.14
N UNK D 637 -16.48 -50.80 16.34
CA UNK D 637 -17.11 -50.59 15.03
C UNK D 637 -16.90 -51.83 14.14
N UNK D 638 -15.65 -52.27 14.13
CA UNK D 638 -15.23 -53.44 13.35
C UNK D 638 -16.04 -54.67 13.76
N UNK D 639 -16.14 -54.83 15.07
CA UNK D 639 -16.87 -55.95 15.68
C UNK D 639 -18.33 -55.94 15.21
N UNK D 640 -18.90 -54.75 15.27
CA UNK D 640 -20.29 -54.51 14.87
C UNK D 640 -20.49 -54.93 13.41
N UNK D 641 -19.58 -54.50 12.55
CA UNK D 641 -19.65 -54.83 11.14
C UNK D 641 -19.89 -56.32 10.91
N UNK D 642 -18.85 -57.12 11.18
CA UNK D 642 -18.94 -58.56 11.01
C UNK D 642 -20.00 -59.14 11.95
N UNK D 643 -20.03 -58.64 13.19
CA UNK D 643 -20.98 -59.12 14.18
C UNK D 643 -22.38 -58.56 13.90
N UNK D 644 -22.50 -57.24 13.97
CA UNK D 644 -23.77 -56.57 13.73
C UNK D 644 -24.32 -56.90 12.34
N UNK D 645 -23.57 -56.54 11.31
CA UNK D 645 -23.99 -56.83 9.94
C UNK D 645 -24.22 -58.32 9.80
N UNK D 646 -23.48 -59.09 10.58
CA UNK D 646 -23.58 -60.54 10.56
C UNK D 646 -24.98 -60.98 10.98
N UNK D 647 -25.51 -60.32 12.00
CA UNK D 647 -26.85 -60.65 12.49
C UNK D 647 -27.88 -60.40 11.39
N UNK D 648 -27.73 -59.28 10.70
CA UNK D 648 -28.66 -58.90 9.64
C UNK D 648 -28.51 -59.83 8.45
N UNK D 649 -27.28 -60.02 7.99
CA UNK D 649 -27.01 -60.89 6.86
C UNK D 649 -27.43 -62.31 7.20
N UNK D 650 -27.16 -62.72 8.44
CA UNK D 650 -27.52 -64.05 8.91
C UNK D 650 -29.04 -64.16 8.91
N UNK D 651 -29.71 -63.07 9.23
CA UNK D 651 -31.17 -63.04 9.27
C UNK D 651 -31.77 -63.36 7.91
N UNK D 652 -31.20 -62.76 6.87
CA UNK D 652 -31.67 -62.97 5.51
C UNK D 652 -31.64 -64.46 5.14
N UNK D 653 -30.48 -65.09 5.34
CA UNK D 653 -30.32 -66.50 5.04
C UNK D 653 -31.25 -67.34 5.91
N UNK D 654 -31.34 -66.98 7.18
CA UNK D 654 -32.19 -67.70 8.12
C UNK D 654 -33.66 -67.61 7.72
N UNK D 655 -34.09 -66.43 7.31
CA UNK D 655 -35.48 -66.22 6.91
C UNK D 655 -35.81 -67.07 5.69
N UNK D 656 -34.88 -67.15 4.75
CA UNK D 656 -35.08 -67.94 3.55
C UNK D 656 -35.22 -69.41 3.92
N UNK D 657 -34.40 -69.85 4.87
CA UNK D 657 -34.43 -71.23 5.32
C UNK D 657 -35.78 -71.53 5.96
N UNK D 658 -36.27 -70.58 6.76
CA UNK D 658 -37.56 -70.73 7.42
C UNK D 658 -38.67 -70.84 6.38
N UNK D 659 -38.56 -70.03 5.33
CA UNK D 659 -39.54 -70.04 4.27
C UNK D 659 -39.53 -71.40 3.57
N UNK D 660 -38.34 -71.94 3.33
CA UNK D 660 -38.20 -73.24 2.68
C UNK D 660 -38.84 -74.32 3.57
N UNK D 661 -38.63 -74.18 4.87
CA UNK D 661 -39.17 -75.10 5.83
C UNK D 661 -40.69 -75.08 5.79
N UNK D 662 -41.29 -73.89 5.71
CA UNK D 662 -42.75 -73.84 5.64
C UNK D 662 -43.18 -74.52 4.35
N UNK D 663 -42.45 -74.15 3.29
CA UNK D 663 -42.68 -74.55 1.90
C UNK D 663 -42.71 -76.05 1.80
N UNK D 664 -42.06 -76.69 2.75
CA UNK D 664 -42.09 -78.13 2.87
C UNK D 664 -41.90 -78.34 4.36
N UNK D 665 -42.95 -78.45 5.19
CA UNK D 665 -44.40 -78.55 4.95
C UNK D 665 -44.99 -78.70 3.55
N UNK D 666 -45.32 -77.58 2.93
CA UNK D 666 -45.89 -77.58 1.59
C UNK D 666 -46.40 -76.21 1.20
N UNK D 667 -21.94 -49.98 1.88
CA UNK D 667 -22.52 -49.84 0.56
C UNK D 667 -22.52 -51.19 -0.16
N UNK D 668 -21.42 -51.93 0.00
CA UNK D 668 -21.29 -53.25 -0.62
C UNK D 668 -22.34 -54.19 -0.04
N UNK D 669 -22.56 -54.11 1.27
CA UNK D 669 -23.55 -54.94 1.94
C UNK D 669 -24.94 -54.62 1.41
N UNK D 670 -25.21 -53.33 1.22
CA UNK D 670 -26.50 -52.87 0.70
C UNK D 670 -26.71 -53.41 -0.72
N UNK D 671 -25.65 -53.39 -1.52
CA UNK D 671 -25.72 -53.87 -2.89
C UNK D 671 -25.96 -55.38 -2.94
N UNK D 672 -25.94 -56.01 -1.77
CA UNK D 672 -26.16 -57.45 -1.68
C UNK D 672 -27.52 -57.73 -1.06
N UNK D 673 -27.86 -56.95 -0.03
CA UNK D 673 -29.16 -57.10 0.64
C UNK D 673 -30.28 -56.80 -0.34
N UNK D 674 -30.10 -55.75 -1.15
CA UNK D 674 -31.10 -55.37 -2.13
C UNK D 674 -31.28 -56.49 -3.15
N UNK D 675 -30.17 -57.10 -3.56
CA UNK D 675 -30.21 -58.19 -4.52
C UNK D 675 -30.97 -59.37 -3.93
N UNK D 676 -30.72 -59.65 -2.65
CA UNK D 676 -31.40 -60.74 -1.96
C UNK D 676 -32.90 -60.47 -1.91
N UNK D 677 -33.27 -59.23 -1.65
CA UNK D 677 -34.67 -58.83 -1.58
C UNK D 677 -35.33 -59.01 -2.94
N UNK D 678 -34.60 -58.67 -4.00
CA UNK D 678 -35.12 -58.80 -5.36
C UNK D 678 -35.22 -60.25 -5.77
N UNK D 679 -34.78 -61.15 -4.89
CA UNK D 679 -34.83 -62.58 -5.15
C UNK D 679 -35.69 -63.34 -4.13
N UNK D 680 -35.62 -62.93 -2.86
CA UNK D 680 -36.32 -63.63 -1.78
C UNK D 680 -37.51 -62.91 -1.12
N UNK D 681 -37.27 -62.12 -0.07
CA UNK D 681 -38.41 -61.50 0.60
C UNK D 681 -39.69 -62.04 0.00
N UNK D 682 -39.71 -62.18 -1.32
CA UNK D 682 -40.89 -62.69 -2.02
C UNK D 682 -41.16 -64.11 -1.56
N UNK D 683 -40.09 -64.90 -1.44
CA UNK D 683 -40.23 -66.28 -1.01
C UNK D 683 -40.81 -66.34 0.40
N UNK D 684 -40.34 -65.44 1.25
CA UNK D 684 -40.81 -65.38 2.62
C UNK D 684 -42.29 -65.01 2.66
N UNK D 685 -42.69 -64.08 1.79
CA UNK D 685 -44.07 -63.63 1.71
C UNK D 685 -45.04 -64.78 1.53
N UNK D 686 -44.95 -65.46 0.39
CA UNK D 686 -45.84 -66.57 0.10
C UNK D 686 -46.15 -67.32 1.40
N UNK D 687 -45.12 -67.50 2.22
CA UNK D 687 -45.28 -68.20 3.50
C UNK D 687 -46.23 -67.42 4.39
N UNK D 688 -46.08 -66.09 4.39
CA UNK D 688 -46.93 -65.23 5.19
C UNK D 688 -48.38 -65.36 4.73
N UNK D 689 -48.57 -65.41 3.41
CA UNK D 689 -49.90 -65.55 2.83
C UNK D 689 -50.57 -66.84 3.28
N UNK D 690 -49.92 -67.96 3.05
CA UNK D 690 -50.48 -69.26 3.43
C UNK D 690 -50.65 -69.35 4.94
N UNK D 691 -49.66 -68.85 5.68
CA UNK D 691 -49.72 -68.89 7.13
C UNK D 691 -50.89 -68.04 7.62
N UNK D 692 -51.07 -66.88 6.98
CA UNK D 692 -52.16 -65.99 7.34
C UNK D 692 -53.48 -66.71 7.14
N UNK D 693 -53.57 -67.46 6.04
CA UNK D 693 -54.79 -68.21 5.73
C UNK D 693 -55.07 -69.26 6.79
N UNK D 694 -54.03 -69.94 7.25
CA UNK D 694 -54.19 -70.97 8.28
C UNK D 694 -54.71 -70.34 9.57
N UNK D 695 -54.16 -69.17 9.90
CA UNK D 695 -54.58 -68.46 11.10
C UNK D 695 -56.04 -68.07 10.99
N UNK D 696 -56.42 -67.63 9.79
CA UNK D 696 -57.80 -67.23 9.53
C UNK D 696 -58.75 -68.41 9.74
N UNK D 697 -58.30 -69.60 9.34
CA UNK D 697 -59.11 -70.80 9.49
C UNK D 697 -59.41 -71.11 10.95
N UNK D 698 -58.35 -71.08 11.76
CA UNK D 698 -58.50 -71.30 13.20
C UNK D 698 -59.62 -70.37 13.67
N UNK D 699 -59.58 -69.13 13.16
CA UNK D 699 -60.57 -68.12 13.46
C UNK D 699 -61.93 -68.60 12.96
N UNK D 700 -61.97 -69.20 11.78
CA UNK D 700 -63.21 -69.70 11.24
C UNK D 700 -63.78 -70.79 12.14
N UNK D 701 -62.92 -71.67 12.65
CA UNK D 701 -63.36 -72.74 13.55
C UNK D 701 -63.94 -72.14 14.84
N UNK D 702 -63.25 -71.11 15.33
CA UNK D 702 -63.68 -70.42 16.54
C UNK D 702 -65.03 -69.78 16.32
N UNK D 703 -65.21 -69.19 15.15
CA UNK D 703 -66.45 -68.53 14.75
C UNK D 703 -67.57 -69.55 14.69
N UNK D 704 -67.27 -70.75 14.18
CA UNK D 704 -68.27 -71.81 14.10
C UNK D 704 -68.69 -72.19 15.49
N UNK D 705 -67.70 -72.40 16.35
CA UNK D 705 -67.90 -72.75 17.73
C UNK D 705 -68.67 -71.61 18.36
N UNK D 706 -68.24 -70.39 18.06
CA UNK D 706 -68.91 -69.21 18.58
C UNK D 706 -70.33 -69.14 18.04
N UNK D 707 -70.42 -69.30 16.73
CA UNK D 707 -71.68 -69.27 16.00
C UNK D 707 -72.53 -70.41 16.51
N UNK D 708 -71.89 -71.56 16.70
CA UNK D 708 -72.61 -72.71 17.23
C UNK D 708 -73.06 -72.38 18.64
N UNK D 709 -72.16 -71.79 19.42
CA UNK D 709 -72.46 -71.41 20.79
C UNK D 709 -73.56 -70.36 20.82
N UNK D 710 -73.47 -69.41 19.90
CA UNK D 710 -74.47 -68.35 19.82
C UNK D 710 -75.84 -68.94 19.49
N UNK D 711 -75.85 -69.90 18.58
CA UNK D 711 -77.10 -70.56 18.18
C UNK D 711 -77.68 -71.30 19.36
N UNK D 712 -76.82 -71.98 20.12
CA UNK D 712 -77.26 -72.74 21.29
C UNK D 712 -77.79 -71.81 22.36
N UNK D 713 -77.02 -70.79 22.69
CA UNK D 713 -77.42 -69.83 23.72
C UNK D 713 -78.69 -69.11 23.31
N UNK D 714 -78.78 -68.73 22.04
CA UNK D 714 -79.95 -68.04 21.52
C UNK D 714 -81.17 -68.94 21.63
N UNK D 715 -81.00 -70.22 21.31
CA UNK D 715 -82.08 -71.19 21.39
C UNK D 715 -82.55 -71.33 22.84
N UNK D 716 -81.59 -71.36 23.77
CA UNK D 716 -81.91 -71.47 25.18
C UNK D 716 -82.71 -70.25 25.63
N UNK D 717 -82.31 -69.08 25.15
CA UNK D 717 -83.00 -67.84 25.49
C UNK D 717 -84.43 -67.88 24.98
N UNK D 718 -84.61 -68.40 23.76
CA UNK D 718 -85.93 -68.53 23.18
C UNK D 718 -86.63 -69.74 23.77
N UNK D 719 -85.93 -70.86 23.77
CA UNK D 719 -86.45 -72.11 24.31
C UNK D 719 -86.74 -71.99 25.79
N UNK D 720 -85.83 -71.35 26.53
CA UNK D 720 -85.96 -71.17 27.97
C UNK D 720 -87.38 -70.77 28.38
N UNK D 721 -88.04 -69.97 27.54
CA UNK D 721 -89.39 -69.52 27.86
C UNK D 721 -90.35 -70.70 27.94
N UNK D 722 -90.20 -71.65 27.02
CA UNK D 722 -91.03 -72.84 26.99
C UNK D 722 -90.86 -73.72 28.23
N UNK D 723 -89.62 -73.82 28.69
CA UNK D 723 -89.28 -74.67 29.84
C UNK D 723 -89.95 -74.26 31.16
N UNK D 724 -90.04 -72.96 31.43
CA UNK D 724 -90.66 -72.51 32.67
C UNK D 724 -92.03 -71.88 32.45
N UNK D 725 -93.03 -72.39 33.17
CA UNK D 725 -94.39 -71.88 33.06
C UNK D 725 -94.53 -70.56 33.81
N UNK D 726 -35.47 -59.41 8.79
CA UNK D 726 -35.14 -58.28 9.64
C UNK D 726 -36.33 -57.34 9.76
N UNK D 727 -36.30 -56.25 8.98
CA UNK D 727 -37.36 -55.26 9.01
C UNK D 727 -38.68 -55.89 8.58
N UNK D 728 -38.63 -56.73 7.55
CA UNK D 728 -39.80 -57.43 7.07
C UNK D 728 -40.37 -58.33 8.15
N UNK D 729 -39.50 -59.02 8.89
CA UNK D 729 -39.93 -59.91 9.96
C UNK D 729 -40.65 -59.10 11.05
N UNK D 730 -40.09 -57.92 11.36
CA UNK D 730 -40.68 -57.04 12.35
C UNK D 730 -42.06 -56.61 11.88
N UNK D 731 -42.18 -56.28 10.59
CA UNK D 731 -43.45 -55.85 10.01
C UNK D 731 -44.48 -56.97 10.09
N UNK D 732 -44.03 -58.20 9.85
CA UNK D 732 -44.89 -59.37 9.91
C UNK D 732 -45.42 -59.54 11.32
N UNK D 733 -44.51 -59.30 12.26
CA UNK D 733 -44.82 -59.39 13.65
C UNK D 733 -45.90 -58.38 13.97
N UNK D 734 -45.84 -57.17 13.40
CA UNK D 734 -46.86 -56.14 13.67
C UNK D 734 -48.31 -56.40 13.20
N UNK D 735 -48.45 -56.83 11.93
CA UNK D 735 -49.78 -57.14 11.38
C UNK D 735 -50.36 -58.32 12.10
N UNK D 736 -49.47 -59.29 12.35
CA UNK D 736 -49.79 -60.51 13.06
C UNK D 736 -50.22 -60.15 14.47
N UNK D 737 -49.54 -59.19 15.11
CA UNK D 737 -49.88 -58.77 16.45
C UNK D 737 -51.27 -58.15 16.46
N UNK D 738 -51.60 -57.34 15.45
CA UNK D 738 -52.94 -56.75 15.44
C UNK D 738 -53.99 -57.85 15.35
N UNK D 739 -53.73 -58.81 14.48
CA UNK D 739 -54.67 -59.93 14.31
C UNK D 739 -54.79 -60.74 15.59
N UNK D 740 -53.65 -60.96 16.24
CA UNK D 740 -53.51 -61.71 17.46
C UNK D 740 -54.26 -61.04 18.57
N UNK D 741 -54.21 -59.70 18.62
CA UNK D 741 -54.92 -58.93 19.63
C UNK D 741 -56.41 -59.15 19.43
N UNK D 742 -56.84 -59.12 18.17
CA UNK D 742 -58.26 -59.35 17.92
C UNK D 742 -58.64 -60.76 18.39
N UNK D 743 -57.80 -61.74 18.08
CA UNK D 743 -58.03 -63.13 18.46
C UNK D 743 -58.06 -63.32 19.97
N UNK D 744 -57.16 -62.61 20.65
CA UNK D 744 -57.03 -62.66 22.10
C UNK D 744 -58.29 -62.15 22.72
N UNK D 745 -58.83 -61.06 22.17
CA UNK D 745 -60.08 -60.53 22.70
C UNK D 745 -61.16 -61.59 22.45
N UNK D 746 -61.16 -62.11 21.24
CA UNK D 746 -62.07 -63.17 20.84
C UNK D 746 -61.82 -64.47 21.58
N UNK D 747 -60.55 -64.83 21.79
CA UNK D 747 -60.29 -66.11 22.41
C UNK D 747 -60.38 -66.04 23.93
N UNK D 748 -59.87 -64.94 24.48
CA UNK D 748 -59.88 -64.72 25.92
C UNK D 748 -61.30 -64.61 26.38
N UNK D 749 -62.13 -63.89 25.63
CA UNK D 749 -63.54 -63.78 26.01
C UNK D 749 -64.19 -65.16 25.91
N UNK D 750 -63.86 -65.87 24.84
CA UNK D 750 -64.36 -67.20 24.56
C UNK D 750 -63.94 -68.31 25.52
N UNK D 751 -62.68 -68.36 25.96
CA UNK D 751 -62.37 -69.48 26.84
C UNK D 751 -62.93 -69.23 28.24
N UNK D 752 -62.77 -68.00 28.71
CA UNK D 752 -63.27 -67.63 30.03
C UNK D 752 -64.79 -67.75 30.06
N UNK D 753 -65.44 -67.31 28.98
CA UNK D 753 -66.88 -67.36 28.88
C UNK D 753 -67.35 -68.82 28.90
N UNK D 754 -66.62 -69.67 28.21
CA UNK D 754 -66.93 -71.10 28.15
C UNK D 754 -66.82 -71.71 29.54
N UNK D 755 -65.77 -71.31 30.26
CA UNK D 755 -65.57 -71.82 31.61
C UNK D 755 -66.74 -71.39 32.50
N UNK D 756 -67.17 -70.14 32.35
CA UNK D 756 -68.30 -69.63 33.13
C UNK D 756 -69.57 -70.41 32.81
N UNK D 757 -69.77 -70.71 31.53
CA UNK D 757 -70.94 -71.46 31.10
C UNK D 757 -70.92 -72.85 31.69
N UNK D 758 -69.74 -73.46 31.73
CA UNK D 758 -69.59 -74.79 32.28
C UNK D 758 -69.92 -74.77 33.77
N UNK D 759 -69.45 -73.73 34.46
CA UNK D 759 -69.68 -73.54 35.88
C UNK D 759 -69.35 -74.80 36.68
N UNK D 760 -58.30 -60.02 -0.40
CA UNK D 760 -57.97 -60.09 1.03
C UNK D 760 -59.09 -59.47 1.86
N UNK D 761 -59.51 -58.30 1.41
CA UNK D 761 -60.57 -57.53 2.05
C UNK D 761 -61.86 -58.35 2.12
N UNK D 762 -62.20 -58.97 1.00
CA UNK D 762 -63.41 -59.80 0.92
C UNK D 762 -63.47 -60.80 2.07
N UNK D 763 -62.61 -61.80 2.03
CA UNK D 763 -62.57 -62.82 3.08
C UNK D 763 -62.20 -62.20 4.42
N UNK D 764 -61.24 -61.28 4.40
CA UNK D 764 -60.80 -60.61 5.61
C UNK D 764 -61.96 -59.80 6.19
N UNK D 765 -62.70 -59.14 5.31
CA UNK D 765 -63.84 -58.34 5.74
C UNK D 765 -64.89 -59.23 6.37
N UNK D 766 -65.10 -60.40 5.78
CA UNK D 766 -66.07 -61.35 6.30
C UNK D 766 -65.66 -61.81 7.69
N UNK D 767 -64.36 -62.05 7.85
CA UNK D 767 -63.81 -62.50 9.12
C UNK D 767 -64.06 -61.47 10.22
N UNK D 768 -63.61 -60.23 9.99
CA UNK D 768 -63.79 -59.17 10.97
C UNK D 768 -65.27 -58.88 11.21
N UNK D 769 -66.04 -58.87 10.13
CA UNK D 769 -67.47 -58.61 10.22
C UNK D 769 -68.14 -59.72 11.04
N UNK D 770 -67.71 -60.95 10.80
CA UNK D 770 -68.26 -62.09 11.51
C UNK D 770 -67.98 -61.92 13.01
N UNK D 771 -66.78 -61.45 13.31
CA UNK D 771 -66.39 -61.24 14.70
C UNK D 771 -67.27 -60.19 15.37
N UNK D 772 -67.57 -59.12 14.64
CA UNK D 772 -68.40 -58.05 15.17
C UNK D 772 -69.80 -58.58 15.48
N UNK D 773 -70.31 -59.41 14.56
CA UNK D 773 -71.63 -60.01 14.73
C UNK D 773 -71.63 -60.90 15.96
N UNK D 774 -70.54 -61.64 16.14
CA UNK D 774 -70.41 -62.54 17.29
C UNK D 774 -70.45 -61.74 18.58
N UNK D 775 -69.84 -60.56 18.58
CA UNK D 775 -69.81 -59.71 19.76
C UNK D 775 -71.21 -59.26 20.18
N UNK D 776 -72.04 -58.91 19.20
CA UNK D 776 -73.40 -58.48 19.48
C UNK D 776 -74.17 -59.64 20.10
N UNK D 777 -73.97 -60.84 19.57
CA UNK D 777 -74.64 -62.01 20.10
C UNK D 777 -74.23 -62.22 21.55
N UNK D 778 -72.99 -61.85 21.85
CA UNK D 778 -72.45 -61.98 23.20
C UNK D 778 -73.22 -61.12 24.18
N UNK D 779 -73.57 -59.91 23.76
CA UNK D 779 -74.33 -59.00 24.61
C UNK D 779 -75.69 -59.60 24.92
N UNK D 780 -76.31 -60.19 23.89
CA UNK D 780 -77.62 -60.80 24.06
C UNK D 780 -77.52 -62.14 24.79
N UNK D 781 -76.49 -62.92 24.45
CA UNK D 781 -76.28 -64.21 25.08
C UNK D 781 -76.03 -64.05 26.57
N UNK D 782 -75.25 -63.04 26.93
CA UNK D 782 -74.95 -62.77 28.34
C UNK D 782 -76.22 -62.42 29.08
N UNK D 783 -77.08 -61.61 28.46
CA UNK D 783 -78.33 -61.21 29.06
C UNK D 783 -79.22 -62.44 29.26
N UNK D 784 -79.23 -63.34 28.28
CA UNK D 784 -80.03 -64.55 28.37
C UNK D 784 -79.53 -65.41 29.53
N UNK D 785 -78.21 -65.49 29.68
CA UNK D 785 -77.61 -66.27 30.77
C UNK D 785 -78.01 -65.67 32.11
N UNK D 786 -78.01 -64.34 32.19
CA UNK D 786 -78.39 -63.65 33.42
C UNK D 786 -79.84 -63.95 33.76
N UNK D 787 -80.69 -63.96 32.73
CA UNK D 787 -82.11 -64.25 32.91
C UNK D 787 -82.29 -65.67 33.43
N UNK D 788 -81.51 -66.60 32.87
CA UNK D 788 -81.57 -67.99 33.29
C UNK D 788 -81.15 -68.12 34.75
N UNK D 789 -80.11 -67.38 35.13
CA UNK D 789 -79.63 -67.40 36.51
C UNK D 789 -80.70 -66.87 37.45
N UNK D 790 -81.39 -65.81 37.02
CA UNK D 790 -82.46 -65.22 37.81
C UNK D 790 -83.60 -66.21 38.00
N UNK D 791 -83.91 -66.95 36.93
CA UNK D 791 -84.98 -67.95 36.94
C UNK D 791 -86.28 -67.40 37.51
N UNK D 792 -75.65 -72.99 43.91
CA UNK D 792 -76.63 -72.96 42.84
C UNK D 792 -76.58 -74.28 42.07
N UNK D 793 -75.37 -74.78 41.84
CA UNK D 793 -75.19 -76.04 41.13
C UNK D 793 -75.80 -77.17 41.93
N UNK D 794 -75.60 -77.13 43.25
CA UNK D 794 -76.15 -78.16 44.12
C UNK D 794 -77.67 -78.14 44.06
N UNK D 795 -78.23 -76.94 44.03
CA UNK D 795 -79.68 -76.76 43.97
C UNK D 795 -80.25 -77.39 42.69
N UNK D 796 -79.73 -76.96 41.54
CA UNK D 796 -80.21 -77.47 40.27
C UNK D 796 -79.94 -78.97 40.14
N UNK D 797 -78.76 -79.39 40.59
CA UNK D 797 -78.40 -80.80 40.53
C UNK D 797 -79.33 -81.61 41.41
N UNK D 798 -79.65 -81.06 42.59
CA UNK D 798 -80.55 -81.73 43.51
C UNK D 798 -81.91 -81.91 42.84
N UNK D 799 -82.34 -80.88 42.13
CA UNK D 799 -83.62 -80.93 41.43
C UNK D 799 -83.64 -82.02 40.37
N UNK D 800 -82.53 -82.16 39.64
CA UNK D 800 -82.43 -83.17 38.61
C UNK D 800 -82.53 -84.56 39.22
N UNK D 801 -81.86 -84.74 40.35
CA UNK D 801 -81.88 -86.01 41.06
C UNK D 801 -83.29 -86.32 41.51
N UNK D 802 -83.99 -85.30 41.99
CA UNK D 802 -85.36 -85.45 42.44
C UNK D 802 -86.25 -85.93 41.30
N UNK D 803 -85.99 -85.41 40.10
CA UNK D 803 -86.78 -85.77 38.93
C UNK D 803 -86.64 -87.26 38.60
N UNK D 804 -85.40 -87.73 38.58
CA UNK D 804 -85.15 -89.13 38.33
C UNK D 804 -86.03 -89.92 39.30
N UNK D 805 -86.10 -89.43 40.53
CA UNK D 805 -86.92 -90.01 41.57
C UNK D 805 -88.38 -89.93 41.16
N UNK D 806 -88.76 -88.85 40.49
CA UNK D 806 -90.11 -88.80 39.94
C UNK D 806 -90.20 -89.96 38.92
N UNK D 807 -89.09 -90.16 38.18
CA UNK D 807 -88.92 -91.23 37.21
C UNK D 807 -89.00 -92.58 37.90
N UNK D 808 -88.46 -92.68 39.12
CA UNK D 808 -88.54 -93.89 39.93
C UNK D 808 -90.00 -94.23 40.23
N UNK D 809 -90.80 -93.20 40.52
CA UNK D 809 -92.24 -93.35 40.77
C UNK D 809 -92.93 -93.86 39.50
N UNK D 810 -92.49 -93.35 38.35
CA UNK D 810 -93.00 -93.79 37.05
C UNK D 810 -92.65 -95.27 36.83
N UNK D 811 -91.45 -95.66 37.24
CA UNK D 811 -90.95 -97.03 37.18
C UNK D 811 -91.82 -97.92 38.07
N UNK D 812 -92.22 -97.40 39.23
CA UNK D 812 -93.10 -98.11 40.15
C UNK D 812 -94.46 -98.34 39.49
N UNK D 813 -94.93 -97.35 38.74
CA UNK D 813 -96.19 -97.46 37.98
C UNK D 813 -96.04 -98.57 36.92
N UNK D 814 -94.87 -98.62 36.29
CA UNK D 814 -94.53 -99.65 35.30
C UNK D 814 -94.55 -101.03 35.96
N UNK D 815 -94.05 -101.09 37.20
CA UNK D 815 -94.02 -102.31 38.01
C UNK D 815 -95.45 -102.76 38.29
N UNK D 816 -96.34 -101.80 38.55
CA UNK D 816 -97.76 -102.08 38.77
C UNK D 816 -98.37 -102.68 37.49
N UNK D 817 -97.96 -102.13 36.34
CA UNK D 817 -98.40 -102.62 35.04
C UNK D 817 -97.93 -104.08 34.87
N UNK D 818 -96.69 -104.36 35.29
CA UNK D 818 -96.11 -105.70 35.26
C UNK D 818 -96.90 -106.65 36.17
N UNK D 819 -97.34 -106.12 37.31
CA UNK D 819 -98.15 -106.82 38.30
C UNK D 819 -99.48 -107.23 37.69
N UNK D 820 -100.05 -106.37 36.83
CA UNK D 820 -101.28 -106.75 36.13
C UNK D 820 -100.81 -107.97 35.34
N UNK D 821 -99.57 -107.85 34.85
CA UNK D 821 -98.83 -108.91 34.19
C UNK D 821 -98.59 -110.07 35.15
N UNK D 822 -98.28 -109.74 36.40
CA UNK D 822 -98.05 -110.77 37.42
C UNK D 822 -99.33 -111.56 37.65
N UNK D 823 -100.47 -110.86 37.68
CA UNK D 823 -101.76 -111.51 37.87
C UNK D 823 -102.04 -112.45 36.72
N UNK D 824 -101.73 -112.01 35.50
CA UNK D 824 -101.94 -112.83 34.31
C UNK D 824 -101.07 -114.09 34.40
N UNK D 825 -99.83 -113.93 34.85
CA UNK D 825 -98.93 -115.05 34.99
C UNK D 825 -99.47 -116.05 36.01
N UNK D 826 -100.01 -115.52 37.11
CA UNK D 826 -100.59 -116.37 38.15
C UNK D 826 -101.78 -117.14 37.59
N UNK D 827 -102.60 -116.48 36.77
CA UNK D 827 -103.75 -117.11 36.16
C UNK D 827 -103.30 -118.24 35.24
N UNK D 828 -102.24 -117.98 34.48
CA UNK D 828 -101.69 -118.98 33.57
C UNK D 828 -101.19 -120.19 34.35
N UNK D 829 -100.54 -119.93 35.48
CA UNK D 829 -100.03 -121.00 36.33
C UNK D 829 -101.19 -121.84 36.87
N UNK D 830 -102.27 -121.17 37.25
CA UNK D 830 -103.44 -121.84 37.77
C UNK D 830 -104.07 -122.73 36.69
N UNK D 831 -71.87 -84.27 52.11
CA UNK D 831 -72.06 -85.49 52.87
C UNK D 831 -73.47 -86.03 52.70
N UNK D 832 -74.45 -85.13 52.69
CA UNK D 832 -75.84 -85.52 52.50
C UNK D 832 -76.03 -86.13 51.12
N UNK D 833 -75.38 -85.54 50.12
CA UNK D 833 -75.45 -86.05 48.75
C UNK D 833 -74.84 -87.45 48.69
N UNK D 834 -73.74 -87.64 49.39
CA UNK D 834 -73.09 -88.94 49.44
C UNK D 834 -74.01 -89.97 50.07
N UNK D 835 -74.71 -89.56 51.13
CA UNK D 835 -75.65 -90.44 51.80
C UNK D 835 -76.79 -90.82 50.86
N UNK D 836 -77.25 -89.86 50.07
CA UNK D 836 -78.30 -90.10 49.10
C UNK D 836 -77.83 -91.10 48.06
N UNK D 837 -76.58 -90.95 47.62
CA UNK D 837 -75.99 -91.86 46.66
C UNK D 837 -75.92 -93.27 47.22
N UNK D 838 -75.56 -93.36 48.50
CA UNK D 838 -75.50 -94.65 49.19
C UNK D 838 -76.88 -95.29 49.25
N UNK D 839 -77.90 -94.48 49.51
CA UNK D 839 -79.27 -94.96 49.59
C UNK D 839 -79.70 -95.59 48.27
N UNK D 840 -79.45 -94.90 47.17
CA UNK D 840 -79.82 -95.38 45.85
C UNK D 840 -79.26 -96.78 45.63
N UNK D 841 -78.03 -97.02 46.09
CA UNK D 841 -77.41 -98.31 45.82
C UNK D 841 -78.21 -99.45 46.42
N UNK D 842 -78.69 -99.26 47.65
CA UNK D 842 -79.56 -100.25 48.30
C UNK D 842 -80.86 -100.38 47.52
N UNK D 843 -81.49 -99.23 47.23
CA UNK D 843 -82.76 -99.25 46.50
C UNK D 843 -82.64 -100.18 45.29
N UNK D 844 -81.44 -100.19 44.72
CA UNK D 844 -81.11 -101.01 43.57
C UNK D 844 -81.27 -102.48 43.92
N UNK D 845 -80.94 -102.80 45.18
CA UNK D 845 -81.04 -104.15 45.69
C UNK D 845 -82.48 -104.69 45.72
N UNK D 846 -83.35 -103.96 46.39
CA UNK D 846 -84.75 -104.34 46.56
C UNK D 846 -85.52 -104.51 45.27
N UNK D 847 -85.64 -103.42 44.51
CA UNK D 847 -86.37 -103.47 43.26
C UNK D 847 -85.73 -104.44 42.28
N UNK D 848 -84.40 -104.43 42.22
CA UNK D 848 -83.68 -105.31 41.32
C UNK D 848 -83.93 -106.77 41.70
N UNK D 849 -83.92 -107.03 43.00
CA UNK D 849 -84.16 -108.38 43.52
C UNK D 849 -85.57 -108.83 43.15
N UNK D 850 -86.52 -107.92 43.27
CA UNK D 850 -87.91 -108.21 42.94
C UNK D 850 -88.02 -108.54 41.47
N UNK D 851 -87.32 -107.79 40.64
CA UNK D 851 -87.33 -108.01 39.20
C UNK D 851 -86.76 -109.39 38.88
N UNK D 852 -85.67 -109.75 39.56
CA UNK D 852 -85.06 -111.05 39.36
C UNK D 852 -86.02 -112.16 39.74
N UNK D 853 -86.67 -112.01 40.88
CA UNK D 853 -87.65 -112.98 41.35
C UNK D 853 -88.75 -113.08 40.31
N UNK D 854 -89.10 -111.94 39.73
CA UNK D 854 -90.14 -111.87 38.72
C UNK D 854 -89.72 -112.68 37.51
N UNK D 855 -88.46 -112.60 37.11
CA UNK D 855 -87.99 -113.35 35.95
C UNK D 855 -88.14 -114.84 36.18
N UNK D 856 -87.78 -115.27 37.38
CA UNK D 856 -87.88 -116.69 37.74
C UNK D 856 -89.34 -117.12 37.73
N UNK D 857 -90.22 -116.26 38.25
CA UNK D 857 -91.64 -116.55 38.28
C UNK D 857 -92.18 -116.69 36.86
N UNK D 858 -91.74 -115.81 35.98
CA UNK D 858 -92.14 -115.82 34.58
C UNK D 858 -91.70 -117.11 33.93
N UNK D 859 -90.48 -117.54 34.24
CA UNK D 859 -89.96 -118.78 33.68
C UNK D 859 -90.81 -119.95 34.15
N UNK D 860 -91.19 -119.94 35.42
CA UNK D 860 -92.02 -121.00 35.98
C UNK D 860 -93.37 -121.04 35.30
N UNK D 861 -93.94 -119.85 35.05
CA UNK D 861 -95.23 -119.74 34.40
C UNK D 861 -95.15 -120.29 32.99
N UNK D 862 -94.05 -119.99 32.30
CA UNK D 862 -93.85 -120.48 30.95
C UNK D 862 -93.76 -122.00 30.94
N UNK D 863 -93.06 -122.54 31.94
CA UNK D 863 -92.88 -123.98 32.09
C UNK D 863 -92.43 -124.64 30.79
N UNK D 864 -91.70 -78.64 51.02
CA UNK D 864 -92.91 -78.91 50.25
C UNK D 864 -92.68 -80.02 49.23
N UNK D 865 -91.91 -79.72 48.19
CA UNK D 865 -91.61 -80.70 47.16
C UNK D 865 -90.85 -81.88 47.74
N UNK D 866 -89.89 -81.58 48.62
CA UNK D 866 -89.10 -82.63 49.25
C UNK D 866 -89.99 -83.53 50.08
N UNK D 867 -90.93 -82.92 50.80
CA UNK D 867 -91.87 -83.65 51.63
C UNK D 867 -92.73 -84.57 50.76
N UNK D 868 -93.16 -84.05 49.61
CA UNK D 868 -93.97 -84.81 48.69
C UNK D 868 -93.18 -86.02 48.18
N UNK D 869 -91.90 -85.79 47.90
CA UNK D 869 -91.03 -86.85 47.41
C UNK D 869 -90.90 -87.98 48.42
N UNK D 870 -90.50 -87.65 49.64
CA UNK D 870 -90.33 -88.64 50.69
C UNK D 870 -91.67 -89.29 51.03
N UNK D 871 -92.72 -88.50 51.09
CA UNK D 871 -94.05 -89.00 51.40
C UNK D 871 -94.50 -89.96 50.31
N UNK D 872 -94.21 -89.60 49.06
CA UNK D 872 -94.57 -90.43 47.93
C UNK D 872 -93.87 -91.78 48.05
N UNK D 873 -92.62 -91.74 48.48
CA UNK D 873 -91.82 -92.95 48.65
C UNK D 873 -92.43 -93.85 49.72
N UNK D 874 -92.89 -93.25 50.82
CA UNK D 874 -93.49 -94.01 51.90
C UNK D 874 -94.75 -94.70 51.41
N UNK D 875 -95.54 -93.97 50.62
CA UNK D 875 -96.78 -94.51 50.07
C UNK D 875 -96.45 -95.68 49.16
N UNK D 876 -95.40 -95.53 48.37
CA UNK D 876 -94.97 -96.58 47.46
C UNK D 876 -94.61 -97.84 48.22
N UNK D 877 -93.97 -97.67 49.38
CA UNK D 877 -93.56 -98.79 50.21
C UNK D 877 -94.77 -99.61 50.69
N UNK D 878 -95.82 -98.90 51.09
CA UNK D 878 -97.03 -99.58 51.56
C UNK D 878 -97.64 -100.39 50.43
N UNK D 879 -97.64 -99.82 49.23
CA UNK D 879 -98.18 -100.51 48.08
C UNK D 879 -97.37 -101.77 47.82
N UNK D 880 -96.08 -101.70 48.14
CA UNK D 880 -95.19 -102.83 47.96
C UNK D 880 -95.61 -104.01 48.84
N UNK D 881 -96.01 -103.72 50.07
CA UNK D 881 -96.44 -104.76 50.98
C UNK D 881 -97.69 -105.44 50.42
N UNK D 882 -98.60 -104.64 49.89
CA UNK D 882 -99.83 -105.16 49.32
C UNK D 882 -99.58 -105.82 47.96
N UNK D 883 -98.73 -105.19 47.15
CA UNK D 883 -98.40 -105.72 45.84
C UNK D 883 -97.72 -107.08 45.97
N UNK D 884 -96.82 -107.21 46.93
CA UNK D 884 -96.12 -108.47 47.16
C UNK D 884 -97.10 -109.56 47.54
N UNK D 885 -98.07 -109.21 48.40
CA UNK D 885 -99.08 -110.16 48.84
C UNK D 885 -99.92 -110.60 47.63
N UNK D 886 -100.26 -109.66 46.77
CA UNK D 886 -101.03 -109.97 45.57
C UNK D 886 -100.26 -110.92 44.68
N UNK D 887 -98.96 -110.68 44.54
CA UNK D 887 -98.10 -111.53 43.72
C UNK D 887 -98.08 -112.95 44.30
N UNK D 888 -97.98 -113.03 45.63
CA UNK D 888 -97.97 -114.33 46.30
C UNK D 888 -99.28 -115.07 46.06
N UNK D 889 -100.39 -114.34 46.11
CA UNK D 889 -101.70 -114.92 45.86
C UNK D 889 -101.77 -115.45 44.44
N UNK D 890 -101.23 -114.68 43.49
CA UNK D 890 -101.23 -115.09 42.10
C UNK D 890 -100.41 -116.36 41.93
N UNK D 891 -99.28 -116.44 42.62
CA UNK D 891 -98.42 -117.61 42.55
C UNK D 891 -99.15 -118.82 43.11
N UNK D 892 -99.88 -118.63 44.20
CA UNK D 892 -100.66 -119.70 44.81
C UNK D 892 -101.74 -120.19 43.86
N UNK D 893 -102.37 -119.26 43.15
CA UNK D 893 -103.43 -119.57 42.19
C UNK D 893 -104.49 -120.50 42.78
N UNK E 1 -21.29 -67.03 7.85
CA UNK E 1 -22.02 -68.28 8.04
C UNK E 1 -21.05 -69.46 8.07
N UNK E 2 -19.82 -69.20 7.66
CA UNK E 2 -18.79 -70.23 7.69
C UNK E 2 -18.32 -70.50 9.11
N UNK E 3 -18.07 -71.78 9.45
CA UNK E 3 -17.34 -72.04 10.69
C UNK E 3 -16.09 -71.15 10.81
N UNK E 4 -15.90 -70.59 11.99
CA UNK E 4 -14.78 -69.70 12.24
C UNK E 4 -13.76 -70.35 13.10
N UNK E 5 -12.52 -70.26 12.63
CA UNK E 5 -11.32 -70.70 13.32
C UNK E 5 -10.39 -69.51 13.51
N UNK E 6 -9.62 -69.53 14.61
CA UNK E 6 -8.59 -68.52 14.91
C UNK E 6 -7.20 -69.09 15.02
N UNK E 7 -6.25 -68.38 14.43
CA UNK E 7 -4.86 -68.57 14.73
C UNK E 7 -4.37 -67.32 15.48
N UNK E 8 -3.72 -67.54 16.60
CA UNK E 8 -2.95 -66.53 17.30
C UNK E 8 -1.47 -66.74 16.95
N UNK E 9 -0.96 -65.84 16.11
CA UNK E 9 0.32 -65.97 15.52
C UNK E 9 1.34 -65.15 16.28
N UNK E 10 2.30 -65.83 16.90
CA UNK E 10 3.27 -65.17 17.77
C UNK E 10 4.69 -65.17 17.17
N UNK E 11 5.30 -64.00 17.08
CA UNK E 11 6.71 -63.90 16.79
C UNK E 11 6.90 -63.65 15.31
N UNK E 12 8.12 -63.91 14.84
CA UNK E 12 8.46 -63.68 13.45
C UNK E 12 8.68 -62.21 13.17
N UNK E 13 8.80 -61.87 11.88
CA UNK E 13 8.97 -60.51 11.41
C UNK E 13 7.84 -60.21 10.44
N UNK E 14 7.85 -59.01 9.91
CA UNK E 14 6.83 -58.58 9.00
C UNK E 14 6.80 -59.51 7.80
N UNK E 15 7.98 -59.80 7.24
CA UNK E 15 8.08 -60.63 6.04
C UNK E 15 7.84 -62.12 6.32
N UNK E 16 8.24 -62.61 7.50
CA UNK E 16 8.12 -64.03 7.82
C UNK E 16 6.68 -64.40 8.20
N UNK E 17 5.96 -63.43 8.71
CA UNK E 17 4.55 -63.60 8.95
C UNK E 17 3.78 -63.68 7.65
N UNK E 18 4.10 -62.80 6.72
CA UNK E 18 3.51 -62.89 5.40
C UNK E 18 3.87 -64.21 4.72
N UNK E 19 5.14 -64.63 4.83
CA UNK E 19 5.56 -65.92 4.28
C UNK E 19 4.79 -67.07 4.96
N UNK E 20 4.61 -67.00 6.28
CA UNK E 20 3.77 -67.97 6.97
C UNK E 20 2.37 -68.04 6.33
N UNK E 21 1.77 -66.86 6.12
CA UNK E 21 0.43 -66.77 5.60
C UNK E 21 0.32 -67.43 4.20
N UNK E 22 1.29 -67.15 3.34
CA UNK E 22 1.33 -67.75 2.00
C UNK E 22 1.53 -69.27 2.07
N UNK E 23 2.49 -69.69 2.88
CA UNK E 23 2.74 -71.12 3.06
C UNK E 23 1.46 -71.81 3.55
N UNK E 24 0.79 -71.18 4.50
CA UNK E 24 -0.43 -71.75 5.08
C UNK E 24 -1.57 -71.82 4.05
N UNK E 25 -1.74 -70.79 3.25
CA UNK E 25 -3.01 -70.60 2.56
C UNK E 25 -2.88 -70.63 1.05
N UNK E 26 -1.67 -70.88 0.56
CA UNK E 26 -1.40 -70.92 -0.88
C UNK E 26 -2.42 -71.75 -1.67
N UNK E 27 -2.39 -73.08 -1.51
CA UNK E 27 -3.22 -73.95 -2.35
C UNK E 27 -4.71 -73.77 -2.09
N UNK E 28 -5.07 -73.99 -0.83
CA UNK E 28 -6.44 -74.26 -0.42
C UNK E 28 -7.19 -73.02 0.05
N UNK E 29 -6.83 -71.85 -0.48
CA UNK E 29 -7.54 -70.63 -0.14
C UNK E 29 -8.36 -70.12 -1.33
N UNK E 30 -9.54 -69.57 -1.04
CA UNK E 30 -10.35 -68.84 -2.02
C UNK E 30 -9.58 -67.68 -2.67
N UNK E 31 -3.87 -49.09 19.00
CA UNK E 31 -3.74 -50.20 19.94
C UNK E 31 -4.48 -51.46 19.46
N UNK E 32 -3.87 -52.22 18.54
CA UNK E 32 -4.52 -53.45 18.05
C UNK E 32 -3.57 -54.52 17.48
N UNK E 33 -4.01 -55.78 17.56
CA UNK E 33 -3.29 -56.88 16.95
C UNK E 33 -3.40 -56.78 15.45
N UNK E 34 -2.43 -57.34 14.72
CA UNK E 34 -2.54 -57.45 13.28
C UNK E 34 -3.66 -58.46 13.00
N UNK E 35 -4.34 -58.29 11.87
CA UNK E 35 -5.47 -59.11 11.54
C UNK E 35 -5.56 -59.43 10.07
N UNK E 36 -5.81 -60.69 9.79
CA UNK E 36 -6.20 -61.06 8.46
C UNK E 36 -6.97 -62.36 8.51
N UNK E 37 -7.38 -62.83 7.35
CA UNK E 37 -8.16 -64.05 7.28
C UNK E 37 -8.11 -64.63 5.91
N UNK E 38 -8.62 -65.84 5.81
CA UNK E 38 -8.82 -66.50 4.53
C UNK E 38 -9.80 -67.66 4.69
N UNK E 39 -10.43 -68.00 3.58
CA UNK E 39 -11.40 -69.09 3.53
C UNK E 39 -10.68 -70.35 3.04
N UNK E 40 -10.78 -71.43 3.79
CA UNK E 40 -10.05 -72.67 3.43
C UNK E 40 -10.94 -73.57 2.59
N UNK E 41 -10.39 -74.03 1.47
CA UNK E 41 -11.07 -74.95 0.56
C UNK E 41 -10.71 -76.38 0.93
N UNK E 42 -11.57 -77.32 0.55
CA UNK E 42 -11.30 -78.75 0.69
C UNK E 42 -10.33 -79.24 -0.38
N UNK E 43 -9.97 -80.52 -0.30
CA UNK E 43 -8.82 -81.05 -1.02
C UNK E 43 -8.97 -81.05 -2.54
N UNK E 44 -10.16 -80.78 -3.04
CA UNK E 44 -10.37 -80.68 -4.47
C UNK E 44 -10.41 -79.23 -4.92
N UNK E 45 -10.09 -78.33 -3.99
N UNK E 45 -10.07 -78.31 -4.02
CA UNK E 45 -10.09 -76.89 -4.25
CA UNK E 45 -10.08 -76.88 -4.33
C UNK E 45 -11.44 -76.38 -4.74
C UNK E 45 -11.46 -76.34 -4.70
N UNK E 46 -12.52 -77.04 -4.31
CA UNK E 46 -13.89 -76.59 -4.68
C UNK E 46 -14.65 -75.93 -3.52
N UNK E 47 -15.07 -76.72 -2.54
CA UNK E 47 -15.95 -76.24 -1.47
C UNK E 47 -15.17 -75.60 -0.33
N UNK E 48 -15.75 -74.56 0.25
CA UNK E 48 -15.17 -73.86 1.37
C UNK E 48 -15.55 -74.54 2.71
N UNK E 49 -14.54 -74.80 3.54
CA UNK E 49 -14.75 -75.56 4.77
C UNK E 49 -14.83 -74.69 6.02
N UNK E 50 -14.06 -73.60 6.02
CA UNK E 50 -13.94 -72.75 7.19
C UNK E 50 -13.34 -71.38 6.85
N UNK E 51 -13.56 -70.41 7.72
CA UNK E 51 -12.86 -69.13 7.63
C UNK E 51 -11.89 -69.06 8.79
N UNK E 52 -10.63 -68.87 8.46
CA UNK E 52 -9.57 -68.76 9.44
C UNK E 52 -9.21 -67.28 9.61
N UNK E 53 -9.35 -66.82 10.84
CA UNK E 53 -8.91 -65.51 11.24
C UNK E 53 -7.56 -65.61 11.91
N UNK E 54 -6.63 -64.77 11.49
CA UNK E 54 -5.30 -64.73 12.11
C UNK E 54 -5.06 -63.39 12.84
N UNK E 55 -4.74 -63.50 14.13
CA UNK E 55 -4.34 -62.38 14.97
C UNK E 55 -2.86 -62.50 15.28
N UNK E 56 -2.15 -61.42 15.02
CA UNK E 56 -0.69 -61.40 15.02
C UNK E 56 -0.08 -60.51 16.08
N UNK E 57 0.88 -61.06 16.82
CA UNK E 57 1.65 -60.30 17.77
C UNK E 57 3.08 -60.72 17.58
N UNK E 58 3.83 -59.80 16.98
CA UNK E 58 5.25 -59.95 16.66
C UNK E 58 6.19 -60.03 17.89
N UNK E 59 5.92 -59.22 18.90
CA UNK E 59 6.81 -59.07 20.06
C UNK E 59 6.13 -59.51 21.33
N UNK E 60 6.87 -60.09 22.27
CA UNK E 60 6.16 -60.54 23.46
C UNK E 60 5.90 -59.40 24.45
N UNK E 61 5.04 -58.45 24.06
N UNK E 61 5.01 -58.49 24.04
CA UNK E 61 4.69 -57.35 24.95
CA UNK E 61 4.58 -57.38 24.88
C UNK E 61 3.43 -57.65 25.75
C UNK E 61 3.40 -57.76 25.77
N UNK E 62 3.52 -57.54 27.08
CA UNK E 62 2.37 -57.78 27.97
C UNK E 62 1.18 -56.88 27.62
N UNK E 63 1.46 -55.64 27.26
CA UNK E 63 0.41 -54.72 26.87
C UNK E 63 -0.46 -55.27 25.75
N UNK E 64 0.15 -55.68 24.64
CA UNK E 64 -0.63 -56.09 23.49
C UNK E 64 -1.20 -57.49 23.72
N UNK E 65 -0.51 -58.28 24.54
CA UNK E 65 -0.99 -59.64 24.88
C UNK E 65 -2.38 -59.55 25.52
N UNK E 66 -2.57 -58.56 26.39
CA UNK E 66 -3.90 -58.26 26.94
C UNK E 66 -5.01 -58.14 25.88
N UNK E 67 -4.67 -57.75 24.66
CA UNK E 67 -5.69 -57.63 23.60
C UNK E 67 -6.27 -58.99 23.17
N UNK E 68 -5.61 -60.05 23.60
CA UNK E 68 -6.06 -61.42 23.31
C UNK E 68 -7.29 -61.79 24.11
N UNK E 69 -7.48 -61.15 25.26
CA UNK E 69 -8.58 -61.49 26.17
C UNK E 69 -9.91 -61.52 25.44
N UNK E 70 -10.28 -60.43 24.77
CA UNK E 70 -11.58 -60.40 24.07
C UNK E 70 -11.72 -61.40 22.94
N UNK E 71 -10.60 -61.88 22.40
CA UNK E 71 -10.61 -62.83 21.29
C UNK E 71 -10.87 -64.26 21.77
N UNK E 72 -10.51 -64.55 23.02
CA UNK E 72 -10.66 -65.86 23.63
C UNK E 72 -11.93 -65.96 24.51
N UNK E 73 -13.01 -66.45 23.91
CA UNK E 73 -14.29 -66.59 24.58
C UNK E 73 -14.62 -68.08 24.62
N UNK E 74 -15.68 -68.45 25.36
CA UNK E 74 -16.09 -69.85 25.42
C UNK E 74 -16.39 -70.43 24.04
N UNK E 75 -16.91 -69.61 23.13
CA UNK E 75 -17.22 -70.06 21.78
C UNK E 75 -15.97 -70.17 20.91
N UNK E 76 -15.02 -69.25 21.07
CA UNK E 76 -13.84 -69.25 20.20
C UNK E 76 -12.76 -70.19 20.68
N UNK E 77 -12.73 -70.46 21.98
CA UNK E 77 -11.59 -71.19 22.56
C UNK E 77 -11.40 -72.57 21.93
N UNK E 78 -12.51 -73.33 21.70
CA UNK E 78 -12.33 -74.66 21.09
C UNK E 78 -11.95 -74.64 19.61
N UNK E 79 -11.86 -73.42 19.05
CA UNK E 79 -11.60 -73.18 17.63
C UNK E 79 -10.33 -72.39 17.36
N UNK E 80 -9.45 -72.38 18.36
CA UNK E 80 -8.25 -71.56 18.35
C UNK E 80 -6.97 -72.37 18.48
N UNK E 81 -5.99 -72.00 17.66
CA UNK E 81 -4.65 -72.56 17.70
C UNK E 81 -3.60 -71.48 17.97
N UNK E 82 -2.64 -71.77 18.84
CA UNK E 82 -1.49 -70.88 19.02
C UNK E 82 -0.41 -71.33 18.08
N UNK E 83 0.13 -70.38 17.30
CA UNK E 83 1.29 -70.67 16.46
C UNK E 83 2.44 -69.75 16.81
N UNK E 84 3.58 -70.36 17.16
CA UNK E 84 4.81 -69.60 17.40
C UNK E 84 5.76 -69.73 16.22
N UNK E 85 6.22 -68.59 15.70
CA UNK E 85 7.22 -68.56 14.65
C UNK E 85 8.64 -68.43 15.24
N UNK E 86 9.48 -69.40 14.93
CA UNK E 86 10.92 -69.33 15.24
C UNK E 86 11.66 -69.25 13.92
N UNK E 87 12.94 -68.96 13.99
CA UNK E 87 13.73 -68.59 12.81
C UNK E 87 15.04 -69.39 12.79
N UNK E 88 15.28 -70.17 11.73
CA UNK E 88 16.53 -70.97 11.63
C UNK E 88 17.80 -70.12 11.47
N UNK E 89 17.65 -68.82 11.26
CA UNK E 89 18.82 -67.94 11.30
C UNK E 89 19.40 -67.78 12.72
N UNK E 90 18.64 -68.13 13.76
CA UNK E 90 19.09 -67.87 15.13
C UNK E 90 18.60 -68.96 16.13
N UNK E 91 18.87 -70.26 15.84
CA UNK E 91 18.35 -71.36 16.67
C UNK E 91 18.85 -71.33 18.13
N UNK E 92 19.97 -70.65 18.37
CA UNK E 92 20.50 -70.52 19.72
C UNK E 92 19.51 -69.76 20.62
N UNK E 93 18.67 -68.92 20.03
CA UNK E 93 17.64 -68.15 20.76
C UNK E 93 16.32 -68.89 21.04
N UNK E 94 16.14 -70.07 20.46
CA UNK E 94 14.83 -70.69 20.45
C UNK E 94 14.26 -71.02 21.82
N UNK E 95 15.04 -71.63 22.68
CA UNK E 95 14.45 -72.14 23.92
C UNK E 95 14.02 -70.98 24.83
N UNK E 96 14.84 -69.93 24.89
CA UNK E 96 14.53 -68.69 25.61
C UNK E 96 13.33 -67.94 25.02
N UNK E 97 13.25 -67.87 23.70
CA UNK E 97 12.10 -67.25 23.05
C UNK E 97 10.82 -68.00 23.36
N UNK E 98 10.93 -69.32 23.32
CA UNK E 98 9.77 -70.18 23.53
C UNK E 98 9.27 -70.03 24.97
N UNK E 99 10.20 -70.02 25.91
CA UNK E 99 9.84 -69.85 27.30
C UNK E 99 9.11 -68.52 27.52
N UNK E 100 9.60 -67.47 26.85
CA UNK E 100 9.04 -66.13 27.03
C UNK E 100 7.58 -66.11 26.53
N UNK E 101 7.35 -66.68 25.34
CA UNK E 101 6.02 -66.69 24.76
C UNK E 101 5.05 -67.48 25.63
N UNK E 102 5.50 -68.60 26.15
CA UNK E 102 4.62 -69.45 26.94
C UNK E 102 4.26 -68.79 28.25
N UNK E 103 5.23 -68.18 28.92
CA UNK E 103 4.96 -67.41 30.12
C UNK E 103 4.00 -66.26 29.83
N UNK E 104 4.23 -65.55 28.72
CA UNK E 104 3.34 -64.46 28.31
C UNK E 104 1.92 -64.99 28.10
N UNK E 105 1.82 -66.08 27.37
CA UNK E 105 0.52 -66.65 27.02
C UNK E 105 -0.23 -67.09 28.28
N UNK E 106 0.49 -67.74 29.18
CA UNK E 106 -0.09 -68.21 30.44
C UNK E 106 -0.71 -67.07 31.22
N UNK E 107 -0.05 -65.92 31.15
CA UNK E 107 -0.50 -64.73 31.84
C UNK E 107 -1.86 -64.29 31.32
N UNK E 108 -2.02 -64.36 30.02
CA UNK E 108 -3.34 -64.05 29.43
C UNK E 108 -4.37 -65.11 29.85
N UNK E 109 -4.02 -66.38 29.72
CA UNK E 109 -5.01 -67.43 29.89
C UNK E 109 -5.51 -67.51 31.34
N UNK E 110 -4.64 -67.39 32.33
CA UNK E 110 -5.11 -67.37 33.73
C UNK E 110 -6.01 -66.21 34.06
N UNK E 111 -6.09 -65.23 33.18
CA UNK E 111 -6.84 -64.02 33.48
C UNK E 111 -8.25 -64.07 32.92
N UNK E 112 -8.54 -65.13 32.15
CA UNK E 112 -9.87 -65.28 31.53
C UNK E 112 -10.90 -65.73 32.57
N UNK E 113 -12.17 -65.64 32.19
CA UNK E 113 -13.28 -65.94 33.10
C UNK E 113 -13.28 -67.42 33.46
N UNK E 114 -14.01 -67.76 34.51
CA UNK E 114 -14.09 -69.15 34.93
C UNK E 114 -14.62 -70.01 33.78
N UNK E 115 -15.65 -69.51 33.09
CA UNK E 115 -16.24 -70.25 31.97
C UNK E 115 -15.19 -70.51 30.88
N UNK E 116 -14.35 -69.51 30.59
CA UNK E 116 -13.27 -69.68 29.62
C UNK E 116 -12.32 -70.80 30.07
N UNK E 117 -12.04 -70.85 31.35
CA UNK E 117 -11.05 -71.80 31.85
C UNK E 117 -11.63 -73.21 31.86
N UNK E 118 -12.94 -73.32 32.14
CA UNK E 118 -13.63 -74.59 32.06
C UNK E 118 -13.65 -75.07 30.65
N UNK E 119 -13.75 -74.14 29.71
CA UNK E 119 -13.78 -74.51 28.31
C UNK E 119 -12.37 -74.98 27.90
N UNK E 120 -11.34 -74.32 28.40
CA UNK E 120 -9.97 -74.73 28.09
C UNK E 120 -9.63 -76.12 28.66
N UNK E 121 -10.20 -76.45 29.81
CA UNK E 121 -10.02 -77.77 30.40
C UNK E 121 -10.68 -78.84 29.56
N UNK E 122 -11.87 -78.54 29.03
CA UNK E 122 -12.56 -79.41 28.11
C UNK E 122 -11.72 -79.61 26.86
N UNK E 123 -11.15 -78.53 26.33
CA UNK E 123 -10.34 -78.62 25.11
C UNK E 123 -9.11 -79.50 25.33
N UNK E 124 -8.46 -79.30 26.47
CA UNK E 124 -7.29 -80.10 26.81
C UNK E 124 -7.67 -81.57 26.96
N UNK E 125 -8.77 -81.85 27.66
CA UNK E 125 -9.21 -83.26 27.81
C UNK E 125 -9.42 -83.91 26.45
N UNK E 126 -10.10 -83.22 25.53
CA UNK E 126 -10.42 -83.82 24.23
C UNK E 126 -9.18 -83.97 23.34
N UNK E 127 -8.15 -83.16 23.56
CA UNK E 127 -6.90 -83.27 22.80
C UNK E 127 -6.07 -84.49 23.16
N UNK E 128 -6.35 -85.11 24.29
CA UNK E 128 -5.50 -86.20 24.74
C UNK E 128 -5.37 -87.27 23.67
N UNK E 129 -6.46 -87.49 22.91
CA UNK E 129 -6.54 -88.60 21.97
C UNK E 129 -6.57 -88.17 20.51
N UNK E 130 -6.60 -86.87 20.25
CA UNK E 130 -6.68 -86.44 18.85
C UNK E 130 -5.44 -86.81 18.08
N UNK E 131 -5.56 -87.76 17.16
CA UNK E 131 -4.44 -88.12 16.30
C UNK E 131 -3.48 -89.10 16.97
N UNK E 132 -3.97 -89.79 18.02
CA UNK E 132 -3.14 -90.66 18.86
C UNK E 132 -3.10 -92.12 18.35
N UNK E 133 -3.90 -92.44 17.34
CA UNK E 133 -3.91 -93.77 16.75
C UNK E 133 -5.01 -94.69 17.28
N UNK E 134 -5.78 -94.20 18.24
CA UNK E 134 -6.95 -94.93 18.75
C UNK E 134 -8.18 -94.54 17.94
N UNK E 135 -9.27 -94.20 18.60
CA UNK E 135 -10.48 -93.80 17.90
C UNK E 135 -10.52 -92.45 17.16
N UNK E 136 -9.70 -91.48 17.56
CA UNK E 136 -9.91 -90.07 17.19
C UNK E 136 -8.86 -89.50 16.24
N UNK E 137 -9.31 -89.00 15.10
CA UNK E 137 -8.39 -88.38 14.16
C UNK E 137 -7.84 -87.07 14.70
N UNK E 138 -6.77 -86.63 14.07
CA UNK E 138 -6.08 -85.44 14.48
C UNK E 138 -7.04 -84.25 14.36
N UNK E 139 -7.94 -84.33 13.37
CA UNK E 139 -8.87 -83.22 13.12
C UNK E 139 -10.07 -83.24 14.05
N UNK E 140 -10.13 -84.21 14.94
CA UNK E 140 -11.20 -84.27 15.92
C UNK E 140 -12.36 -85.17 15.52
N UNK E 141 -12.40 -85.62 14.27
CA UNK E 141 -13.44 -86.55 13.80
C UNK E 141 -13.15 -87.97 14.31
N UNK E 142 -14.21 -88.79 14.41
CA UNK E 142 -14.13 -90.16 14.94
C UNK E 142 -13.90 -91.18 13.83
N UNK E 143 -13.42 -92.36 14.21
CA UNK E 143 -13.23 -93.47 13.28
C UNK E 143 -14.00 -94.71 13.75
N UNK E 144 -4.17 -96.83 25.23
CA UNK E 144 -3.05 -96.97 26.15
C UNK E 144 -2.86 -95.69 26.96
N UNK E 145 -2.29 -95.81 28.18
CA UNK E 145 -2.03 -94.64 29.03
C UNK E 145 -0.84 -93.82 28.54
N UNK E 146 -0.70 -92.58 29.02
CA UNK E 146 0.30 -91.65 28.48
C UNK E 146 1.71 -91.97 28.95
N UNK E 147 2.66 -91.82 28.03
CA UNK E 147 4.05 -91.97 28.36
C UNK E 147 4.50 -90.77 29.17
N UNK E 148 5.71 -90.84 29.69
CA UNK E 148 6.27 -89.75 30.51
C UNK E 148 6.43 -88.47 29.69
N UNK E 149 6.20 -87.34 30.35
CA UNK E 149 6.34 -86.04 29.72
C UNK E 149 5.08 -85.58 28.97
N UNK E 150 4.37 -86.51 28.35
CA UNK E 150 3.25 -86.16 27.47
C UNK E 150 2.13 -85.46 28.24
N UNK E 151 1.80 -84.27 27.76
CA UNK E 151 0.70 -83.46 28.30
C UNK E 151 0.85 -83.14 29.81
N UNK E 152 2.06 -83.24 30.35
CA UNK E 152 2.29 -82.82 31.73
C UNK E 152 1.99 -81.32 31.89
N UNK E 153 2.04 -80.60 30.79
CA UNK E 153 1.89 -79.14 30.87
C UNK E 153 0.99 -78.54 29.77
N UNK E 154 -0.21 -79.05 29.63
CA UNK E 154 -1.21 -78.45 28.75
C UNK E 154 -1.40 -76.98 29.02
N UNK E 155 -1.45 -76.20 27.95
CA UNK E 155 -1.52 -74.77 28.09
C UNK E 155 -2.96 -74.25 28.25
N UNK E 156 -3.93 -75.08 27.91
CA UNK E 156 -5.33 -74.66 27.79
C UNK E 156 -5.79 -74.49 26.35
N UNK E 157 -4.80 -74.29 25.45
CA UNK E 157 -5.00 -74.22 24.01
C UNK E 157 -3.94 -75.04 23.32
N UNK E 158 -4.26 -75.60 22.14
CA UNK E 158 -3.20 -76.29 21.41
C UNK E 158 -2.16 -75.30 20.82
N UNK E 159 -0.93 -75.78 20.72
CA UNK E 159 0.21 -75.04 20.19
C UNK E 159 0.88 -75.74 18.99
N UNK E 160 1.22 -74.93 17.98
CA UNK E 160 2.07 -75.38 16.87
C UNK E 160 3.29 -74.48 16.77
N UNK E 161 4.48 -75.07 16.75
CA UNK E 161 5.70 -74.28 16.57
C UNK E 161 6.22 -74.47 15.15
N UNK E 162 6.43 -73.35 14.46
CA UNK E 162 6.82 -73.35 13.06
C UNK E 162 8.18 -72.71 13.02
N UNK E 163 9.18 -73.47 12.62
CA UNK E 163 10.55 -72.99 12.50
C UNK E 163 10.85 -72.65 11.06
N UNK E 164 10.91 -71.35 10.79
CA UNK E 164 10.97 -70.85 9.44
C UNK E 164 12.40 -70.71 8.91
N UNK E 165 12.49 -70.55 7.60
CA UNK E 165 13.77 -70.33 6.91
C UNK E 165 14.76 -71.46 7.09
N UNK E 166 14.26 -72.68 6.94
CA UNK E 166 15.07 -73.88 7.18
C UNK E 166 16.21 -74.01 6.15
N UNK E 167 16.16 -73.21 5.10
CA UNK E 167 17.29 -73.21 4.18
C UNK E 167 18.53 -72.69 4.90
N UNK E 168 18.37 -72.07 6.07
CA UNK E 168 19.52 -71.54 6.80
C UNK E 168 20.27 -72.65 7.58
N UNK E 169 19.68 -73.83 7.67
CA UNK E 169 20.40 -75.01 8.18
C UNK E 169 21.65 -75.26 7.33
N UNK E 170 21.46 -75.25 6.02
CA UNK E 170 22.57 -75.44 5.11
C UNK E 170 23.60 -74.32 5.27
N UNK E 171 23.11 -73.13 5.56
CA UNK E 171 23.99 -72.01 5.79
C UNK E 171 24.89 -72.26 7.04
N UNK E 172 24.30 -72.77 8.10
CA UNK E 172 25.03 -73.06 9.33
C UNK E 172 26.04 -74.21 9.12
N UNK E 173 25.66 -75.19 8.32
CA UNK E 173 26.59 -76.26 8.01
C UNK E 173 27.83 -75.69 7.30
N UNK E 174 27.63 -74.82 6.33
CA UNK E 174 28.75 -74.41 5.49
C UNK E 174 29.57 -73.23 6.02
N UNK E 175 28.99 -72.38 6.87
CA UNK E 175 29.72 -71.22 7.37
C UNK E 175 29.98 -71.26 8.87
N UNK E 176 29.28 -72.10 9.62
CA UNK E 176 29.52 -72.19 11.06
C UNK E 176 29.89 -73.61 11.51
N UNK E 177 30.20 -74.48 10.55
CA UNK E 177 30.70 -75.81 10.86
C UNK E 177 29.71 -76.74 11.56
N UNK E 178 28.41 -76.49 11.44
CA UNK E 178 27.43 -77.33 12.12
C UNK E 178 27.42 -78.71 11.47
N UNK E 179 27.34 -79.76 12.28
CA UNK E 179 27.30 -81.13 11.82
C UNK E 179 25.87 -81.64 11.93
N UNK E 180 25.57 -82.74 11.25
CA UNK E 180 24.20 -83.30 11.29
C UNK E 180 23.74 -83.49 12.72
N UNK E 181 24.63 -83.95 13.58
N UNK E 181 24.63 -83.96 13.58
CA UNK E 181 24.26 -84.29 14.93
CA UNK E 181 24.26 -84.27 14.95
C UNK E 181 23.85 -83.05 15.76
C UNK E 181 23.80 -83.04 15.72
N UNK E 182 24.34 -81.87 15.39
CA UNK E 182 23.94 -80.63 16.08
C UNK E 182 22.50 -80.25 15.77
N UNK E 183 22.12 -80.40 14.49
CA UNK E 183 20.71 -80.21 14.13
C UNK E 183 19.82 -81.21 14.89
N UNK E 184 20.30 -82.44 15.02
CA UNK E 184 19.50 -83.43 15.73
C UNK E 184 19.32 -83.09 17.23
N UNK E 185 20.33 -82.49 17.85
CA UNK E 185 20.27 -82.16 19.27
C UNK E 185 19.26 -81.04 19.49
N UNK E 186 19.29 -80.03 18.62
CA UNK E 186 18.25 -79.01 18.60
C UNK E 186 16.88 -79.66 18.57
N UNK E 187 16.74 -80.62 17.65
CA UNK E 187 15.48 -81.31 17.49
C UNK E 187 15.09 -82.09 18.75
N UNK E 188 16.03 -82.80 19.35
CA UNK E 188 15.75 -83.50 20.60
C UNK E 188 15.29 -82.55 21.71
N UNK E 189 15.99 -81.42 21.88
CA UNK E 189 15.55 -80.40 22.84
C UNK E 189 14.13 -79.88 22.55
N UNK E 190 13.85 -79.52 21.30
CA UNK E 190 12.55 -78.97 20.96
C UNK E 190 11.44 -79.99 21.15
N UNK E 191 11.65 -81.23 20.70
CA UNK E 191 10.65 -82.28 20.83
C UNK E 191 10.32 -82.53 22.30
N UNK E 192 11.33 -82.49 23.15
CA UNK E 192 11.12 -82.80 24.55
C UNK E 192 10.25 -81.78 25.27
N UNK E 193 10.53 -80.48 25.07
CA UNK E 193 9.74 -79.48 25.82
C UNK E 193 8.34 -79.43 25.22
N UNK E 194 8.23 -79.49 23.90
CA UNK E 194 6.94 -79.36 23.20
C UNK E 194 6.01 -80.52 23.50
N UNK E 195 6.59 -81.69 23.76
CA UNK E 195 5.84 -82.87 24.16
C UNK E 195 5.01 -82.59 25.39
N UNK E 196 5.52 -81.77 26.29
CA UNK E 196 4.82 -81.46 27.55
C UNK E 196 3.55 -80.66 27.30
N UNK E 197 3.51 -79.95 26.17
CA UNK E 197 2.34 -79.12 25.83
C UNK E 197 1.40 -79.79 24.82
N UNK E 198 1.71 -81.03 24.48
CA UNK E 198 1.03 -81.72 23.40
C UNK E 198 1.24 -81.07 22.04
N UNK E 199 2.31 -80.29 21.89
CA UNK E 199 2.45 -79.40 20.74
C UNK E 199 3.10 -80.03 19.50
N UNK E 200 2.80 -79.48 18.34
CA UNK E 200 3.41 -79.89 17.10
C UNK E 200 4.65 -79.03 16.77
N UNK E 201 5.45 -79.56 15.85
CA UNK E 201 6.70 -78.91 15.40
C UNK E 201 6.85 -79.15 13.91
N UNK E 202 7.15 -78.09 13.16
CA UNK E 202 7.35 -78.22 11.73
C UNK E 202 8.35 -77.18 11.25
N UNK E 203 9.21 -77.62 10.33
CA UNK E 203 10.17 -76.73 9.71
C UNK E 203 9.64 -76.39 8.33
N UNK E 204 9.81 -75.15 7.92
CA UNK E 204 9.43 -74.70 6.60
C UNK E 204 10.55 -73.89 5.95
N UNK E 205 10.50 -73.89 4.62
CA UNK E 205 11.35 -73.05 3.77
C UNK E 205 10.47 -72.23 2.81
N UNK E 206 10.76 -70.91 2.65
CA UNK E 206 9.92 -70.14 1.72
C UNK E 206 9.85 -70.78 0.33
N UNK E 207 8.66 -70.86 -0.23
CA UNK E 207 8.42 -71.42 -1.55
C UNK E 207 8.57 -72.94 -1.70
N UNK E 208 8.89 -73.67 -0.62
CA UNK E 208 9.02 -75.13 -0.67
C UNK E 208 7.73 -75.72 -0.09
N UNK E 209 6.98 -76.50 -0.89
CA UNK E 209 5.73 -77.02 -0.35
C UNK E 209 5.93 -77.90 0.88
N UNK E 210 5.01 -77.86 1.84
CA UNK E 210 5.16 -78.61 3.09
C UNK E 210 3.82 -79.13 3.55
N UNK E 211 3.82 -79.81 4.70
CA UNK E 211 2.58 -80.25 5.32
C UNK E 211 1.95 -79.19 6.25
N UNK E 212 2.43 -77.96 6.16
CA UNK E 212 1.94 -76.92 7.05
C UNK E 212 0.41 -76.75 6.96
N UNK E 213 -0.16 -76.58 5.72
CA UNK E 213 -1.62 -76.47 5.64
C UNK E 213 -2.33 -77.64 6.30
N UNK E 214 -1.96 -78.89 6.00
CA UNK E 214 -2.66 -80.04 6.60
C UNK E 214 -2.57 -80.08 8.12
N UNK E 215 -1.38 -79.79 8.65
CA UNK E 215 -1.14 -79.75 10.10
C UNK E 215 -1.99 -78.68 10.81
N UNK E 216 -1.93 -77.46 10.30
CA UNK E 216 -2.65 -76.33 10.87
C UNK E 216 -4.15 -76.55 10.73
N UNK E 217 -4.61 -76.94 9.54
CA UNK E 217 -6.04 -77.12 9.37
C UNK E 217 -6.57 -78.25 10.24
N UNK E 218 -5.81 -79.34 10.39
CA UNK E 218 -6.29 -80.47 11.19
C UNK E 218 -6.29 -80.06 12.68
N UNK E 219 -5.23 -79.36 13.08
CA UNK E 219 -5.15 -78.87 14.45
C UNK E 219 -6.31 -77.91 14.80
N UNK E 220 -6.80 -77.18 13.80
CA UNK E 220 -7.92 -76.26 13.99
C UNK E 220 -9.29 -76.98 13.95
N UNK E 221 -9.26 -78.29 13.77
CA UNK E 221 -10.46 -79.08 13.74
C UNK E 221 -11.24 -78.91 12.45
N UNK E 222 -10.54 -78.59 11.37
CA UNK E 222 -11.16 -78.53 10.05
C UNK E 222 -11.12 -79.93 9.40
N UNK E 223 -12.30 -80.44 9.09
CA UNK E 223 -12.50 -81.82 8.67
C UNK E 223 -12.76 -81.88 7.19
N UNK E 224 -11.81 -82.46 6.46
CA UNK E 224 -12.01 -82.70 5.03
C UNK E 224 -13.18 -83.68 4.80
N UNK E 225 -13.99 -83.43 3.79
CA UNK E 225 -15.03 -84.39 3.36
C UNK E 225 -14.56 -85.28 2.21
N UNK E 226 -13.29 -85.16 1.84
CA UNK E 226 -12.73 -85.88 0.70
C UNK E 226 -11.41 -86.64 0.97
N UNK E 227 -10.62 -86.17 1.92
CA UNK E 227 -9.25 -86.68 2.10
C UNK E 227 -9.15 -87.39 3.43
N UNK E 228 -8.61 -88.60 3.41
CA UNK E 228 -8.35 -89.34 4.64
C UNK E 228 -6.84 -89.66 4.86
N UNK E 229 -5.96 -89.15 4.02
CA UNK E 229 -4.53 -89.34 4.19
C UNK E 229 -4.06 -88.64 5.47
N UNK E 230 -3.46 -89.38 6.43
CA UNK E 230 -2.99 -88.64 7.62
C UNK E 230 -1.72 -87.81 7.37
N UNK E 231 -1.32 -87.00 8.35
CA UNK E 231 -0.06 -86.28 8.25
C UNK E 231 1.11 -87.25 8.13
N UNK E 232 2.19 -86.86 7.47
CA UNK E 232 3.37 -87.71 7.40
C UNK E 232 4.46 -87.18 8.35
N UNK E 233 4.70 -87.87 9.46
CA UNK E 233 5.71 -87.41 10.42
C UNK E 233 7.11 -87.65 9.85
N UNK E 234 8.04 -86.78 10.18
CA UNK E 234 9.43 -86.95 9.82
C UNK E 234 10.33 -86.33 10.84
N UNK E 235 11.31 -87.11 11.33
CA UNK E 235 12.35 -86.57 12.22
C UNK E 235 13.78 -86.82 11.68
N UNK E 236 13.88 -87.27 10.43
CA UNK E 236 15.14 -87.70 9.86
C UNK E 236 15.69 -86.67 8.87
N UNK E 237 14.89 -86.35 7.84
CA UNK E 237 15.36 -85.43 6.79
C UNK E 237 15.31 -84.04 7.43
N UNK E 238 16.50 -83.51 7.71
CA UNK E 238 16.67 -82.48 8.74
C UNK E 238 15.94 -81.16 8.51
N UNK E 239 15.74 -80.75 7.28
CA UNK E 239 15.11 -79.46 7.05
C UNK E 239 13.61 -79.56 6.75
N UNK E 240 13.07 -80.77 6.85
CA UNK E 240 11.64 -81.02 6.61
C UNK E 240 10.94 -81.69 7.79
N UNK E 241 11.37 -81.33 8.98
CA UNK E 241 10.82 -81.92 10.19
C UNK E 241 9.32 -81.68 10.25
N UNK E 242 8.60 -82.72 10.62
CA UNK E 242 7.16 -82.66 10.90
C UNK E 242 6.86 -83.56 12.08
N UNK E 243 6.46 -82.97 13.21
CA UNK E 243 6.12 -83.70 14.41
C UNK E 243 4.68 -83.34 14.80
N UNK E 244 3.71 -84.16 14.39
CA UNK E 244 2.31 -83.88 14.72
C UNK E 244 2.03 -84.17 16.17
N UNK E 245 0.96 -83.58 16.73
CA UNK E 245 0.59 -83.86 18.12
C UNK E 245 0.32 -85.33 18.33
N UNK E 246 0.54 -85.78 19.57
CA UNK E 246 0.14 -87.11 20.03
C UNK E 246 0.81 -88.24 19.22
N UNK E 247 1.97 -87.94 18.64
CA UNK E 247 2.77 -88.92 17.94
C UNK E 247 4.05 -89.23 18.73
N UNK E 248 4.74 -88.18 19.18
CA UNK E 248 6.06 -88.32 19.79
C UNK E 248 5.99 -88.92 21.19
N UNK E 249 7.16 -89.30 21.69
CA UNK E 249 7.34 -89.91 23.00
C UNK E 249 8.82 -89.82 23.39
N UNK E 250 9.10 -89.98 24.67
CA UNK E 250 10.49 -90.07 25.10
C UNK E 250 11.25 -91.19 24.42
N UNK E 251 10.58 -92.33 24.25
CA UNK E 251 11.21 -93.49 23.63
C UNK E 251 11.75 -93.11 22.25
N UNK E 252 10.95 -92.36 21.52
CA UNK E 252 11.30 -91.93 20.17
C UNK E 252 12.40 -90.87 20.19
N UNK E 253 12.23 -89.87 21.03
CA UNK E 253 13.23 -88.81 21.15
C UNK E 253 14.60 -89.35 21.51
N UNK E 254 14.65 -90.28 22.47
N UNK E 254 14.65 -90.25 22.51
CA UNK E 254 15.92 -90.79 22.98
CA UNK E 254 15.91 -90.85 22.97
C UNK E 254 16.79 -91.53 21.93
C UNK E 254 16.78 -91.36 21.81
N UNK E 255 16.16 -92.13 20.92
CA UNK E 255 16.92 -92.92 19.93
C UNK E 255 17.44 -92.10 18.75
N UNK E 256 17.02 -90.86 18.60
CA UNK E 256 17.46 -90.06 17.47
C UNK E 256 19.00 -90.00 17.43
N UNK E 257 19.58 -89.66 18.60
CA UNK E 257 21.02 -89.69 18.83
C UNK E 257 21.25 -90.06 20.28
N UNK E 258 22.37 -90.68 20.54
CA UNK E 258 22.71 -91.09 21.89
C UNK E 258 23.14 -89.89 22.77
N UNK E 259 23.16 -90.10 24.08
CA UNK E 259 23.65 -89.10 25.02
C UNK E 259 22.69 -88.00 25.39
N UNK E 260 21.40 -88.18 25.09
CA UNK E 260 20.43 -87.12 25.38
C UNK E 260 19.57 -87.49 26.56
N UNK E 261 19.79 -86.76 27.65
CA UNK E 261 19.08 -86.99 28.90
C UNK E 261 17.69 -86.37 28.81
N UNK E 262 16.75 -87.11 28.24
N UNK E 262 16.73 -87.10 28.25
CA UNK E 262 15.41 -86.59 27.98
CA UNK E 262 15.43 -86.55 27.96
C UNK E 262 14.74 -86.11 29.25
C UNK E 262 14.70 -86.13 29.25
N UNK E 263 14.83 -86.92 30.30
CA UNK E 263 14.16 -86.60 31.55
C UNK E 263 14.75 -85.35 32.20
N UNK E 264 16.06 -85.19 32.15
CA UNK E 264 16.67 -84.00 32.70
C UNK E 264 16.15 -82.74 31.97
N UNK E 265 16.05 -82.82 30.65
CA UNK E 265 15.61 -81.69 29.86
C UNK E 265 14.12 -81.41 30.11
N UNK E 266 13.34 -82.47 30.30
CA UNK E 266 11.91 -82.30 30.56
C UNK E 266 11.71 -81.62 31.93
N UNK E 267 12.46 -82.06 32.94
CA UNK E 267 12.39 -81.44 34.27
C UNK E 267 12.92 -80.00 34.31
N UNK E 268 13.96 -79.73 33.54
CA UNK E 268 14.46 -78.39 33.37
C UNK E 268 13.41 -77.44 32.79
N UNK E 269 12.44 -77.96 32.05
CA UNK E 269 11.40 -77.11 31.45
C UNK E 269 10.34 -76.79 32.50
N UNK E 270 10.16 -77.69 33.46
CA UNK E 270 9.36 -77.37 34.64
C UNK E 270 9.98 -76.26 35.44
N UNK E 271 11.29 -76.34 35.64
CA UNK E 271 12.00 -75.27 36.32
C UNK E 271 11.78 -73.94 35.58
N UNK E 272 11.95 -73.95 34.25
CA UNK E 272 11.82 -72.72 33.45
C UNK E 272 10.43 -72.08 33.50
N UNK E 273 9.37 -72.89 33.51
CA UNK E 273 8.02 -72.37 33.43
C UNK E 273 7.39 -72.13 34.78
N UNK E 274 8.06 -72.54 35.86
CA UNK E 274 7.61 -72.17 37.20
C UNK E 274 8.34 -70.89 37.62
N UNK E 275 8.03 -69.80 36.91
CA UNK E 275 8.64 -68.49 37.14
C UNK E 275 7.66 -67.38 36.82
N UNK E 276 7.77 -66.23 37.53
CA UNK E 276 6.86 -65.09 37.29
C UNK E 276 7.13 -64.39 35.95
N UNK E 277 6.10 -63.80 35.34
CA UNK E 277 6.24 -63.02 34.11
C UNK E 277 5.74 -61.57 34.27
N UNK E 278 6.59 -60.59 33.92
CA UNK E 278 7.93 -60.79 33.34
C UNK E 278 9.04 -61.08 34.36
N UNK E 279 15.45 -62.22 38.08
CA UNK E 279 16.10 -61.95 36.80
C UNK E 279 17.02 -63.09 36.31
N UNK E 280 17.81 -63.73 37.21
CA UNK E 280 18.73 -64.78 36.72
C UNK E 280 18.09 -66.15 36.44
N UNK E 281 18.80 -66.99 35.67
CA UNK E 281 18.30 -68.29 35.26
C UNK E 281 18.36 -69.30 36.40
N UNK E 282 17.24 -69.98 36.69
CA UNK E 282 17.20 -70.89 37.85
C UNK E 282 17.99 -72.19 37.65
N UNK E 283 18.49 -72.75 38.74
CA UNK E 283 19.21 -74.01 38.71
C UNK E 283 18.38 -75.10 38.02
N UNK E 284 19.01 -75.80 37.08
CA UNK E 284 18.38 -76.88 36.35
C UNK E 284 17.64 -76.46 35.08
N UNK E 285 17.68 -75.18 34.77
CA UNK E 285 16.98 -74.61 33.63
C UNK E 285 17.31 -75.31 32.31
N UNK E 286 16.28 -75.61 31.55
CA UNK E 286 16.51 -76.19 30.23
C UNK E 286 16.92 -75.11 29.20
N UNK E 287 16.49 -73.85 29.39
CA UNK E 287 17.04 -72.77 28.57
C UNK E 287 18.58 -72.75 28.67
N UNK E 288 19.11 -72.97 29.87
CA UNK E 288 20.57 -72.92 30.09
C UNK E 288 21.19 -74.16 29.43
N UNK E 289 20.55 -75.32 29.60
CA UNK E 289 21.04 -76.56 29.00
C UNK E 289 21.07 -76.41 27.48
N UNK E 290 20.02 -75.82 26.92
CA UNK E 290 19.94 -75.62 25.48
C UNK E 290 21.03 -74.68 25.01
N UNK E 291 21.15 -73.56 25.70
CA UNK E 291 22.10 -72.50 25.29
C UNK E 291 23.56 -72.87 25.49
N UNK E 292 23.82 -73.84 26.38
CA UNK E 292 25.16 -74.43 26.47
C UNK E 292 25.42 -75.33 25.27
N UNK E 293 24.40 -76.08 24.86
CA UNK E 293 24.49 -77.06 23.79
C UNK E 293 24.48 -76.42 22.38
N UNK E 294 23.74 -75.35 22.25
CA UNK E 294 23.52 -74.68 20.97
C UNK E 294 24.07 -73.27 21.04
N UNK E 295 25.33 -73.11 20.70
CA UNK E 295 25.98 -71.87 21.03
C UNK E 295 25.78 -70.84 19.93
N UNK E 296 25.68 -69.60 20.37
CA UNK E 296 25.63 -68.42 19.52
C UNK E 296 27.01 -68.18 18.91
N UNK E 297 27.11 -68.04 17.57
CA UNK E 297 28.41 -67.60 17.02
C UNK E 297 28.76 -66.14 17.38
N UNK E 298 28.09 -65.61 18.41
CA UNK E 298 28.35 -64.30 19.01
C UNK E 298 28.48 -63.22 17.94
N UNK F 1 -56.87 -51.28 5.57
CA UNK F 1 -56.14 -51.13 4.32
C UNK F 1 -56.52 -49.85 3.60
N UNK F 2 -57.73 -49.36 3.88
CA UNK F 2 -58.22 -48.14 3.26
C UNK F 2 -57.39 -46.93 3.66
N UNK F 3 -57.17 -46.02 2.72
CA UNK F 3 -56.38 -44.82 2.98
C UNK F 3 -57.19 -43.54 2.74
N UNK F 4 -56.81 -42.46 3.41
CA UNK F 4 -57.50 -41.19 3.27
C UNK F 4 -56.49 -40.05 3.26
N UNK F 5 -56.93 -38.82 3.57
CA UNK F 5 -55.93 -37.74 3.58
C UNK F 5 -56.52 -36.52 4.24
N UNK F 6 -55.87 -35.91 5.23
CA UNK F 6 -56.61 -34.89 5.98
C UNK F 6 -55.92 -33.55 5.84
N UNK F 7 -56.70 -32.47 5.87
CA UNK F 7 -56.20 -31.08 5.84
C UNK F 7 -56.58 -30.29 7.06
N UNK F 8 -55.61 -29.53 7.56
CA UNK F 8 -55.89 -28.45 8.48
C UNK F 8 -55.59 -27.14 7.75
N UNK F 9 -56.55 -26.23 7.81
CA UNK F 9 -56.36 -24.84 7.42
C UNK F 9 -56.14 -24.03 8.70
N UNK F 10 -54.90 -23.63 8.90
CA UNK F 10 -54.45 -23.02 10.12
C UNK F 10 -54.42 -21.52 9.98
N UNK F 11 -55.27 -20.85 10.74
CA UNK F 11 -55.43 -19.39 10.63
C UNK F 11 -54.91 -18.63 11.86
N UNK F 12 -54.01 -17.67 11.64
CA UNK F 12 -53.66 -16.73 12.67
C UNK F 12 -52.37 -17.18 13.32
N UNK F 13 -52.12 -16.64 14.50
CA UNK F 13 -50.90 -16.95 15.23
C UNK F 13 -49.71 -16.21 14.66
N UNK F 14 -48.51 -16.59 15.14
CA UNK F 14 -47.25 -16.03 14.67
C UNK F 14 -46.39 -17.18 14.16
N UNK F 15 -45.21 -16.84 13.73
CA UNK F 15 -44.30 -17.83 13.19
C UNK F 15 -44.02 -18.87 14.26
N UNK F 16 -43.72 -18.42 15.48
CA UNK F 16 -43.35 -19.32 16.57
C UNK F 16 -44.57 -20.08 17.15
N UNK F 17 -45.74 -19.45 17.16
CA UNK F 17 -46.92 -20.07 17.77
C UNK F 17 -47.54 -21.12 16.84
N UNK F 18 -47.33 -20.93 15.55
CA UNK F 18 -47.72 -21.93 14.59
C UNK F 18 -46.83 -23.17 14.70
N UNK F 19 -45.53 -22.95 14.83
CA UNK F 19 -44.64 -24.06 15.08
C UNK F 19 -44.97 -24.76 16.40
N UNK F 20 -45.26 -23.98 17.45
CA UNK F 20 -45.67 -24.55 18.74
C UNK F 20 -46.97 -25.34 18.57
N UNK F 21 -47.94 -24.81 17.81
CA UNK F 21 -49.14 -25.57 17.49
C UNK F 21 -48.79 -26.94 16.88
N UNK F 22 -47.90 -26.90 15.88
CA UNK F 22 -47.52 -28.10 15.16
C UNK F 22 -46.92 -29.15 16.11
N UNK F 23 -46.57 -30.34 15.58
CA UNK F 23 -46.00 -31.35 16.48
C UNK F 23 -44.58 -30.93 16.81
N UNK F 24 -43.86 -30.47 15.79
CA UNK F 24 -42.47 -30.03 15.93
C UNK F 24 -42.29 -28.84 16.90
N UNK F 25 -43.14 -27.82 16.79
CA UNK F 25 -43.01 -26.66 17.66
C UNK F 25 -43.51 -26.97 19.08
N UNK F 26 -44.22 -28.08 19.23
CA UNK F 26 -44.68 -28.55 20.53
C UNK F 26 -43.58 -29.23 21.30
N UNK F 27 -42.40 -29.35 20.70
CA UNK F 27 -41.28 -29.99 21.34
C UNK F 27 -41.61 -31.40 21.84
N UNK F 28 -41.40 -31.61 23.14
CA UNK F 28 -41.65 -32.90 23.78
C UNK F 28 -43.13 -33.22 23.93
N UNK F 29 -44.01 -32.27 23.64
CA UNK F 29 -45.44 -32.56 23.72
C UNK F 29 -45.92 -33.38 22.52
N UNK F 30 -45.02 -33.61 21.57
CA UNK F 30 -45.36 -34.44 20.40
C UNK F 30 -45.52 -35.91 20.82
N UNK F 31 -46.51 -36.61 20.13
CA UNK F 31 -46.50 -38.04 20.45
C UNK F 31 -46.67 -38.92 19.23
N UNK F 32 -47.78 -38.69 18.55
CA UNK F 32 -48.35 -39.62 17.59
C UNK F 32 -47.92 -39.35 16.15
N UNK F 33 -46.75 -38.78 15.96
CA UNK F 33 -46.23 -38.55 14.60
C UNK F 33 -45.06 -39.47 14.29
N UNK F 34 -44.98 -39.95 13.04
CA UNK F 34 -43.82 -40.66 12.52
C UNK F 34 -42.52 -39.85 12.66
N UNK F 35 -42.19 -39.08 11.63
CA UNK F 35 -41.08 -38.16 11.69
C UNK F 35 -41.72 -36.79 11.62
N UNK F 36 -40.88 -35.77 11.44
CA UNK F 36 -41.32 -34.41 11.53
C UNK F 36 -41.46 -33.73 10.19
N UNK F 37 -42.52 -32.94 10.07
CA UNK F 37 -42.71 -32.09 8.92
C UNK F 37 -43.64 -31.00 9.39
N UNK F 38 -43.58 -29.82 8.79
CA UNK F 38 -44.37 -28.70 9.33
C UNK F 38 -45.71 -28.33 8.69
N UNK F 39 -45.74 -27.22 7.99
CA UNK F 39 -46.97 -26.74 7.39
C UNK F 39 -47.56 -27.73 6.40
N UNK F 40 -46.72 -28.39 5.60
CA UNK F 40 -47.28 -29.31 4.63
C UNK F 40 -48.04 -30.48 5.25
N UNK F 41 -47.42 -31.15 6.26
CA UNK F 41 -47.98 -32.34 6.97
C UNK F 41 -47.06 -33.06 7.99
N UNK F 42 -47.63 -34.20 8.40
CA UNK F 42 -47.11 -35.26 9.24
C UNK F 42 -48.04 -36.47 9.16
N UNK F 43 -47.48 -37.62 9.44
CA UNK F 43 -48.20 -38.88 9.43
C UNK F 43 -48.63 -39.20 10.88
N UNK F 44 -49.92 -39.42 11.09
CA UNK F 44 -50.41 -39.66 12.47
C UNK F 44 -50.43 -41.16 12.77
N UNK F 45 -49.85 -41.51 13.93
CA UNK F 45 -49.81 -42.89 14.41
C UNK F 45 -51.01 -43.13 15.31
N UNK F 46 -51.40 -44.40 15.45
CA UNK F 46 -52.43 -44.82 16.39
C UNK F 46 -51.89 -44.85 17.82
N UNK F 47 -52.65 -45.45 18.75
CA UNK F 47 -52.06 -46.15 19.94
C UNK F 47 -50.67 -46.85 19.74
N UNK F 48 -50.44 -47.35 18.54
CA UNK F 48 -49.28 -48.16 18.30
C UNK F 48 -48.24 -47.48 17.44
N UNK F 49 -48.36 -46.16 17.23
CA UNK F 49 -47.43 -45.41 16.39
C UNK F 49 -47.52 -45.67 14.89
N UNK F 50 -48.57 -46.38 14.45
CA UNK F 50 -48.89 -46.51 13.00
C UNK F 50 -49.71 -45.33 12.49
N UNK F 51 -49.40 -44.94 11.26
CA UNK F 51 -50.10 -43.84 10.63
C UNK F 51 -51.55 -44.15 10.43
N UNK F 52 -52.42 -43.41 11.09
CA UNK F 52 -53.84 -43.53 10.75
C UNK F 52 -54.24 -42.49 9.71
N UNK F 53 -53.22 -41.81 9.13
CA UNK F 53 -53.52 -40.75 8.18
C UNK F 53 -52.32 -39.80 7.95
N UNK F 54 -52.35 -39.09 6.84
CA UNK F 54 -51.42 -38.01 6.61
C UNK F 54 -52.17 -36.70 6.71
N UNK F 55 -51.71 -35.84 7.60
CA UNK F 55 -52.33 -34.55 7.80
C UNK F 55 -51.46 -33.49 7.11
N UNK F 56 -52.08 -32.77 6.20
CA UNK F 56 -51.49 -31.62 5.53
C UNK F 56 -51.99 -30.37 6.21
N UNK F 57 -51.06 -29.49 6.55
CA UNK F 57 -51.41 -28.20 7.14
C UNK F 57 -51.07 -27.02 6.20
N UNK F 58 -52.10 -26.23 5.89
CA UNK F 58 -51.96 -24.98 5.14
C UNK F 58 -52.18 -23.81 6.07
N UNK F 59 -51.23 -22.88 6.04
CA UNK F 59 -51.14 -21.81 7.02
C UNK F 59 -51.30 -20.43 6.42
N UNK F 60 -52.12 -19.63 7.10
CA UNK F 60 -52.36 -18.23 6.75
C UNK F 60 -52.08 -17.42 8.01
N UNK F 61 -51.29 -16.36 7.90
CA UNK F 61 -50.97 -15.54 9.07
C UNK F 61 -52.04 -14.45 9.26
N UNK F 62 -52.97 -14.38 8.32
CA UNK F 62 -54.06 -13.38 8.35
C UNK F 62 -53.81 -12.13 7.52
N UNK F 63 -53.50 -12.25 6.26
CA UNK F 63 -53.17 -11.12 5.38
C UNK F 63 -54.11 -10.69 4.27
N UNK F 64 -55.30 -11.23 4.26
CA UNK F 64 -56.32 -10.94 3.26
C UNK F 64 -56.10 -11.43 1.85
N UNK F 65 -55.00 -11.07 1.24
CA UNK F 65 -54.60 -11.44 -0.11
C UNK F 65 -53.78 -12.74 -0.13
N UNK F 66 -54.54 -13.82 -0.11
CA UNK F 66 -53.99 -15.16 0.13
C UNK F 66 -55.12 -16.13 0.45
N UNK F 67 -56.22 -15.61 1.00
CA UNK F 67 -57.39 -16.44 1.31
C UNK F 67 -57.90 -17.12 0.03
N UNK F 68 -57.91 -16.37 -1.07
CA UNK F 68 -58.21 -16.93 -2.39
C UNK F 68 -57.41 -18.20 -2.73
N UNK F 69 -56.20 -18.36 -2.17
CA UNK F 69 -55.39 -19.55 -2.45
C UNK F 69 -56.00 -20.83 -1.86
N UNK F 70 -56.99 -20.65 -0.99
CA UNK F 70 -57.69 -21.77 -0.38
C UNK F 70 -58.61 -22.48 -1.36
N UNK F 71 -59.07 -21.75 -2.38
CA UNK F 71 -60.03 -22.29 -3.34
C UNK F 71 -59.59 -23.64 -3.88
N UNK F 72 -58.39 -23.70 -4.47
CA UNK F 72 -57.93 -24.97 -5.04
C UNK F 72 -57.75 -26.10 -4.04
N UNK F 73 -57.58 -25.77 -2.77
CA UNK F 73 -57.37 -26.76 -1.72
C UNK F 73 -58.70 -27.41 -1.28
N UNK F 74 -59.80 -26.68 -1.44
CA UNK F 74 -61.13 -27.13 -1.05
C UNK F 74 -61.93 -27.69 -2.26
N UNK F 75 -61.86 -29.01 -2.44
CA UNK F 75 -62.55 -29.69 -3.52
C UNK F 75 -63.57 -30.62 -2.90
N UNK F 76 -64.43 -31.23 -3.75
CA UNK F 76 -65.43 -32.18 -3.23
C UNK F 76 -64.80 -33.34 -2.47
N UNK F 77 -63.60 -33.75 -2.88
CA UNK F 77 -62.90 -34.86 -2.22
C UNK F 77 -62.24 -34.41 -0.91
N UNK F 78 -61.71 -33.20 -0.88
CA UNK F 78 -60.97 -32.75 0.30
C UNK F 78 -61.89 -32.17 1.38
N UNK F 79 -63.05 -31.66 0.96
CA UNK F 79 -63.88 -30.89 1.90
C UNK F 79 -64.31 -31.72 3.11
N UNK F 80 -64.70 -33.00 2.91
CA UNK F 80 -65.12 -33.82 4.07
C UNK F 80 -63.96 -34.23 4.98
N UNK F 81 -62.74 -33.84 4.59
CA UNK F 81 -61.49 -34.22 5.27
C UNK F 81 -60.70 -33.05 5.80
N UNK F 82 -61.39 -31.91 5.94
CA UNK F 82 -60.78 -30.65 6.28
C UNK F 82 -61.32 -30.03 7.56
N UNK F 83 -60.40 -29.53 8.37
CA UNK F 83 -60.73 -28.79 9.58
C UNK F 83 -60.15 -27.37 9.54
N UNK F 84 -60.93 -26.40 9.97
CA UNK F 84 -60.43 -25.04 10.15
C UNK F 84 -59.93 -24.92 11.58
N UNK F 85 -58.71 -24.42 11.75
CA UNK F 85 -58.19 -24.11 13.07
C UNK F 85 -57.79 -22.67 13.16
N UNK F 86 -58.38 -21.96 14.11
CA UNK F 86 -57.97 -20.57 14.40
C UNK F 86 -57.12 -20.51 15.67
N UNK F 87 -55.95 -19.87 15.55
CA UNK F 87 -55.08 -19.62 16.69
C UNK F 87 -55.35 -18.23 17.30
N UNK F 88 -55.72 -18.23 18.57
CA UNK F 88 -55.82 -17.01 19.36
C UNK F 88 -54.73 -17.05 20.42
N UNK F 89 -54.50 -15.93 21.08
CA UNK F 89 -53.33 -15.75 21.94
C UNK F 89 -53.76 -15.17 23.29
N UNK F 90 -53.47 -15.89 24.40
CA UNK F 90 -53.84 -15.40 25.75
C UNK F 90 -53.08 -14.14 26.20
N UNK F 91 -54.65 -12.49 25.11
CA UNK F 91 -53.88 -11.26 25.25
C UNK F 91 -54.55 -10.04 24.62
N UNK F 92 -55.55 -10.24 23.75
CA UNK F 92 -56.15 -9.11 23.02
C UNK F 92 -57.65 -9.32 22.73
N UNK F 93 -58.47 -9.61 23.77
CA UNK F 93 -59.89 -9.94 23.58
C UNK F 93 -60.71 -8.80 22.96
N UNK F 94 -60.21 -7.57 23.06
CA UNK F 94 -60.88 -6.43 22.46
C UNK F 94 -60.94 -6.57 20.93
N UNK F 95 -60.00 -7.32 20.35
CA UNK F 95 -59.94 -7.58 18.90
C UNK F 95 -60.83 -8.72 18.39
N UNK F 96 -61.42 -9.50 19.30
CA UNK F 96 -62.02 -10.75 18.90
C UNK F 96 -63.18 -10.62 17.92
N UNK F 97 -64.11 -9.73 18.17
CA UNK F 97 -65.33 -9.74 17.37
C UNK F 97 -65.02 -9.31 15.91
N UNK F 98 -64.15 -8.31 15.77
CA UNK F 98 -63.66 -7.85 14.47
C UNK F 98 -62.82 -8.91 13.74
N UNK F 99 -61.98 -9.62 14.47
CA UNK F 99 -61.20 -10.71 13.87
C UNK F 99 -62.11 -11.82 13.37
N UNK F 100 -63.10 -12.13 14.18
CA UNK F 100 -64.03 -13.22 13.88
C UNK F 100 -64.84 -12.86 12.62
N UNK F 101 -65.31 -11.62 12.57
CA UNK F 101 -66.08 -11.18 11.42
C UNK F 101 -65.23 -11.30 10.14
N UNK F 102 -63.95 -10.93 10.25
CA UNK F 102 -63.07 -10.92 9.08
C UNK F 102 -62.89 -12.36 8.56
N UNK F 103 -62.63 -13.29 9.47
CA UNK F 103 -62.42 -14.69 9.07
C UNK F 103 -63.66 -15.27 8.43
N UNK F 104 -64.83 -14.95 8.99
CA UNK F 104 -66.06 -15.51 8.46
C UNK F 104 -66.39 -14.97 7.10
N UNK F 105 -66.22 -13.67 6.90
CA UNK F 105 -66.37 -13.07 5.58
C UNK F 105 -65.39 -13.68 4.59
N UNK F 106 -64.13 -13.84 5.01
CA UNK F 106 -63.12 -14.47 4.16
C UNK F 106 -63.54 -15.89 3.77
N UNK F 107 -63.96 -16.65 4.77
CA UNK F 107 -64.32 -18.05 4.56
C UNK F 107 -65.52 -18.15 3.59
N UNK F 108 -66.51 -17.30 3.82
CA UNK F 108 -67.71 -17.28 2.97
C UNK F 108 -67.35 -17.06 1.52
N UNK F 109 -66.34 -16.23 1.30
CA UNK F 109 -65.88 -15.93 -0.04
C UNK F 109 -65.35 -17.17 -0.73
N UNK F 110 -64.62 -17.98 0.02
CA UNK F 110 -64.16 -19.26 -0.53
C UNK F 110 -65.33 -20.20 -0.80
N UNK F 111 -66.23 -20.34 0.18
CA UNK F 111 -67.26 -21.36 0.10
C UNK F 111 -68.26 -21.07 -1.02
N UNK F 112 -68.67 -19.82 -1.21
CA UNK F 112 -69.57 -19.51 -2.34
C UNK F 112 -68.95 -19.76 -3.69
N UNK F 113 -67.64 -19.98 -3.74
CA UNK F 113 -66.96 -20.09 -5.02
C UNK F 113 -66.80 -21.55 -5.44
N UNK F 114 -66.47 -22.43 -4.49
CA UNK F 114 -66.35 -23.85 -4.84
C UNK F 114 -67.46 -24.23 -5.81
N UNK F 115 -68.62 -23.61 -5.63
CA UNK F 115 -69.75 -23.93 -6.47
C UNK F 115 -69.78 -23.16 -7.81
N UNK F 116 -68.80 -22.29 -8.05
CA UNK F 116 -68.78 -21.54 -9.29
C UNK F 116 -68.61 -22.47 -10.46
N UNK F 117 -67.62 -23.36 -10.36
CA UNK F 117 -67.34 -24.29 -11.44
C UNK F 117 -68.33 -25.41 -11.62
N UNK F 118 -75.31 -27.15 -8.69
CA UNK F 118 -75.97 -27.61 -7.46
C UNK F 118 -75.15 -28.74 -6.85
N UNK F 119 -75.72 -29.75 -6.38
CA UNK F 119 -75.21 -30.98 -5.78
C UNK F 119 -74.37 -30.68 -4.53
N UNK F 120 -73.53 -29.64 -4.60
CA UNK F 120 -72.73 -29.23 -3.44
C UNK F 120 -73.65 -28.85 -2.27
N UNK F 121 -74.74 -28.17 -2.59
CA UNK F 121 -75.61 -27.68 -1.52
C UNK F 121 -76.40 -28.82 -0.89
N UNK F 122 -76.79 -29.80 -1.72
CA UNK F 122 -77.45 -31.00 -1.24
C UNK F 122 -76.51 -31.78 -0.35
N UNK F 123 -75.23 -31.74 -0.70
CA UNK F 123 -74.25 -32.47 0.10
C UNK F 123 -74.06 -31.73 1.44
N UNK F 124 -74.06 -30.41 1.41
CA UNK F 124 -73.94 -29.63 2.65
C UNK F 124 -75.13 -29.85 3.59
N UNK F 125 -76.32 -30.02 3.02
CA UNK F 125 -77.51 -30.30 3.80
C UNK F 125 -77.41 -31.65 4.48
N UNK F 126 -76.89 -32.64 3.75
CA UNK F 126 -76.62 -33.96 4.30
C UNK F 126 -75.62 -33.85 5.45
N UNK F 127 -74.57 -33.06 5.24
CA UNK F 127 -73.53 -32.91 6.28
C UNK F 127 -74.11 -32.29 7.54
N UNK F 128 -74.92 -31.26 7.36
CA UNK F 128 -75.56 -30.59 8.48
C UNK F 128 -76.50 -31.56 9.20
N UNK F 129 -77.31 -32.31 8.45
CA UNK F 129 -78.21 -33.28 9.11
C UNK F 129 -77.43 -34.28 9.97
N UNK F 130 -76.33 -34.82 9.44
CA UNK F 130 -75.57 -35.83 10.17
C UNK F 130 -74.83 -35.26 11.38
N UNK F 131 -74.52 -33.96 11.35
CA UNK F 131 -73.85 -33.30 12.49
C UNK F 131 -74.75 -33.11 13.69
N UNK F 132 -76.06 -33.22 13.51
CA UNK F 132 -76.97 -32.89 14.59
C UNK F 132 -76.62 -33.72 15.83
N UNK F 133 -76.18 -34.97 15.62
CA UNK F 133 -75.98 -35.92 16.71
C UNK F 133 -74.52 -36.28 16.97
N UNK F 134 -73.61 -35.76 16.16
CA UNK F 134 -72.21 -36.13 16.36
C UNK F 134 -71.68 -35.60 17.66
N UNK F 135 -71.42 -36.50 18.61
CA UNK F 135 -70.81 -36.11 19.88
C UNK F 135 -71.84 -35.59 20.89
N UNK F 136 -73.12 -35.91 20.65
CA UNK F 136 -74.25 -35.38 21.41
C UNK F 136 -74.60 -36.24 22.65
N UNK F 137 -73.96 -37.40 22.79
CA UNK F 137 -74.19 -38.28 23.93
C UNK F 137 -75.18 -39.40 23.69
N UNK F 138 -75.44 -39.77 21.12
CA UNK F 138 -76.36 -40.73 20.53
C UNK F 138 -75.57 -41.83 19.84
N UNK F 139 -75.92 -42.15 18.60
CA UNK F 139 -75.20 -43.18 17.87
C UNK F 139 -73.75 -42.92 17.39
N UNK F 140 -73.37 -41.66 17.20
CA UNK F 140 -72.17 -41.32 16.42
C UNK F 140 -71.03 -40.72 17.22
N UNK F 141 -69.86 -41.36 17.15
CA UNK F 141 -68.70 -40.85 17.84
C UNK F 141 -68.21 -39.55 17.20
N UNK F 142 -68.13 -39.51 15.87
CA UNK F 142 -67.65 -38.31 15.19
C UNK F 142 -68.60 -37.59 14.24
N UNK F 143 -69.43 -38.32 13.50
CA UNK F 143 -70.35 -37.68 12.56
C UNK F 143 -71.67 -38.45 12.45
N UNK F 144 -72.40 -38.53 13.55
CA UNK F 144 -73.66 -39.27 13.56
C UNK F 144 -74.91 -38.46 13.79
N UNK F 145 -75.92 -39.12 14.33
CA UNK F 145 -77.22 -38.53 14.60
C UNK F 145 -77.43 -38.12 16.05
N UNK F 146 -78.15 -37.03 16.24
CA UNK F 146 -78.50 -36.54 17.57
C UNK F 146 -79.95 -36.94 17.74
N UNK F 147 -80.23 -37.76 18.75
CA UNK F 147 -81.60 -38.21 18.99
C UNK F 147 -82.59 -37.15 19.46
N UNK F 148 -82.30 -36.49 20.57
CA UNK F 148 -83.04 -35.30 20.99
C UNK F 148 -82.79 -34.15 20.01
N UNK F 149 -83.74 -33.20 19.91
CA UNK F 149 -83.60 -32.03 19.02
C UNK F 149 -82.62 -31.01 19.58
N UNK F 150 -82.16 -30.09 18.73
CA UNK F 150 -81.08 -29.17 19.12
C UNK F 150 -81.55 -28.05 20.04
N UNK F 151 -80.71 -27.72 21.02
CA UNK F 151 -80.97 -26.61 21.90
C UNK F 151 -80.76 -25.33 21.13
N UNK F 152 -81.12 -24.20 21.75
CA UNK F 152 -80.99 -22.89 21.13
C UNK F 152 -79.52 -22.55 20.86
N UNK F 153 -79.29 -21.87 19.75
CA UNK F 153 -77.96 -21.43 19.39
C UNK F 153 -77.16 -22.49 18.61
N UNK F 154 -77.35 -23.76 18.95
CA UNK F 154 -76.53 -24.84 18.39
C UNK F 154 -76.72 -24.95 16.88
N UNK F 155 -75.59 -24.86 16.18
CA UNK F 155 -75.53 -25.01 14.72
C UNK F 155 -76.44 -24.03 13.94
N UNK F 156 -76.84 -22.93 14.57
CA UNK F 156 -77.59 -21.90 13.86
C UNK F 156 -76.74 -21.31 12.72
N UNK F 157 -75.44 -21.45 12.84
CA UNK F 157 -74.54 -20.84 11.85
C UNK F 157 -73.38 -21.72 11.39
N UNK F 158 -73.69 -22.93 10.93
CA UNK F 158 -72.69 -23.78 10.32
C UNK F 158 -71.93 -23.09 9.21
N UNK F 159 -70.62 -23.27 9.20
CA UNK F 159 -69.79 -22.56 8.27
C UNK F 159 -69.65 -23.30 6.93
N UNK F 160 -70.00 -24.59 6.91
CA UNK F 160 -69.73 -25.45 5.77
C UNK F 160 -68.56 -26.40 6.02
N UNK F 161 -67.70 -26.02 6.96
CA UNK F 161 -66.57 -26.82 7.45
C UNK F 161 -66.53 -26.77 8.96
N UNK F 162 -66.03 -27.83 9.60
CA UNK F 162 -65.88 -27.74 11.06
C UNK F 162 -64.72 -26.79 11.44
N UNK F 163 -64.88 -26.16 12.61
CA UNK F 163 -63.93 -25.22 13.19
C UNK F 163 -63.45 -25.65 14.58
N UNK F 164 -62.14 -25.49 14.81
CA UNK F 164 -61.55 -25.62 16.14
C UNK F 164 -60.81 -24.34 16.49
N UNK F 165 -61.10 -23.76 17.65
CA UNK F 165 -60.37 -22.57 18.11
C UNK F 165 -59.41 -22.95 19.20
N UNK F 166 -58.14 -22.60 19.01
CA UNK F 166 -57.07 -22.98 19.91
C UNK F 166 -56.54 -21.69 20.48
N UNK F 167 -56.67 -21.53 21.78
CA UNK F 167 -56.18 -20.34 22.48
C UNK F 167 -54.87 -20.64 23.14
N UNK F 168 -53.81 -20.11 22.55
CA UNK F 168 -52.45 -20.48 22.91
C UNK F 168 -51.87 -19.61 24.04
N UNK F 169 -50.79 -20.10 24.61
CA UNK F 169 -50.04 -19.39 25.65
C UNK F 169 -50.87 -19.12 26.90
N UNK F 170 -51.59 -20.14 27.33
CA UNK F 170 -52.50 -20.00 28.47
C UNK F 170 -51.76 -19.73 29.78
N UNK F 171 -50.43 -19.89 29.76
CA UNK F 171 -49.68 -19.50 30.95
C UNK F 171 -49.80 -17.99 31.16
N UNK F 172 -50.28 -17.25 30.16
CA UNK F 172 -50.42 -15.80 30.29
C UNK F 172 -51.68 -15.41 31.10
N UNK F 173 -52.56 -16.38 31.34
CA UNK F 173 -53.67 -16.16 32.28
C UNK F 173 -53.13 -15.78 33.65
N UNK F 174 -52.15 -16.54 34.11
CA UNK F 174 -51.53 -16.25 35.38
C UNK F 174 -50.84 -14.89 35.36
N UNK F 175 -50.31 -14.53 34.20
CA UNK F 175 -49.70 -13.23 34.05
C UNK F 175 -50.74 -12.09 34.23
N UNK F 176 -51.91 -12.26 33.65
CA UNK F 176 -52.98 -11.27 33.76
C UNK F 176 -53.51 -11.18 35.21
N UNK F 177 -53.58 -12.31 35.88
CA UNK F 177 -53.99 -12.30 37.26
C UNK F 177 -53.02 -11.46 38.10
N UNK F 178 -51.72 -11.65 37.90
CA UNK F 178 -50.76 -11.03 38.80
C UNK F 178 -50.33 -9.61 38.42
N UNK F 179 -50.44 -9.21 37.17
CA UNK F 179 -50.01 -7.89 36.75
C UNK F 179 -51.15 -7.00 36.27
N UNK F 180 -52.30 -7.55 35.95
CA UNK F 180 -53.43 -6.73 35.51
C UNK F 180 -54.68 -6.93 36.38
N UNK F 181 -54.51 -7.57 37.53
CA UNK F 181 -55.60 -7.70 38.48
C UNK F 181 -56.78 -8.54 38.05
N UNK F 182 -56.60 -9.42 37.07
CA UNK F 182 -57.74 -10.23 36.60
C UNK F 182 -58.15 -11.21 37.68
N UNK F 183 -59.46 -11.38 37.87
CA UNK F 183 -60.02 -12.30 38.84
C UNK F 183 -60.53 -13.53 38.11
N UNK F 184 -60.76 -14.60 38.86
CA UNK F 184 -61.25 -15.87 38.26
C UNK F 184 -62.46 -15.61 37.39
N UNK F 185 -63.35 -14.75 37.87
CA UNK F 185 -64.62 -14.55 37.20
C UNK F 185 -64.45 -13.85 35.84
N UNK F 186 -63.36 -13.11 35.65
CA UNK F 186 -63.09 -12.47 34.34
C UNK F 186 -62.70 -13.50 33.30
N UNK F 187 -61.86 -14.46 33.69
CA UNK F 187 -61.54 -15.57 32.79
C UNK F 187 -62.83 -16.34 32.43
N UNK F 188 -63.71 -16.51 33.41
CA UNK F 188 -64.94 -17.24 33.12
C UNK F 188 -65.85 -16.49 32.12
N UNK F 189 -65.86 -15.16 32.19
CA UNK F 189 -66.71 -14.36 31.30
C UNK F 189 -66.19 -14.46 29.87
N UNK F 190 -64.88 -14.37 29.70
CA UNK F 190 -64.27 -14.65 28.41
C UNK F 190 -64.74 -15.99 27.89
N UNK F 191 -64.69 -16.98 28.76
CA UNK F 191 -65.12 -18.33 28.38
C UNK F 191 -66.59 -18.37 28.00
N UNK F 192 -67.45 -17.74 28.78
CA UNK F 192 -68.88 -17.69 28.42
C UNK F 192 -69.11 -17.03 27.05
N UNK F 193 -68.44 -15.90 26.79
CA UNK F 193 -68.52 -15.26 25.47
C UNK F 193 -68.05 -16.20 24.33
N UNK F 194 -66.89 -16.82 24.50
CA UNK F 194 -66.35 -17.69 23.46
C UNK F 194 -67.24 -18.90 23.22
N UNK F 195 -67.70 -19.56 24.28
CA UNK F 195 -68.54 -20.73 24.16
C UNK F 195 -69.82 -20.39 23.41
N UNK F 196 -70.38 -19.23 23.69
CA UNK F 196 -71.65 -18.85 23.09
C UNK F 196 -71.56 -18.65 21.59
N UNK F 197 -70.55 -17.92 21.10
CA UNK F 197 -70.50 -17.65 19.66
C UNK F 197 -70.11 -18.95 18.94
N UNK F 198 -69.16 -19.70 19.52
CA UNK F 198 -68.63 -20.91 18.88
C UNK F 198 -69.67 -22.01 18.78
N UNK F 199 -70.60 -22.02 19.73
CA UNK F 199 -71.73 -22.94 19.73
C UNK F 199 -72.51 -22.84 18.44
N UNK F 200 -72.62 -21.62 17.90
CA UNK F 200 -73.39 -21.39 16.68
C UNK F 200 -72.76 -22.05 15.47
N UNK F 201 -71.45 -22.29 15.55
CA UNK F 201 -70.72 -22.91 14.43
C UNK F 201 -70.45 -24.40 14.63
N UNK F 202 -71.01 -24.93 15.72
CA UNK F 202 -70.69 -26.28 16.16
C UNK F 202 -69.22 -26.47 16.53
N UNK F 203 -68.54 -25.39 16.88
CA UNK F 203 -67.08 -25.41 16.97
C UNK F 203 -66.52 -25.83 18.34
N UNK F 204 -65.30 -26.35 18.35
CA UNK F 204 -64.61 -26.69 19.56
C UNK F 204 -63.72 -25.52 20.05
N UNK F 205 -63.34 -25.62 21.32
CA UNK F 205 -62.49 -24.63 21.99
C UNK F 205 -61.52 -25.34 22.91
N UNK F 206 -60.24 -24.98 22.83
CA UNK F 206 -59.24 -25.57 23.70
C UNK F 206 -58.13 -24.57 23.99
N UNK F 207 -57.68 -24.59 25.25
CA UNK F 207 -56.58 -23.76 25.66
C UNK F 207 -55.35 -24.65 25.73
N UNK F 208 -54.21 -24.12 25.30
CA UNK F 208 -52.95 -24.82 25.40
C UNK F 208 -51.85 -23.93 25.97
N UNK F 209 -50.87 -24.60 26.54
CA UNK F 209 -49.64 -23.98 27.02
C UNK F 209 -48.41 -24.69 26.37
N UNK F 210 -47.41 -23.92 25.88
CA UNK F 210 -46.26 -24.61 25.30
C UNK F 210 -45.64 -25.63 26.25
N UNK F 211 -45.34 -26.83 25.74
CA UNK F 211 -44.74 -27.90 26.51
C UNK F 211 -45.62 -28.59 27.55
N UNK F 212 -46.88 -28.19 27.70
CA UNK F 212 -47.80 -28.83 28.66
C UNK F 212 -48.70 -29.76 27.87
N UNK F 213 -48.66 -31.08 28.17
CA UNK F 213 -49.48 -31.99 27.38
C UNK F 213 -50.97 -31.66 27.48
N UNK F 214 -51.72 -31.87 26.39
CA UNK F 214 -53.14 -31.51 26.36
C UNK F 214 -53.92 -32.52 25.55
N UNK F 215 -55.22 -32.31 25.43
CA UNK F 215 -56.05 -33.14 24.55
C UNK F 215 -56.10 -32.63 23.09
N UNK F 216 -55.17 -31.74 22.75
CA UNK F 216 -55.20 -31.17 21.41
C UNK F 216 -55.11 -32.25 20.31
N UNK F 217 -54.11 -33.18 20.39
CA UNK F 217 -54.06 -34.25 19.37
C UNK F 217 -55.38 -35.01 19.27
N UNK F 218 -55.94 -35.49 20.39
CA UNK F 218 -57.19 -36.27 20.32
C UNK F 218 -58.35 -35.48 19.70
N UNK F 219 -58.49 -34.22 20.11
CA UNK F 219 -59.54 -33.32 19.58
C UNK F 219 -59.42 -33.09 18.06
N UNK F 220 -58.19 -32.98 17.57
CA UNK F 220 -57.94 -32.79 16.15
C UNK F 220 -58.32 -34.04 15.36
N UNK F 221 -57.88 -35.20 15.84
CA UNK F 221 -58.19 -36.47 15.21
C UNK F 221 -59.69 -36.75 15.21
N UNK F 222 -60.32 -36.46 16.35
CA UNK F 222 -61.74 -36.72 16.55
C UNK F 222 -62.69 -35.66 15.98
N UNK F 223 -62.35 -34.39 16.17
CA UNK F 223 -63.22 -33.28 15.73
C UNK F 223 -62.86 -32.62 14.41
N UNK F 224 -61.60 -32.76 13.98
CA UNK F 224 -61.14 -32.11 12.76
C UNK F 224 -60.88 -33.03 11.57
N UNK F 225 -60.04 -34.04 11.77
CA UNK F 225 -59.62 -34.92 10.68
C UNK F 225 -60.35 -36.25 10.54
N UNK F 226 -61.38 -36.47 11.35
CA UNK F 226 -62.16 -37.69 11.28
C UNK F 226 -61.31 -38.97 11.25
N UNK F 227 -60.29 -39.06 11.98
CA UNK F 227 -59.31 -40.12 12.12
C UNK F 227 -59.74 -41.07 13.25
N UNK F 228 -59.91 -42.34 12.89
CA UNK F 228 -60.52 -43.34 13.75
C UNK F 228 -59.46 -44.27 14.28
N UNK F 229 -59.23 -44.20 15.58
CA UNK F 229 -58.34 -45.15 16.23
C UNK F 229 -58.87 -46.59 16.12
N UNK F 230 -57.99 -47.56 15.88
CA UNK F 230 -58.37 -48.98 15.92
C UNK F 230 -58.06 -49.62 17.29
N UNK F 231 -57.63 -48.80 18.25
CA UNK F 231 -57.21 -49.29 19.56
C UNK F 231 -57.84 -48.56 20.76
N UNK F 232 -58.19 -47.29 20.60
CA UNK F 232 -58.59 -46.45 21.74
C UNK F 232 -60.05 -46.07 21.62
N UNK F 233 -60.80 -46.27 22.69
CA UNK F 233 -62.18 -45.84 22.74
C UNK F 233 -62.47 -44.79 23.85
N UNK F 234 -61.44 -44.31 24.53
CA UNK F 234 -61.62 -43.26 25.52
C UNK F 234 -62.09 -41.95 24.85
N UNK F 235 -63.25 -41.42 25.27
CA UNK F 235 -63.63 -40.15 24.61
C UNK F 235 -62.83 -38.94 25.10
N UNK F 236 -63.41 -37.74 25.13
CA UNK F 236 -62.72 -36.60 25.75
C UNK F 236 -63.65 -35.95 26.71
N UNK F 237 -63.14 -35.10 27.56
CA UNK F 237 -63.94 -34.38 28.51
C UNK F 237 -63.45 -32.95 28.50
N UNK F 238 -64.20 -32.08 29.17
CA UNK F 238 -63.78 -30.69 29.33
C UNK F 238 -63.67 -30.36 30.80
N UNK F 239 -62.59 -29.68 31.17
CA UNK F 239 -62.25 -29.25 32.53
C UNK F 239 -62.15 -27.70 32.41
N UNK F 240 -62.66 -26.96 33.36
CA UNK F 240 -62.53 -25.51 33.28
C UNK F 240 -61.26 -25.03 33.96
N UNK F 241 -60.34 -24.52 33.15
CA UNK F 241 -59.12 -23.96 33.71
C UNK F 241 -58.04 -23.81 32.62
N UNK F 242 -57.05 -22.77 32.86
CA UNK F 242 -56.07 -22.73 31.79
C UNK F 242 -56.00 -24.01 30.97
N UNK F 243 -56.90 -24.95 31.26
CA UNK F 243 -56.98 -26.23 30.55
C UNK F 243 -58.36 -26.51 29.92
N UNK F 244 -58.98 -25.44 29.46
CA UNK F 244 -60.30 -25.55 28.89
C UNK F 244 -60.28 -26.50 27.71
N UNK F 245 -61.30 -27.35 27.66
CA UNK F 245 -61.55 -28.24 26.52
C UNK F 245 -63.05 -28.32 26.31
N UNK F 246 -63.53 -27.80 25.18
CA UNK F 246 -64.93 -27.82 24.82
C UNK F 246 -65.07 -28.51 23.46
N UNK F 247 -65.37 -29.82 23.48
CA UNK F 247 -65.52 -30.55 22.22
C UNK F 247 -66.81 -30.20 21.53
N UNK F 248 -66.91 -30.44 20.22
CA UNK F 248 -68.16 -30.18 19.50
C UNK F 248 -69.30 -30.98 20.07
N UNK F 249 -70.51 -30.44 19.91
CA UNK F 249 -71.75 -31.15 20.20
C UNK F 249 -71.85 -31.59 21.68
N UNK F 250 -71.15 -30.87 22.55
CA UNK F 250 -71.22 -31.09 23.99
C UNK F 250 -71.95 -29.92 24.67
N UNK F 251 -71.54 -28.70 24.32
CA UNK F 251 -72.02 -27.50 25.03
C UNK F 251 -73.47 -27.17 24.69
N UNK F 252 -74.01 -26.25 25.48
CA UNK F 252 -75.39 -25.79 25.36
C UNK F 252 -75.54 -24.47 26.12
N UNK F 253 -76.60 -23.73 25.83
CA UNK F 253 -76.88 -22.55 26.62
C UNK F 253 -77.07 -22.86 28.09
N UNK F 254 -77.73 -23.97 28.38
CA UNK F 254 -77.99 -24.36 29.77
C UNK F 254 -76.67 -24.44 30.53
N UNK F 255 -75.67 -25.03 29.89
CA UNK F 255 -74.36 -25.21 30.50
C UNK F 255 -73.61 -23.88 30.62
N UNK F 256 -73.58 -23.12 29.54
CA UNK F 256 -72.93 -21.83 29.54
C UNK F 256 -73.47 -20.91 30.62
N UNK F 257 -74.79 -20.85 30.76
CA UNK F 257 -75.44 -19.92 31.68
C UNK F 257 -75.09 -20.14 33.17
N UNK F 258 -74.76 -21.38 33.56
CA UNK F 258 -74.49 -21.67 34.98
C UNK F 258 -73.04 -21.47 35.38
N UNK F 259 -72.13 -21.25 34.44
CA UNK F 259 -70.73 -21.09 34.80
C UNK F 259 -70.56 -19.94 35.82
N UNK F 260 -71.18 -18.80 35.49
CA UNK F 260 -71.29 -17.64 36.38
C UNK F 260 -72.61 -16.95 36.08
N UNK F 261 -73.14 -16.30 37.09
CA UNK F 261 -74.41 -15.61 36.94
C UNK F 261 -74.25 -14.30 36.14
N UNK F 262 -75.37 -13.76 35.68
CA UNK F 262 -75.39 -12.47 35.01
C UNK F 262 -75.00 -12.47 33.55
N UNK F 263 -74.97 -13.63 32.92
CA UNK F 263 -74.55 -13.69 31.51
C UNK F 263 -75.74 -13.93 30.62
N UNK F 264 -76.06 -12.91 29.84
CA UNK F 264 -77.19 -12.94 28.93
C UNK F 264 -76.81 -13.70 27.67
N UNK F 265 -76.92 -15.02 27.72
CA UNK F 265 -76.46 -15.88 26.64
C UNK F 265 -77.14 -15.53 25.32
N UNK F 266 -78.45 -15.34 25.38
CA UNK F 266 -79.22 -15.09 24.18
C UNK F 266 -78.85 -13.74 23.55
N UNK F 267 -78.63 -12.73 24.37
CA UNK F 267 -78.22 -11.43 23.85
C UNK F 267 -76.88 -11.57 23.09
N UNK F 268 -75.94 -12.30 23.67
CA UNK F 268 -74.63 -12.48 23.07
C UNK F 268 -74.73 -13.31 21.79
N UNK F 269 -75.62 -14.31 21.79
CA UNK F 269 -75.78 -15.15 20.60
C UNK F 269 -76.38 -14.31 19.46
N UNK F 270 -77.38 -13.47 19.76
CA UNK F 270 -77.98 -12.60 18.76
C UNK F 270 -77.02 -11.51 18.25
N UNK F 271 -76.21 -10.98 19.16
CA UNK F 271 -75.16 -10.05 18.78
C UNK F 271 -74.16 -10.64 17.78
N UNK F 272 -74.01 -11.96 17.77
CA UNK F 272 -73.07 -12.60 16.84
C UNK F 272 -73.71 -12.71 15.47
N UNK F 273 -75.04 -12.82 15.42
CA UNK F 273 -75.76 -12.70 14.16
C UNK F 273 -75.59 -11.31 13.58
N UNK F 274 -75.71 -10.30 14.42
CA UNK F 274 -75.47 -8.93 13.98
C UNK F 274 -74.06 -8.81 13.39
N UNK F 275 -73.06 -9.33 14.11
CA UNK F 275 -71.66 -9.22 13.68
C UNK F 275 -71.36 -9.91 12.33
N UNK F 276 -71.96 -11.07 12.08
CA UNK F 276 -71.64 -11.85 10.91
C UNK F 276 -72.54 -11.54 9.73
N UNK F 277 -73.57 -10.73 9.94
CA UNK F 277 -74.37 -10.24 8.81
C UNK F 277 -73.79 -8.89 8.37
N UNK F 278 -72.57 -8.94 7.84
CA UNK F 278 -71.85 -7.74 7.40
C UNK F 278 -70.93 -8.09 6.23
N UNK F 279 -70.70 -7.11 5.32
CA UNK F 279 -69.82 -7.35 4.17
C UNK F 279 -68.33 -7.46 4.54
N UNK F 280 -67.86 -6.89 5.67
CA UNK F 280 -68.50 -5.85 6.48
C UNK F 280 -68.31 -4.49 5.80
N UNK F 281 -68.94 -3.49 6.40
CA UNK F 281 -68.95 -2.10 5.89
C UNK F 281 -68.20 -1.13 6.84
N UNK F 282 -68.94 -0.24 7.52
CA UNK F 282 -68.38 0.74 8.46
C UNK F 282 -68.81 0.54 9.95
N UNK F 283 -68.21 1.30 10.81
CA UNK F 283 -68.47 1.24 12.27
C UNK F 283 -69.20 -0.02 12.75
N UNK F 284 -69.14 -0.27 14.06
CA UNK F 284 -69.71 -1.48 14.67
C UNK F 284 -71.23 -1.36 14.78
N UNK F 285 -71.97 -2.36 14.29
CA UNK F 285 -73.43 -2.27 14.27
C UNK F 285 -74.09 -2.42 15.64
N UNK F 286 -75.25 -1.79 15.81
CA UNK F 286 -76.01 -1.89 17.04
C UNK F 286 -76.25 -3.35 17.42
N UNK F 287 -75.98 -3.69 18.68
CA UNK F 287 -76.17 -5.02 19.21
C UNK F 287 -75.00 -5.96 19.05
N UNK F 288 -73.91 -5.46 18.47
CA UNK F 288 -72.72 -6.26 18.19
C UNK F 288 -72.17 -6.98 19.41
N UNK F 289 -71.86 -8.26 19.24
CA UNK F 289 -71.24 -9.00 20.32
C UNK F 289 -69.74 -8.67 20.44
N UNK F 290 -69.08 -8.28 19.34
CA UNK F 290 -67.71 -7.76 19.45
C UNK F 290 -67.68 -6.57 20.44
N UNK F 291 -68.69 -5.70 20.37
CA UNK F 291 -68.74 -4.52 21.25
C UNK F 291 -69.02 -4.97 22.68
N UNK F 292 -69.95 -5.91 22.85
CA UNK F 292 -70.28 -6.43 24.17
C UNK F 292 -69.04 -7.07 24.78
N UNK F 293 -68.31 -7.83 23.98
CA UNK F 293 -67.10 -8.49 24.47
C UNK F 293 -66.05 -7.46 24.87
N UNK F 294 -65.83 -6.49 23.99
CA UNK F 294 -64.76 -5.49 24.21
C UNK F 294 -65.08 -4.50 25.32
N UNK F 295 -66.36 -4.34 25.65
CA UNK F 295 -66.74 -3.60 26.86
C UNK F 295 -66.41 -4.42 28.12
N UNK G 1 61.61 122.78 -12.75
CA UNK G 1 62.69 122.57 -11.80
C UNK G 1 63.56 121.39 -12.21
N UNK G 2 62.94 120.40 -12.83
CA UNK G 2 63.65 119.21 -13.24
C UNK G 2 64.74 119.52 -14.25
N UNK G 3 64.43 120.38 -15.21
CA UNK G 3 65.41 120.71 -16.24
C UNK G 3 66.62 121.38 -15.62
N UNK G 4 66.36 122.30 -14.68
CA UNK G 4 67.42 123.00 -13.98
C UNK G 4 68.27 122.05 -13.16
N UNK G 5 67.64 121.10 -12.49
CA UNK G 5 68.39 120.14 -11.70
C UNK G 5 69.27 119.32 -12.62
N UNK G 6 68.74 118.94 -13.77
CA UNK G 6 69.49 118.15 -14.73
C UNK G 6 70.70 118.93 -15.21
N UNK G 7 70.48 120.21 -15.47
CA UNK G 7 71.55 121.08 -15.94
C UNK G 7 72.63 121.19 -14.89
N UNK G 8 72.22 121.28 -13.63
CA UNK G 8 73.17 121.37 -12.54
C UNK G 8 74.01 120.11 -12.49
N UNK G 9 73.35 118.97 -12.64
CA UNK G 9 74.06 117.71 -12.57
C UNK G 9 75.06 117.66 -13.70
N UNK G 10 74.64 118.10 -14.88
CA UNK G 10 75.50 118.08 -16.05
C UNK G 10 76.73 118.97 -15.86
N UNK G 11 76.51 120.15 -15.28
CA UNK G 11 77.59 121.07 -15.04
C UNK G 11 78.58 120.46 -14.06
N UNK G 12 78.08 119.76 -13.05
CA UNK G 12 79.00 119.20 -12.07
C UNK G 12 79.95 118.23 -12.75
N UNK G 13 79.42 117.37 -13.61
CA UNK G 13 80.26 116.46 -14.37
C UNK G 13 81.17 117.18 -15.37
N UNK G 14 80.54 117.94 -16.26
CA UNK G 14 81.26 118.67 -17.31
C UNK G 14 82.10 119.82 -16.79
N UNK G 15 81.52 120.59 -15.87
CA UNK G 15 82.13 121.84 -15.44
C UNK G 15 82.12 122.03 -13.93
N UNK G 16 83.01 121.35 -13.22
CA UNK G 16 83.12 121.60 -11.79
C UNK G 16 83.56 123.06 -11.68
N UNK G 17 82.95 123.80 -10.78
CA UNK G 17 83.25 125.21 -10.64
C UNK G 17 84.74 125.42 -10.41
N UNK G 18 85.29 126.48 -11.00
CA UNK G 18 86.67 126.81 -10.72
C UNK G 18 86.73 127.09 -9.23
N UNK G 19 87.76 126.58 -8.57
CA UNK G 19 87.81 126.65 -7.12
C UNK G 19 88.92 127.56 -6.61
N UNK G 20 88.53 128.51 -5.76
CA UNK G 20 89.49 129.40 -5.10
C UNK G 20 90.32 128.61 -4.10
N UNK G 21 91.57 129.01 -3.89
CA UNK G 21 92.41 128.29 -2.94
C UNK G 21 92.10 128.79 -1.55
N UNK G 22 90.90 128.49 -1.09
CA UNK G 22 90.44 128.88 0.23
C UNK G 22 90.59 127.76 1.24
N UNK G 23 91.11 126.60 0.84
CA UNK G 23 91.20 125.54 1.84
C UNK G 23 89.78 125.40 2.36
N UNK G 24 89.59 125.50 3.68
CA UNK G 24 88.24 125.68 4.25
C UNK G 24 87.17 124.67 3.82
N UNK G 25 87.47 123.38 3.92
CA UNK G 25 86.71 122.33 3.28
C UNK G 25 85.24 122.57 3.59
N UNK G 26 84.90 122.96 4.81
CA UNK G 26 83.59 123.55 5.00
C UNK G 26 83.45 124.74 4.08
N UNK G 27 84.55 125.48 3.92
CA UNK G 27 84.60 126.63 3.03
C UNK G 27 84.36 126.21 1.60
N UNK G 28 84.93 125.07 1.23
CA UNK G 28 84.77 124.46 -0.07
C UNK G 28 83.32 124.06 -0.28
N UNK G 29 82.68 123.66 0.82
CA UNK G 29 81.25 123.35 0.82
C UNK G 29 80.41 124.59 0.53
N UNK G 30 80.69 125.67 1.25
CA UNK G 30 80.01 126.93 1.05
C UNK G 30 80.31 127.36 -0.37
N UNK G 31 81.53 127.05 -0.79
CA UNK G 31 81.94 127.28 -2.17
C UNK G 31 81.05 126.44 -3.08
N UNK G 32 80.69 125.26 -2.62
CA UNK G 32 79.78 124.38 -3.35
C UNK G 32 78.38 124.99 -3.53
N UNK G 33 77.91 125.63 -2.48
CA UNK G 33 76.65 126.37 -2.51
C UNK G 33 76.77 127.50 -3.51
N UNK G 34 77.94 128.12 -3.53
CA UNK G 34 78.24 129.17 -4.50
C UNK G 34 78.17 128.65 -5.93
N UNK G 35 78.66 127.42 -6.12
CA UNK G 35 78.59 126.71 -7.39
C UNK G 35 77.14 126.47 -7.78
N UNK G 36 76.33 126.13 -6.79
CA UNK G 36 74.91 125.95 -7.02
C UNK G 36 74.27 127.27 -7.46
N UNK G 37 74.72 128.36 -6.85
CA UNK G 37 74.25 129.69 -7.21
C UNK G 37 74.63 130.01 -8.66
N UNK G 38 75.84 129.61 -9.05
CA UNK G 38 76.31 129.80 -10.41
C UNK G 38 75.44 129.01 -11.38
N UNK G 39 75.09 127.80 -10.98
CA UNK G 39 74.23 126.96 -11.80
C UNK G 39 72.89 127.63 -11.97
N UNK G 40 72.39 128.23 -10.90
CA UNK G 40 71.11 128.91 -10.94
C UNK G 40 71.18 130.08 -11.91
N UNK G 41 72.28 130.82 -11.86
CA UNK G 41 72.44 131.96 -12.75
C UNK G 41 72.44 131.47 -14.20
N UNK G 42 73.13 130.37 -14.44
CA UNK G 42 73.22 129.81 -15.78
C UNK G 42 71.84 129.37 -16.28
N UNK G 43 71.05 128.78 -15.39
CA UNK G 43 69.70 128.35 -15.73
C UNK G 43 68.85 129.55 -16.09
N UNK G 44 69.03 130.64 -15.33
CA UNK G 44 68.28 131.86 -15.58
C UNK G 44 68.75 132.61 -16.81
N UNK G 45 65.27 117.04 -5.07
CA UNK G 45 66.47 117.47 -4.32
C UNK G 45 67.67 116.47 -4.36
N UNK G 46 68.86 117.06 -4.40
CA UNK G 46 70.10 116.37 -4.73
C UNK G 46 71.16 116.39 -3.63
N UNK G 47 72.05 115.42 -3.75
CA UNK G 47 73.03 115.06 -2.74
C UNK G 47 74.38 114.79 -3.41
N UNK G 48 75.42 114.85 -2.58
CA UNK G 48 76.82 114.83 -3.01
C UNK G 48 77.58 114.17 -1.89
N UNK G 49 78.89 114.04 -2.11
CA UNK G 49 79.83 113.63 -1.08
C UNK G 49 81.13 114.37 -1.33
N UNK G 50 81.98 114.42 -0.30
CA UNK G 50 83.31 115.05 -0.37
C UNK G 50 84.39 114.16 0.28
N UNK G 51 87.22 114.29 -6.26
CA UNK G 51 87.28 114.78 -4.90
C UNK G 51 85.89 114.91 -4.27
N UNK G 52 84.89 114.33 -4.93
CA UNK G 52 83.48 114.46 -4.52
C UNK G 52 82.50 113.40 -5.09
N UNK G 53 81.29 113.36 -4.51
CA UNK G 53 80.19 112.45 -4.89
C UNK G 53 79.04 113.37 -5.43
N UNK G 54 78.39 113.00 -6.54
CA UNK G 54 77.28 113.76 -7.16
C UNK G 54 76.03 112.83 -7.10
N UNK G 55 74.81 113.34 -6.87
CA UNK G 55 73.69 112.38 -6.74
C UNK G 55 72.28 112.97 -6.55
N UNK G 56 71.25 112.14 -6.68
CA UNK G 56 69.87 112.53 -6.35
C UNK G 56 69.55 112.00 -4.98
N UNK G 57 76.24 103.27 -7.43
CA UNK G 57 77.38 103.02 -8.30
C UNK G 57 78.66 103.60 -7.70
N UNK G 58 79.48 102.75 -7.10
CA UNK G 58 80.75 103.23 -6.58
C UNK G 58 80.52 103.91 -5.23
N UNK G 59 79.26 103.96 -4.81
CA UNK G 59 78.89 104.49 -3.51
C UNK G 59 79.43 103.59 -2.41
N UNK G 60 79.33 102.29 -2.64
CA UNK G 60 79.86 101.30 -1.71
C UNK G 60 81.37 101.44 -1.61
N UNK G 61 82.01 101.67 -2.76
CA UNK G 61 83.44 101.86 -2.81
C UNK G 61 83.80 103.09 -2.00
N UNK G 62 82.98 104.14 -2.14
CA UNK G 62 83.20 105.38 -1.42
C UNK G 62 83.10 105.16 0.09
N UNK G 63 82.11 104.37 0.50
CA UNK G 63 81.93 104.07 1.91
C UNK G 63 83.16 103.32 2.41
N UNK G 64 83.63 102.41 1.57
CA UNK G 64 84.84 101.67 1.83
C UNK G 64 86.07 102.58 1.91
N UNK G 65 86.17 103.56 1.01
CA UNK G 65 87.32 104.48 1.10
C UNK G 65 87.02 105.78 1.90
N UNK G 66 85.36 113.28 5.23
CA UNK G 66 84.30 113.25 4.23
C UNK G 66 82.96 113.91 4.70
N UNK G 67 82.27 114.57 3.76
CA UNK G 67 81.11 115.42 4.10
C UNK G 67 79.95 115.38 3.09
N UNK G 68 78.76 115.11 3.59
CA UNK G 68 77.58 114.83 2.76
C UNK G 68 76.59 115.98 2.74
N UNK G 69 75.96 116.20 1.60
CA UNK G 69 75.28 117.45 1.40
C UNK G 69 73.86 117.31 0.91
N UNK G 70 72.90 117.51 1.78
CA UNK G 70 71.50 117.58 1.34
C UNK G 70 71.06 118.99 0.99
N UNK G 71 70.51 119.19 -0.21
CA UNK G 71 70.09 120.53 -0.63
C UNK G 71 68.71 120.62 -1.29
N UNK G 72 68.08 121.80 -1.22
CA UNK G 72 66.79 122.04 -1.89
C UNK G 72 65.55 121.69 -1.08
N UNK G 73 66.09 123.88 3.49
CA UNK G 73 66.45 124.06 2.08
C UNK G 73 67.93 124.32 1.92
N UNK G 74 68.70 123.81 2.86
CA UNK G 74 70.14 123.83 2.80
C UNK G 74 70.59 122.78 3.79
N UNK G 75 71.77 122.22 3.60
CA UNK G 75 72.25 121.20 4.54
C UNK G 75 73.75 120.95 4.47
N UNK G 76 74.28 120.27 5.49
CA UNK G 76 75.70 119.87 5.51
C UNK G 76 76.21 118.76 6.49
N UNK G 77 76.13 117.46 6.18
CA UNK G 77 76.72 116.50 7.13
C UNK G 77 78.22 116.75 7.23
N UNK G 78 78.72 116.81 8.47
CA UNK G 78 80.16 116.74 8.75
C UNK G 78 80.46 116.08 10.11
N UNK G 79 73.15 105.32 6.38
CA UNK G 79 73.32 105.66 7.79
C UNK G 79 72.33 106.75 8.20
N UNK G 80 71.07 106.36 8.22
CA UNK G 80 69.97 107.26 8.56
C UNK G 80 70.07 107.73 10.00
N UNK G 81 70.54 106.83 10.85
CA UNK G 81 70.36 106.99 12.28
C UNK G 81 70.97 108.28 12.77
N UNK G 82 72.11 108.67 12.21
CA UNK G 82 72.70 109.92 12.61
C UNK G 82 71.71 111.01 12.26
N UNK G 83 71.09 110.89 11.09
CA UNK G 83 70.16 111.89 10.63
C UNK G 83 68.97 111.98 11.56
N UNK G 84 68.47 110.81 11.97
CA UNK G 84 67.33 110.73 12.86
C UNK G 84 67.60 111.37 14.21
N UNK G 85 68.79 111.10 14.76
CA UNK G 85 69.17 111.68 16.03
C UNK G 85 69.25 113.18 15.90
N UNK G 86 69.80 113.63 14.77
CA UNK G 86 69.90 115.05 14.46
C UNK G 86 68.52 115.67 14.33
N UNK G 87 67.61 114.93 13.71
CA UNK G 87 66.24 115.41 13.55
C UNK G 87 65.65 115.60 14.93
N UNK G 88 65.95 114.65 15.81
CA UNK G 88 65.46 114.68 17.19
C UNK G 88 66.01 115.89 17.93
N UNK G 89 67.28 116.19 17.70
CA UNK G 89 67.91 117.34 18.33
C UNK G 89 67.23 118.62 17.86
N UNK G 90 66.91 118.68 16.57
CA UNK G 90 66.22 119.84 16.02
C UNK G 90 64.85 119.99 16.65
N UNK G 91 64.17 118.86 16.84
CA UNK G 91 62.86 118.85 17.45
C UNK G 91 62.94 119.36 18.88
N UNK G 92 64.00 118.97 19.57
CA UNK G 92 64.25 119.39 20.93
C UNK G 92 64.46 120.90 20.98
N UNK G 93 65.19 121.41 20.01
CA UNK G 93 65.43 122.84 19.93
C UNK G 93 64.10 123.54 19.77
N UNK G 94 63.24 122.98 18.92
CA UNK G 94 61.92 123.55 18.68
C UNK G 94 61.10 123.58 19.95
N UNK G 95 61.19 122.51 20.72
CA UNK G 95 60.46 122.40 21.98
C UNK G 95 60.93 123.46 22.97
N UNK G 96 62.25 123.68 23.02
CA UNK G 96 62.81 124.69 23.90
C UNK G 96 62.32 126.06 23.48
N UNK G 97 62.24 126.23 22.16
CA UNK G 97 61.76 127.44 21.54
C UNK G 97 60.32 127.75 21.92
N UNK G 98 59.50 126.71 22.03
CA UNK G 98 58.06 126.95 22.20
C UNK G 98 57.83 127.80 23.44
N UNK G 99 58.64 127.70 24.47
CA UNK G 99 58.20 128.30 25.72
C UNK G 99 57.76 129.72 25.40
N UNK G 100 58.48 130.33 24.46
CA UNK G 100 58.14 131.65 23.89
C UNK G 100 58.50 131.63 22.38
N UNK G 101 57.56 131.89 21.46
CA UNK G 101 56.16 132.15 21.75
C UNK G 101 55.29 131.26 20.86
N UNK G 102 54.29 130.62 21.45
CA UNK G 102 53.42 129.71 20.71
C UNK G 102 52.00 130.24 20.56
N UNK G 103 48.22 124.22 21.29
CA UNK G 103 48.34 124.14 22.74
C UNK G 103 48.50 122.69 23.19
N UNK G 104 47.39 122.07 23.60
CA UNK G 104 47.40 120.67 23.97
C UNK G 104 47.81 119.90 22.74
N UNK G 105 47.38 120.41 21.59
CA UNK G 105 47.75 119.86 20.30
C UNK G 105 49.26 119.96 20.12
N UNK G 106 49.83 121.08 20.54
CA UNK G 106 51.27 121.29 20.45
C UNK G 106 52.01 120.27 21.31
N UNK G 107 51.46 119.99 22.48
CA UNK G 107 52.01 118.97 23.37
C UNK G 107 51.92 117.64 22.66
N UNK G 108 50.82 117.44 21.95
CA UNK G 108 50.61 116.19 21.25
C UNK G 108 51.72 116.03 20.22
N UNK G 109 52.02 117.12 19.53
CA UNK G 109 53.06 117.14 18.51
C UNK G 109 54.44 116.86 19.09
N UNK G 110 54.74 117.42 20.24
CA UNK G 110 56.02 117.13 20.90
C UNK G 110 56.12 115.65 21.28
N UNK G 111 55.00 115.13 21.78
CA UNK G 111 54.98 113.74 22.19
C UNK G 111 55.23 112.90 20.95
N UNK G 112 54.64 113.34 19.85
CA UNK G 112 54.72 112.66 18.56
C UNK G 112 56.16 112.65 18.06
N UNK G 113 56.86 113.76 18.24
CA UNK G 113 58.26 113.87 17.87
C UNK G 113 59.11 112.89 18.68
N UNK G 114 58.81 112.80 19.96
CA UNK G 114 59.52 111.84 20.82
C UNK G 114 59.27 110.42 20.31
N UNK G 115 58.02 110.18 19.91
CA UNK G 115 57.61 108.89 19.39
C UNK G 115 58.35 108.57 18.12
N UNK G 116 58.54 109.58 17.28
CA UNK G 116 59.26 109.43 16.03
C UNK G 116 60.71 109.05 16.33
N UNK G 117 61.30 109.69 17.32
CA UNK G 117 62.67 109.35 17.67
C UNK G 117 62.72 107.90 18.12
N UNK G 118 61.71 107.51 18.90
CA UNK G 118 61.65 106.14 19.40
C UNK G 118 61.54 105.14 18.27
N UNK G 119 60.72 105.47 17.27
CA UNK G 119 60.53 104.61 16.11
C UNK G 119 61.83 104.47 15.35
N UNK G 120 62.54 105.58 15.22
CA UNK G 120 63.81 105.63 14.50
C UNK G 120 64.79 104.70 15.21
N UNK G 121 64.75 104.72 16.53
CA UNK G 121 65.62 103.89 17.34
C UNK G 121 65.45 102.37 17.17
N UNK G 122 64.19 101.93 17.02
CA UNK G 122 63.89 100.54 16.76
C UNK G 122 64.54 100.16 15.44
N UNK G 123 64.61 101.15 14.56
CA UNK G 123 65.13 100.97 13.21
C UNK G 123 66.58 100.51 13.26
N UNK G 124 67.34 101.01 14.21
CA UNK G 124 68.75 100.67 14.29
C UNK G 124 68.90 99.17 14.46
N UNK G 125 68.02 98.54 15.21
CA UNK G 125 67.99 97.09 15.19
C UNK G 125 67.58 96.74 13.76
N UNK H 1 82.35 122.97 29.30
CA UNK H 1 83.30 122.47 28.30
C UNK H 1 82.83 122.82 26.91
N UNK H 2 82.02 121.95 26.31
CA UNK H 2 81.49 122.21 24.98
C UNK H 2 80.65 123.47 25.06
N UNK H 3 79.90 123.58 26.16
CA UNK H 3 79.07 124.74 26.38
C UNK H 3 79.96 125.98 26.47
N UNK H 4 81.08 125.85 27.16
CA UNK H 4 81.98 126.99 27.30
C UNK H 4 82.50 127.44 25.95
N UNK H 5 82.86 126.48 25.11
CA UNK H 5 83.35 126.78 23.77
C UNK H 5 82.28 127.47 22.95
N UNK H 6 81.05 126.99 23.06
CA UNK H 6 79.95 127.58 22.33
C UNK H 6 79.75 129.01 22.78
N UNK H 7 79.87 129.24 24.09
CA UNK H 7 79.70 130.56 24.67
C UNK H 7 80.78 131.51 24.17
N UNK H 8 82.01 130.99 24.07
CA UNK H 8 83.13 131.79 23.57
C UNK H 8 82.85 132.18 22.14
N UNK H 9 82.32 131.23 21.38
CA UNK H 9 82.02 131.47 20.00
C UNK H 9 80.98 132.57 19.91
N UNK H 10 79.98 132.51 20.78
CA UNK H 10 78.92 133.51 20.76
C UNK H 10 79.51 134.87 21.06
N UNK H 11 80.42 134.93 22.03
CA UNK H 11 81.02 136.21 22.41
C UNK H 11 81.81 136.78 21.24
N UNK H 12 82.56 135.92 20.57
CA UNK H 12 83.38 136.36 19.45
C UNK H 12 82.48 136.90 18.34
N UNK H 13 81.37 136.21 18.11
CA UNK H 13 80.43 136.62 17.07
C UNK H 13 79.84 137.98 17.40
N UNK H 14 79.50 138.16 18.67
CA UNK H 14 78.92 139.40 19.13
C UNK H 14 79.91 140.52 18.90
N UNK H 15 81.19 140.23 19.14
CA UNK H 15 82.24 141.20 18.90
C UNK H 15 83.26 140.69 17.87
N UNK H 16 82.91 139.59 17.23
CA UNK H 16 83.69 139.03 16.15
C UNK H 16 83.07 139.54 14.87
N UNK H 17 83.88 140.22 14.09
CA UNK H 17 83.47 140.81 12.83
C UNK H 17 83.44 139.78 11.75
N UNK H 18 82.82 140.11 10.62
CA UNK H 18 82.95 139.24 9.47
C UNK H 18 84.22 139.70 8.76
N UNK H 19 85.26 138.88 8.80
CA UNK H 19 86.53 139.30 8.23
C UNK H 19 86.46 139.63 6.72
N UNK H 20 85.73 138.84 5.95
CA UNK H 20 85.63 139.08 4.51
C UNK H 20 84.21 139.37 4.01
N UNK H 21 84.05 140.47 3.28
CA UNK H 21 82.74 140.87 2.74
C UNK H 21 82.53 140.61 1.24
N UNK H 22 83.51 140.02 0.57
CA UNK H 22 83.47 139.84 -0.89
C UNK H 22 82.42 138.86 -1.41
N UNK H 23 81.88 139.15 -2.60
CA UNK H 23 80.98 138.22 -3.29
C UNK H 23 79.80 137.80 -2.44
N UNK H 24 79.20 138.76 -1.76
CA UNK H 24 78.24 138.50 -0.72
C UNK H 24 76.88 138.11 -1.26
N UNK H 25 76.60 136.83 -1.15
CA UNK H 25 75.30 136.25 -1.44
C UNK H 25 75.04 135.43 -0.19
N UNK H 26 73.78 135.13 0.10
CA UNK H 26 73.44 134.58 1.41
C UNK H 26 74.17 133.26 1.67
N UNK H 27 74.27 132.43 0.64
CA UNK H 27 74.99 131.18 0.78
C UNK H 27 76.44 131.48 1.11
N UNK H 28 76.99 132.50 0.45
CA UNK H 28 78.38 132.87 0.66
C UNK H 28 78.61 133.29 2.11
N UNK H 29 77.66 134.07 2.63
CA UNK H 29 77.72 134.55 3.98
C UNK H 29 77.68 133.38 4.94
N UNK H 30 76.83 132.41 4.63
CA UNK H 30 76.71 131.21 5.46
C UNK H 30 78.02 130.42 5.50
N UNK H 31 78.65 130.29 4.34
CA UNK H 31 79.92 129.58 4.27
C UNK H 31 80.96 130.34 5.10
N UNK H 32 80.92 131.66 5.01
CA UNK H 32 81.83 132.51 5.76
C UNK H 32 81.62 132.34 7.25
N UNK H 33 80.37 132.20 7.65
CA UNK H 33 79.98 131.95 9.03
C UNK H 33 80.51 130.62 9.52
N UNK H 34 80.47 129.61 8.64
CA UNK H 34 81.04 128.32 8.95
C UNK H 34 82.54 128.47 9.16
N UNK H 35 83.16 129.31 8.35
CA UNK H 35 84.59 129.61 8.50
C UNK H 35 84.87 130.29 9.84
N UNK H 36 83.97 131.17 10.23
CA UNK H 36 84.05 131.91 11.49
C UNK H 36 84.01 130.90 12.60
N UNK H 37 83.19 129.88 12.41
CA UNK H 37 83.15 128.78 13.34
C UNK H 37 84.53 128.18 13.33
N UNK H 38 85.15 128.08 12.17
CA UNK H 38 86.53 127.65 12.12
C UNK H 38 87.35 128.43 13.15
N UNK H 39 87.11 129.73 13.22
CA UNK H 39 87.85 130.57 14.15
C UNK H 39 87.57 130.14 15.58
N UNK H 40 86.30 129.86 15.87
CA UNK H 40 85.91 129.46 17.20
C UNK H 40 86.60 128.16 17.56
N UNK H 41 86.65 127.26 16.59
CA UNK H 41 87.26 125.96 16.79
C UNK H 41 88.74 126.13 17.12
N UNK H 42 89.39 127.01 16.38
CA UNK H 42 90.81 127.22 16.58
C UNK H 42 91.02 127.76 17.99
N UNK H 43 90.15 128.67 18.42
CA UNK H 43 90.27 129.23 19.75
C UNK H 43 90.10 128.17 20.85
N UNK H 44 89.12 127.27 20.69
CA UNK H 44 88.98 126.16 21.64
C UNK H 44 90.16 125.18 21.57
N UNK H 45 90.58 124.94 20.35
CA UNK H 45 91.69 124.07 19.96
C UNK H 45 91.93 122.98 20.99
N UNK H 46 74.19 117.60 22.73
CA UNK H 46 74.10 118.18 21.40
C UNK H 46 73.61 119.65 21.43
N UNK H 47 74.37 120.54 20.78
CA UNK H 47 74.13 121.98 20.82
C UNK H 47 73.59 122.52 19.49
N UNK H 48 72.88 123.63 19.57
CA UNK H 48 72.44 124.36 18.40
C UNK H 48 72.72 125.84 18.56
N UNK H 49 73.36 126.43 17.55
CA UNK H 49 73.43 127.88 17.42
C UNK H 49 72.61 128.35 16.24
N UNK H 50 71.45 128.95 16.49
CA UNK H 50 70.74 129.67 15.42
C UNK H 50 71.52 130.95 15.09
N UNK H 51 71.38 131.44 13.86
CA UNK H 51 71.86 132.77 13.50
C UNK H 51 70.85 133.32 12.53
N UNK H 52 71.62 138.97 14.65
CA UNK H 52 71.48 138.12 15.87
C UNK H 52 72.20 136.75 15.71
N UNK H 53 72.60 136.21 16.85
CA UNK H 53 73.01 134.83 17.01
C UNK H 53 72.74 134.41 18.45
N UNK H 54 72.21 133.20 18.64
CA UNK H 54 72.05 132.64 19.98
C UNK H 54 72.38 131.16 20.04
N UNK H 55 72.08 130.54 21.19
CA UNK H 55 72.37 129.13 21.41
C UNK H 55 71.24 128.38 22.16
N UNK H 56 71.27 127.04 22.13
CA UNK H 56 70.47 126.14 23.02
C UNK H 56 71.10 124.71 23.12
N UNK H 57 70.96 124.02 24.27
CA UNK H 57 71.74 122.78 24.55
C UNK H 57 70.91 121.65 25.20
N UNK H 58 62.99 138.86 22.61
CA UNK H 58 62.52 140.16 22.11
C UNK H 58 62.95 140.38 20.66
N UNK H 59 64.25 140.22 20.42
CA UNK H 59 64.79 140.41 19.08
C UNK H 59 64.17 139.39 18.14
N UNK H 60 64.03 138.16 18.61
CA UNK H 60 63.45 137.09 17.80
C UNK H 60 62.00 137.43 17.46
N UNK H 61 61.26 137.97 18.43
CA UNK H 61 59.89 138.36 18.21
C UNK H 61 59.81 139.46 17.16
N UNK H 62 60.74 140.40 17.25
CA UNK H 62 60.79 141.49 16.29
C UNK H 62 61.04 140.95 14.90
N UNK H 63 61.93 139.97 14.81
CA UNK H 63 62.25 139.33 13.54
C UNK H 63 61.02 138.63 12.97
N UNK H 64 60.27 137.97 13.84
CA UNK H 64 59.06 137.28 13.43
C UNK H 64 58.05 138.29 12.89
N UNK H 65 57.97 139.44 13.55
CA UNK H 65 57.04 140.48 13.14
C UNK H 65 57.43 141.09 11.79
N UNK H 66 58.65 141.59 11.71
CA UNK H 66 59.13 142.27 10.51
C UNK H 66 58.88 141.39 9.29
N UNK H 67 67.34 131.73 9.76
CA UNK H 67 68.03 131.66 8.47
C UNK H 67 68.95 130.46 8.48
N UNK H 68 69.63 130.24 9.58
CA UNK H 68 70.44 129.05 9.67
C UNK H 68 70.56 128.57 11.09
N UNK H 69 70.60 127.26 11.26
CA UNK H 69 71.00 126.70 12.52
C UNK H 69 72.06 125.68 12.21
N UNK H 70 73.19 125.75 12.89
CA UNK H 70 74.19 124.72 12.71
C UNK H 70 74.23 123.90 13.96
N UNK H 71 73.84 122.65 13.86
CA UNK H 71 73.87 121.84 15.04
C UNK H 71 75.34 121.56 15.36
N UNK H 72 75.54 121.14 16.60
CA UNK H 72 76.78 120.52 16.98
C UNK H 72 76.51 119.16 17.67
N UNK H 73 80.63 117.07 15.08
CA UNK H 73 79.72 116.67 14.00
C UNK H 73 78.55 117.65 13.77
N UNK H 74 78.67 118.47 12.74
CA UNK H 74 77.75 119.56 12.50
C UNK H 74 76.79 119.16 11.42
N UNK H 75 75.58 119.61 11.59
CA UNK H 75 74.64 119.59 10.52
C UNK H 75 74.24 121.05 10.32
N UNK H 76 74.94 121.72 9.42
CA UNK H 76 74.73 123.14 9.20
C UNK H 76 73.65 123.46 8.18
N UNK H 77 72.42 123.46 8.63
CA UNK H 77 71.32 123.73 7.75
C UNK H 77 71.13 125.22 7.43
N UNK H 78 70.49 125.46 6.29
CA UNK H 78 69.94 126.76 5.87
C UNK H 78 68.47 126.50 5.50
N UNK H 79 58.53 128.45 11.42
CA UNK H 79 58.56 127.67 10.19
C UNK H 79 58.44 126.18 10.46
N UNK H 80 57.51 125.83 11.34
CA UNK H 80 57.36 124.45 11.76
C UNK H 80 57.00 123.61 10.56
N UNK H 81 56.11 124.13 9.73
CA UNK H 81 55.68 123.39 8.56
C UNK H 81 56.84 123.15 7.61
N UNK H 82 57.68 124.17 7.42
CA UNK H 82 58.80 124.03 6.52
C UNK H 82 59.72 122.96 7.05
N UNK H 83 59.94 122.98 8.36
CA UNK H 83 60.85 122.03 8.95
C UNK H 83 60.32 120.62 8.75
N UNK H 84 59.02 120.46 8.95
CA UNK H 84 58.41 119.14 8.80
C UNK H 84 58.53 118.64 7.37
N UNK H 85 58.29 119.53 6.42
CA UNK H 85 58.36 119.15 5.01
C UNK H 85 59.77 118.72 4.67
N UNK H 86 60.74 119.47 5.20
CA UNK H 86 62.15 119.19 4.93
C UNK H 86 62.51 117.82 5.50
N UNK H 87 62.02 117.55 6.70
CA UNK H 87 62.33 116.30 7.35
C UNK H 87 61.77 115.19 6.51
N UNK H 88 60.55 115.40 6.00
CA UNK H 88 59.88 114.41 5.19
C UNK H 88 60.66 114.13 3.92
N UNK H 89 61.17 115.19 3.29
CA UNK H 89 61.94 115.04 2.07
C UNK H 89 63.20 114.24 2.35
N UNK H 90 63.85 114.53 3.46
CA UNK H 90 65.06 113.81 3.81
C UNK H 90 64.76 112.34 4.01
N UNK H 91 63.65 112.07 4.67
CA UNK H 91 63.24 110.70 4.97
C UNK H 91 62.99 109.96 3.67
N UNK H 92 62.35 110.65 2.73
CA UNK H 92 62.03 110.08 1.44
C UNK H 92 63.29 109.73 0.68
N UNK H 93 64.28 110.62 0.74
CA UNK H 93 65.53 110.37 0.05
C UNK H 93 66.18 109.13 0.66
N UNK H 94 66.12 109.04 1.98
CA UNK H 94 66.73 107.91 2.67
C UNK H 94 66.07 106.62 2.23
N UNK H 95 64.74 106.66 2.14
CA UNK H 95 63.98 105.47 1.76
C UNK H 95 64.34 105.04 0.35
N UNK H 96 64.48 106.03 -0.54
CA UNK H 96 64.80 105.78 -1.93
C UNK H 96 66.15 105.11 -2.02
N UNK H 97 67.08 105.56 -1.19
CA UNK H 97 68.37 104.90 -1.13
C UNK H 97 68.17 103.41 -0.84
N UNK H 98 67.11 103.08 -0.13
CA UNK H 98 66.90 101.71 0.31
C UNK H 98 66.97 100.70 -0.85
N UNK H 99 66.56 101.09 -2.03
CA UNK H 99 66.33 100.05 -3.01
C UNK H 99 67.60 99.22 -2.89
N UNK H 100 68.69 99.86 -2.49
CA UNK H 100 69.98 99.20 -2.42
C UNK H 100 69.96 97.93 -1.57
N UNK H 101 69.23 97.97 -0.46
CA UNK H 101 69.16 96.84 0.47
C UNK H 101 70.42 96.74 1.30
N UNK H 102 64.19 93.79 6.61
CA UNK H 102 63.57 94.52 5.51
C UNK H 102 62.15 94.96 5.86
N UNK H 103 61.39 94.06 6.47
CA UNK H 103 60.04 94.36 6.88
C UNK H 103 60.16 95.49 7.88
N UNK H 104 61.21 95.42 8.70
CA UNK H 104 61.51 96.44 9.67
C UNK H 104 61.76 97.77 8.97
N UNK H 105 62.46 97.73 7.85
CA UNK H 105 62.73 98.93 7.06
C UNK H 105 61.44 99.54 6.52
N UNK H 106 60.53 98.69 6.08
CA UNK H 106 59.23 99.14 5.61
C UNK H 106 58.49 99.80 6.75
N UNK H 107 58.61 99.20 7.92
CA UNK H 107 57.95 99.73 9.11
C UNK H 107 58.47 101.12 9.37
N UNK H 108 59.78 101.28 9.23
CA UNK H 108 60.45 102.56 9.43
C UNK H 108 59.99 103.61 8.44
N UNK H 109 59.83 103.23 7.18
CA UNK H 109 59.33 104.16 6.18
C UNK H 109 57.91 104.61 6.50
N UNK H 110 57.07 103.68 6.98
CA UNK H 110 55.71 104.07 7.30
C UNK H 110 55.76 105.15 8.38
N UNK H 111 56.68 104.96 9.32
CA UNK H 111 56.81 105.84 10.46
C UNK H 111 57.13 107.25 10.01
N UNK H 112 57.94 107.38 8.97
CA UNK H 112 58.30 108.70 8.45
C UNK H 112 57.06 109.43 7.93
N UNK H 113 56.20 108.70 7.23
CA UNK H 113 54.96 109.27 6.72
C UNK H 113 54.08 109.71 7.88
N UNK H 114 54.05 108.89 8.93
CA UNK H 114 53.26 109.23 10.10
C UNK H 114 53.78 110.52 10.70
N UNK H 115 55.10 110.67 10.75
CA UNK H 115 55.72 111.86 11.29
C UNK H 115 55.35 113.09 10.47
N UNK H 116 55.36 112.94 9.15
CA UNK H 116 55.02 114.05 8.29
C UNK H 116 53.58 114.46 8.55
N UNK H 117 52.72 113.46 8.72
CA UNK H 117 51.31 113.75 8.96
C UNK H 117 51.14 114.51 10.27
N UNK H 118 51.88 114.08 11.28
CA UNK H 118 51.79 114.71 12.58
C UNK H 118 52.24 116.15 12.47
N UNK H 119 53.31 116.39 11.72
CA UNK H 119 53.83 117.73 11.56
C UNK H 119 52.82 118.64 10.86
N UNK H 120 52.16 118.09 9.84
CA UNK H 120 51.16 118.85 9.11
C UNK H 120 50.01 119.23 10.03
N UNK H 121 49.59 118.27 10.86
CA UNK H 121 48.50 118.52 11.79
C UNK H 121 48.90 119.62 12.77
N UNK H 122 50.15 119.56 13.20
CA UNK H 122 50.67 120.54 14.14
C UNK H 122 50.62 121.93 13.52
N UNK H 123 51.00 122.04 12.25
CA UNK H 123 50.93 123.33 11.59
C UNK H 123 49.49 123.82 11.51
N UNK H 124 48.59 122.91 11.16
CA UNK H 124 47.17 123.23 10.97
C UNK H 124 46.39 123.70 12.20
N UNK I 1 -22.41 -71.70 -26.05
CA UNK I 1 -23.90 -71.69 -26.19
C UNK I 1 -24.40 -72.85 -27.07
N UNK I 2 -25.29 -73.67 -26.52
CA UNK I 2 -25.86 -74.81 -27.24
C UNK I 2 -27.23 -74.47 -27.82
N UNK I 3 -27.45 -74.84 -29.07
CA UNK I 3 -28.72 -74.56 -29.70
C UNK I 3 -29.31 -75.81 -30.33
N UNK I 4 -30.34 -76.36 -29.69
CA UNK I 4 -30.97 -77.57 -30.20
C UNK I 4 -31.91 -77.21 -31.35
N UNK I 5 -31.43 -77.36 -32.57
CA UNK I 5 -32.23 -77.03 -33.75
C UNK I 5 -33.38 -78.01 -33.97
N UNK I 6 -33.04 -79.29 -34.11
CA UNK I 6 -34.05 -80.32 -34.34
C UNK I 6 -33.72 -81.53 -33.51
N UNK I 7 -34.57 -81.87 -32.56
CA UNK I 7 -34.28 -83.01 -31.71
C UNK I 7 -35.46 -83.96 -31.52
N UNK I 8 -35.14 -85.20 -31.20
CA UNK I 8 -36.15 -86.23 -30.97
C UNK I 8 -35.53 -87.26 -30.05
N UNK I 9 -35.36 -86.88 -28.79
CA UNK I 9 -34.79 -87.80 -27.81
C UNK I 9 -34.98 -87.33 -26.38
N UNK I 10 -34.87 -88.28 -25.46
CA UNK I 10 -35.01 -88.03 -24.03
C UNK I 10 -34.39 -86.69 -23.68
N UNK I 11 -35.07 -85.93 -22.84
CA UNK I 11 -34.54 -84.64 -22.44
C UNK I 11 -33.19 -84.92 -21.78
N UNK I 12 -33.12 -86.01 -21.04
CA UNK I 12 -31.88 -86.39 -20.37
C UNK I 12 -30.82 -86.75 -21.40
N UNK I 13 -31.24 -87.51 -22.40
CA UNK I 13 -30.34 -87.95 -23.45
C UNK I 13 -29.84 -86.76 -24.27
N UNK I 14 -30.66 -85.72 -24.41
CA UNK I 14 -30.24 -84.54 -25.15
C UNK I 14 -29.10 -83.86 -24.42
N UNK I 15 -29.29 -83.65 -23.11
CA UNK I 15 -28.27 -83.02 -22.29
C UNK I 15 -27.00 -83.83 -22.43
N UNK I 16 -27.15 -85.14 -22.25
CA UNK I 16 -26.04 -86.07 -22.36
C UNK I 16 -25.29 -85.84 -23.65
N UNK I 17 -26.03 -85.58 -24.72
CA UNK I 17 -25.46 -85.33 -26.02
C UNK I 17 -24.62 -84.07 -25.99
N UNK I 18 -25.23 -82.94 -25.60
CA UNK I 18 -24.53 -81.65 -25.53
C UNK I 18 -23.25 -81.72 -24.68
N UNK I 19 -23.33 -82.37 -23.53
CA UNK I 19 -22.18 -82.51 -22.65
C UNK I 19 -21.04 -83.15 -23.44
N UNK I 20 -21.27 -84.39 -23.86
CA UNK I 20 -20.28 -85.16 -24.61
C UNK I 20 -19.69 -84.37 -25.77
N UNK I 21 -20.53 -83.60 -26.46
CA UNK I 21 -20.07 -82.79 -27.59
C UNK I 21 -19.06 -81.75 -27.12
N UNK I 22 -19.42 -81.03 -26.06
CA UNK I 22 -18.55 -80.00 -25.51
C UNK I 22 -17.19 -80.62 -25.21
N UNK I 23 -17.17 -81.68 -24.42
CA UNK I 23 -15.92 -82.33 -24.09
C UNK I 23 -15.12 -82.70 -25.33
N UNK I 24 -15.82 -83.22 -26.31
CA UNK I 24 -15.16 -83.64 -27.55
C UNK I 24 -14.45 -82.45 -28.16
N UNK I 25 -15.17 -81.34 -28.28
CA UNK I 25 -14.64 -80.12 -28.85
C UNK I 25 -13.40 -79.56 -28.17
N UNK I 26 -13.19 -79.92 -26.92
CA UNK I 26 -12.03 -79.43 -26.19
C UNK I 26 -11.02 -80.53 -25.94
N UNK I 27 -11.02 -81.52 -26.82
CA UNK I 27 -10.08 -82.63 -26.73
C UNK I 27 -9.49 -82.82 -28.11
N UNK I 28 -10.28 -82.48 -29.13
CA UNK I 28 -9.87 -82.63 -30.52
C UNK I 28 -10.21 -81.40 -31.33
N UNK I 29 -9.45 -81.19 -32.39
CA UNK I 29 -9.66 -80.04 -33.28
C UNK I 29 -10.19 -80.55 -34.62
N UNK I 30 -9.89 -81.81 -34.92
CA UNK I 30 -10.33 -82.40 -36.19
C UNK I 30 -11.78 -82.88 -36.05
N UNK I 31 -12.65 -82.39 -36.92
CA UNK I 31 -14.07 -82.77 -36.87
C UNK I 31 -14.22 -84.28 -36.83
N UNK I 32 -13.53 -84.96 -37.72
CA UNK I 32 -13.55 -86.41 -37.81
C UNK I 32 -13.38 -87.07 -36.44
N UNK I 33 -12.44 -86.56 -35.65
CA UNK I 33 -12.21 -87.12 -34.32
C UNK I 33 -13.28 -86.67 -33.36
N UNK I 34 -13.83 -85.50 -33.60
CA UNK I 34 -14.89 -84.96 -32.73
C UNK I 34 -16.04 -85.97 -32.80
N UNK I 35 -16.44 -86.30 -34.02
CA UNK I 35 -17.50 -87.25 -34.24
C UNK I 35 -17.21 -88.53 -33.47
N UNK I 36 -16.08 -89.15 -33.79
CA UNK I 36 -15.68 -90.40 -33.14
C UNK I 36 -15.90 -90.40 -31.64
N UNK I 37 -15.46 -89.34 -30.96
CA UNK I 37 -15.61 -89.26 -29.52
C UNK I 37 -17.07 -89.42 -29.12
N UNK I 38 -17.94 -88.63 -29.76
CA UNK I 38 -19.37 -88.63 -29.48
C UNK I 38 -20.04 -89.98 -29.78
N UNK I 39 -19.86 -90.44 -31.02
CA UNK I 39 -20.43 -91.70 -31.45
C UNK I 39 -20.08 -92.85 -30.52
N UNK I 40 -18.85 -92.85 -30.02
CA UNK I 40 -18.41 -93.93 -29.15
C UNK I 40 -19.06 -93.90 -27.78
N UNK I 41 -19.41 -92.71 -27.29
CA UNK I 41 -20.03 -92.62 -25.98
C UNK I 41 -21.44 -93.14 -26.02
N UNK I 42 -22.12 -92.87 -27.12
CA UNK I 42 -23.48 -93.32 -27.25
C UNK I 42 -23.59 -94.79 -27.61
N UNK I 43 -22.55 -95.36 -28.18
CA UNK I 43 -22.64 -96.77 -28.50
C UNK I 43 -22.42 -97.51 -27.20
N UNK I 44 -21.70 -96.85 -26.32
CA UNK I 44 -21.36 -97.44 -25.04
C UNK I 44 -22.47 -97.32 -24.00
N UNK I 45 -22.91 -96.09 -23.77
CA UNK I 45 -23.94 -95.82 -22.77
C UNK I 45 -25.36 -96.02 -23.26
N UNK I 46 -25.56 -96.13 -24.56
CA UNK I 46 -26.91 -96.29 -25.07
C UNK I 46 -27.07 -97.37 -26.13
N UNK I 47 -26.07 -98.25 -26.24
CA UNK I 47 -26.04 -99.35 -27.17
C UNK I 47 -25.83 -98.91 -28.61
N UNK I 48 -25.26 -99.80 -29.43
CA UNK I 48 -25.04 -99.49 -30.84
C UNK I 48 -26.44 -99.48 -31.47
N UNK I 49 -26.57 -98.97 -32.70
CA UNK I 49 -25.46 -98.40 -33.48
C UNK I 49 -25.68 -96.91 -33.76
N UNK I 50 -24.80 -96.06 -33.23
CA UNK I 50 -24.92 -94.61 -33.40
C UNK I 50 -24.02 -94.08 -34.49
N UNK I 51 -24.39 -92.92 -35.05
CA UNK I 51 -23.64 -92.28 -36.13
C UNK I 51 -23.56 -90.79 -35.85
N UNK I 52 -22.37 -90.21 -36.00
CA UNK I 52 -22.18 -88.78 -35.75
C UNK I 52 -21.50 -88.03 -36.90
N UNK I 53 -21.99 -86.84 -37.19
CA UNK I 53 -21.44 -85.99 -38.23
C UNK I 53 -21.18 -84.64 -37.62
N UNK I 54 -19.92 -84.24 -37.56
CA UNK I 54 -19.56 -82.94 -36.97
C UNK I 54 -18.94 -82.00 -38.00
N UNK I 55 -19.64 -80.93 -38.36
CA UNK I 55 -19.11 -80.00 -39.33
C UNK I 55 -19.61 -78.56 -39.23
N UNK I 56 -19.21 -77.72 -40.17
CA UNK I 56 -19.62 -76.32 -40.16
C UNK I 56 -20.40 -75.99 -41.40
N UNK I 57 -20.49 -76.96 -42.32
CA UNK I 57 -21.20 -76.74 -43.56
C UNK I 57 -21.57 -78.05 -44.23
N UNK I 58 -22.83 -78.47 -44.06
CA UNK I 58 -23.28 -79.73 -44.67
C UNK I 58 -24.78 -79.94 -44.59
N UNK I 59 -25.30 -80.73 -45.53
CA UNK I 59 -26.72 -81.01 -45.56
C UNK I 59 -26.86 -82.52 -45.52
N UNK I 60 -27.98 -83.02 -45.01
CA UNK I 60 -28.16 -84.45 -44.93
C UNK I 60 -29.62 -84.87 -44.97
N UNK I 61 -29.81 -86.16 -45.15
CA UNK I 61 -31.13 -86.78 -45.19
C UNK I 61 -30.90 -88.22 -44.75
N UNK I 62 -31.17 -88.47 -43.47
CA UNK I 62 -30.95 -89.78 -42.88
C UNK I 62 -32.22 -90.37 -42.28
N UNK I 63 -32.18 -91.66 -41.99
CA UNK I 63 -33.30 -92.36 -41.36
C UNK I 63 -32.84 -92.76 -39.97
N UNK I 64 -33.74 -92.80 -38.99
CA UNK I 64 -33.35 -93.17 -37.62
C UNK I 64 -34.48 -93.82 -36.82
N UNK I 65 -34.12 -94.40 -35.67
CA UNK I 65 -35.09 -95.04 -34.78
C UNK I 65 -35.73 -93.92 -33.97
N UNK I 66 -37.00 -94.08 -33.61
CA UNK I 66 -37.67 -93.04 -32.84
C UNK I 66 -36.89 -92.70 -31.59
N UNK I 67 -37.06 -91.48 -31.10
CA UNK I 67 -36.42 -91.07 -29.87
C UNK I 67 -34.90 -91.12 -29.90
N UNK I 68 -34.32 -91.42 -31.04
CA UNK I 68 -32.86 -91.48 -31.12
C UNK I 68 -32.29 -90.62 -32.23
N UNK I 69 -32.51 -89.32 -32.10
CA UNK I 69 -32.04 -88.36 -33.07
C UNK I 69 -31.89 -87.00 -32.42
N UNK I 70 -30.97 -86.20 -32.95
CA UNK I 70 -30.71 -84.88 -32.43
C UNK I 70 -29.75 -84.14 -33.36
N UNK I 71 -30.08 -82.87 -33.62
CA UNK I 71 -29.25 -82.04 -34.48
C UNK I 71 -29.10 -80.70 -33.79
N UNK I 72 -28.06 -80.56 -32.99
CA UNK I 72 -27.83 -79.33 -32.26
C UNK I 72 -26.52 -78.64 -32.62
N UNK I 73 -26.51 -77.31 -32.56
CA UNK I 73 -25.31 -76.54 -32.85
C UNK I 73 -24.62 -76.21 -31.55
N UNK I 74 -23.30 -76.22 -31.57
CA UNK I 74 -22.53 -75.88 -30.39
C UNK I 74 -21.56 -74.85 -30.91
N UNK I 75 -21.94 -73.59 -30.81
CA UNK I 75 -21.11 -72.53 -31.32
C UNK I 75 -21.37 -72.49 -32.81
N UNK I 76 -20.29 -72.42 -33.58
CA UNK I 76 -20.38 -72.36 -35.03
C UNK I 76 -20.46 -73.78 -35.59
N UNK I 77 -20.12 -74.75 -34.74
CA UNK I 77 -20.12 -76.16 -35.13
C UNK I 77 -21.47 -76.86 -35.05
N UNK I 78 -21.78 -77.67 -36.06
CA UNK I 78 -23.04 -78.41 -36.10
C UNK I 78 -22.82 -79.90 -35.82
N UNK I 79 -23.66 -80.48 -34.96
CA UNK I 79 -23.55 -81.88 -34.60
C UNK I 79 -24.81 -82.69 -34.93
N UNK I 80 -24.62 -83.74 -35.71
CA UNK I 80 -25.70 -84.65 -36.11
C UNK I 80 -25.37 -86.00 -35.49
N UNK I 81 -26.22 -86.44 -34.56
CA UNK I 81 -26.00 -87.69 -33.85
C UNK I 81 -27.28 -88.51 -33.78
N UNK I 82 -27.41 -89.49 -34.67
CA UNK I 82 -28.60 -90.32 -34.67
C UNK I 82 -28.28 -91.81 -34.61
N UNK I 83 -29.30 -92.58 -34.27
CA UNK I 83 -29.14 -94.02 -34.17
C UNK I 83 -29.94 -94.73 -35.25
N UNK I 84 -29.29 -95.72 -35.85
CA UNK I 84 -29.92 -96.51 -36.89
C UNK I 84 -29.17 -97.83 -36.92
N UNK I 85 -29.66 -98.79 -36.12
CA UNK I 85 -29.04 -100.10 -36.08
C UNK I 85 -28.93 -100.71 -37.46
N UNK J 1 -14.35 -87.18 -63.65
CA UNK J 1 -15.25 -86.16 -63.04
C UNK J 1 -15.27 -86.28 -61.52
N UNK J 2 -15.61 -87.46 -61.02
CA UNK J 2 -15.67 -87.66 -59.58
C UNK J 2 -14.42 -88.30 -59.03
N UNK J 3 -14.21 -88.14 -57.73
CA UNK J 3 -13.06 -88.73 -57.08
C UNK J 3 -13.50 -89.58 -55.91
N UNK J 4 -13.31 -90.88 -55.99
CA UNK J 4 -13.71 -91.75 -54.90
C UNK J 4 -12.61 -91.72 -53.85
N UNK J 5 -12.91 -91.16 -52.68
CA UNK J 5 -11.92 -91.08 -51.63
C UNK J 5 -11.77 -92.40 -50.91
N UNK J 6 -12.88 -92.89 -50.39
CA UNK J 6 -12.89 -94.15 -49.63
C UNK J 6 -14.12 -94.94 -50.00
N UNK J 7 -13.98 -96.22 -50.24
CA UNK J 7 -15.16 -97.01 -50.60
C UNK J 7 -15.10 -98.51 -50.28
N UNK J 8 -16.29 -99.06 -50.08
CA UNK J 8 -16.49 -100.49 -49.84
C UNK J 8 -17.84 -100.74 -50.49
N UNK J 9 -17.82 -100.85 -51.82
CA UNK J 9 -19.03 -101.04 -52.60
C UNK J 9 -18.61 -101.55 -53.96
N UNK J 10 -19.45 -102.37 -54.60
CA UNK J 10 -19.10 -102.90 -55.91
C UNK J 10 -18.82 -101.74 -56.88
N UNK J 11 -18.23 -102.05 -58.02
CA UNK J 11 -17.90 -101.02 -59.01
C UNK J 11 -19.13 -100.43 -59.65
N UNK J 12 -20.06 -101.30 -60.05
CA UNK J 12 -21.26 -100.83 -60.69
C UNK J 12 -22.07 -99.96 -59.73
N UNK J 13 -22.16 -100.39 -58.48
CA UNK J 13 -22.90 -99.62 -57.49
C UNK J 13 -22.20 -98.27 -57.27
N UNK J 14 -20.87 -98.27 -57.33
CA UNK J 14 -20.11 -97.04 -57.16
C UNK J 14 -20.45 -96.10 -58.32
N UNK J 15 -20.44 -96.64 -59.53
CA UNK J 15 -20.75 -95.88 -60.72
C UNK J 15 -22.14 -95.27 -60.57
N UNK J 16 -23.05 -96.10 -60.11
CA UNK J 16 -24.43 -95.70 -59.87
C UNK J 16 -24.52 -94.54 -58.90
N UNK J 17 -23.69 -94.56 -57.86
CA UNK J 17 -23.69 -93.50 -56.87
C UNK J 17 -23.23 -92.19 -57.50
N UNK J 18 -22.26 -92.29 -58.40
CA UNK J 18 -21.75 -91.12 -59.06
C UNK J 18 -22.83 -90.59 -60.00
N UNK J 19 -23.38 -91.48 -60.81
CA UNK J 19 -24.42 -91.10 -61.75
C UNK J 19 -25.55 -90.39 -61.02
N UNK J 20 -26.07 -91.00 -59.96
CA UNK J 20 -27.15 -90.42 -59.19
C UNK J 20 -26.77 -89.05 -58.62
N UNK J 21 -25.55 -88.92 -58.13
CA UNK J 21 -25.09 -87.65 -57.57
C UNK J 21 -24.97 -86.59 -58.65
N UNK J 22 -24.48 -87.01 -59.81
CA UNK J 22 -24.31 -86.09 -60.92
C UNK J 22 -25.62 -85.40 -61.23
N UNK J 23 -26.68 -86.17 -61.36
CA UNK J 23 -27.98 -85.62 -61.66
C UNK J 23 -28.57 -84.82 -60.52
N UNK J 24 -28.29 -85.23 -59.29
CA UNK J 24 -28.79 -84.53 -58.12
C UNK J 24 -28.25 -83.11 -58.09
N UNK J 25 -27.03 -82.94 -58.58
CA UNK J 25 -26.42 -81.62 -58.59
C UNK J 25 -27.02 -80.75 -59.69
N UNK J 26 -27.47 -81.38 -60.76
CA UNK J 26 -28.06 -80.67 -61.89
C UNK J 26 -29.46 -80.16 -61.57
N UNK J 27 -30.04 -80.66 -60.49
CA UNK J 27 -31.39 -80.28 -60.12
C UNK J 27 -31.50 -79.53 -58.80
N UNK J 28 -30.46 -79.55 -57.99
CA UNK J 28 -30.55 -78.87 -56.70
C UNK J 28 -29.33 -78.05 -56.34
N UNK J 29 -29.53 -77.10 -55.43
CA UNK J 29 -28.45 -76.22 -55.03
C UNK J 29 -28.08 -76.36 -53.58
N UNK J 30 -29.08 -76.52 -52.71
CA UNK J 30 -28.82 -76.67 -51.30
C UNK J 30 -28.34 -78.09 -51.00
N UNK J 31 -27.37 -78.19 -50.10
CA UNK J 31 -26.78 -79.47 -49.73
C UNK J 31 -27.83 -80.50 -49.30
N UNK J 32 -28.67 -80.14 -48.33
CA UNK J 32 -29.70 -81.05 -47.82
C UNK J 32 -30.58 -81.69 -48.90
N UNK J 33 -30.75 -80.99 -50.02
CA UNK J 33 -31.58 -81.49 -51.10
C UNK J 33 -30.87 -82.50 -51.95
N UNK J 34 -29.58 -82.28 -52.15
CA UNK J 34 -28.77 -83.19 -52.96
C UNK J 34 -28.77 -84.55 -52.28
N UNK J 35 -28.65 -84.51 -50.96
CA UNK J 35 -28.64 -85.71 -50.14
C UNK J 35 -29.93 -86.50 -50.35
N UNK J 36 -31.06 -85.83 -50.17
CA UNK J 36 -32.36 -86.46 -50.34
C UNK J 36 -32.50 -87.16 -51.66
N UNK J 37 -32.15 -86.48 -52.75
CA UNK J 37 -32.28 -87.10 -54.06
C UNK J 37 -31.52 -88.41 -54.08
N UNK J 38 -30.31 -88.37 -53.54
CA UNK J 38 -29.45 -89.54 -53.47
C UNK J 38 -30.05 -90.62 -52.56
N UNK J 39 -30.28 -90.26 -51.30
CA UNK J 39 -30.84 -91.17 -50.29
C UNK J 39 -32.11 -91.87 -50.76
N UNK J 40 -33.03 -91.11 -51.35
CA UNK J 40 -34.29 -91.66 -51.84
C UNK J 40 -34.02 -92.56 -53.02
N UNK J 41 -33.13 -92.14 -53.90
CA UNK J 41 -32.83 -92.95 -55.07
C UNK J 41 -32.27 -94.31 -54.70
N UNK J 42 -31.36 -94.33 -53.73
CA UNK J 42 -30.77 -95.59 -53.33
C UNK J 42 -31.73 -96.48 -52.61
N UNK J 43 -32.50 -95.89 -51.70
CA UNK J 43 -33.50 -96.65 -50.95
C UNK J 43 -34.40 -97.43 -51.90
N UNK J 44 -34.75 -96.82 -53.03
CA UNK J 44 -35.62 -97.45 -54.02
C UNK J 44 -34.96 -98.58 -54.78
N UNK J 45 -33.88 -98.26 -55.47
CA UNK J 45 -33.15 -99.24 -56.27
C UNK J 45 -32.33 -100.29 -55.51
N UNK J 46 -31.70 -99.90 -54.41
CA UNK J 46 -30.89 -100.83 -53.64
C UNK J 46 -31.41 -101.19 -52.24
N UNK J 47 -32.64 -100.77 -51.93
CA UNK J 47 -33.30 -101.07 -50.65
C UNK J 47 -32.87 -100.25 -49.43
N UNK J 48 -33.78 -99.97 -48.49
CA UNK J 48 -33.56 -99.20 -47.25
C UNK J 48 -32.57 -100.06 -46.49
N UNK J 49 -31.83 -99.48 -45.53
CA UNK J 49 -31.93 -98.06 -45.19
C UNK J 49 -30.61 -97.31 -45.50
N UNK J 50 -30.72 -96.27 -46.34
CA UNK J 50 -29.54 -95.48 -46.72
C UNK J 50 -29.47 -94.13 -46.02
N UNK J 51 -28.28 -93.55 -46.00
CA UNK J 51 -28.04 -92.26 -45.35
C UNK J 51 -27.07 -91.49 -46.25
N UNK J 52 -27.33 -90.20 -46.43
CA UNK J 52 -26.50 -89.34 -47.26
C UNK J 52 -26.23 -88.00 -46.65
N UNK J 53 -24.96 -87.62 -46.66
CA UNK J 53 -24.53 -86.33 -46.13
C UNK J 53 -23.74 -85.65 -47.24
N UNK J 54 -24.13 -84.43 -47.55
CA UNK J 54 -23.47 -83.66 -48.59
C UNK J 54 -23.01 -82.33 -48.05
N UNK J 55 -21.73 -82.03 -48.23
CA UNK J 55 -21.24 -80.78 -47.70
C UNK J 55 -19.84 -80.42 -48.16
N UNK J 56 -19.34 -79.31 -47.64
CA UNK J 56 -18.02 -78.83 -47.98
C UNK J 56 -17.14 -78.82 -46.74
N UNK J 57 -17.74 -79.01 -45.59
CA UNK J 57 -16.94 -79.03 -44.38
C UNK J 57 -17.55 -79.84 -43.27
N UNK J 58 -17.07 -81.07 -43.11
CA UNK J 58 -17.55 -81.95 -42.06
C UNK J 58 -16.73 -83.22 -41.85
N UNK J 59 -16.76 -83.70 -40.62
CA UNK J 59 -16.07 -84.93 -40.26
C UNK J 59 -17.18 -85.93 -39.98
N UNK J 60 -16.85 -87.23 -40.00
CA UNK J 60 -17.87 -88.25 -39.75
C UNK J 60 -17.30 -89.49 -39.11
N UNK J 61 -18.17 -90.24 -38.44
CA UNK J 61 -17.81 -91.50 -37.82
C UNK J 61 -19.09 -92.33 -37.82
N UNK J 62 -19.20 -93.19 -38.82
CA UNK J 62 -20.38 -94.02 -38.99
C UNK J 62 -20.10 -95.51 -39.12
N UNK J 63 -21.12 -96.30 -38.82
CA UNK J 63 -20.99 -97.75 -38.93
C UNK J 63 -21.85 -98.23 -40.07
N UNK J 64 -21.36 -99.16 -40.88
CA UNK J 64 -22.12 -99.59 -42.05
C UNK J 64 -22.12 -101.07 -42.42
N UNK J 65 -23.15 -101.43 -43.17
CA UNK J 65 -23.33 -102.76 -43.70
C UNK J 65 -22.19 -103.01 -44.67
N UNK J 66 -21.64 -104.20 -44.67
CA UNK J 66 -20.56 -104.50 -45.59
C UNK J 66 -20.99 -104.27 -47.03
N UNK J 67 -20.02 -103.92 -47.87
CA UNK J 67 -20.28 -103.69 -49.29
C UNK J 67 -21.28 -102.55 -49.57
N UNK J 68 -21.57 -101.74 -48.57
CA UNK J 68 -22.49 -100.63 -48.76
C UNK J 68 -22.01 -99.34 -48.11
N UNK J 69 -20.93 -98.79 -48.65
CA UNK J 69 -20.34 -97.56 -48.15
C UNK J 69 -19.47 -96.89 -49.19
N UNK J 70 -19.58 -95.56 -49.28
CA UNK J 70 -18.78 -94.80 -50.23
C UNK J 70 -18.70 -93.32 -49.86
N UNK J 71 -17.50 -92.75 -49.96
CA UNK J 71 -17.26 -91.35 -49.66
C UNK J 71 -16.52 -90.78 -50.83
N UNK J 72 -17.14 -89.86 -51.57
CA UNK J 72 -16.48 -89.28 -52.73
C UNK J 72 -16.70 -87.79 -52.91
N UNK J 73 -15.89 -87.22 -53.78
CA UNK J 73 -15.95 -85.80 -54.10
C UNK J 73 -16.50 -85.65 -55.51
N UNK J 74 -17.37 -84.68 -55.68
CA UNK J 74 -17.98 -84.41 -56.97
C UNK J 74 -18.41 -82.97 -56.93
N UNK J 75 -18.12 -82.25 -58.01
CA UNK J 75 -18.49 -80.85 -58.06
C UNK J 75 -17.80 -80.12 -56.92
N UNK J 76 -18.53 -79.22 -56.27
CA UNK J 76 -17.95 -78.46 -55.17
C UNK J 76 -18.31 -79.01 -53.79
N UNK J 77 -18.70 -80.29 -53.75
CA UNK J 77 -19.06 -80.90 -52.47
C UNK J 77 -18.64 -82.34 -52.31
N UNK J 78 -18.49 -82.73 -51.04
CA UNK J 78 -18.14 -84.09 -50.64
C UNK J 78 -19.47 -84.83 -50.44
N UNK J 79 -19.47 -86.13 -50.74
CA UNK J 79 -20.66 -86.93 -50.59
C UNK J 79 -20.41 -88.23 -49.85
N UNK J 80 -21.16 -88.42 -48.77
CA UNK J 80 -21.09 -89.62 -47.93
C UNK J 80 -22.41 -90.37 -48.04
N UNK J 81 -22.34 -91.59 -48.54
CA UNK J 81 -23.55 -92.38 -48.71
C UNK J 81 -23.28 -93.76 -48.13
N UNK J 82 -24.11 -94.18 -47.17
CA UNK J 82 -23.90 -95.50 -46.59
C UNK J 82 -25.19 -96.15 -46.07
N UNK J 83 -25.18 -97.47 -46.08
CA UNK J 83 -26.32 -98.24 -45.62
C UNK J 83 -26.05 -98.71 -44.20
N UNK J 84 -27.11 -98.68 -43.39
CA UNK J 84 -27.06 -99.11 -41.99
C UNK J 84 -28.52 -99.17 -41.50
N UNK J 85 -29.07 -100.39 -41.48
CA UNK J 85 -30.45 -100.58 -41.08
C UNK J 85 -31.31 -100.92 -42.30
N UNK K 1 -57.17 -142.40 -44.72
CA UNK K 1 -56.34 -143.22 -43.80
C UNK K 1 -55.31 -142.43 -43.00
N UNK K 2 -55.18 -141.14 -43.32
CA UNK K 2 -54.23 -140.24 -42.63
C UNK K 2 -55.02 -139.27 -41.75
N UNK K 3 -54.96 -139.50 -40.43
CA UNK K 3 -55.68 -138.65 -39.50
C UNK K 3 -54.79 -137.52 -39.02
N UNK K 4 -55.13 -136.30 -39.40
CA UNK K 4 -54.32 -135.15 -39.01
C UNK K 4 -54.28 -134.91 -37.50
N UNK K 5 -55.39 -135.12 -36.80
CA UNK K 5 -55.39 -134.90 -35.35
C UNK K 5 -54.43 -135.84 -34.65
N UNK K 6 -54.30 -137.05 -35.19
CA UNK K 6 -53.41 -138.03 -34.62
C UNK K 6 -51.96 -137.57 -34.70
N UNK K 7 -51.49 -137.33 -35.92
CA UNK K 7 -50.12 -136.91 -36.14
C UNK K 7 -49.77 -135.61 -35.45
N UNK K 8 -50.69 -134.67 -35.45
CA UNK K 8 -50.43 -133.39 -34.80
C UNK K 8 -50.05 -133.61 -33.34
N UNK K 9 -50.77 -134.52 -32.70
CA UNK K 9 -50.54 -134.85 -31.30
C UNK K 9 -49.16 -135.46 -31.12
N UNK K 10 -48.80 -136.36 -32.03
CA UNK K 10 -47.48 -137.00 -31.98
C UNK K 10 -46.37 -135.97 -32.13
N UNK K 11 -46.53 -135.06 -33.09
CA UNK K 11 -45.55 -134.01 -33.34
C UNK K 11 -45.32 -133.20 -32.09
N UNK K 12 -46.39 -132.59 -31.60
CA UNK K 12 -46.30 -131.76 -30.40
C UNK K 12 -45.61 -132.48 -29.26
N UNK K 13 -45.97 -133.74 -29.06
CA UNK K 13 -45.35 -134.48 -27.98
C UNK K 13 -43.85 -134.62 -28.22
N UNK K 14 -43.49 -134.99 -29.45
CA UNK K 14 -42.10 -135.16 -29.83
C UNK K 14 -41.34 -133.85 -29.59
N UNK K 15 -41.99 -132.72 -29.86
CA UNK K 15 -41.32 -131.44 -29.66
C UNK K 15 -41.05 -131.25 -28.19
N UNK K 16 -42.08 -131.40 -27.37
CA UNK K 16 -41.95 -131.23 -25.92
C UNK K 16 -40.93 -132.17 -25.29
N UNK K 17 -41.02 -133.45 -25.64
CA UNK K 17 -40.11 -134.44 -25.11
C UNK K 17 -38.66 -134.10 -25.38
N UNK K 18 -38.38 -133.51 -26.54
CA UNK K 18 -37.02 -133.19 -26.94
C UNK K 18 -36.47 -131.83 -26.57
N UNK K 19 -37.22 -130.78 -26.86
CA UNK K 19 -36.74 -129.44 -26.56
C UNK K 19 -37.59 -128.70 -25.54
N UNK K 20 -38.74 -129.26 -25.20
CA UNK K 20 -39.61 -128.63 -24.23
C UNK K 20 -38.88 -128.36 -22.90
N UNK K 21 -38.75 -127.08 -22.55
CA UNK K 21 -38.08 -126.73 -21.31
C UNK K 21 -36.58 -126.55 -21.39
N UNK K 22 -36.06 -126.29 -22.58
CA UNK K 22 -34.62 -126.06 -22.72
C UNK K 22 -34.45 -124.80 -23.54
N UNK K 23 -33.23 -124.26 -23.56
CA UNK K 23 -32.96 -123.05 -24.32
C UNK K 23 -32.00 -123.37 -25.45
N UNK K 24 -32.01 -122.53 -26.48
CA UNK K 24 -31.15 -122.74 -27.62
C UNK K 24 -29.67 -122.89 -27.19
N UNK K 25 -29.00 -123.90 -27.74
CA UNK K 25 -27.59 -124.17 -27.47
C UNK K 25 -27.03 -124.80 -28.75
N UNK K 26 -26.38 -123.98 -29.56
CA UNK K 26 -25.83 -124.44 -30.84
C UNK K 26 -25.49 -125.90 -30.95
N UNK K 27 -24.50 -126.33 -30.18
CA UNK K 27 -24.03 -127.71 -30.23
C UNK K 27 -24.91 -128.72 -29.53
N UNK K 28 -26.21 -128.51 -29.55
CA UNK K 28 -27.14 -129.44 -28.94
C UNK K 28 -28.37 -129.50 -29.81
N UNK K 29 -28.56 -128.45 -30.59
CA UNK K 29 -29.71 -128.36 -31.47
C UNK K 29 -29.66 -129.39 -32.58
N UNK K 30 -28.47 -129.66 -33.12
CA UNK K 30 -28.41 -130.63 -34.18
C UNK K 30 -28.87 -131.99 -33.70
N UNK K 31 -28.61 -132.28 -32.43
CA UNK K 31 -29.03 -133.55 -31.87
C UNK K 31 -30.55 -133.52 -31.71
N UNK K 32 -31.09 -132.36 -31.34
CA UNK K 32 -32.53 -132.22 -31.14
C UNK K 32 -33.38 -132.36 -32.39
N UNK K 33 -33.01 -131.70 -33.48
CA UNK K 33 -33.84 -131.82 -34.69
C UNK K 33 -33.89 -133.27 -35.11
N UNK K 34 -32.75 -133.96 -34.99
CA UNK K 34 -32.69 -135.35 -35.36
C UNK K 34 -33.62 -136.22 -34.52
N UNK K 35 -33.66 -135.96 -33.21
CA UNK K 35 -34.51 -136.73 -32.30
C UNK K 35 -35.96 -136.49 -32.68
N UNK K 36 -36.34 -135.23 -32.79
CA UNK K 36 -37.71 -134.94 -33.16
C UNK K 36 -38.09 -135.70 -34.42
N UNK K 37 -37.17 -135.79 -35.38
CA UNK K 37 -37.50 -136.51 -36.61
C UNK K 37 -37.63 -137.99 -36.35
N UNK K 38 -36.68 -138.58 -35.62
CA UNK K 38 -36.73 -140.01 -35.29
C UNK K 38 -37.96 -140.33 -34.45
N UNK K 39 -38.21 -139.52 -33.42
CA UNK K 39 -39.34 -139.70 -32.53
C UNK K 39 -40.61 -139.83 -33.37
N UNK K 40 -40.94 -138.78 -34.10
CA UNK K 40 -42.13 -138.79 -34.93
C UNK K 40 -42.13 -139.98 -35.89
N UNK K 41 -41.01 -140.22 -36.54
CA UNK K 41 -40.93 -141.31 -37.50
C UNK K 41 -41.12 -142.71 -36.90
N UNK K 42 -40.63 -142.90 -35.68
CA UNK K 42 -40.76 -144.18 -34.99
C UNK K 42 -42.24 -144.47 -34.70
N UNK K 43 -42.89 -143.51 -34.07
CA UNK K 43 -44.29 -143.65 -33.73
C UNK K 43 -45.17 -143.91 -34.96
N UNK K 44 -44.90 -143.19 -36.04
CA UNK K 44 -45.68 -143.33 -37.26
C UNK K 44 -45.52 -144.65 -37.97
N UNK K 45 -44.34 -145.25 -37.89
CA UNK K 45 -44.11 -146.49 -38.60
C UNK K 45 -44.58 -147.78 -37.93
N UNK K 46 -44.79 -147.76 -36.62
CA UNK K 46 -45.26 -148.96 -35.93
C UNK K 46 -46.48 -149.59 -36.61
N UNK K 47 -47.58 -148.84 -36.64
CA UNK K 47 -48.83 -149.26 -37.25
C UNK K 47 -48.66 -149.60 -38.72
N UNK K 48 -47.67 -150.43 -39.04
CA UNK K 48 -47.35 -150.79 -40.43
C UNK K 48 -48.42 -150.64 -41.53
N UNK K 49 -48.72 -149.39 -41.92
CA UNK K 49 -49.70 -149.10 -42.97
C UNK K 49 -49.01 -149.04 -44.32
N UNK K 50 -49.77 -149.18 -45.41
CA UNK K 50 -49.16 -149.14 -46.76
C UNK K 50 -48.86 -147.68 -47.16
N UNK K 51 -48.51 -146.89 -46.14
CA UNK K 51 -48.17 -145.48 -46.28
C UNK K 51 -46.69 -145.14 -46.18
N UNK K 52 -46.31 -144.07 -46.86
CA UNK K 52 -44.95 -143.60 -46.83
C UNK K 52 -45.00 -142.30 -46.04
N UNK K 53 -43.97 -142.04 -45.25
CA UNK K 53 -43.93 -140.83 -44.45
C UNK K 53 -42.67 -140.01 -44.68
N UNK K 54 -42.81 -138.69 -44.65
CA UNK K 54 -41.69 -137.78 -44.80
C UNK K 54 -41.76 -136.82 -43.62
N UNK K 55 -40.69 -136.75 -42.84
CA UNK K 55 -40.65 -135.89 -41.66
C UNK K 55 -39.50 -134.88 -41.64
N UNK K 56 -39.83 -133.60 -41.51
CA UNK K 56 -38.82 -132.54 -41.48
C UNK K 56 -38.98 -131.69 -40.22
N UNK K 57 -37.86 -131.34 -39.60
CA UNK K 57 -37.93 -130.53 -38.40
C UNK K 57 -36.86 -129.45 -38.46
N UNK K 58 -37.23 -128.24 -38.07
CA UNK K 58 -36.26 -127.17 -38.08
C UNK K 58 -36.40 -126.29 -36.84
N UNK K 59 -35.25 -125.93 -36.28
CA UNK K 59 -35.23 -125.10 -35.09
C UNK K 59 -34.39 -123.87 -35.35
N UNK K 60 -34.98 -122.69 -35.17
CA UNK K 60 -34.24 -121.46 -35.37
C UNK K 60 -34.14 -120.71 -34.06
N UNK K 61 -32.95 -120.18 -33.79
CA UNK K 61 -32.70 -119.41 -32.58
C UNK K 61 -33.43 -118.06 -32.67
N UNK K 62 -34.28 -117.78 -31.69
CA UNK K 62 -34.99 -116.50 -31.67
C UNK K 62 -33.93 -115.42 -31.57
N UNK K 63 -33.94 -114.53 -32.57
CA UNK K 63 -32.95 -113.46 -32.65
C UNK K 63 -33.52 -112.34 -33.50
N UNK K 64 -34.84 -112.16 -33.42
CA UNK K 64 -35.48 -111.12 -34.19
C UNK K 64 -35.37 -111.30 -35.70
N UNK K 65 -34.82 -112.42 -36.13
CA UNK K 65 -34.69 -112.68 -37.56
C UNK K 65 -36.02 -113.14 -38.14
N UNK K 66 -36.23 -112.89 -39.42
CA UNK K 66 -37.48 -113.31 -40.05
C UNK K 66 -37.34 -114.74 -40.57
N UNK K 67 -38.45 -115.46 -40.63
CA UNK K 67 -38.45 -116.84 -41.11
C UNK K 67 -39.77 -117.16 -41.79
N UNK K 68 -39.70 -117.69 -43.01
CA UNK K 68 -40.91 -118.03 -43.72
C UNK K 68 -40.76 -119.39 -44.41
N UNK K 69 -41.77 -120.24 -44.30
CA UNK K 69 -41.70 -121.54 -44.93
C UNK K 69 -42.93 -121.73 -45.78
N UNK K 70 -42.85 -122.60 -46.79
CA UNK K 70 -43.95 -122.88 -47.69
C UNK K 70 -43.83 -124.31 -48.20
N UNK K 71 -44.95 -124.97 -48.42
CA UNK K 71 -44.88 -126.34 -48.91
C UNK K 71 -46.16 -126.73 -49.61
N UNK K 72 -46.06 -127.73 -50.48
CA UNK K 72 -47.22 -128.20 -51.17
C UNK K 72 -46.90 -129.54 -51.82
N UNK K 73 -47.90 -130.20 -52.38
CA UNK K 73 -47.66 -131.51 -52.96
C UNK K 73 -48.46 -131.78 -54.21
N UNK K 74 -48.11 -132.89 -54.85
CA UNK K 74 -48.79 -133.40 -56.03
C UNK K 74 -49.00 -134.84 -55.61
N UNK K 75 -50.14 -135.11 -55.00
CA UNK K 75 -50.42 -136.44 -54.51
C UNK K 75 -51.87 -136.79 -54.79
N UNK K 76 -52.38 -137.72 -53.97
CA UNK K 76 -53.75 -138.17 -54.02
C UNK K 76 -54.49 -137.46 -52.89
N UNK K 77 -55.28 -136.45 -53.25
CA UNK K 77 -56.00 -135.68 -52.26
C UNK K 77 -56.99 -136.49 -51.43
N UNK K 78 -57.38 -137.64 -51.95
CA UNK K 78 -58.34 -138.46 -51.22
C UNK K 78 -57.70 -139.38 -50.21
N UNK K 79 -56.38 -139.61 -50.32
CA UNK K 79 -55.71 -140.49 -49.38
C UNK K 79 -54.57 -139.86 -48.60
N UNK K 80 -53.70 -139.15 -49.31
CA UNK K 80 -52.54 -138.53 -48.67
C UNK K 80 -52.84 -137.21 -47.93
N UNK K 81 -52.20 -137.03 -46.78
CA UNK K 81 -52.41 -135.84 -45.99
C UNK K 81 -51.13 -135.35 -45.33
N UNK K 82 -51.22 -134.31 -44.50
CA UNK K 82 -50.05 -133.76 -43.83
C UNK K 82 -50.37 -132.84 -42.65
N UNK K 83 -49.39 -132.63 -41.77
CA UNK K 83 -49.58 -131.77 -40.61
C UNK K 83 -48.31 -130.98 -40.31
N UNK K 84 -48.43 -129.65 -40.21
CA UNK K 84 -47.28 -128.81 -39.92
C UNK K 84 -47.54 -128.14 -38.59
N UNK K 85 -46.54 -128.14 -37.71
CA UNK K 85 -46.73 -127.55 -36.40
C UNK K 85 -45.73 -126.44 -36.08
N UNK K 86 -46.25 -125.28 -35.69
CA UNK K 86 -45.41 -124.14 -35.31
C UNK K 86 -45.21 -124.29 -33.82
N UNK K 87 -44.05 -123.93 -33.32
CA UNK K 87 -43.79 -124.06 -31.90
C UNK K 87 -42.74 -123.06 -31.54
N UNK K 88 -42.72 -122.65 -30.28
CA UNK K 88 -41.72 -121.69 -29.86
C UNK K 88 -41.69 -121.53 -28.36
N UNK K 89 -40.53 -121.12 -27.87
CA UNK K 89 -40.36 -120.89 -26.45
C UNK K 89 -39.50 -119.64 -26.34
N UNK K 90 -38.99 -119.39 -25.16
CA UNK K 90 -38.19 -118.20 -24.94
C UNK K 90 -37.04 -117.99 -25.92
N UNK K 91 -36.31 -119.05 -26.24
CA UNK K 91 -35.16 -118.91 -27.10
C UNK K 91 -35.19 -119.41 -28.55
N UNK K 92 -36.14 -120.28 -28.89
CA UNK K 92 -36.15 -120.79 -30.25
C UNK K 92 -37.50 -121.07 -30.88
N UNK K 93 -37.52 -121.08 -32.21
CA UNK K 93 -38.71 -121.37 -33.00
C UNK K 93 -38.52 -122.78 -33.53
N UNK K 94 -39.63 -123.51 -33.67
CA UNK K 94 -39.54 -124.86 -34.18
C UNK K 94 -40.66 -125.11 -35.18
N UNK K 95 -40.35 -125.81 -36.25
CA UNK K 95 -41.37 -126.12 -37.22
C UNK K 95 -41.18 -127.56 -37.64
N UNK K 96 -42.20 -128.36 -37.47
CA UNK K 96 -42.12 -129.75 -37.84
C UNK K 96 -43.22 -130.07 -38.84
N UNK K 97 -42.92 -130.93 -39.80
CA UNK K 97 -43.91 -131.27 -40.80
C UNK K 97 -43.87 -132.76 -41.04
N UNK K 98 -45.04 -133.33 -41.30
CA UNK K 98 -45.16 -134.74 -41.58
C UNK K 98 -46.08 -134.87 -42.77
N UNK K 99 -45.72 -135.75 -43.69
CA UNK K 99 -46.51 -135.96 -44.88
C UNK K 99 -46.78 -137.45 -44.99
N UNK K 100 -47.99 -137.81 -45.39
CA UNK K 100 -48.29 -139.21 -45.52
C UNK K 100 -48.82 -139.55 -46.90
N UNK K 101 -48.24 -140.53 -47.56
CA UNK K 101 -48.70 -140.93 -48.86
C UNK K 101 -48.92 -142.42 -48.91
N UNK K 102 -50.08 -142.84 -49.40
CA UNK K 102 -50.38 -144.26 -49.47
C UNK K 102 -49.65 -144.93 -50.63
N UNK K 103 -49.94 -146.22 -50.79
CA UNK K 103 -49.36 -147.07 -51.84
C UNK K 103 -47.89 -147.34 -51.52
N UNK L 1 -40.66 -142.44 -65.03
CA UNK L 1 -39.43 -143.29 -65.17
C UNK L 1 -38.78 -143.48 -63.80
N UNK L 2 -38.09 -142.46 -63.32
CA UNK L 2 -37.40 -142.51 -62.03
C UNK L 2 -36.95 -141.13 -61.55
N UNK L 3 -36.72 -141.00 -60.24
CA UNK L 3 -36.29 -139.74 -59.66
C UNK L 3 -34.82 -139.47 -59.97
N UNK L 4 -34.57 -138.41 -60.76
CA UNK L 4 -33.21 -138.05 -61.17
C UNK L 4 -32.72 -136.82 -60.39
N UNK L 5 -31.96 -137.07 -59.34
CA UNK L 5 -31.43 -136.04 -58.48
C UNK L 5 -30.86 -134.80 -59.20
N UNK L 6 -30.06 -135.03 -60.24
CA UNK L 6 -29.44 -133.93 -60.97
C UNK L 6 -30.43 -133.00 -61.63
N UNK L 7 -31.49 -133.54 -62.22
CA UNK L 7 -32.50 -132.72 -62.84
C UNK L 7 -33.20 -131.92 -61.76
N UNK L 8 -33.72 -132.62 -60.77
CA UNK L 8 -34.44 -131.98 -59.70
C UNK L 8 -33.62 -130.85 -59.07
N UNK L 9 -32.33 -131.06 -58.93
CA UNK L 9 -31.47 -130.05 -58.34
C UNK L 9 -31.41 -128.82 -59.26
N UNK L 10 -31.49 -129.08 -60.55
CA UNK L 10 -31.43 -128.01 -61.53
C UNK L 10 -32.69 -127.16 -61.44
N UNK L 11 -33.83 -127.83 -61.37
CA UNK L 11 -35.11 -127.16 -61.25
C UNK L 11 -35.15 -126.28 -60.01
N UNK L 12 -34.60 -126.78 -58.92
CA UNK L 12 -34.62 -125.99 -57.71
C UNK L 12 -33.75 -124.76 -57.87
N UNK L 13 -32.47 -124.96 -58.20
CA UNK L 13 -31.59 -123.81 -58.33
C UNK L 13 -32.22 -122.80 -59.27
N UNK L 14 -32.78 -123.28 -60.38
CA UNK L 14 -33.44 -122.40 -61.32
C UNK L 14 -34.49 -121.57 -60.63
N UNK L 15 -35.51 -122.25 -60.10
CA UNK L 15 -36.61 -121.62 -59.39
C UNK L 15 -36.09 -120.60 -58.39
N UNK L 16 -35.10 -120.99 -57.60
CA UNK L 16 -34.58 -120.07 -56.61
C UNK L 16 -34.07 -118.80 -57.28
N UNK L 17 -33.22 -118.95 -58.30
CA UNK L 17 -32.63 -117.81 -58.98
C UNK L 17 -33.67 -116.85 -59.53
N UNK L 18 -34.72 -117.37 -60.11
CA UNK L 18 -35.77 -116.54 -60.65
C UNK L 18 -36.43 -115.69 -59.58
N UNK L 19 -37.07 -116.37 -58.65
CA UNK L 19 -37.79 -115.75 -57.57
C UNK L 19 -37.01 -114.75 -56.72
N UNK L 20 -35.91 -115.21 -56.14
CA UNK L 20 -35.14 -114.34 -55.27
C UNK L 20 -33.78 -113.94 -55.81
N UNK L 21 -33.36 -114.58 -56.90
CA UNK L 21 -32.06 -114.25 -57.46
C UNK L 21 -31.92 -112.75 -57.64
N UNK L 22 -30.99 -112.15 -56.89
CA UNK L 22 -30.77 -110.72 -57.00
C UNK L 22 -31.81 -109.87 -56.29
N UNK L 23 -31.99 -110.11 -55.00
CA UNK L 23 -32.93 -109.34 -54.19
C UNK L 23 -32.45 -109.33 -52.75
N UNK L 24 -33.16 -108.60 -51.91
CA UNK L 24 -32.78 -108.52 -50.51
C UNK L 24 -33.98 -108.92 -49.69
N UNK L 25 -33.74 -109.53 -48.54
CA UNK L 25 -34.85 -109.95 -47.69
C UNK L 25 -35.80 -108.78 -47.52
N UNK L 26 -37.09 -109.06 -47.69
CA UNK L 26 -38.15 -108.06 -47.55
C UNK L 26 -39.42 -108.81 -47.18
N UNK L 27 -39.78 -108.80 -45.90
CA UNK L 27 -40.98 -109.49 -45.42
C UNK L 27 -42.12 -109.33 -46.41
N UNK L 28 -42.08 -108.22 -47.14
CA UNK L 28 -43.10 -107.90 -48.12
C UNK L 28 -43.27 -109.04 -49.14
N UNK L 29 -42.24 -109.23 -49.97
CA UNK L 29 -42.27 -110.25 -51.02
C UNK L 29 -41.93 -111.68 -50.60
N UNK L 30 -41.40 -111.83 -49.39
CA UNK L 30 -41.03 -113.17 -48.92
C UNK L 30 -42.11 -114.24 -49.01
N UNK L 31 -43.29 -113.96 -48.46
CA UNK L 31 -44.39 -114.92 -48.50
C UNK L 31 -44.64 -115.35 -49.93
N UNK L 32 -44.66 -114.39 -50.85
CA UNK L 32 -44.91 -114.73 -52.24
C UNK L 32 -43.73 -115.45 -52.91
N UNK L 33 -42.52 -115.14 -52.48
CA UNK L 33 -41.33 -115.81 -53.05
C UNK L 33 -41.33 -117.29 -52.71
N UNK L 34 -41.28 -117.60 -51.42
CA UNK L 34 -41.28 -118.99 -50.99
C UNK L 34 -42.42 -119.73 -51.66
N UNK L 35 -43.56 -119.06 -51.80
CA UNK L 35 -44.69 -119.72 -52.42
C UNK L 35 -44.42 -120.01 -53.87
N UNK L 36 -43.89 -119.03 -54.61
CA UNK L 36 -43.59 -119.21 -56.03
C UNK L 36 -42.55 -120.28 -56.25
N UNK L 37 -41.59 -120.36 -55.34
CA UNK L 37 -40.54 -121.36 -55.46
C UNK L 37 -41.11 -122.77 -55.47
N UNK L 38 -41.98 -123.10 -54.52
CA UNK L 38 -42.52 -124.43 -54.49
C UNK L 38 -43.41 -124.65 -55.71
N UNK L 39 -44.23 -123.66 -56.02
CA UNK L 39 -45.14 -123.76 -57.15
C UNK L 39 -44.40 -123.95 -58.48
N UNK L 40 -43.27 -123.27 -58.66
CA UNK L 40 -42.50 -123.41 -59.89
C UNK L 40 -41.95 -124.81 -59.99
N UNK L 41 -41.20 -125.24 -58.99
CA UNK L 41 -40.65 -126.59 -59.00
C UNK L 41 -41.78 -127.59 -59.34
N UNK L 42 -42.88 -127.50 -58.60
CA UNK L 42 -44.01 -128.36 -58.83
C UNK L 42 -44.49 -128.31 -60.26
N UNK L 43 -44.57 -127.09 -60.81
CA UNK L 43 -45.01 -126.92 -62.19
C UNK L 43 -44.13 -127.73 -63.13
N UNK L 44 -42.83 -127.55 -62.97
CA UNK L 44 -41.86 -128.25 -63.81
C UNK L 44 -41.87 -129.75 -63.61
N UNK L 45 -41.81 -130.18 -62.35
CA UNK L 45 -41.78 -131.60 -62.02
C UNK L 45 -42.94 -132.38 -62.59
N UNK L 46 -44.14 -131.87 -62.39
CA UNK L 46 -45.34 -132.54 -62.88
C UNK L 46 -45.41 -132.56 -64.39
N UNK L 47 -44.99 -131.49 -65.03
CA UNK L 47 -45.02 -131.40 -66.48
C UNK L 47 -44.34 -132.58 -67.18
N UNK L 48 -43.31 -133.13 -66.55
CA UNK L 48 -42.57 -134.25 -67.14
C UNK L 48 -43.37 -135.55 -67.22
N UNK L 49 -44.63 -135.48 -66.81
CA UNK L 49 -45.51 -136.64 -66.85
C UNK L 49 -44.98 -137.95 -66.25
N UNK L 50 -44.00 -137.86 -65.34
CA UNK L 50 -43.46 -139.07 -64.71
C UNK L 50 -44.45 -139.67 -63.71
N UNK L 51 -44.32 -140.96 -63.40
CA UNK L 51 -45.21 -141.64 -62.46
C UNK L 51 -44.85 -141.38 -60.99
N UNK L 52 -44.77 -140.12 -60.59
CA UNK L 52 -44.40 -139.79 -59.23
C UNK L 52 -45.25 -138.76 -58.49
N UNK L 53 -45.24 -138.86 -57.17
CA UNK L 53 -45.91 -137.91 -56.31
C UNK L 53 -44.75 -137.05 -55.86
N UNK L 54 -44.96 -135.75 -55.73
CA UNK L 54 -43.88 -134.87 -55.32
C UNK L 54 -44.27 -134.04 -54.11
N UNK L 55 -43.28 -133.70 -53.28
CA UNK L 55 -43.51 -132.84 -52.14
C UNK L 55 -42.40 -131.81 -52.21
N UNK L 56 -42.77 -130.54 -52.15
CA UNK L 56 -41.80 -129.45 -52.23
C UNK L 56 -41.96 -128.50 -51.04
N UNK L 57 -40.85 -128.16 -50.40
CA UNK L 57 -40.92 -127.25 -49.27
C UNK L 57 -39.77 -126.29 -49.44
N UNK L 58 -40.00 -125.06 -49.05
CA UNK L 58 -38.97 -124.04 -49.16
C UNK L 58 -39.05 -123.16 -47.94
N UNK L 59 -37.91 -122.62 -47.53
CA UNK L 59 -37.90 -121.75 -46.39
C UNK L 59 -36.81 -120.73 -46.60
N UNK L 60 -37.13 -119.49 -46.24
CA UNK L 60 -36.21 -118.40 -46.39
C UNK L 60 -36.05 -117.74 -45.05
N UNK L 61 -34.81 -117.64 -44.60
CA UNK L 61 -34.53 -117.01 -43.34
C UNK L 61 -33.72 -115.77 -43.63
N UNK L 62 -34.11 -114.68 -42.97
CA UNK L 62 -33.42 -113.41 -43.13
C UNK L 62 -32.06 -113.55 -42.47
N UNK L 63 -31.01 -113.50 -43.29
CA UNK L 63 -29.66 -113.63 -42.77
C UNK L 63 -29.53 -112.59 -41.67
N UNK L 64 -29.06 -113.01 -40.51
CA UNK L 64 -28.96 -112.08 -39.40
C UNK L 64 -28.12 -112.61 -38.24
N UNK L 65 -27.33 -113.65 -38.51
CA UNK L 65 -26.50 -114.21 -37.47
C UNK L 65 -27.25 -115.09 -36.48
N UNK L 66 -28.35 -115.68 -36.92
CA UNK L 66 -29.14 -116.56 -36.05
C UNK L 66 -28.81 -118.00 -36.42
N UNK L 67 -28.82 -118.88 -35.43
CA UNK L 67 -28.55 -120.28 -35.69
C UNK L 67 -29.76 -120.95 -36.31
N UNK L 68 -29.54 -121.78 -37.33
CA UNK L 68 -30.62 -122.49 -38.00
C UNK L 68 -30.22 -123.96 -38.14
N UNK L 69 -31.16 -124.86 -37.85
CA UNK L 69 -30.86 -126.29 -37.93
C UNK L 69 -32.05 -127.05 -38.48
N UNK L 70 -31.82 -127.91 -39.46
CA UNK L 70 -32.91 -128.69 -40.01
C UNK L 70 -32.48 -130.13 -40.14
N UNK L 71 -33.47 -131.02 -40.22
CA UNK L 71 -33.22 -132.45 -40.35
C UNK L 71 -34.40 -133.09 -41.05
N UNK L 72 -34.14 -134.09 -41.87
CA UNK L 72 -35.24 -134.75 -42.53
C UNK L 72 -34.89 -136.19 -42.88
N UNK L 73 -35.87 -137.07 -42.73
CA UNK L 73 -35.72 -138.47 -43.07
C UNK L 73 -37.05 -138.99 -43.59
N UNK L 74 -37.06 -140.22 -44.10
CA UNK L 74 -38.27 -140.78 -44.67
C UNK L 74 -38.42 -142.28 -44.42
N UNK L 75 -39.63 -142.76 -44.62
CA UNK L 75 -39.93 -144.18 -44.52
C UNK L 75 -40.63 -144.38 -45.83
N UNK L 76 -39.90 -144.87 -46.82
CA UNK L 76 -40.43 -145.04 -48.17
C UNK L 76 -39.76 -146.21 -48.88
N UNK L 77 -39.86 -146.22 -50.20
CA UNK L 77 -39.24 -147.25 -51.00
C UNK L 77 -37.86 -146.75 -51.38
N UNK L 78 -36.85 -147.19 -50.63
CA UNK L 78 -35.50 -146.73 -50.89
C UNK L 78 -34.98 -147.09 -52.26
N UNK L 79 -35.81 -147.78 -53.03
CA UNK L 79 -35.39 -148.19 -54.36
C UNK L 79 -35.98 -147.35 -55.48
N UNK L 80 -37.18 -146.83 -55.27
CA UNK L 80 -37.83 -146.04 -56.30
C UNK L 80 -38.06 -144.59 -55.91
N UNK L 81 -37.89 -144.27 -54.64
CA UNK L 81 -38.12 -142.90 -54.22
C UNK L 81 -36.82 -142.11 -54.07
N UNK L 82 -36.93 -140.78 -54.01
CA UNK L 82 -35.73 -139.97 -53.90
C UNK L 82 -36.00 -138.56 -53.38
N UNK L 83 -34.94 -137.79 -53.20
CA UNK L 83 -35.07 -136.43 -52.68
C UNK L 83 -33.80 -135.64 -52.96
N UNK L 84 -33.93 -134.32 -52.94
CA UNK L 84 -32.82 -133.43 -53.17
C UNK L 84 -33.07 -132.16 -52.37
N UNK L 85 -32.07 -131.76 -51.59
CA UNK L 85 -32.20 -130.56 -50.78
C UNK L 85 -31.12 -129.59 -51.23
N UNK L 86 -31.53 -128.40 -51.65
CA UNK L 86 -30.57 -127.41 -52.11
C UNK L 86 -30.45 -126.25 -51.14
N UNK L 87 -29.22 -125.86 -50.85
CA UNK L 87 -28.96 -124.72 -49.97
C UNK L 87 -28.62 -123.58 -50.92
N UNK L 88 -29.08 -122.37 -50.60
CA UNK L 88 -28.82 -121.20 -51.42
C UNK L 88 -28.81 -120.01 -50.51
N UNK L 89 -27.82 -119.14 -50.66
CA UNK L 89 -27.75 -117.97 -49.82
C UNK L 89 -27.14 -116.82 -50.59
N UNK L 90 -27.36 -115.62 -50.08
CA UNK L 90 -26.82 -114.41 -50.68
C UNK L 90 -26.58 -113.43 -49.55
N UNK L 91 -26.43 -112.16 -49.93
CA UNK L 91 -26.17 -111.10 -48.99
C UNK L 91 -27.11 -111.09 -47.76
N UNK L 92 -28.41 -111.16 -48.00
CA UNK L 92 -29.36 -111.10 -46.91
C UNK L 92 -30.27 -112.33 -46.69
N UNK L 93 -30.12 -113.36 -47.50
CA UNK L 93 -31.00 -114.51 -47.32
C UNK L 93 -30.42 -115.91 -47.29
N UNK L 94 -30.96 -116.74 -46.40
CA UNK L 94 -30.56 -118.14 -46.31
C UNK L 94 -31.77 -118.82 -46.90
N UNK L 95 -31.57 -119.67 -47.88
CA UNK L 95 -32.70 -120.35 -48.48
C UNK L 95 -32.45 -121.84 -48.60
N UNK L 96 -33.40 -122.63 -48.12
CA UNK L 96 -33.29 -124.09 -48.22
C UNK L 96 -34.52 -124.58 -48.95
N UNK L 97 -34.33 -125.52 -49.87
CA UNK L 97 -35.45 -126.10 -50.59
C UNK L 97 -35.31 -127.62 -50.73
N UNK L 98 -36.43 -128.31 -50.69
CA UNK L 98 -36.36 -129.75 -50.79
C UNK L 98 -37.49 -130.26 -51.63
N UNK L 99 -37.22 -131.35 -52.34
CA UNK L 99 -38.26 -131.95 -53.14
C UNK L 99 -38.12 -133.45 -52.92
N UNK L 100 -39.26 -134.09 -52.65
CA UNK L 100 -39.30 -135.52 -52.41
C UNK L 100 -40.15 -136.17 -53.45
N UNK L 101 -39.59 -137.17 -54.12
CA UNK L 101 -40.32 -137.87 -55.15
C UNK L 101 -40.69 -139.28 -54.71
N UNK L 102 -41.98 -139.57 -54.61
CA UNK L 102 -42.41 -140.90 -54.21
C UNK L 102 -43.16 -141.54 -55.34
N UNK L 103 -42.75 -142.76 -55.67
CA UNK L 103 -43.36 -143.51 -56.75
C UNK L 103 -44.85 -143.75 -56.56
N UNK L 104 -45.53 -143.93 -57.70
CA UNK L 104 -46.98 -144.20 -57.78
C UNK L 104 -47.51 -145.21 -56.76
N UNK M 1 -57.63 -138.51 -60.06
CA UNK M 1 -56.61 -139.29 -59.30
C UNK M 1 -55.67 -138.35 -58.52
N UNK M 2 -54.62 -137.85 -59.19
CA UNK M 2 -53.66 -136.97 -58.53
C UNK M 2 -53.88 -135.48 -58.77
N UNK M 3 -53.72 -134.68 -57.72
CA UNK M 3 -53.89 -133.25 -57.83
C UNK M 3 -53.00 -132.52 -56.85
N UNK M 4 -53.05 -131.19 -56.85
CA UNK M 4 -52.22 -130.42 -55.94
C UNK M 4 -52.92 -130.23 -54.61
N UNK M 5 -52.17 -129.77 -53.62
CA UNK M 5 -52.72 -129.55 -52.31
C UNK M 5 -52.67 -128.07 -52.01
N UNK M 6 -53.03 -127.71 -50.80
CA UNK M 6 -53.01 -126.31 -50.39
C UNK M 6 -51.54 -125.91 -50.27
N UNK M 7 -51.29 -124.62 -50.20
CA UNK M 7 -49.92 -124.16 -50.04
C UNK M 7 -49.85 -123.77 -48.57
N UNK M 8 -49.39 -124.69 -47.72
CA UNK M 8 -49.27 -124.35 -46.30
C UNK M 8 -48.09 -123.41 -46.12
N UNK M 9 -48.29 -122.34 -45.37
CA UNK M 9 -47.22 -121.38 -45.15
C UNK M 9 -47.11 -120.97 -43.68
N UNK M 10 -45.88 -120.76 -43.22
CA UNK M 10 -45.68 -120.34 -41.85
C UNK M 10 -44.95 -119.01 -41.95
N UNK M 11 -45.16 -118.15 -40.98
CA UNK M 11 -44.55 -116.84 -41.01
C UNK M 11 -44.15 -116.34 -39.62
N UNK M 12 -42.87 -116.07 -39.47
CA UNK M 12 -42.32 -115.56 -38.23
C UNK M 12 -41.71 -114.26 -38.71
N UNK M 13 -42.40 -113.12 -38.49
CA UNK M 13 -41.95 -111.79 -38.91
C UNK M 13 -40.76 -111.28 -38.13
N UNK M 14 -39.93 -110.42 -38.76
CA UNK M 14 -38.76 -109.87 -38.08
C UNK M 14 -39.22 -108.77 -37.14
N UNK M 15 -38.45 -108.51 -36.09
CA UNK M 15 -38.87 -107.44 -35.18
C UNK M 15 -38.71 -106.13 -35.92
N UNK M 16 -39.60 -105.19 -35.64
CA UNK M 16 -39.56 -103.90 -36.30
C UNK M 16 -39.38 -102.79 -35.30
N UNK M 17 -38.84 -101.68 -35.75
CA UNK M 17 -38.65 -100.52 -34.90
C UNK M 17 -39.31 -99.36 -35.62
N UNK M 18 -39.87 -98.41 -34.88
CA UNK M 18 -40.50 -97.28 -35.54
C UNK M 18 -39.38 -96.34 -35.96
N UNK M 19 -39.40 -95.91 -37.22
CA UNK M 19 -38.36 -95.02 -37.72
C UNK M 19 -38.86 -93.74 -38.37
N UNK M 20 -37.93 -92.81 -38.61
CA UNK M 20 -38.21 -91.52 -39.22
C UNK M 20 -37.07 -91.10 -40.16
N UNK M 21 -37.39 -90.22 -41.10
CA UNK M 21 -36.39 -89.72 -42.02
C UNK M 21 -36.34 -88.21 -41.84
N UNK M 22 -35.19 -87.72 -41.39
CA UNK M 22 -35.00 -86.29 -41.16
C UNK M 22 -34.00 -85.66 -42.13
N UNK M 23 -33.99 -84.32 -42.17
CA UNK M 23 -33.07 -83.58 -43.02
C UNK M 23 -32.46 -82.47 -42.19
N UNK M 24 -31.21 -82.12 -42.48
CA UNK M 24 -30.56 -81.05 -41.75
C UNK M 24 -29.83 -80.18 -42.75
N UNK M 25 -29.55 -78.94 -42.38
CA UNK M 25 -28.84 -78.03 -43.27
C UNK M 25 -28.25 -76.88 -42.50
N UNK M 26 -26.96 -76.64 -42.67
CA UNK M 26 -26.31 -75.55 -41.97
C UNK M 26 -26.84 -74.23 -42.52
N UNK M 27 -26.93 -73.21 -41.66
CA UNK M 27 -27.44 -71.91 -42.11
C UNK M 27 -26.43 -71.15 -42.96
N UNK N 1 -44.50 -154.07 -52.07
CA UNK N 1 -43.40 -153.07 -51.93
C UNK N 1 -42.65 -153.22 -50.61
N UNK N 2 -41.35 -152.90 -50.65
CA UNK N 2 -40.48 -152.97 -49.49
C UNK N 2 -40.17 -151.56 -48.99
N UNK N 3 -40.75 -151.21 -47.84
CA UNK N 3 -40.55 -149.88 -47.26
C UNK N 3 -39.44 -149.95 -46.24
N UNK N 4 -38.76 -148.83 -46.04
CA UNK N 4 -37.67 -148.78 -45.09
C UNK N 4 -37.25 -147.35 -44.87
N UNK N 5 -36.33 -147.13 -43.93
CA UNK N 5 -35.86 -145.79 -43.64
C UNK N 5 -34.83 -145.28 -44.60
N UNK N 6 -34.89 -143.97 -44.84
CA UNK N 6 -33.97 -143.29 -45.74
C UNK N 6 -32.78 -142.79 -44.92
N UNK N 7 -31.74 -142.28 -45.59
CA UNK N 7 -30.61 -141.74 -44.86
C UNK N 7 -31.10 -140.46 -44.16
N UNK N 8 -30.35 -139.94 -43.18
CA UNK N 8 -30.79 -138.73 -42.51
C UNK N 8 -30.00 -137.53 -43.04
N UNK N 9 -30.70 -136.44 -43.35
CA UNK N 9 -30.02 -135.27 -43.85
C UNK N 9 -30.11 -134.12 -42.87
N UNK N 10 -29.02 -133.42 -42.66
CA UNK N 10 -29.04 -132.28 -41.77
C UNK N 10 -28.33 -131.05 -42.30
N UNK N 11 -28.91 -129.90 -42.02
CA UNK N 11 -28.35 -128.62 -42.44
C UNK N 11 -28.10 -127.84 -41.17
N UNK N 12 -26.92 -127.25 -41.04
CA UNK N 12 -26.59 -126.47 -39.85
C UNK N 12 -25.85 -125.17 -40.12
N UNK N 13 -26.56 -124.06 -40.01
CA UNK N 13 -25.97 -122.74 -40.19
C UNK N 13 -25.72 -122.25 -38.76
N UNK N 14 -24.47 -122.26 -38.31
CA UNK N 14 -24.16 -121.81 -36.95
C UNK N 14 -24.42 -120.33 -36.72
N UNK N 15 -24.72 -119.96 -35.47
CA UNK N 15 -24.97 -118.56 -35.15
C UNK N 15 -23.66 -117.80 -35.29
N UNK N 16 -23.68 -116.63 -35.93
CA UNK N 16 -22.49 -115.81 -36.13
C UNK N 16 -22.70 -114.34 -35.83
N UNK N 17 -21.70 -113.71 -35.20
CA UNK N 17 -21.76 -112.28 -34.89
C UNK N 17 -21.51 -111.59 -36.20
N UNK N 18 -22.47 -110.78 -36.64
CA UNK N 18 -22.33 -110.08 -37.91
C UNK N 18 -21.13 -109.15 -37.87
N UNK N 19 -20.45 -109.01 -39.00
CA UNK N 19 -19.28 -108.17 -39.06
C UNK N 19 -19.59 -106.83 -39.69
N UNK N 20 -19.47 -105.78 -38.89
CA UNK N 20 -19.74 -104.45 -39.37
C UNK N 20 -18.47 -103.62 -39.39
N UNK N 21 -18.48 -102.58 -40.23
CA UNK N 21 -17.34 -101.70 -40.33
C UNK N 21 -17.66 -100.27 -39.92
N UNK N 22 -16.67 -99.64 -39.31
CA UNK N 22 -16.82 -98.27 -38.86
C UNK N 22 -15.81 -97.41 -39.60
N UNK N 23 -16.30 -96.48 -40.43
CA UNK N 23 -15.43 -95.61 -41.18
C UNK N 23 -15.43 -94.21 -40.62
N UNK N 24 -14.44 -93.43 -41.05
CA UNK N 24 -14.32 -92.05 -40.62
C UNK N 24 -13.97 -91.27 -41.88
N UNK N 25 -14.62 -90.12 -42.07
CA UNK N 25 -14.30 -89.32 -43.24
C UNK N 25 -14.06 -87.92 -42.76
N UNK N 26 -13.29 -87.16 -43.55
CA UNK N 26 -12.99 -85.79 -43.19
C UNK N 26 -12.81 -84.92 -44.42
N UNK N 27 -13.44 -83.76 -44.42
CA UNK N 27 -13.31 -82.84 -45.54
C UNK N 27 -11.99 -82.13 -45.33
N UNK N 28 -11.27 -81.89 -46.42
CA UNK N 28 -9.98 -81.21 -46.40
C UNK N 28 -10.12 -79.71 -46.25
N UNK N 29 -9.04 -79.06 -45.80
CA UNK N 29 -9.07 -77.62 -45.62
C UNK N 29 -8.74 -77.22 -44.19
N UNK O 1 26.79 -4.13 -42.29
CA UNK O 1 26.00 -4.75 -41.23
C UNK O 1 26.42 -4.31 -39.83
N UNK O 2 27.70 -4.04 -39.61
CA UNK O 2 28.02 -3.60 -38.26
C UNK O 2 27.85 -2.06 -38.08
N UNK O 3 26.73 -1.65 -37.52
CA UNK O 3 26.50 -0.22 -37.47
C UNK O 3 26.53 0.36 -36.06
N UNK O 4 27.12 -0.37 -35.11
CA UNK O 4 27.05 0.09 -33.72
C UNK O 4 27.74 1.44 -33.58
N UNK O 5 28.69 1.71 -34.47
CA UNK O 5 29.44 2.96 -34.44
C UNK O 5 28.58 4.17 -34.82
N UNK O 6 27.51 3.98 -35.59
CA UNK O 6 26.55 5.07 -35.81
C UNK O 6 25.69 5.26 -34.57
N UNK O 7 25.30 4.15 -33.95
CA UNK O 7 24.46 4.22 -32.73
C UNK O 7 25.21 4.99 -31.62
N UNK O 8 26.48 4.64 -31.40
CA UNK O 8 27.30 5.38 -30.43
C UNK O 8 27.48 6.83 -30.75
N UNK O 9 27.76 7.11 -32.03
CA UNK O 9 28.00 8.46 -32.49
C UNK O 9 26.83 9.34 -32.06
N UNK O 10 25.62 8.88 -32.34
CA UNK O 10 24.40 9.58 -31.92
C UNK O 10 24.40 9.82 -30.41
N UNK O 11 24.53 8.76 -29.64
CA UNK O 11 24.42 8.89 -28.18
C UNK O 11 25.49 9.87 -27.62
N UNK O 12 26.72 9.81 -28.10
CA UNK O 12 27.77 10.69 -27.59
C UNK O 12 27.58 12.14 -28.06
N UNK O 13 26.90 12.34 -29.17
CA UNK O 13 26.61 13.71 -29.60
C UNK O 13 25.40 14.36 -28.94
N UNK O 14 24.48 13.58 -28.37
CA UNK O 14 23.30 14.19 -27.73
C UNK O 14 23.27 14.02 -26.20
N UNK O 15 23.63 15.07 -25.46
CA UNK O 15 23.53 15.05 -24.01
C UNK O 15 22.22 14.45 -23.51
N UNK O 16 22.32 13.52 -22.55
CA UNK O 16 21.16 12.92 -21.86
C UNK O 16 20.52 11.76 -22.61
N UNK O 17 21.04 11.41 -23.80
CA UNK O 17 20.57 10.19 -24.43
C UNK O 17 21.35 9.02 -23.86
N UNK O 18 20.68 7.89 -23.72
CA UNK O 18 21.31 6.74 -23.10
C UNK O 18 21.45 5.55 -24.07
N UNK O 19 20.53 5.41 -25.04
CA UNK O 19 20.67 4.35 -26.01
C UNK O 19 19.99 4.57 -27.35
N UNK O 20 20.43 3.79 -28.34
CA UNK O 20 19.91 3.86 -29.69
C UNK O 20 19.93 2.43 -30.24
N UNK O 21 18.83 2.02 -30.88
CA UNK O 21 18.66 0.66 -31.38
C UNK O 21 18.13 0.80 -32.79
N UNK O 22 18.82 0.17 -33.73
CA UNK O 22 18.29 0.10 -35.07
C UNK O 22 17.65 -1.25 -35.17
N UNK O 23 16.41 -1.29 -35.65
CA UNK O 23 15.71 -2.57 -35.68
C UNK O 23 14.93 -2.68 -36.98
N UNK O 24 14.67 -3.91 -37.42
CA UNK O 24 13.73 -4.13 -38.52
C UNK O 24 12.32 -3.97 -37.93
N UNK O 25 11.33 -3.69 -38.80
CA UNK O 25 9.98 -3.33 -38.40
C UNK O 25 9.16 -4.51 -37.83
N UNK O 26 9.65 -5.72 -38.08
CA UNK O 26 9.05 -6.90 -37.45
C UNK O 26 9.61 -7.08 -36.05
N UNK O 27 10.54 -6.21 -35.66
CA UNK O 27 10.99 -6.16 -34.27
C UNK O 27 12.33 -6.81 -33.92
N UNK O 28 13.19 -7.02 -34.90
CA UNK O 28 14.48 -7.64 -34.64
C UNK O 28 15.63 -6.63 -34.59
N UNK O 29 16.57 -6.84 -33.67
CA UNK O 29 17.67 -5.90 -33.45
C UNK O 29 18.69 -6.02 -34.58
N UNK O 30 19.08 -4.88 -35.19
CA UNK O 30 20.15 -4.86 -36.22
C UNK O 30 21.44 -4.23 -35.70
N UNK O 31 21.31 -3.23 -34.83
CA UNK O 31 22.46 -2.49 -34.30
C UNK O 31 22.05 -1.82 -32.97
N UNK O 32 22.95 -1.74 -32.01
CA UNK O 32 22.61 -1.20 -30.68
C UNK O 32 23.80 -0.47 -30.11
N UNK O 33 23.54 0.67 -29.49
CA UNK O 33 24.45 1.17 -28.48
C UNK O 33 23.74 1.48 -27.15
N UNK O 34 24.27 1.00 -26.04
CA UNK O 34 23.81 1.45 -24.73
C UNK O 34 22.91 0.50 -23.97
N UNK O 35 22.50 -0.61 -24.57
CA UNK O 35 21.67 -1.59 -23.86
C UNK O 35 22.36 -2.93 -24.00
N UNK O 36 22.24 -3.78 -22.99
CA UNK O 36 22.76 -5.14 -23.10
C UNK O 36 21.86 -5.86 -24.12
N UNK O 37 22.35 -7.00 -24.67
CA UNK O 37 21.63 -7.72 -25.73
C UNK O 37 20.16 -8.04 -25.45
N UNK O 38 19.87 -8.65 -24.31
CA UNK O 38 18.48 -8.95 -23.96
C UNK O 38 17.55 -7.69 -23.83
N UNK O 39 18.04 -6.65 -23.18
CA UNK O 39 17.26 -5.42 -23.09
C UNK O 39 17.00 -4.86 -24.49
N UNK O 40 18.03 -4.85 -25.32
CA UNK O 40 17.83 -4.40 -26.70
C UNK O 40 16.76 -5.19 -27.47
N UNK O 41 16.66 -6.50 -27.25
CA UNK O 41 15.60 -7.28 -27.89
C UNK O 41 14.25 -6.78 -27.43
N UNK O 42 14.14 -6.56 -26.12
CA UNK O 42 12.85 -6.07 -25.60
C UNK O 42 12.54 -4.66 -26.13
N UNK O 43 13.53 -3.78 -26.19
CA UNK O 43 13.36 -2.45 -26.80
C UNK O 43 12.84 -2.55 -28.24
N UNK O 44 13.42 -3.46 -29.01
CA UNK O 44 13.03 -3.56 -30.42
C UNK O 44 11.61 -4.08 -30.58
N UNK O 45 11.22 -5.05 -29.76
CA UNK O 45 9.86 -5.57 -29.78
C UNK O 45 8.91 -4.42 -29.54
N UNK O 46 9.18 -3.62 -28.53
CA UNK O 46 8.25 -2.55 -28.17
C UNK O 46 8.24 -1.47 -29.24
N UNK O 47 9.43 -1.09 -29.71
CA UNK O 47 9.51 -0.06 -30.71
C UNK O 47 8.77 -0.47 -31.99
N UNK O 48 8.87 -1.73 -32.40
CA UNK O 48 8.19 -2.10 -33.64
C UNK O 48 6.65 -2.12 -33.40
N UNK O 49 6.22 -2.42 -32.19
CA UNK O 49 4.80 -2.38 -31.86
C UNK O 49 4.27 -0.98 -32.02
N UNK O 50 4.99 -0.04 -31.39
CA UNK O 50 4.61 1.38 -31.37
C UNK O 50 4.52 1.91 -32.79
N UNK O 51 5.55 1.54 -33.58
CA UNK O 51 5.59 1.88 -34.98
C UNK O 51 4.41 1.36 -35.83
N UNK O 52 4.06 0.05 -35.77
CA UNK O 52 2.92 -0.44 -36.58
C UNK O 52 1.64 0.25 -36.15
N UNK O 53 1.42 0.33 -34.83
CA UNK O 53 0.18 0.97 -34.32
C UNK O 53 0.10 2.41 -34.78
N UNK O 54 1.22 3.12 -34.71
CA UNK O 54 1.24 4.50 -35.16
C UNK O 54 0.86 4.56 -36.64
N UNK O 55 1.43 3.65 -37.41
CA UNK O 55 1.15 3.68 -38.84
C UNK O 55 -0.35 3.37 -39.12
N UNK O 56 -0.88 2.36 -38.45
CA UNK O 56 -2.29 2.02 -38.60
C UNK O 56 -3.26 3.14 -38.25
N UNK O 57 -2.90 3.95 -37.26
CA UNK O 57 -3.70 5.13 -36.96
C UNK O 57 -3.70 6.05 -38.18
N UNK O 58 -2.53 6.29 -38.77
CA UNK O 58 -2.47 7.02 -40.03
C UNK O 58 -3.36 6.45 -41.13
N UNK O 59 -3.44 5.14 -41.19
CA UNK O 59 -4.27 4.45 -42.18
C UNK O 59 -5.75 4.58 -41.86
N UNK O 60 -6.13 4.38 -40.60
CA UNK O 60 -7.53 4.35 -40.26
C UNK O 60 -8.13 5.76 -40.15
N UNK O 61 -7.30 6.77 -39.84
CA UNK O 61 -7.84 8.10 -39.48
C UNK O 61 -7.22 9.22 -40.27
N UNK O 62 -6.08 8.98 -40.88
CA UNK O 62 -5.48 9.98 -41.74
C UNK O 62 -5.63 9.62 -43.22
N UNK O 63 -4.64 10.00 -44.01
CA UNK O 63 -4.67 9.63 -45.42
C UNK O 63 -3.61 8.55 -45.70
N UNK O 64 -3.24 7.84 -44.65
CA UNK O 64 -2.32 6.72 -44.78
C UNK O 64 -0.92 7.22 -45.10
N UNK O 65 -0.61 8.42 -44.60
CA UNK O 65 0.73 8.96 -44.74
C UNK O 65 1.74 8.10 -43.98
N UNK O 66 3.01 8.42 -44.17
CA UNK O 66 4.05 7.73 -43.44
C UNK O 66 4.26 8.30 -42.03
N UNK O 67 4.51 7.42 -41.07
CA UNK O 67 4.92 7.86 -39.75
C UNK O 67 6.21 8.67 -39.82
N UNK O 68 6.20 9.88 -39.28
CA UNK O 68 7.44 10.61 -39.00
C UNK O 68 8.08 10.03 -37.75
N UNK O 69 7.38 10.12 -36.62
CA UNK O 69 7.85 9.44 -35.41
C UNK O 69 6.77 9.12 -34.39
N UNK O 70 7.06 8.15 -33.53
CA UNK O 70 6.30 7.89 -32.33
C UNK O 70 7.15 8.23 -31.11
N UNK O 71 6.56 8.97 -30.17
CA UNK O 71 7.24 9.38 -28.95
C UNK O 71 6.43 8.96 -27.69
N UNK O 72 7.05 8.15 -26.85
CA UNK O 72 6.48 7.81 -25.55
C UNK O 72 7.12 8.70 -24.51
N UNK O 73 6.30 9.50 -23.83
CA UNK O 73 6.81 10.34 -22.76
C UNK O 73 6.58 9.66 -21.42
N UNK O 74 7.69 9.30 -20.77
CA UNK O 74 7.61 8.64 -19.46
C UNK O 74 7.80 9.68 -18.38
N UNK O 75 7.86 9.26 -17.12
CA UNK O 75 8.04 10.23 -16.02
C UNK O 75 9.19 11.21 -16.26
N UNK O 76 10.40 10.66 -16.46
CA UNK O 76 11.56 11.52 -16.69
C UNK O 76 12.43 11.06 -17.87
N UNK O 77 11.99 10.05 -18.61
CA UNK O 77 12.67 9.69 -19.85
C UNK O 77 11.69 9.75 -21.01
N UNK O 78 12.23 9.74 -22.22
CA UNK O 78 11.46 9.67 -23.44
C UNK O 78 12.02 8.61 -24.38
N UNK O 79 11.12 7.91 -25.06
CA UNK O 79 11.46 6.95 -26.08
C UNK O 79 11.00 7.51 -27.41
N UNK O 80 11.96 7.69 -28.33
CA UNK O 80 11.68 8.14 -29.67
C UNK O 80 11.85 6.97 -30.64
N UNK O 81 10.84 6.74 -31.48
CA UNK O 81 10.89 5.71 -32.54
C UNK O 81 10.62 6.35 -33.89
N UNK O 82 11.57 6.25 -34.80
CA UNK O 82 11.33 6.83 -36.12
C UNK O 82 11.60 5.86 -37.25
N UNK O 83 11.06 6.21 -38.40
CA UNK O 83 11.23 5.47 -39.62
C UNK O 83 12.71 5.59 -39.96
N UNK O 84 13.35 4.49 -40.30
CA UNK O 84 14.77 4.53 -40.61
C UNK O 84 15.04 4.01 -42.01
N UNK O 85 14.02 4.02 -42.85
CA UNK O 85 14.16 3.49 -44.18
C UNK O 85 13.38 2.20 -44.28
N UNK O 86 13.37 1.62 -45.47
CA UNK O 86 12.56 0.45 -45.77
C UNK O 86 12.73 -0.70 -44.78
N UNK O 87 11.64 -1.00 -44.10
CA UNK O 87 11.58 -2.13 -43.20
C UNK O 87 12.32 -1.91 -41.89
N UNK O 88 12.73 -0.66 -41.63
CA UNK O 88 13.64 -0.38 -40.52
C UNK O 88 13.15 0.82 -39.72
N UNK O 89 13.39 0.77 -38.40
CA UNK O 89 13.09 1.85 -37.49
C UNK O 89 14.31 2.12 -36.58
N UNK O 90 14.36 3.32 -36.03
CA UNK O 90 15.39 3.70 -35.10
C UNK O 90 14.69 4.10 -33.81
N UNK O 91 15.19 3.59 -32.68
CA UNK O 91 14.61 3.83 -31.37
C UNK O 91 15.66 4.42 -30.42
N UNK O 92 15.34 5.56 -29.83
CA UNK O 92 16.25 6.26 -28.95
C UNK O 92 15.63 6.52 -27.60
N UNK O 93 16.36 6.19 -26.54
CA UNK O 93 15.99 6.54 -25.15
C UNK O 93 16.81 7.71 -24.70
N UNK O 94 16.14 8.70 -24.11
CA UNK O 94 16.82 9.89 -23.63
C UNK O 94 16.16 10.42 -22.37
N UNK O 95 16.92 11.17 -21.59
CA UNK O 95 16.37 11.91 -20.47
C UNK O 95 15.55 13.08 -20.95
N UNK O 96 14.57 13.45 -20.14
CA UNK O 96 13.77 14.66 -20.32
C UNK O 96 14.64 15.90 -20.50
N UNK O 97 15.81 15.91 -19.87
CA UNK O 97 16.74 17.02 -20.08
C UNK O 97 17.19 17.16 -21.53
N UNK O 98 17.22 16.05 -22.29
CA UNK O 98 17.69 16.10 -23.68
C UNK O 98 16.89 17.14 -24.47
N UNK O 99 17.61 17.94 -25.23
CA UNK O 99 17.02 18.85 -26.20
C UNK O 99 16.41 18.05 -27.35
N UNK O 100 15.08 18.06 -27.50
CA UNK O 100 14.44 17.19 -28.51
C UNK O 100 14.60 17.71 -29.94
N UNK O 101 15.05 18.96 -30.04
CA UNK O 101 15.37 19.55 -31.32
C UNK O 101 16.71 19.04 -31.86
N UNK O 102 17.73 19.01 -31.01
CA UNK O 102 19.02 18.48 -31.39
C UNK O 102 18.87 16.98 -31.63
N UNK O 103 18.19 16.34 -30.69
CA UNK O 103 17.94 14.92 -30.83
C UNK O 103 17.22 14.59 -32.12
N UNK O 104 16.23 15.38 -32.48
CA UNK O 104 15.49 15.17 -33.73
C UNK O 104 16.39 15.27 -34.96
N UNK O 105 17.27 16.26 -35.01
CA UNK O 105 18.11 16.35 -36.19
C UNK O 105 19.23 15.29 -36.21
N UNK O 106 19.71 14.87 -35.04
CA UNK O 106 20.75 13.85 -35.04
C UNK O 106 20.13 12.54 -35.47
N UNK O 107 18.88 12.31 -35.08
CA UNK O 107 18.20 11.09 -35.50
C UNK O 107 18.00 11.09 -37.00
N UNK O 108 17.59 12.23 -37.55
CA UNK O 108 17.38 12.33 -38.98
C UNK O 108 18.70 12.10 -39.68
N UNK O 109 19.78 12.54 -39.07
CA UNK O 109 21.08 12.37 -39.71
C UNK O 109 21.57 10.93 -39.70
N UNK O 110 21.29 10.24 -38.60
CA UNK O 110 21.63 8.83 -38.50
C UNK O 110 20.90 8.03 -39.59
N UNK O 111 19.61 8.37 -39.80
CA UNK O 111 18.80 7.74 -40.84
C UNK O 111 19.37 7.95 -42.25
N UNK O 112 19.82 9.16 -42.55
CA UNK O 112 20.40 9.38 -43.87
C UNK O 112 21.70 8.54 -44.03
N UNK O 113 22.40 8.28 -42.93
CA UNK O 113 23.66 7.54 -43.06
C UNK O 113 23.46 6.03 -43.15
N UNK O 114 22.41 5.54 -42.52
CA UNK O 114 22.08 4.12 -42.52
C UNK O 114 21.62 3.73 -43.91
N UNK O 115 21.02 4.68 -44.61
CA UNK O 115 20.38 4.42 -45.89
C UNK O 115 21.23 3.61 -46.89
N UNK O 116 22.48 4.03 -47.18
CA UNK O 116 23.11 3.23 -48.24
C UNK O 116 23.35 1.81 -47.80
N UNK O 117 23.38 1.53 -46.49
CA UNK O 117 23.56 0.15 -46.01
C UNK O 117 22.34 -0.72 -46.25
N UNK O 118 21.17 -0.13 -46.07
CA UNK O 118 19.95 -0.89 -46.30
C UNK O 118 19.66 -1.00 -47.78
N UNK O 119 20.22 -0.08 -48.58
CA UNK O 119 20.10 -0.13 -50.04
C UNK O 119 21.18 -0.99 -50.71
N UNK O 120 21.92 -1.75 -49.91
CA UNK O 120 23.05 -2.51 -50.42
C UNK O 120 22.62 -3.87 -50.97
N UNK P 1 -24.70 8.77 -14.54
CA UNK P 1 -23.51 9.15 -15.29
C UNK P 1 -23.80 10.34 -16.22
N UNK P 2 -22.93 11.35 -16.18
CA UNK P 2 -23.10 12.53 -17.03
C UNK P 2 -22.35 12.44 -18.36
N UNK P 3 -22.95 13.06 -19.38
CA UNK P 3 -22.42 12.97 -20.74
C UNK P 3 -21.31 13.98 -20.94
N UNK P 4 -20.12 13.47 -21.26
CA UNK P 4 -18.95 14.30 -21.39
C UNK P 4 -18.66 14.63 -22.84
N UNK P 5 -19.52 14.19 -23.75
CA UNK P 5 -19.31 14.54 -25.15
C UNK P 5 -19.09 16.05 -25.33
N UNK P 6 -19.83 16.87 -24.57
CA UNK P 6 -19.76 18.33 -24.75
C UNK P 6 -18.41 18.83 -24.34
N UNK P 7 -17.85 18.23 -23.29
CA UNK P 7 -16.47 18.53 -22.89
C UNK P 7 -15.46 18.17 -23.99
N UNK P 8 -15.71 17.07 -24.70
CA UNK P 8 -14.83 16.69 -25.82
C UNK P 8 -14.95 17.75 -26.92
N UNK P 9 -16.16 18.17 -27.27
CA UNK P 9 -16.31 19.22 -28.28
C UNK P 9 -15.57 20.47 -27.88
N UNK P 10 -15.70 20.84 -26.61
CA UNK P 10 -15.10 22.07 -26.15
C UNK P 10 -13.63 22.08 -26.51
N UNK P 11 -12.96 20.95 -26.30
CA UNK P 11 -11.55 20.87 -26.63
C UNK P 11 -11.32 21.04 -28.12
N UNK P 12 -12.11 20.34 -28.93
CA UNK P 12 -11.99 20.47 -30.37
C UNK P 12 -12.21 21.91 -30.87
N UNK P 13 -13.13 22.63 -30.26
CA UNK P 13 -13.40 24.03 -30.60
C UNK P 13 -12.29 25.03 -30.24
N UNK P 14 -11.73 24.88 -29.05
CA UNK P 14 -10.71 25.80 -28.53
C UNK P 14 -9.32 25.69 -29.18
N UNK P 15 -9.08 24.61 -29.92
CA UNK P 15 -7.75 24.42 -30.48
C UNK P 15 -7.87 24.16 -31.96
N UNK P 16 -7.55 25.19 -32.77
CA UNK P 16 -7.58 25.17 -34.23
C UNK P 16 -6.79 23.99 -34.77
N UNK P 17 -7.36 23.32 -35.77
CA UNK P 17 -6.74 22.16 -36.42
C UNK P 17 -6.91 20.83 -35.66
N UNK P 18 -7.39 20.90 -34.42
CA UNK P 18 -7.82 19.70 -33.72
C UNK P 18 -9.04 19.18 -34.46
N UNK P 19 -9.31 17.89 -34.32
CA UNK P 19 -10.25 17.24 -35.21
C UNK P 19 -11.22 16.29 -34.47
N UNK P 20 -10.76 15.64 -33.40
CA UNK P 20 -11.61 14.73 -32.65
C UNK P 20 -10.95 14.48 -31.31
N UNK P 21 -11.74 14.05 -30.32
CA UNK P 21 -11.26 13.77 -28.98
C UNK P 21 -12.04 12.58 -28.49
N UNK P 22 -11.35 11.54 -27.99
CA UNK P 22 -12.02 10.38 -27.45
C UNK P 22 -11.50 10.15 -26.02
N UNK P 23 -12.42 9.96 -25.08
CA UNK P 23 -12.09 9.48 -23.77
C UNK P 23 -12.33 7.98 -23.79
N UNK P 24 -11.36 7.18 -23.34
CA UNK P 24 -11.51 5.73 -23.36
C UNK P 24 -10.98 5.10 -22.08
N UNK P 25 -11.50 3.93 -21.74
CA UNK P 25 -10.92 3.14 -20.68
C UNK P 25 -9.59 2.57 -21.20
N UNK P 26 -8.69 2.27 -20.29
CA UNK P 26 -7.39 1.73 -20.69
C UNK P 26 -7.51 0.37 -21.36
N UNK P 27 -8.65 -0.30 -21.17
CA UNK P 27 -8.91 -1.58 -21.82
C UNK P 27 -9.60 -1.39 -23.19
N UNK P 28 -9.75 -0.12 -23.58
CA UNK P 28 -10.12 0.19 -24.95
C UNK P 28 -11.58 0.43 -25.25
N UNK P 29 -12.36 0.77 -24.23
CA UNK P 29 -13.77 1.04 -24.43
C UNK P 29 -14.05 2.54 -24.42
N UNK P 30 -14.83 2.98 -25.39
CA UNK P 30 -15.16 4.38 -25.52
C UNK P 30 -16.07 4.83 -24.39
N UNK P 31 -15.73 5.96 -23.77
CA UNK P 31 -16.60 6.56 -22.75
C UNK P 31 -17.25 7.85 -23.27
N UNK P 32 -16.53 8.59 -24.09
CA UNK P 32 -17.05 9.85 -24.55
C UNK P 32 -16.29 10.27 -25.80
N UNK P 33 -16.95 11.01 -26.69
CA UNK P 33 -16.31 11.32 -27.96
C UNK P 33 -16.88 12.56 -28.61
N UNK P 34 -16.03 13.27 -29.33
CA UNK P 34 -16.53 14.22 -30.29
C UNK P 34 -15.68 14.18 -31.57
N UNK P 35 -16.33 14.18 -32.73
CA UNK P 35 -15.63 14.30 -34.01
C UNK P 35 -15.43 12.98 -34.72
N UNK P 36 -15.83 11.89 -34.08
CA UNK P 36 -15.80 10.57 -34.73
C UNK P 36 -17.15 9.89 -34.62
N UNK P 37 -17.61 9.30 -35.73
CA UNK P 37 -18.76 8.42 -35.69
C UNK P 37 -18.44 7.22 -34.77
N UNK P 38 -19.47 6.49 -34.33
CA UNK P 38 -19.29 5.50 -33.26
C UNK P 38 -18.38 4.30 -33.60
N UNK P 39 -18.34 3.87 -34.85
CA UNK P 39 -17.45 2.78 -35.24
C UNK P 39 -16.00 3.25 -35.29
N UNK P 40 -15.78 4.46 -35.78
CA UNK P 40 -14.43 5.03 -35.79
C UNK P 40 -13.95 5.24 -34.36
N UNK P 41 -14.85 5.70 -33.49
CA UNK P 41 -14.50 5.96 -32.10
C UNK P 41 -14.07 4.64 -31.44
N UNK P 42 -14.77 3.55 -31.77
CA UNK P 42 -14.36 2.24 -31.29
C UNK P 42 -12.97 1.86 -31.74
N UNK P 43 -12.65 2.17 -32.99
CA UNK P 43 -11.33 1.88 -33.51
C UNK P 43 -10.31 2.75 -32.83
N UNK P 44 -10.60 4.04 -32.70
CA UNK P 44 -9.70 4.92 -31.98
C UNK P 44 -9.38 4.40 -30.57
N UNK P 45 -10.41 3.96 -29.85
CA UNK P 45 -10.20 3.45 -28.50
C UNK P 45 -9.31 2.22 -28.54
N UNK P 46 -9.49 1.38 -29.57
CA UNK P 46 -8.72 0.15 -29.66
C UNK P 46 -7.26 0.53 -29.91
N UNK P 47 -6.99 1.28 -30.98
CA UNK P 47 -5.62 1.70 -31.24
C UNK P 47 -5.00 2.44 -30.07
N UNK P 48 -5.75 3.39 -29.48
CA UNK P 48 -5.16 4.23 -28.45
C UNK P 48 -4.84 3.41 -27.19
N UNK P 49 -5.70 2.44 -26.85
CA UNK P 49 -5.39 1.58 -25.71
C UNK P 49 -4.16 0.70 -26.01
N UNK P 50 -3.95 0.31 -27.27
CA UNK P 50 -2.73 -0.41 -27.63
C UNK P 50 -1.49 0.46 -27.47
N UNK P 51 -1.55 1.72 -27.91
CA UNK P 51 -0.42 2.64 -27.78
C UNK P 51 -0.09 2.83 -26.30
N UNK P 52 -1.16 3.05 -25.54
CA UNK P 52 -1.04 3.30 -24.11
C UNK P 52 -0.43 2.05 -23.42
N UNK P 53 -0.83 0.86 -23.86
CA UNK P 53 -0.29 -0.37 -23.26
C UNK P 53 1.23 -0.58 -23.56
N UNK P 54 1.66 -0.24 -24.77
CA UNK P 54 3.08 -0.34 -25.13
C UNK P 54 3.89 0.71 -24.37
N UNK P 55 3.37 1.93 -24.33
CA UNK P 55 3.98 2.97 -23.49
C UNK P 55 4.16 2.48 -22.05
N UNK P 56 3.13 1.82 -21.52
CA UNK P 56 3.18 1.36 -20.14
C UNK P 56 4.32 0.38 -19.99
N UNK P 57 4.38 -0.58 -20.92
CA UNK P 57 5.45 -1.57 -20.86
C UNK P 57 6.81 -0.92 -20.93
N UNK P 58 6.97 0.09 -21.79
CA UNK P 58 8.21 0.83 -21.88
C UNK P 58 8.52 1.45 -20.52
N UNK P 59 7.55 2.14 -19.92
CA UNK P 59 7.76 2.74 -18.61
C UNK P 59 8.27 1.71 -17.60
N UNK P 60 7.57 0.59 -17.51
CA UNK P 60 7.94 -0.45 -16.56
C UNK P 60 9.38 -0.89 -16.75
N UNK P 61 9.80 -1.01 -18.01
CA UNK P 61 11.08 -1.63 -18.31
C UNK P 61 12.24 -0.63 -18.40
N UNK P 62 11.98 0.52 -19.00
CA UNK P 62 13.04 1.47 -19.30
C UNK P 62 12.79 2.80 -18.59
N UNK P 63 11.66 2.94 -17.91
CA UNK P 63 11.35 4.22 -17.27
C UNK P 63 11.57 4.13 -15.78
N UNK P 64 11.02 5.07 -15.05
CA UNK P 64 11.10 4.99 -13.61
C UNK P 64 9.92 4.19 -13.10
N UNK P 65 9.59 3.13 -13.85
CA UNK P 65 8.50 2.23 -13.51
C UNK P 65 7.15 2.93 -13.44
N UNK P 66 7.19 4.25 -13.38
CA UNK P 66 5.98 5.07 -13.30
C UNK P 66 5.16 4.98 -14.57
N UNK P 67 4.01 5.64 -14.56
CA UNK P 67 3.10 5.58 -15.69
C UNK P 67 3.57 6.41 -16.85
N UNK P 68 3.03 6.08 -18.02
CA UNK P 68 3.26 6.84 -19.23
C UNK P 68 2.57 8.16 -19.01
N UNK P 69 3.18 9.26 -19.43
CA UNK P 69 2.47 10.54 -19.45
C UNK P 69 1.66 10.67 -20.71
N UNK P 70 2.28 10.39 -21.85
CA UNK P 70 1.65 10.55 -23.16
C UNK P 70 2.37 9.76 -24.26
N UNK P 71 1.61 9.30 -25.26
CA UNK P 71 2.17 8.74 -26.49
C UNK P 71 1.70 9.66 -27.57
N UNK P 72 2.66 10.08 -28.40
CA UNK P 72 2.38 10.97 -29.53
C UNK P 72 2.83 10.31 -30.82
N UNK P 73 1.88 10.14 -31.74
CA UNK P 73 2.17 9.66 -33.09
C UNK P 73 2.13 10.84 -34.05
N UNK P 74 3.28 11.09 -34.65
CA UNK P 74 3.41 12.16 -35.62
C UNK P 74 3.44 11.54 -37.01
N UNK P 75 2.39 11.79 -37.78
CA UNK P 75 2.37 11.30 -39.16
C UNK P 75 2.63 12.45 -40.08
N UNK P 76 2.56 12.18 -41.38
CA UNK P 76 2.88 13.21 -42.33
C UNK P 76 2.04 14.46 -42.25
N UNK P 77 0.72 14.32 -42.12
CA UNK P 77 -0.16 15.49 -42.10
C UNK P 77 -0.95 15.62 -40.80
N UNK P 78 -0.90 14.60 -39.97
CA UNK P 78 -1.69 14.60 -38.75
C UNK P 78 -0.92 14.13 -37.49
N UNK P 79 -1.47 14.41 -36.32
CA UNK P 79 -0.93 14.01 -35.03
C UNK P 79 -1.97 13.26 -34.23
N UNK P 80 -1.52 12.30 -33.43
CA UNK P 80 -2.39 11.63 -32.52
C UNK P 80 -1.70 11.71 -31.16
N UNK P 81 -2.40 12.34 -30.20
CA UNK P 81 -1.91 12.45 -28.81
C UNK P 81 -2.74 11.54 -27.95
N UNK P 82 -2.08 10.65 -27.22
CA UNK P 82 -2.79 9.80 -26.28
C UNK P 82 -2.23 10.10 -24.88
N UNK P 83 -3.03 10.71 -24.00
CA UNK P 83 -2.54 10.96 -22.63
C UNK P 83 -3.29 10.22 -21.54
N UNK P 84 -2.63 10.02 -20.41
CA UNK P 84 -3.28 9.50 -19.22
C UNK P 84 -4.30 10.49 -18.65
N UNK P 85 -5.40 9.98 -18.13
CA UNK P 85 -6.55 10.81 -17.79
C UNK P 85 -7.12 10.44 -16.42
N UNK P 86 -6.35 9.66 -15.67
CA UNK P 86 -6.78 9.24 -14.35
C UNK P 86 -7.82 8.14 -14.39
N UNK P 87 -8.01 7.46 -13.27
CA UNK P 87 -9.12 6.51 -13.13
C UNK P 87 -9.11 5.48 -14.26
N UNK P 88 -7.92 5.12 -14.71
CA UNK P 88 -7.76 4.05 -15.68
C UNK P 88 -8.38 4.40 -17.02
N UNK P 89 -8.17 5.63 -17.47
CA UNK P 89 -8.71 6.10 -18.74
C UNK P 89 -7.64 6.90 -19.49
N UNK P 90 -7.88 7.16 -20.78
CA UNK P 90 -6.93 7.87 -21.63
C UNK P 90 -7.75 8.82 -22.48
N UNK P 91 -7.10 9.89 -22.91
CA UNK P 91 -7.71 10.85 -23.79
C UNK P 91 -6.92 10.75 -25.08
N UNK P 92 -7.59 10.47 -26.20
CA UNK P 92 -6.93 10.41 -27.48
C UNK P 92 -7.47 11.54 -28.34
N UNK P 93 -6.57 12.38 -28.83
CA UNK P 93 -6.89 13.52 -29.68
C UNK P 93 -6.14 13.51 -31.03
N UNK P 94 -6.89 13.68 -32.12
CA UNK P 94 -6.33 13.83 -33.47
C UNK P 94 -6.33 15.31 -33.90
N UNK P 95 -5.26 15.74 -34.54
CA UNK P 95 -5.18 17.11 -35.06
C UNK P 95 -4.27 17.15 -36.27
N UNK P 96 -4.47 18.15 -37.12
CA UNK P 96 -3.58 18.44 -38.24
C UNK P 96 -2.25 18.93 -37.68
N UNK P 97 -1.15 18.72 -38.40
CA UNK P 97 0.15 19.15 -37.85
C UNK P 97 0.29 20.67 -37.73
N UNK P 98 -0.68 21.40 -38.28
CA UNK P 98 -0.68 22.85 -38.13
C UNK P 98 -1.06 23.32 -36.74
N UNK P 99 -1.46 22.39 -35.88
CA UNK P 99 -1.87 22.76 -34.53
C UNK P 99 -0.63 23.06 -33.69
N UNK P 100 -0.76 23.98 -32.73
CA UNK P 100 0.31 24.27 -31.77
C UNK P 100 0.28 23.28 -30.62
N UNK P 101 1.30 22.43 -30.55
CA UNK P 101 1.29 21.27 -29.65
C UNK P 101 1.63 21.62 -28.22
N UNK P 102 2.08 22.85 -27.99
CA UNK P 102 2.26 23.35 -26.64
C UNK P 102 0.87 23.71 -26.12
N UNK P 103 0.17 24.55 -26.88
CA UNK P 103 -1.23 24.88 -26.61
C UNK P 103 -2.12 23.65 -26.46
N UNK P 104 -2.04 22.75 -27.45
CA UNK P 104 -2.95 21.63 -27.49
C UNK P 104 -2.67 20.78 -26.28
N UNK P 105 -1.41 20.80 -25.83
CA UNK P 105 -1.00 19.98 -24.70
C UNK P 105 -1.53 20.59 -23.42
N UNK P 106 -1.56 21.92 -23.38
CA UNK P 106 -2.05 22.64 -22.18
C UNK P 106 -3.57 22.41 -22.04
N UNK P 107 -4.31 22.65 -23.11
CA UNK P 107 -5.75 22.38 -23.20
C UNK P 107 -6.13 20.93 -22.91
N UNK P 108 -5.36 19.97 -23.40
CA UNK P 108 -5.59 18.57 -23.07
C UNK P 108 -5.43 18.27 -21.58
N UNK P 109 -4.36 18.79 -20.98
CA UNK P 109 -4.21 18.63 -19.53
C UNK P 109 -5.36 19.33 -18.79
N UNK P 110 -5.77 20.51 -19.25
CA UNK P 110 -6.90 21.21 -18.60
C UNK P 110 -8.17 20.33 -18.69
N UNK P 111 -8.43 19.82 -19.89
CA UNK P 111 -9.55 18.91 -20.10
C UNK P 111 -9.53 17.71 -19.17
N UNK P 112 -8.39 17.04 -19.07
CA UNK P 112 -8.23 15.95 -18.12
C UNK P 112 -8.61 16.36 -16.68
N UNK P 113 -8.12 17.50 -16.23
CA UNK P 113 -8.45 17.91 -14.88
C UNK P 113 -9.94 18.24 -14.77
N UNK P 114 -10.55 18.72 -15.85
CA UNK P 114 -11.95 19.15 -15.74
C UNK P 114 -12.86 17.92 -15.72
N UNK P 115 -12.45 16.83 -16.38
CA UNK P 115 -13.28 15.61 -16.39
C UNK P 115 -13.07 14.75 -15.16
N UNK P 116 -12.00 15.03 -14.43
CA UNK P 116 -11.62 14.24 -13.25
C UNK P 116 -12.77 13.89 -12.32
N UNK P 117 -13.55 14.89 -11.86
CA UNK P 117 -14.62 14.60 -10.89
C UNK P 117 -15.68 13.64 -11.40
N UNK P 118 -15.87 13.59 -12.72
CA UNK P 118 -16.94 12.78 -13.27
C UNK P 118 -16.38 11.37 -13.30
N UNK P 119 -15.11 11.25 -13.62
CA UNK P 119 -14.43 9.96 -13.67
C UNK P 119 -14.35 9.25 -12.33
N UNK P 120 -14.78 9.92 -11.26
CA UNK P 120 -14.76 9.29 -9.94
C UNK P 120 -16.17 9.09 -9.45
#